data_7T9A
#
_entry.id   7T9A
#
loop_
_entity.id
_entity.type
_entity.pdbx_description
1 polymer 'HIV Envelope ApexGT2 gp120'
2 polymer 'HIV Envelope ApexGT2 gp41'
3 polymer 'RM20A3 Fab Heavy Chain'
4 polymer 'RM20A3 Fab Light Chain'
5 polymer 'GT2-d42.16 Fab Heavy Chain'
6 polymer 'GT2-d42.16 Fab Light Chain'
7 branched 2-acetamido-2-deoxy-beta-D-glucopyranose-(1-4)-2-acetamido-2-deoxy-beta-D-glucopyranose
8 branched alpha-D-mannopyranose-(1-3)-beta-D-mannopyranose-(1-4)-2-acetamido-2-deoxy-beta-D-glucopyranose-(1-4)-2-acetamido-2-deoxy-beta-D-glucopyranose
9 branched beta-D-mannopyranose-(1-4)-2-acetamido-2-deoxy-beta-D-glucopyranose-(1-4)-2-acetamido-2-deoxy-beta-D-glucopyranose
10 branched alpha-D-mannopyranose-(1-3)-[alpha-D-mannopyranose-(1-6)]alpha-D-mannopyranose-(1-6)-[alpha-D-mannopyranose-(1-3)]beta-D-mannopyranose-(1-4)-2-acetamido-2-deoxy-beta-D-glucopyranose-(1-4)-2-acetamido-2-deoxy-beta-D-glucopyranose
11 branched alpha-L-fucopyranose-(1-6)-2-acetamido-2-deoxy-beta-D-glucopyranose
12 non-polymer 2-acetamido-2-deoxy-beta-D-glucopyranose
#
loop_
_entity_poly.entity_id
_entity_poly.type
_entity_poly.pdbx_seq_one_letter_code
_entity_poly.pdbx_strand_id
1 'polypeptide(L)'
;AENLWVTVYYGVPVWKDAETTLFCASDAKAYETEKHNVWATHACVPTDPNPQEIHLENVTEEFNMWKNNMVEQMHEDIIS
LWDQSLKPCVKLTPLCVTLQCTNVTNNITDDMRGELKNCSFNATTELRNKRQKVYSLFYRLDIVPMGENSTNYRLINCNT
SAITQACPKVSFEPIPIHYCAPAGFAILKCKDKKFNGTGPCPSVSTVQCTHGIKPVVSTQLLLNGSLAEEEVIIRSENIT
NNAKNILVQLNTPVQINCTRPNNNTVKSIRIGPGQAFYYTGDIIGDIRQAHCNVSKATWNETLGKVVKQLRKHFGNNTII
RFAQSSGGDLEVTTHSFNCGGEFFYCNTSGLFNSTWISNTSVQGSNSTGSNDSITLPCRIKQIINMWQRIGQAMYAPPIQ
GVIRCVSNITGLILTRDGGSTNSTTETFRPGGGDMRDNWRSELYKYKVVKIEPLGVAPTRCKRRVVGRRRRRR
;
A,C,E
2 'polypeptide(L)'
;AVGIGAVSLGFLGAAGSTMGAASMTLTVQARNLLSGIVQQQSNLLRAPEPQQHLLKDTHWGIKQLQARVLAVEHYLRDQQ
LLGIWGCSGKLICCTNVPWNSSWSNRNLSEIWDNMTWLQWDKEISNYTQIIYGLLEESQNQQEKNEQDLLALDGTKHHHH
HH
;
B,D,F
3 'polypeptide(L)'
;EVQLVETGGGLVQPGGSLKLSCRASGYTFSSFAMSWVRQAPGKGLEWVSLINDRGGLTFYVDSVKGRFTISRDNSKNTLS
LQMHSLRDGDTAVYYCATGGMSSALQSSKYYFDFWGQGALVTVSS
;
J,M,O
4 'polypeptide(L)'
;ALTQPPSVSGSPGQSVTISCTGTSSDIGSYNYVSWYQQHPGKAPKLMIYDVTQRPSGVSDRFSGSKSGNTASLTISGLQA
DDEADYYCSAYAGRQTFYIFGGGTRLTVLGQPKASPTVTLFPPSSEEL
;
K,N,P
5 'polypeptide(L)'
;EVQLVESGGDLVKPGGSLRLSCAASGFTFSDAWMSWVRQAPGKGLEWVGRIKSNIDGGTTDYVAPVKGRFTISRDDSKNT
LYLQMNSLKTEDTAVYYCTTGVETYDFWSG(TYS)DDH(TYS)YDYYFRDVWGKGTTVTVSS
;
H
6 'polypeptide(L)'
;EIVLTQSPGTLSLSAGERATLSCRASQSVSSSYLAWYQQKPGQAPRLLIYGASSRATGIPDRFSGSGSGTDFTLTISRLE
PEDFAVYYCQQYGSSFTFGPGTKVDIK
;
L
#
# COMPACT_ATOMS: atom_id res chain seq x y z
N ASN A 3 -13.02 -10.08 -42.51
CA ASN A 3 -14.43 -10.14 -42.16
C ASN A 3 -14.65 -9.38 -40.83
N LEU A 4 -14.46 -10.05 -39.66
CA LEU A 4 -14.58 -9.50 -38.30
C LEU A 4 -13.24 -9.57 -37.62
N TRP A 5 -12.97 -8.59 -36.77
CA TRP A 5 -11.71 -8.44 -36.06
C TRP A 5 -11.89 -8.28 -34.57
N VAL A 6 -10.89 -8.68 -33.80
CA VAL A 6 -10.99 -8.53 -32.36
C VAL A 6 -10.78 -7.09 -31.93
N THR A 7 -11.72 -6.56 -31.17
CA THR A 7 -11.59 -5.23 -30.60
C THR A 7 -11.60 -5.34 -29.10
N VAL A 8 -10.65 -4.68 -28.49
CA VAL A 8 -10.45 -4.71 -27.06
C VAL A 8 -11.14 -3.54 -26.41
N TYR A 9 -11.91 -3.82 -25.38
CA TYR A 9 -12.60 -2.77 -24.64
C TYR A 9 -12.22 -2.79 -23.18
N TYR A 10 -11.98 -1.61 -22.61
CA TYR A 10 -11.67 -1.52 -21.21
C TYR A 10 -12.64 -0.59 -20.52
N GLY A 11 -13.22 -1.05 -19.42
CA GLY A 11 -14.24 -0.28 -18.70
C GLY A 11 -15.59 -0.94 -18.89
N VAL A 12 -15.57 -2.21 -19.23
CA VAL A 12 -16.73 -3.03 -19.48
C VAL A 12 -17.46 -3.37 -18.17
N PRO A 13 -18.79 -3.16 -18.05
CA PRO A 13 -19.57 -3.41 -16.84
C PRO A 13 -19.87 -4.88 -16.59
N VAL A 14 -18.82 -5.62 -16.28
CA VAL A 14 -18.83 -7.04 -16.01
C VAL A 14 -18.22 -7.36 -14.67
N TRP A 15 -18.78 -8.34 -13.98
CA TRP A 15 -18.26 -8.74 -12.70
C TRP A 15 -18.36 -10.23 -12.47
N LYS A 16 -17.57 -10.69 -11.51
CA LYS A 16 -17.55 -12.08 -11.08
C LYS A 16 -17.64 -12.20 -9.57
N ASP A 17 -18.17 -13.29 -9.06
CA ASP A 17 -18.27 -13.41 -7.61
C ASP A 17 -16.90 -13.38 -6.96
N ALA A 18 -16.77 -12.71 -5.81
CA ALA A 18 -15.45 -12.67 -5.20
C ALA A 18 -15.48 -12.49 -3.70
N GLU A 19 -14.40 -12.90 -3.05
CA GLU A 19 -14.27 -12.74 -1.62
C GLU A 19 -13.15 -11.78 -1.25
N THR A 20 -13.51 -10.64 -0.70
CA THR A 20 -12.50 -9.65 -0.33
C THR A 20 -12.76 -9.11 1.04
N THR A 21 -11.89 -8.21 1.46
CA THR A 21 -12.00 -7.57 2.76
C THR A 21 -12.75 -6.26 2.65
N LEU A 22 -13.80 -6.12 3.45
CA LEU A 22 -14.60 -4.91 3.45
C LEU A 22 -14.13 -4.01 4.58
N PHE A 23 -14.36 -2.72 4.46
CA PHE A 23 -13.94 -1.83 5.54
C PHE A 23 -15.15 -1.17 6.19
N CYS A 24 -15.03 -0.79 7.47
CA CYS A 24 -16.23 -0.32 8.20
C CYS A 24 -16.56 1.13 7.86
N ALA A 25 -17.48 1.73 8.61
CA ALA A 25 -17.86 3.15 8.43
C ALA A 25 -18.99 3.46 9.41
N SER A 26 -18.74 4.30 10.40
CA SER A 26 -19.84 4.71 11.31
C SER A 26 -19.83 6.23 11.40
N ASP A 27 -21.02 6.84 11.34
CA ASP A 27 -21.11 8.32 11.42
C ASP A 27 -20.26 8.80 12.60
N ASN A 37 -17.76 3.50 23.56
CA ASN A 37 -18.63 2.37 23.13
C ASN A 37 -17.75 1.26 22.56
N VAL A 38 -17.99 0.00 22.96
CA VAL A 38 -17.12 -1.13 22.51
C VAL A 38 -17.22 -1.24 20.99
N TRP A 39 -18.44 -1.19 20.45
CA TRP A 39 -18.65 -1.35 18.99
C TRP A 39 -18.09 -0.17 18.18
N ALA A 40 -18.12 1.06 18.71
CA ALA A 40 -17.73 2.24 17.91
C ALA A 40 -16.28 2.14 17.41
N THR A 41 -15.35 1.70 18.27
CA THR A 41 -13.92 1.54 17.89
C THR A 41 -13.26 2.87 17.51
N HIS A 42 -13.85 3.61 16.56
CA HIS A 42 -13.30 4.90 16.08
C HIS A 42 -11.87 4.70 15.57
N ALA A 43 -11.57 3.51 15.06
CA ALA A 43 -10.22 3.25 14.50
C ALA A 43 -10.35 2.73 13.06
N CYS A 44 -11.53 2.24 12.67
CA CYS A 44 -11.69 1.65 11.32
C CYS A 44 -12.57 2.58 10.49
N VAL A 45 -13.42 3.35 11.16
CA VAL A 45 -14.40 4.15 10.40
C VAL A 45 -13.76 5.22 9.51
N PRO A 46 -14.11 5.33 8.20
CA PRO A 46 -13.63 6.42 7.39
C PRO A 46 -14.68 7.53 7.44
N THR A 47 -15.34 7.73 8.60
CA THR A 47 -16.26 8.89 8.78
C THR A 47 -17.63 8.71 8.15
N ASP A 48 -18.39 9.80 8.05
CA ASP A 48 -19.79 9.75 7.55
C ASP A 48 -20.01 8.78 6.38
N PRO A 49 -20.86 7.72 6.50
CA PRO A 49 -21.19 6.93 5.32
C PRO A 49 -22.25 7.66 4.49
N ASN A 50 -21.91 8.09 3.28
CA ASN A 50 -22.93 8.74 2.40
C ASN A 50 -23.28 7.76 1.26
N PRO A 51 -24.49 7.15 1.13
CA PRO A 51 -24.70 6.18 0.04
C PRO A 51 -25.28 6.64 -1.30
N GLN A 52 -24.80 6.06 -2.40
CA GLN A 52 -25.35 6.34 -3.75
C GLN A 52 -25.71 5.01 -4.41
N GLU A 53 -27.00 4.82 -4.72
CA GLU A 53 -27.50 3.51 -5.19
C GLU A 53 -27.75 3.57 -6.70
N ILE A 54 -27.22 2.60 -7.45
CA ILE A 54 -27.39 2.60 -8.94
C ILE A 54 -28.38 1.48 -9.29
N HIS A 55 -29.43 1.81 -10.06
CA HIS A 55 -30.64 0.95 -10.16
C HIS A 55 -30.32 -0.37 -10.87
N LEU A 56 -29.43 -0.35 -11.87
CA LEU A 56 -29.12 -1.55 -12.71
C LEU A 56 -30.37 -2.19 -13.31
N GLU A 57 -31.13 -1.40 -14.06
CA GLU A 57 -32.45 -1.73 -14.61
C GLU A 57 -32.79 -3.18 -15.01
N ASN A 58 -31.97 -3.89 -15.81
CA ASN A 58 -32.30 -5.24 -16.31
C ASN A 58 -31.35 -6.34 -15.79
N VAL A 59 -30.66 -6.13 -14.64
CA VAL A 59 -29.75 -7.12 -14.07
C VAL A 59 -30.46 -8.12 -13.19
N THR A 60 -30.20 -9.38 -13.48
CA THR A 60 -30.73 -10.48 -12.69
C THR A 60 -29.50 -11.14 -12.13
N GLU A 61 -29.50 -11.44 -10.85
CA GLU A 61 -28.31 -12.04 -10.26
C GLU A 61 -28.67 -13.14 -9.29
N GLU A 62 -27.76 -14.08 -9.13
CA GLU A 62 -27.91 -15.20 -8.22
C GLU A 62 -27.35 -14.92 -6.83
N PHE A 63 -28.20 -14.96 -5.83
CA PHE A 63 -27.81 -14.70 -4.45
C PHE A 63 -27.83 -15.99 -3.66
N ASN A 64 -26.97 -16.10 -2.66
CA ASN A 64 -26.99 -17.31 -1.85
C ASN A 64 -26.56 -17.08 -0.41
N MET A 65 -27.49 -16.70 0.45
CA MET A 65 -27.13 -16.46 1.83
C MET A 65 -26.71 -17.83 2.35
N TRP A 66 -25.96 -17.86 3.44
CA TRP A 66 -25.39 -19.08 4.04
C TRP A 66 -24.05 -19.44 3.37
N LYS A 67 -23.81 -18.95 2.15
CA LYS A 67 -22.56 -19.15 1.46
C LYS A 67 -21.89 -17.80 1.25
N ASN A 68 -22.44 -16.80 1.92
CA ASN A 68 -22.06 -15.42 1.84
C ASN A 68 -20.93 -15.08 2.80
N ASN A 69 -19.74 -14.78 2.27
CA ASN A 69 -18.56 -14.56 3.10
C ASN A 69 -18.59 -13.25 3.87
N MET A 70 -19.58 -12.40 3.60
CA MET A 70 -19.68 -11.15 4.32
C MET A 70 -20.05 -11.45 5.76
N VAL A 71 -20.70 -12.60 5.95
CA VAL A 71 -21.16 -13.02 7.25
C VAL A 71 -19.97 -13.42 8.07
N GLU A 72 -19.05 -14.15 7.44
CA GLU A 72 -17.88 -14.58 8.14
C GLU A 72 -17.04 -13.39 8.52
N GLN A 73 -16.96 -12.39 7.64
CA GLN A 73 -16.18 -11.25 8.04
C GLN A 73 -16.85 -10.53 9.17
N MET A 74 -18.17 -10.34 9.12
CA MET A 74 -18.79 -9.62 10.22
C MET A 74 -18.55 -10.34 11.53
N HIS A 75 -18.62 -11.65 11.53
CA HIS A 75 -18.41 -12.42 12.74
C HIS A 75 -17.01 -12.17 13.28
N GLU A 76 -16.01 -12.30 12.42
CA GLU A 76 -14.65 -12.10 12.85
C GLU A 76 -14.38 -10.69 13.35
N ASP A 77 -14.91 -9.68 12.67
CA ASP A 77 -14.62 -8.33 13.07
C ASP A 77 -15.28 -7.98 14.37
N ILE A 78 -16.50 -8.48 14.59
CA ILE A 78 -17.24 -8.18 15.84
C ILE A 78 -16.46 -8.80 17.01
N ILE A 79 -15.99 -10.04 16.87
CA ILE A 79 -15.25 -10.67 17.94
C ILE A 79 -13.95 -9.95 18.17
N SER A 80 -13.23 -9.60 17.12
CA SER A 80 -11.96 -8.93 17.31
C SER A 80 -12.15 -7.61 18.05
N LEU A 81 -13.15 -6.83 17.65
CA LEU A 81 -13.45 -5.54 18.34
C LEU A 81 -13.75 -5.83 19.81
N TRP A 82 -14.57 -6.85 20.08
CA TRP A 82 -14.96 -7.13 21.48
C TRP A 82 -13.69 -7.39 22.29
N ASP A 83 -12.79 -8.22 21.76
CA ASP A 83 -11.60 -8.54 22.53
C ASP A 83 -10.68 -7.36 22.71
N GLN A 84 -10.56 -6.53 21.67
CA GLN A 84 -9.68 -5.33 21.76
C GLN A 84 -10.14 -4.43 22.92
N SER A 85 -11.45 -4.32 23.14
CA SER A 85 -11.99 -3.41 24.19
C SER A 85 -11.59 -3.85 25.60
N LEU A 86 -11.24 -5.11 25.79
CA LEU A 86 -10.93 -5.58 27.12
C LEU A 86 -9.45 -5.57 27.42
N LYS A 87 -8.62 -5.25 26.44
CA LYS A 87 -7.20 -5.32 26.68
C LYS A 87 -6.70 -4.45 27.83
N PRO A 88 -7.15 -3.20 28.00
CA PRO A 88 -6.71 -2.33 29.07
C PRO A 88 -7.46 -2.45 30.42
N CYS A 89 -8.34 -3.48 30.60
CA CYS A 89 -9.21 -3.60 31.76
C CYS A 89 -8.59 -4.47 32.85
N VAL A 90 -9.10 -4.36 34.06
CA VAL A 90 -8.59 -5.09 35.23
C VAL A 90 -8.80 -6.60 35.20
N LYS A 91 -7.73 -7.35 35.49
CA LYS A 91 -7.79 -8.80 35.53
C LYS A 91 -8.15 -9.26 36.93
N LEU A 92 -9.25 -9.97 37.08
CA LEU A 92 -9.70 -10.36 38.40
C LEU A 92 -9.17 -11.71 38.80
N THR A 93 -7.87 -11.83 38.77
CA THR A 93 -7.23 -13.06 39.18
C THR A 93 -6.90 -13.05 40.66
N PRO A 94 -6.63 -11.89 41.31
CA PRO A 94 -6.36 -11.80 42.72
C PRO A 94 -7.58 -12.16 43.51
N LEU A 95 -8.73 -12.20 42.87
CA LEU A 95 -9.94 -12.51 43.61
C LEU A 95 -10.39 -13.98 43.56
N CYS A 96 -9.60 -14.91 42.96
CA CYS A 96 -9.92 -16.33 42.94
C CYS A 96 -9.55 -16.97 44.27
N VAL A 97 -10.44 -16.76 45.22
CA VAL A 97 -10.28 -17.22 46.58
C VAL A 97 -11.50 -17.95 47.05
N THR A 98 -11.37 -18.65 48.18
CA THR A 98 -12.53 -19.32 48.80
C THR A 98 -13.43 -18.22 49.38
N LEU A 99 -14.62 -18.03 48.82
CA LEU A 99 -15.57 -17.01 49.35
C LEU A 99 -16.58 -17.71 50.26
N GLN A 100 -16.70 -17.29 51.51
CA GLN A 100 -17.73 -17.88 52.42
C GLN A 100 -19.06 -17.25 52.08
N CYS A 101 -20.04 -18.05 51.63
CA CYS A 101 -21.32 -17.47 51.16
C CYS A 101 -22.51 -17.94 52.00
N THR A 102 -23.34 -17.02 52.49
CA THR A 102 -24.50 -17.30 53.30
C THR A 102 -25.74 -16.76 52.58
N ASN A 103 -26.96 -17.12 53.08
CA ASN A 103 -28.25 -16.68 52.54
C ASN A 103 -28.48 -15.19 52.81
N VAL A 104 -29.21 -14.54 51.88
CA VAL A 104 -29.43 -13.07 51.94
C VAL A 104 -30.44 -12.70 53.04
N THR A 105 -30.16 -11.63 53.80
CA THR A 105 -31.07 -11.17 54.88
C THR A 105 -32.03 -10.11 54.35
N ASN A 106 -33.01 -10.52 53.54
CA ASN A 106 -33.96 -9.58 52.97
C ASN A 106 -35.31 -10.29 52.70
N ASN A 107 -36.30 -9.53 52.18
CA ASN A 107 -37.64 -9.97 51.79
C ASN A 107 -37.58 -10.44 50.34
N ILE A 108 -37.53 -11.77 50.15
CA ILE A 108 -37.32 -12.43 48.87
C ILE A 108 -38.55 -13.13 48.37
N THR A 109 -38.95 -12.79 47.15
CA THR A 109 -40.08 -13.43 46.53
C THR A 109 -39.73 -14.89 46.39
N ASP A 110 -40.71 -15.78 46.49
CA ASP A 110 -40.40 -17.21 46.45
C ASP A 110 -39.58 -17.63 45.24
N ASP A 111 -39.81 -17.00 44.11
CA ASP A 111 -39.15 -17.32 42.86
C ASP A 111 -37.64 -17.05 42.87
N MET A 112 -37.19 -16.21 43.80
CA MET A 112 -35.79 -15.83 43.95
C MET A 112 -35.10 -16.49 45.11
N ARG A 113 -35.74 -17.43 45.79
CA ARG A 113 -35.04 -17.99 46.91
C ARG A 113 -33.94 -18.89 46.39
N GLY A 114 -32.74 -18.70 46.90
CA GLY A 114 -31.61 -19.50 46.48
C GLY A 114 -30.85 -18.87 45.30
N GLU A 115 -31.38 -17.78 44.73
CA GLU A 115 -30.74 -17.13 43.59
C GLU A 115 -29.58 -16.23 43.97
N LEU A 116 -29.61 -15.64 45.15
CA LEU A 116 -28.56 -14.74 45.54
C LEU A 116 -27.86 -15.26 46.77
N LYS A 117 -26.57 -15.03 46.86
CA LYS A 117 -25.81 -15.36 48.05
C LYS A 117 -24.94 -14.17 48.47
N ASN A 118 -24.81 -13.99 49.79
CA ASN A 118 -23.99 -12.90 50.39
C ASN A 118 -22.63 -13.51 50.70
N CYS A 119 -21.57 -13.07 50.03
CA CYS A 119 -20.23 -13.65 50.11
C CYS A 119 -19.18 -12.71 50.70
N SER A 120 -18.42 -13.25 51.65
CA SER A 120 -17.33 -12.47 52.27
C SER A 120 -16.02 -13.05 51.76
N PHE A 121 -15.07 -12.20 51.38
CA PHE A 121 -13.82 -12.74 50.80
C PHE A 121 -12.60 -11.90 51.20
N ASN A 122 -11.39 -12.39 50.91
CA ASN A 122 -10.16 -11.61 51.20
C ASN A 122 -9.61 -11.09 49.87
N ALA A 123 -9.69 -9.79 49.64
CA ALA A 123 -9.27 -9.15 48.39
C ALA A 123 -7.89 -8.59 48.57
N THR A 124 -7.17 -8.45 47.48
CA THR A 124 -5.88 -7.81 47.57
C THR A 124 -6.12 -6.33 47.68
N THR A 125 -5.07 -5.60 48.00
CA THR A 125 -5.10 -4.17 48.23
C THR A 125 -4.02 -3.49 47.43
N GLU A 126 -3.90 -2.16 47.57
CA GLU A 126 -2.85 -1.44 46.86
C GLU A 126 -1.46 -1.94 47.26
N LEU A 127 -1.33 -2.32 48.54
CA LEU A 127 -0.02 -2.75 49.09
C LEU A 127 0.12 -4.27 49.00
N ARG A 128 1.24 -4.77 48.49
CA ARG A 128 1.45 -6.18 48.32
C ARG A 128 1.37 -6.99 49.58
N ASN A 129 1.71 -6.41 50.71
CA ASN A 129 1.67 -7.22 51.89
C ASN A 129 0.38 -7.09 52.68
N LYS A 130 -0.66 -6.44 52.14
CA LYS A 130 -1.91 -6.29 52.89
C LYS A 130 -3.14 -6.84 52.16
N ARG A 131 -4.13 -7.25 52.93
CA ARG A 131 -5.39 -7.80 52.42
C ARG A 131 -6.56 -7.08 53.07
N GLN A 132 -7.72 -7.07 52.41
CA GLN A 132 -8.91 -6.43 52.97
C GLN A 132 -10.13 -7.32 52.91
N LYS A 133 -11.03 -7.17 53.88
CA LYS A 133 -12.25 -7.96 53.89
C LYS A 133 -13.33 -7.26 53.11
N VAL A 134 -13.90 -7.97 52.16
CA VAL A 134 -14.91 -7.45 51.28
C VAL A 134 -16.17 -8.26 51.30
N TYR A 135 -17.32 -7.59 51.37
CA TYR A 135 -18.63 -8.27 51.38
C TYR A 135 -19.40 -7.86 50.12
N SER A 136 -19.80 -8.82 49.28
CA SER A 136 -20.48 -8.51 48.04
C SER A 136 -21.61 -9.49 47.76
N LEU A 137 -22.52 -9.12 46.85
CA LEU A 137 -23.71 -9.99 46.57
C LEU A 137 -23.59 -10.65 45.21
N PHE A 138 -23.55 -11.98 45.14
CA PHE A 138 -23.38 -12.73 43.91
C PHE A 138 -24.60 -13.49 43.53
N TYR A 139 -24.75 -13.67 42.23
CA TYR A 139 -25.81 -14.51 41.75
C TYR A 139 -25.32 -15.92 41.89
N ARG A 140 -26.20 -16.83 42.19
CA ARG A 140 -25.85 -18.22 42.36
C ARG A 140 -25.24 -18.81 41.11
N LEU A 141 -25.63 -18.31 39.95
CA LEU A 141 -25.13 -18.83 38.69
C LEU A 141 -23.65 -18.57 38.47
N ASP A 142 -23.07 -17.63 39.22
CA ASP A 142 -21.67 -17.27 39.07
C ASP A 142 -20.74 -17.94 40.07
N ILE A 143 -21.26 -18.76 40.98
CA ILE A 143 -20.38 -19.39 41.98
C ILE A 143 -20.61 -20.89 42.06
N VAL A 144 -19.63 -21.62 42.56
CA VAL A 144 -19.84 -23.04 42.76
C VAL A 144 -19.36 -23.42 44.16
N PRO A 145 -19.96 -24.41 44.81
CA PRO A 145 -19.58 -24.93 46.11
C PRO A 145 -18.35 -25.77 46.00
N MET A 146 -17.65 -25.90 47.13
CA MET A 146 -16.37 -26.64 47.15
C MET A 146 -16.35 -27.51 48.41
N GLY A 147 -16.96 -28.69 48.36
CA GLY A 147 -16.87 -29.60 49.52
C GLY A 147 -18.22 -30.15 49.94
N GLU A 148 -19.30 -29.37 49.78
CA GLU A 148 -20.68 -29.77 50.16
C GLU A 148 -20.90 -29.66 51.67
N ASN A 149 -22.13 -29.33 52.10
CA ASN A 149 -22.42 -29.12 53.55
C ASN A 149 -21.45 -28.07 54.11
N SER A 150 -21.00 -27.15 53.27
CA SER A 150 -20.05 -26.08 53.70
C SER A 150 -20.34 -24.81 52.90
N THR A 151 -20.00 -23.64 53.45
CA THR A 151 -20.28 -22.36 52.76
C THR A 151 -19.06 -21.98 51.92
N ASN A 152 -18.10 -22.88 51.75
CA ASN A 152 -16.93 -22.60 50.88
C ASN A 152 -17.38 -22.60 49.42
N TYR A 153 -17.45 -21.42 48.81
CA TYR A 153 -17.86 -21.32 47.38
C TYR A 153 -16.74 -20.59 46.65
N ARG A 154 -16.56 -20.82 45.35
CA ARG A 154 -15.56 -20.07 44.59
C ARG A 154 -16.17 -19.53 43.32
N LEU A 155 -15.52 -18.57 42.69
CA LEU A 155 -16.11 -17.96 41.47
C LEU A 155 -16.18 -19.04 40.40
N ILE A 156 -17.18 -19.00 39.52
CA ILE A 156 -17.38 -20.11 38.55
C ILE A 156 -16.16 -20.35 37.68
N ASN A 157 -15.57 -19.30 37.11
CA ASN A 157 -14.46 -19.55 36.16
C ASN A 157 -13.10 -19.27 36.82
N CYS A 158 -12.68 -20.09 37.78
CA CYS A 158 -11.31 -19.93 38.32
C CYS A 158 -10.64 -21.28 38.12
N ASN A 159 -11.31 -22.19 37.41
CA ASN A 159 -10.69 -23.49 37.08
C ASN A 159 -10.64 -23.62 35.56
N THR A 160 -11.03 -22.57 34.83
CA THR A 160 -11.06 -22.62 33.35
C THR A 160 -10.23 -21.48 32.77
N SER A 161 -10.43 -20.24 33.20
CA SER A 161 -9.71 -19.11 32.56
C SER A 161 -9.76 -17.86 33.44
N ALA A 162 -8.87 -16.88 33.20
CA ALA A 162 -9.02 -15.67 33.99
C ALA A 162 -10.10 -14.76 33.46
N ILE A 163 -10.83 -14.20 34.44
CA ILE A 163 -11.97 -13.31 34.12
C ILE A 163 -11.45 -11.89 34.04
N THR A 164 -11.82 -11.16 33.00
CA THR A 164 -11.44 -9.76 32.86
C THR A 164 -12.65 -8.91 33.20
N GLN A 165 -12.50 -7.90 34.03
CA GLN A 165 -13.64 -7.05 34.32
C GLN A 165 -13.86 -6.13 33.18
N ALA A 166 -15.08 -5.98 32.73
CA ALA A 166 -15.31 -5.04 31.66
C ALA A 166 -15.07 -3.64 32.21
N CYS A 167 -14.47 -2.72 31.42
CA CYS A 167 -14.24 -1.34 31.81
C CYS A 167 -15.58 -0.59 31.97
N PRO A 168 -15.81 0.11 33.10
CA PRO A 168 -17.04 0.79 33.47
C PRO A 168 -17.39 1.96 32.57
N LYS A 169 -16.46 2.40 31.74
CA LYS A 169 -16.78 3.48 30.79
C LYS A 169 -17.37 2.88 29.51
N VAL A 170 -16.74 1.85 28.96
CA VAL A 170 -17.21 1.32 27.65
C VAL A 170 -18.67 0.89 27.76
N SER A 171 -19.43 1.03 26.69
CA SER A 171 -20.87 0.71 26.71
C SER A 171 -21.15 -0.37 25.67
N PHE A 172 -22.01 -1.33 26.01
CA PHE A 172 -22.29 -2.48 25.11
C PHE A 172 -23.42 -2.10 24.16
N GLU A 173 -23.75 -0.81 24.07
CA GLU A 173 -24.88 -0.37 23.22
C GLU A 173 -24.55 -0.72 21.77
N PRO A 174 -25.52 -1.17 20.95
CA PRO A 174 -25.20 -1.59 19.59
C PRO A 174 -25.17 -0.41 18.62
N ILE A 175 -23.98 0.11 18.32
CA ILE A 175 -23.84 1.25 17.37
C ILE A 175 -23.58 0.66 15.99
N PRO A 176 -24.41 1.00 14.96
CA PRO A 176 -24.32 0.44 13.63
C PRO A 176 -23.01 0.59 12.87
N ILE A 177 -22.70 -0.44 12.08
CA ILE A 177 -21.42 -0.45 11.31
C ILE A 177 -21.80 -0.71 9.85
N HIS A 178 -21.47 0.21 8.95
CA HIS A 178 -21.75 -0.01 7.55
C HIS A 178 -20.53 -0.72 6.98
N TYR A 179 -20.71 -1.67 6.05
CA TYR A 179 -19.57 -2.32 5.41
C TYR A 179 -19.44 -1.87 3.96
N CYS A 180 -18.28 -1.27 3.60
CA CYS A 180 -18.02 -0.62 2.32
C CYS A 180 -17.02 -1.41 1.48
N ALA A 181 -17.24 -1.42 0.17
CA ALA A 181 -16.32 -2.14 -0.71
C ALA A 181 -15.08 -1.32 -1.01
N PRO A 182 -13.91 -1.96 -1.17
CA PRO A 182 -12.67 -1.36 -1.61
C PRO A 182 -12.80 -1.09 -3.10
N ALA A 183 -12.02 -0.16 -3.62
CA ALA A 183 -12.11 0.08 -5.05
C ALA A 183 -11.78 -1.17 -5.82
N GLY A 184 -12.50 -1.38 -6.91
CA GLY A 184 -12.31 -2.55 -7.75
C GLY A 184 -13.38 -3.58 -7.45
N PHE A 185 -14.14 -3.35 -6.39
CA PHE A 185 -15.23 -4.19 -5.93
C PHE A 185 -16.52 -3.44 -5.79
N ALA A 186 -17.61 -4.17 -5.81
CA ALA A 186 -18.91 -3.57 -5.62
C ALA A 186 -19.83 -4.44 -4.82
N ILE A 187 -20.76 -3.82 -4.14
CA ILE A 187 -21.74 -4.59 -3.40
C ILE A 187 -23.07 -4.52 -4.10
N LEU A 188 -23.62 -5.67 -4.38
CA LEU A 188 -24.91 -5.72 -5.04
C LEU A 188 -25.93 -5.94 -3.97
N LYS A 189 -27.11 -5.38 -4.16
CA LYS A 189 -28.19 -5.54 -3.20
C LYS A 189 -29.45 -6.05 -3.90
N CYS A 190 -30.12 -7.05 -3.29
CA CYS A 190 -31.37 -7.62 -3.78
C CYS A 190 -32.56 -6.85 -3.20
N LYS A 191 -33.37 -6.29 -4.09
CA LYS A 191 -34.53 -5.51 -3.65
C LYS A 191 -35.83 -6.25 -3.76
N ASP A 192 -35.78 -7.52 -4.05
CA ASP A 192 -36.99 -8.30 -4.16
C ASP A 192 -37.53 -8.55 -2.76
N LYS A 193 -38.69 -7.97 -2.49
CA LYS A 193 -39.34 -8.00 -1.19
C LYS A 193 -39.71 -9.39 -0.74
N LYS A 194 -39.82 -10.30 -1.69
CA LYS A 194 -40.20 -11.66 -1.38
C LYS A 194 -39.02 -12.61 -1.41
N PHE A 195 -37.81 -12.09 -1.53
CA PHE A 195 -36.65 -12.95 -1.63
C PHE A 195 -36.43 -13.77 -0.35
N ASN A 196 -36.26 -15.09 -0.53
CA ASN A 196 -36.11 -16.11 0.53
C ASN A 196 -34.64 -16.49 0.84
N GLY A 197 -33.65 -15.73 0.35
CA GLY A 197 -32.22 -15.92 0.60
C GLY A 197 -31.44 -16.60 -0.50
N THR A 198 -32.08 -17.31 -1.41
CA THR A 198 -31.33 -17.94 -2.48
C THR A 198 -31.99 -17.80 -3.83
N GLY A 199 -31.21 -18.04 -4.87
CA GLY A 199 -31.78 -18.07 -6.19
C GLY A 199 -31.67 -16.72 -6.85
N PRO A 200 -32.20 -16.58 -8.06
CA PRO A 200 -32.12 -15.38 -8.81
C PRO A 200 -32.95 -14.33 -8.13
N CYS A 201 -32.50 -13.08 -8.23
CA CYS A 201 -33.14 -11.88 -7.75
C CYS A 201 -33.29 -10.99 -9.00
N PRO A 202 -34.52 -10.69 -9.43
CA PRO A 202 -34.88 -9.91 -10.60
C PRO A 202 -34.63 -8.43 -10.48
N SER A 203 -34.37 -7.94 -9.28
CA SER A 203 -34.16 -6.51 -9.11
C SER A 203 -32.95 -6.28 -8.26
N VAL A 204 -31.85 -5.95 -8.92
CA VAL A 204 -30.58 -5.82 -8.24
C VAL A 204 -30.00 -4.47 -8.43
N SER A 205 -29.65 -3.81 -7.34
CA SER A 205 -29.03 -2.50 -7.42
C SER A 205 -27.61 -2.54 -6.91
N THR A 206 -26.84 -1.54 -7.26
CA THR A 206 -25.45 -1.48 -6.79
C THR A 206 -25.33 -0.40 -5.76
N VAL A 207 -24.69 -0.73 -4.66
CA VAL A 207 -24.52 0.27 -3.63
C VAL A 207 -23.07 0.42 -3.31
N GLN A 208 -22.72 1.61 -2.87
CA GLN A 208 -21.35 1.85 -2.44
C GLN A 208 -20.95 1.13 -1.13
N CYS A 209 -21.92 1.04 -0.19
CA CYS A 209 -21.74 0.54 1.15
C CYS A 209 -23.10 0.05 1.63
N THR A 210 -23.13 -0.92 2.53
CA THR A 210 -24.37 -1.44 3.08
C THR A 210 -24.97 -0.45 4.03
N HIS A 211 -26.19 -0.72 4.47
CA HIS A 211 -26.84 0.13 5.44
C HIS A 211 -26.16 -0.17 6.73
N GLY A 212 -26.44 0.60 7.76
CA GLY A 212 -25.77 0.28 8.99
C GLY A 212 -26.42 -0.91 9.60
N ILE A 213 -25.62 -1.84 10.06
CA ILE A 213 -26.16 -3.00 10.74
C ILE A 213 -25.79 -2.96 12.18
N LYS A 214 -26.80 -3.04 13.03
CA LYS A 214 -26.57 -3.01 14.45
C LYS A 214 -26.13 -4.38 14.92
N PRO A 215 -24.91 -4.52 15.53
CA PRO A 215 -24.39 -5.83 15.96
C PRO A 215 -25.09 -6.33 17.23
N VAL A 216 -26.40 -6.45 17.24
CA VAL A 216 -27.16 -6.80 18.41
C VAL A 216 -26.91 -8.25 18.71
N VAL A 217 -26.55 -8.56 19.97
CA VAL A 217 -26.21 -9.96 20.39
C VAL A 217 -27.37 -10.61 21.15
N SER A 218 -28.03 -11.61 20.57
CA SER A 218 -29.10 -12.34 21.22
C SER A 218 -29.14 -13.76 20.72
N THR A 219 -29.87 -14.62 21.42
CA THR A 219 -30.03 -16.00 20.97
C THR A 219 -31.30 -16.31 20.20
N GLN A 220 -32.26 -16.91 20.86
CA GLN A 220 -33.44 -17.39 20.14
C GLN A 220 -34.41 -16.38 19.54
N LEU A 221 -34.46 -15.15 20.04
CA LEU A 221 -35.31 -14.14 19.43
C LEU A 221 -34.39 -13.04 18.95
N LEU A 222 -34.57 -12.63 17.72
CA LEU A 222 -33.77 -11.58 17.14
C LEU A 222 -34.36 -10.26 17.53
N LEU A 223 -33.53 -9.37 18.02
CA LEU A 223 -34.02 -8.08 18.44
C LEU A 223 -33.46 -6.97 17.58
N ASN A 224 -34.25 -5.90 17.39
CA ASN A 224 -33.93 -4.62 16.76
C ASN A 224 -33.33 -4.77 15.34
N GLY A 225 -33.82 -5.73 14.53
CA GLY A 225 -33.37 -5.95 13.15
C GLY A 225 -34.33 -5.32 12.18
N SER A 226 -34.20 -5.70 10.94
CA SER A 226 -35.06 -5.17 9.92
C SER A 226 -36.33 -6.01 9.87
N LEU A 227 -37.43 -5.39 9.48
CA LEU A 227 -38.67 -6.12 9.27
C LEU A 227 -38.87 -6.38 7.81
N ALA A 228 -39.60 -7.44 7.51
CA ALA A 228 -39.95 -7.78 6.16
C ALA A 228 -40.86 -6.69 5.65
N GLU A 229 -40.77 -6.37 4.38
CA GLU A 229 -41.60 -5.30 3.84
C GLU A 229 -43.09 -5.60 3.82
N GLU A 230 -43.45 -6.83 3.47
CA GLU A 230 -44.88 -7.15 3.34
C GLU A 230 -45.38 -8.33 4.14
N GLU A 231 -44.63 -9.43 4.16
CA GLU A 231 -45.11 -10.67 4.74
C GLU A 231 -44.01 -11.38 5.47
N VAL A 232 -44.38 -12.29 6.34
CA VAL A 232 -43.40 -13.06 7.06
C VAL A 232 -42.63 -13.96 6.11
N ILE A 233 -41.31 -13.92 6.20
CA ILE A 233 -40.51 -14.72 5.29
C ILE A 233 -39.72 -15.77 6.01
N ILE A 234 -39.87 -17.02 5.57
CA ILE A 234 -39.15 -18.10 6.20
C ILE A 234 -37.99 -18.54 5.35
N ARG A 235 -36.78 -18.37 5.89
CA ARG A 235 -35.58 -18.68 5.14
C ARG A 235 -34.76 -19.79 5.78
N SER A 236 -34.42 -20.78 5.00
CA SER A 236 -33.58 -21.87 5.50
C SER A 236 -32.75 -22.41 4.37
N GLU A 237 -31.56 -22.92 4.67
CA GLU A 237 -30.71 -23.49 3.62
C GLU A 237 -31.35 -24.68 2.90
N ASN A 238 -32.01 -25.55 3.68
CA ASN A 238 -32.73 -26.75 3.25
C ASN A 238 -33.87 -26.96 4.25
N ILE A 239 -35.11 -26.57 3.88
CA ILE A 239 -36.26 -26.57 4.80
C ILE A 239 -36.67 -27.97 5.26
N THR A 240 -36.41 -28.97 4.43
CA THR A 240 -36.76 -30.34 4.76
C THR A 240 -35.64 -31.05 5.54
N ASN A 241 -34.52 -30.36 5.78
CA ASN A 241 -33.42 -30.92 6.51
C ASN A 241 -33.52 -30.47 7.97
N ASN A 242 -33.82 -31.37 8.88
CA ASN A 242 -34.07 -30.98 10.26
C ASN A 242 -32.81 -30.58 11.03
N ALA A 243 -31.66 -30.67 10.39
CA ALA A 243 -30.42 -30.26 11.02
C ALA A 243 -30.16 -28.77 10.80
N LYS A 244 -30.98 -28.11 9.99
CA LYS A 244 -30.78 -26.71 9.69
C LYS A 244 -31.63 -25.79 10.53
N ASN A 245 -31.17 -24.57 10.73
CA ASN A 245 -31.99 -23.62 11.47
C ASN A 245 -32.86 -22.87 10.48
N ILE A 246 -34.00 -22.43 10.96
CA ILE A 246 -34.93 -21.65 10.18
C ILE A 246 -34.96 -20.22 10.69
N LEU A 247 -34.69 -19.28 9.81
CA LEU A 247 -34.69 -17.90 10.22
C LEU A 247 -35.99 -17.28 9.77
N VAL A 248 -36.79 -16.82 10.70
CA VAL A 248 -38.08 -16.26 10.32
C VAL A 248 -38.09 -14.78 10.53
N GLN A 249 -38.26 -14.03 9.46
CA GLN A 249 -38.29 -12.58 9.56
C GLN A 249 -39.73 -12.13 9.66
N LEU A 250 -40.04 -11.28 10.61
CA LEU A 250 -41.41 -10.85 10.78
C LEU A 250 -41.66 -9.60 9.99
N ASN A 251 -42.92 -9.36 9.60
CA ASN A 251 -43.27 -8.13 8.90
C ASN A 251 -43.84 -7.08 9.84
N THR A 252 -43.94 -7.44 11.10
CA THR A 252 -44.43 -6.57 12.16
C THR A 252 -43.56 -6.83 13.37
N PRO A 253 -43.25 -5.85 14.19
CA PRO A 253 -42.50 -6.03 15.40
C PRO A 253 -43.39 -6.56 16.48
N VAL A 254 -42.80 -7.24 17.45
CA VAL A 254 -43.51 -7.55 18.67
C VAL A 254 -42.78 -6.82 19.77
N GLN A 255 -43.48 -5.97 20.51
CA GLN A 255 -42.77 -5.22 21.52
C GLN A 255 -42.53 -6.03 22.76
N ILE A 256 -41.31 -5.97 23.27
CA ILE A 256 -40.94 -6.63 24.50
C ILE A 256 -40.32 -5.62 25.50
N ASN A 257 -40.86 -5.59 26.76
CA ASN A 257 -40.44 -4.70 27.86
C ASN A 257 -39.73 -5.52 28.94
N CYS A 258 -38.40 -5.33 29.12
CA CYS A 258 -37.59 -6.11 30.07
C CYS A 258 -37.11 -5.26 31.23
N THR A 259 -37.15 -5.86 32.41
CA THR A 259 -36.71 -5.19 33.62
C THR A 259 -35.98 -6.04 34.62
N ARG A 260 -35.16 -5.37 35.40
CA ARG A 260 -34.43 -5.91 36.52
C ARG A 260 -34.84 -5.03 37.69
N PRO A 261 -36.00 -5.29 38.30
CA PRO A 261 -36.75 -4.45 39.22
C PRO A 261 -36.22 -4.47 40.65
N ASN A 262 -34.94 -4.18 40.81
CA ASN A 262 -34.29 -4.18 42.11
C ASN A 262 -33.34 -3.01 42.16
N ASN A 263 -33.38 -2.18 43.23
CA ASN A 263 -32.52 -1.00 43.35
C ASN A 263 -31.17 -1.39 43.95
N ASN A 264 -30.13 -1.48 43.07
CA ASN A 264 -28.78 -1.93 43.41
C ASN A 264 -27.85 -0.81 43.76
N THR A 265 -27.17 -0.97 44.88
CA THR A 265 -26.17 -0.01 45.30
C THR A 265 -24.86 -0.61 44.94
N VAL A 266 -24.10 0.09 44.12
CA VAL A 266 -22.82 -0.37 43.63
C VAL A 266 -21.66 0.24 44.39
N LYS A 267 -20.78 -0.62 44.86
CA LYS A 267 -19.62 -0.23 45.62
C LYS A 267 -18.36 -0.63 44.92
N SER A 268 -17.24 -0.02 45.29
CA SER A 268 -15.99 -0.42 44.69
C SER A 268 -14.84 -0.37 45.64
N ILE A 269 -13.85 -1.18 45.34
CA ILE A 269 -12.61 -1.24 46.08
C ILE A 269 -11.41 -1.24 45.16
N ARG A 270 -10.27 -0.86 45.68
CA ARG A 270 -9.09 -1.05 44.87
C ARG A 270 -8.58 -2.43 45.19
N ILE A 271 -8.11 -3.14 44.19
CA ILE A 271 -7.51 -4.44 44.41
C ILE A 271 -6.08 -4.38 43.99
N GLY A 272 -5.69 -3.25 43.45
CA GLY A 272 -4.33 -3.09 43.02
C GLY A 272 -3.99 -1.65 42.66
N PRO A 273 -2.86 -1.44 42.02
CA PRO A 273 -2.26 -0.15 41.71
C PRO A 273 -3.05 0.58 40.65
N GLY A 274 -4.13 1.20 41.09
CA GLY A 274 -5.03 1.92 40.19
C GLY A 274 -6.08 1.01 39.60
N GLN A 275 -6.24 -0.16 40.19
CA GLN A 275 -7.19 -1.16 39.70
C GLN A 275 -8.41 -1.28 40.58
N ALA A 276 -9.55 -0.82 40.05
CA ALA A 276 -10.78 -0.85 40.82
C ALA A 276 -11.70 -1.97 40.40
N PHE A 277 -12.26 -2.63 41.39
CA PHE A 277 -13.23 -3.70 41.26
C PHE A 277 -14.60 -3.23 41.67
N TYR A 278 -15.61 -3.55 40.87
CA TYR A 278 -16.97 -3.14 41.18
C TYR A 278 -17.87 -4.29 41.53
N TYR A 279 -18.73 -4.08 42.49
CA TYR A 279 -19.63 -5.12 42.92
C TYR A 279 -20.92 -4.60 43.50
N THR A 280 -21.93 -5.46 43.58
CA THR A 280 -23.16 -5.01 44.18
C THR A 280 -22.91 -5.05 45.64
N GLY A 281 -23.15 -3.93 46.28
CA GLY A 281 -22.94 -3.74 47.70
C GLY A 281 -24.16 -4.22 48.43
N ASP A 282 -25.29 -3.64 48.03
CA ASP A 282 -26.54 -3.96 48.73
C ASP A 282 -27.76 -3.69 47.86
N ILE A 283 -28.90 -4.25 48.23
CA ILE A 283 -30.17 -4.06 47.56
C ILE A 283 -31.09 -3.28 48.47
N ILE A 284 -31.67 -2.23 47.92
CA ILE A 284 -32.58 -1.41 48.67
C ILE A 284 -33.98 -1.84 48.35
N GLY A 285 -34.68 -2.27 49.38
CA GLY A 285 -36.03 -2.77 49.22
C GLY A 285 -36.04 -4.27 48.95
N ASP A 286 -37.21 -4.74 48.55
CA ASP A 286 -37.54 -6.15 48.35
C ASP A 286 -36.81 -6.73 47.15
N ILE A 287 -36.65 -8.04 47.15
CA ILE A 287 -36.03 -8.73 46.04
C ILE A 287 -37.03 -9.43 45.14
N ARG A 288 -37.01 -9.02 43.88
CA ARG A 288 -37.93 -9.49 42.86
C ARG A 288 -37.20 -10.11 41.68
N GLN A 289 -37.88 -10.98 40.96
CA GLN A 289 -37.26 -11.63 39.82
C GLN A 289 -37.31 -10.74 38.59
N ALA A 290 -36.23 -10.75 37.82
CA ALA A 290 -36.17 -10.02 36.56
C ALA A 290 -37.15 -10.67 35.61
N HIS A 291 -37.75 -9.89 34.73
CA HIS A 291 -38.70 -10.46 33.81
C HIS A 291 -38.94 -9.60 32.56
N CYS A 292 -39.56 -10.20 31.51
CA CYS A 292 -39.94 -9.50 30.27
C CYS A 292 -41.43 -9.68 29.93
N ASN A 293 -42.05 -8.61 29.47
CA ASN A 293 -43.46 -8.61 29.04
C ASN A 293 -43.60 -8.55 27.52
N VAL A 294 -44.40 -9.49 26.96
CA VAL A 294 -44.78 -9.57 25.55
C VAL A 294 -46.31 -9.52 25.46
N SER A 295 -46.86 -8.60 24.66
CA SER A 295 -48.33 -8.51 24.59
C SER A 295 -48.92 -9.82 24.11
N LYS A 296 -49.96 -10.32 24.80
CA LYS A 296 -50.46 -11.63 24.41
C LYS A 296 -51.11 -11.66 23.05
N ALA A 297 -51.93 -10.67 22.73
CA ALA A 297 -52.61 -10.72 21.45
C ALA A 297 -51.64 -10.58 20.31
N THR A 298 -50.64 -9.72 20.50
CA THR A 298 -49.70 -9.48 19.44
C THR A 298 -48.93 -10.74 19.19
N TRP A 299 -48.49 -11.39 20.26
CA TRP A 299 -47.73 -12.61 20.10
C TRP A 299 -48.54 -13.74 19.42
N ASN A 300 -49.83 -13.94 19.81
CA ASN A 300 -50.68 -14.98 19.22
C ASN A 300 -50.90 -14.76 17.71
N GLU A 301 -51.06 -13.47 17.27
CA GLU A 301 -51.20 -13.10 15.86
C GLU A 301 -49.91 -13.37 15.11
N THR A 302 -48.79 -13.10 15.77
CA THR A 302 -47.49 -13.31 15.18
C THR A 302 -47.30 -14.77 14.88
N LEU A 303 -47.61 -15.65 15.81
CA LEU A 303 -47.42 -17.04 15.48
C LEU A 303 -48.40 -17.47 14.42
N GLY A 304 -49.63 -16.97 14.45
CA GLY A 304 -50.54 -17.44 13.42
C GLY A 304 -49.97 -17.17 12.03
N LYS A 305 -49.34 -16.00 11.84
CA LYS A 305 -48.73 -15.69 10.56
C LYS A 305 -47.57 -16.63 10.23
N VAL A 306 -46.77 -16.96 11.23
CA VAL A 306 -45.64 -17.85 10.99
C VAL A 306 -46.14 -19.22 10.55
N VAL A 307 -47.17 -19.71 11.21
CA VAL A 307 -47.75 -21.01 10.90
C VAL A 307 -48.30 -21.03 9.50
N LYS A 308 -49.01 -19.99 9.12
CA LYS A 308 -49.56 -19.90 7.79
C LYS A 308 -48.48 -20.06 6.74
N GLN A 309 -47.31 -19.46 6.97
CA GLN A 309 -46.23 -19.56 6.01
C GLN A 309 -45.50 -20.91 6.10
N LEU A 310 -45.40 -21.49 7.29
CA LEU A 310 -44.76 -22.79 7.44
C LEU A 310 -45.53 -23.84 6.65
N ARG A 311 -46.84 -23.70 6.60
CA ARG A 311 -47.69 -24.65 5.88
C ARG A 311 -47.47 -24.64 4.37
N LYS A 312 -46.68 -23.71 3.85
CA LYS A 312 -46.39 -23.71 2.43
C LYS A 312 -45.19 -24.59 2.14
N HIS A 313 -44.46 -25.00 3.18
CA HIS A 313 -43.27 -25.84 3.04
C HIS A 313 -43.53 -27.23 3.57
N PHE A 314 -44.46 -27.30 4.49
CA PHE A 314 -44.84 -28.52 5.17
C PHE A 314 -46.21 -28.87 4.64
N GLY A 315 -46.83 -29.93 5.13
CA GLY A 315 -48.11 -30.24 4.54
C GLY A 315 -49.08 -29.11 4.88
N ASN A 316 -50.13 -28.92 4.03
CA ASN A 316 -51.15 -27.88 4.24
C ASN A 316 -52.14 -28.30 5.35
N ASN A 317 -52.66 -29.56 5.26
CA ASN A 317 -53.60 -30.16 6.21
C ASN A 317 -52.76 -30.83 7.28
N THR A 318 -52.05 -30.00 8.01
CA THR A 318 -51.10 -30.45 8.99
C THR A 318 -51.31 -29.81 10.32
N ILE A 319 -50.45 -30.21 11.23
CA ILE A 319 -50.42 -29.66 12.55
C ILE A 319 -49.05 -29.09 12.84
N ILE A 320 -49.03 -27.85 13.28
CA ILE A 320 -47.78 -27.22 13.67
C ILE A 320 -47.79 -26.92 15.14
N ARG A 321 -46.78 -27.43 15.80
CA ARG A 321 -46.67 -27.31 17.23
C ARG A 321 -45.43 -26.57 17.63
N PHE A 322 -45.55 -25.76 18.66
CA PHE A 322 -44.42 -25.06 19.20
C PHE A 322 -44.13 -25.58 20.58
N ALA A 323 -42.86 -25.67 20.88
CA ALA A 323 -42.40 -26.14 22.18
C ALA A 323 -41.10 -25.46 22.57
N GLN A 324 -40.81 -25.52 23.85
CA GLN A 324 -39.61 -24.98 24.46
C GLN A 324 -38.37 -25.78 24.07
N SER A 325 -37.20 -25.15 24.15
CA SER A 325 -35.97 -25.85 23.80
C SER A 325 -35.80 -27.09 24.65
N SER A 326 -35.37 -28.15 23.99
CA SER A 326 -35.22 -29.48 24.58
C SER A 326 -34.00 -29.72 25.45
N GLY A 327 -32.96 -28.90 25.36
CA GLY A 327 -31.80 -29.18 26.18
C GLY A 327 -30.63 -28.29 25.90
N GLY A 328 -29.57 -28.49 26.66
CA GLY A 328 -28.36 -27.68 26.55
C GLY A 328 -28.29 -26.79 27.77
N ASP A 329 -27.27 -25.96 27.85
CA ASP A 329 -27.11 -25.12 29.02
C ASP A 329 -27.91 -23.83 28.92
N LEU A 330 -27.84 -23.02 29.96
CA LEU A 330 -28.60 -21.79 30.04
C LEU A 330 -28.36 -20.88 28.86
N GLU A 331 -27.15 -20.87 28.34
CA GLU A 331 -26.80 -20.01 27.22
C GLU A 331 -27.56 -20.31 25.93
N VAL A 332 -28.12 -21.51 25.78
CA VAL A 332 -28.86 -21.85 24.57
C VAL A 332 -30.33 -22.23 24.79
N THR A 333 -30.74 -22.45 26.04
CA THR A 333 -32.13 -22.83 26.30
C THR A 333 -32.99 -21.64 26.65
N THR A 334 -32.38 -20.48 26.72
CA THR A 334 -33.04 -19.23 27.07
C THR A 334 -32.78 -18.15 26.06
N HIS A 335 -33.46 -17.04 26.27
CA HIS A 335 -33.28 -15.88 25.46
C HIS A 335 -32.27 -15.00 26.12
N SER A 336 -31.09 -14.98 25.56
CA SER A 336 -30.00 -14.23 26.12
C SER A 336 -29.87 -12.92 25.44
N PHE A 337 -29.74 -11.86 26.22
CA PHE A 337 -29.53 -10.52 25.69
C PHE A 337 -28.94 -9.55 26.69
N ASN A 338 -28.37 -8.47 26.17
CA ASN A 338 -27.84 -7.37 26.96
C ASN A 338 -28.89 -6.24 27.10
N CYS A 339 -29.38 -6.00 28.33
CA CYS A 339 -30.39 -4.99 28.66
C CYS A 339 -29.78 -3.93 29.55
N GLY A 340 -29.34 -2.84 28.93
CA GLY A 340 -28.77 -1.77 29.73
C GLY A 340 -27.43 -2.13 30.34
N GLY A 341 -26.70 -3.09 29.78
CA GLY A 341 -25.45 -3.54 30.33
C GLY A 341 -25.58 -4.81 31.18
N GLU A 342 -26.78 -5.22 31.57
CA GLU A 342 -26.88 -6.45 32.35
C GLU A 342 -27.16 -7.61 31.41
N PHE A 343 -26.75 -8.79 31.80
CA PHE A 343 -27.01 -9.95 30.94
C PHE A 343 -28.11 -10.85 31.47
N PHE A 344 -29.20 -10.87 30.71
CA PHE A 344 -30.42 -11.59 30.98
C PHE A 344 -30.48 -12.91 30.26
N TYR A 345 -31.02 -13.90 30.93
CA TYR A 345 -31.28 -15.24 30.40
C TYR A 345 -32.74 -15.64 30.70
N CYS A 346 -33.69 -15.29 29.79
CA CYS A 346 -35.13 -15.37 29.98
C CYS A 346 -35.72 -16.68 29.46
N ASN A 347 -36.68 -17.20 30.21
CA ASN A 347 -37.38 -18.44 29.88
C ASN A 347 -38.56 -18.14 28.93
N THR A 348 -38.47 -18.65 27.69
CA THR A 348 -39.39 -18.43 26.57
C THR A 348 -40.43 -19.52 26.40
N SER A 349 -40.54 -20.43 27.37
CA SER A 349 -41.54 -21.49 27.26
C SER A 349 -42.94 -20.90 27.26
N GLY A 350 -43.09 -19.67 27.73
CA GLY A 350 -44.37 -19.00 27.75
C GLY A 350 -44.76 -18.45 26.38
N LEU A 351 -43.81 -18.41 25.45
CA LEU A 351 -44.08 -17.92 24.11
C LEU A 351 -44.28 -19.06 23.14
N PHE A 352 -43.60 -20.17 23.39
CA PHE A 352 -43.66 -21.31 22.48
C PHE A 352 -44.24 -22.56 23.11
N ASN A 353 -45.55 -22.53 23.42
CA ASN A 353 -46.30 -23.63 24.05
C ASN A 353 -47.73 -23.63 23.48
N SER A 354 -47.89 -24.14 22.23
CA SER A 354 -49.19 -24.15 21.52
C SER A 354 -49.23 -25.13 20.37
N THR A 355 -50.44 -25.51 19.97
CA THR A 355 -50.61 -26.34 18.79
C THR A 355 -51.63 -25.70 17.87
N TRP A 356 -51.25 -25.53 16.61
CA TRP A 356 -52.08 -24.96 15.58
C TRP A 356 -52.54 -26.06 14.61
N ILE A 357 -53.83 -26.33 14.56
CA ILE A 357 -54.33 -27.43 13.74
C ILE A 357 -55.13 -26.93 12.55
N SER A 358 -54.72 -27.34 11.30
CA SER A 358 -55.30 -27.04 9.98
C SER A 358 -56.44 -25.98 9.98
N ASN A 371 -56.24 -6.41 27.24
CA ASN A 371 -54.83 -6.03 27.16
C ASN A 371 -53.98 -6.90 28.14
N ASP A 372 -54.05 -8.23 27.97
CA ASP A 372 -53.31 -9.25 28.74
C ASP A 372 -51.88 -9.38 28.23
N SER A 373 -51.01 -9.95 29.05
CA SER A 373 -49.61 -10.13 28.64
C SER A 373 -48.95 -11.39 29.17
N ILE A 374 -47.89 -11.77 28.48
CA ILE A 374 -47.10 -12.92 28.85
C ILE A 374 -45.86 -12.48 29.56
N THR A 375 -45.63 -12.99 30.76
CA THR A 375 -44.42 -12.62 31.49
C THR A 375 -43.44 -13.76 31.47
N LEU A 376 -42.23 -13.45 31.07
CA LEU A 376 -41.14 -14.40 30.98
C LEU A 376 -40.21 -14.18 32.18
N PRO A 377 -40.00 -15.16 33.06
CA PRO A 377 -39.08 -15.09 34.17
C PRO A 377 -37.69 -14.96 33.58
N CYS A 378 -36.78 -14.18 34.20
CA CYS A 378 -35.39 -14.03 33.74
C CYS A 378 -34.36 -14.20 34.85
N ARG A 379 -33.25 -14.81 34.49
CA ARG A 379 -32.10 -14.97 35.36
C ARG A 379 -31.02 -13.98 34.98
N ILE A 380 -30.19 -13.59 35.94
CA ILE A 380 -29.10 -12.64 35.66
C ILE A 380 -27.75 -13.24 35.97
N LYS A 381 -26.76 -13.04 35.08
CA LYS A 381 -25.40 -13.52 35.34
C LYS A 381 -24.42 -12.39 35.24
N GLN A 382 -23.35 -12.42 36.04
CA GLN A 382 -22.29 -11.45 35.88
C GLN A 382 -21.07 -12.02 35.18
N ILE A 383 -20.82 -13.33 35.30
CA ILE A 383 -19.59 -13.94 34.66
C ILE A 383 -19.99 -14.67 33.39
N ILE A 384 -19.72 -14.10 32.21
CA ILE A 384 -20.18 -14.67 30.96
C ILE A 384 -19.06 -14.98 30.02
N ASN A 385 -19.33 -15.82 29.01
CA ASN A 385 -18.29 -16.18 28.01
C ASN A 385 -18.60 -15.57 26.64
N MET A 386 -19.78 -14.97 26.45
CA MET A 386 -20.21 -14.32 25.20
C MET A 386 -20.23 -15.15 23.94
N TRP A 387 -19.02 -15.36 23.42
CA TRP A 387 -18.90 -16.17 22.17
C TRP A 387 -18.61 -17.59 22.62
N GLN A 388 -18.96 -18.59 21.81
CA GLN A 388 -18.82 -19.97 22.24
C GLN A 388 -17.35 -20.37 22.28
N ARG A 389 -16.67 -19.92 23.33
CA ARG A 389 -15.26 -20.10 23.54
C ARG A 389 -15.00 -20.62 24.94
N ILE A 390 -13.86 -21.25 25.13
CA ILE A 390 -13.47 -21.79 26.43
C ILE A 390 -12.48 -20.92 27.20
N GLY A 391 -11.53 -20.33 26.49
CA GLY A 391 -10.40 -19.65 27.11
C GLY A 391 -10.59 -18.20 27.52
N GLN A 392 -11.80 -17.68 27.47
CA GLN A 392 -12.03 -16.30 27.86
C GLN A 392 -13.24 -16.20 28.78
N ALA A 393 -13.21 -15.21 29.67
CA ALA A 393 -14.38 -14.98 30.55
C ALA A 393 -14.39 -13.49 30.89
N MET A 394 -15.57 -12.89 31.01
CA MET A 394 -15.70 -11.49 31.34
C MET A 394 -16.60 -11.27 32.52
N TYR A 395 -16.24 -10.33 33.38
CA TYR A 395 -17.11 -9.96 34.48
C TYR A 395 -17.78 -8.66 34.18
N ALA A 396 -19.09 -8.69 34.14
CA ALA A 396 -19.80 -7.47 33.87
C ALA A 396 -20.03 -6.79 35.20
N PRO A 397 -19.58 -5.56 35.43
CA PRO A 397 -19.74 -4.90 36.67
C PRO A 397 -21.21 -4.64 36.75
N PRO A 398 -21.81 -4.59 37.92
CA PRO A 398 -23.19 -4.30 38.15
C PRO A 398 -23.49 -2.87 37.90
N ILE A 399 -24.73 -2.59 37.55
CA ILE A 399 -25.17 -1.24 37.32
C ILE A 399 -26.13 -0.71 38.36
N GLN A 400 -25.77 0.46 38.85
CA GLN A 400 -26.46 1.22 39.87
C GLN A 400 -27.89 1.54 39.52
N GLY A 401 -28.80 1.30 40.47
CA GLY A 401 -30.20 1.61 40.25
C GLY A 401 -31.02 0.46 39.71
N VAL A 402 -32.08 0.82 38.97
CA VAL A 402 -33.06 -0.12 38.44
C VAL A 402 -33.04 -0.06 36.93
N ILE A 403 -33.03 -1.22 36.28
CA ILE A 403 -32.95 -1.25 34.83
C ILE A 403 -34.18 -1.65 34.08
N ARG A 404 -34.48 -0.85 33.07
CA ARG A 404 -35.58 -1.09 32.16
C ARG A 404 -35.11 -0.82 30.72
N CYS A 405 -35.48 -1.69 29.76
CA CYS A 405 -35.19 -1.54 28.34
C CYS A 405 -36.38 -2.04 27.52
N VAL A 406 -36.60 -1.40 26.39
CA VAL A 406 -37.65 -1.79 25.48
C VAL A 406 -37.09 -2.05 24.10
N SER A 407 -37.44 -3.18 23.53
CA SER A 407 -36.93 -3.55 22.23
C SER A 407 -37.99 -4.21 21.36
N ASN A 408 -37.71 -4.34 20.04
CA ASN A 408 -38.60 -4.98 19.06
C ASN A 408 -38.09 -6.38 18.72
N ILE A 409 -38.99 -7.37 18.71
CA ILE A 409 -38.71 -8.73 18.23
C ILE A 409 -39.00 -8.65 16.76
N THR A 410 -37.99 -8.89 15.96
CA THR A 410 -38.09 -8.71 14.52
C THR A 410 -37.94 -10.00 13.76
N GLY A 411 -37.72 -11.08 14.49
CA GLY A 411 -37.54 -12.38 13.89
C GLY A 411 -37.24 -13.44 14.91
N LEU A 412 -37.43 -14.68 14.50
CA LEU A 412 -37.24 -15.83 15.36
C LEU A 412 -36.22 -16.79 14.81
N ILE A 413 -35.50 -17.52 15.67
CA ILE A 413 -34.71 -18.60 15.13
C ILE A 413 -35.30 -19.90 15.62
N LEU A 414 -35.81 -20.69 14.70
CA LEU A 414 -36.48 -21.93 15.04
C LEU A 414 -35.79 -23.15 14.48
N THR A 415 -35.96 -24.29 15.12
CA THR A 415 -35.44 -25.53 14.57
C THR A 415 -36.62 -26.46 14.51
N ARG A 416 -36.51 -27.55 13.76
CA ARG A 416 -37.61 -28.49 13.67
C ARG A 416 -37.14 -29.87 14.11
N ASP A 417 -37.99 -30.62 14.84
CA ASP A 417 -37.73 -31.99 15.31
C ASP A 417 -37.55 -32.95 14.12
N THR A 424 -48.38 -37.70 11.92
CA THR A 424 -48.03 -36.37 11.46
C THR A 424 -47.70 -35.48 12.70
N THR A 425 -47.64 -34.15 12.47
CA THR A 425 -47.35 -33.02 13.38
C THR A 425 -45.88 -32.63 13.36
N GLU A 426 -45.63 -31.43 12.87
CA GLU A 426 -44.28 -30.88 12.82
C GLU A 426 -44.08 -30.04 14.07
N THR A 427 -43.04 -30.30 14.82
CA THR A 427 -42.79 -29.53 16.04
C THR A 427 -41.56 -28.67 15.89
N PHE A 428 -41.73 -27.41 16.25
CA PHE A 428 -40.70 -26.40 16.17
C PHE A 428 -40.30 -25.91 17.54
N ARG A 429 -39.01 -25.66 17.71
CA ARG A 429 -38.49 -25.18 18.98
C ARG A 429 -37.55 -24.03 18.74
N PRO A 430 -37.35 -23.12 19.66
CA PRO A 430 -36.34 -22.09 19.58
C PRO A 430 -34.94 -22.67 19.48
N GLY A 431 -34.10 -22.04 18.69
CA GLY A 431 -32.69 -22.40 18.52
C GLY A 431 -31.82 -21.15 18.56
N GLY A 432 -30.90 -21.02 17.59
CA GLY A 432 -30.08 -19.80 17.52
C GLY A 432 -28.78 -19.74 18.33
N GLY A 433 -28.23 -20.87 18.77
CA GLY A 433 -27.00 -20.82 19.55
C GLY A 433 -25.80 -20.18 18.81
N ASP A 434 -25.74 -20.32 17.47
CA ASP A 434 -24.65 -19.77 16.64
C ASP A 434 -24.93 -18.36 16.15
N MET A 435 -24.11 -17.42 16.57
CA MET A 435 -24.23 -15.99 16.29
C MET A 435 -24.22 -15.62 14.83
N ARG A 436 -23.65 -16.47 14.00
CA ARG A 436 -23.62 -16.11 12.60
C ARG A 436 -25.03 -16.00 12.04
N ASP A 437 -26.01 -16.66 12.65
CA ASP A 437 -27.37 -16.58 12.16
C ASP A 437 -27.95 -15.21 12.36
N ASN A 438 -27.51 -14.48 13.38
CA ASN A 438 -28.10 -13.20 13.61
C ASN A 438 -27.68 -12.27 12.53
N TRP A 439 -26.46 -12.47 12.07
CA TRP A 439 -25.93 -11.61 11.07
C TRP A 439 -26.40 -11.98 9.69
N ARG A 440 -26.69 -13.25 9.45
CA ARG A 440 -27.21 -13.62 8.16
C ARG A 440 -28.53 -12.94 7.92
N SER A 441 -29.32 -12.76 8.97
CA SER A 441 -30.62 -12.12 8.84
C SER A 441 -30.57 -10.67 8.37
N GLU A 442 -29.41 -10.01 8.47
CA GLU A 442 -29.30 -8.64 7.98
C GLU A 442 -28.49 -8.57 6.68
N LEU A 443 -27.52 -9.47 6.53
CA LEU A 443 -26.66 -9.48 5.35
C LEU A 443 -27.15 -10.30 4.18
N TYR A 444 -28.25 -11.01 4.32
CA TYR A 444 -28.77 -11.85 3.26
C TYR A 444 -29.04 -11.16 1.94
N LYS A 445 -29.27 -9.87 1.93
CA LYS A 445 -29.58 -9.21 0.68
C LYS A 445 -28.35 -8.67 -0.01
N TYR A 446 -27.16 -8.85 0.57
CA TYR A 446 -25.98 -8.29 -0.08
C TYR A 446 -25.03 -9.32 -0.64
N LYS A 447 -24.40 -8.99 -1.76
CA LYS A 447 -23.38 -9.84 -2.36
C LYS A 447 -22.16 -9.03 -2.78
N VAL A 448 -20.96 -9.59 -2.66
CA VAL A 448 -19.77 -8.86 -3.11
C VAL A 448 -19.20 -9.41 -4.40
N VAL A 449 -19.01 -8.53 -5.38
CA VAL A 449 -18.46 -8.99 -6.64
C VAL A 449 -17.24 -8.17 -7.05
N LYS A 450 -16.37 -8.78 -7.84
CA LYS A 450 -15.18 -8.16 -8.36
C LYS A 450 -15.43 -7.63 -9.72
N ILE A 451 -14.93 -6.46 -10.01
CA ILE A 451 -15.13 -5.87 -11.31
C ILE A 451 -14.05 -6.34 -12.25
N GLU A 452 -14.48 -6.79 -13.43
CA GLU A 452 -13.58 -7.29 -14.47
C GLU A 452 -13.74 -6.46 -15.73
N PRO A 453 -13.11 -5.29 -15.81
CA PRO A 453 -13.30 -4.27 -16.82
C PRO A 453 -12.75 -4.60 -18.19
N LEU A 454 -11.95 -5.63 -18.33
CA LEU A 454 -11.35 -5.90 -19.62
C LEU A 454 -12.06 -7.00 -20.38
N GLY A 455 -12.29 -6.81 -21.67
CA GLY A 455 -12.87 -7.87 -22.47
C GLY A 455 -12.77 -7.59 -23.96
N VAL A 456 -13.16 -8.56 -24.77
CA VAL A 456 -13.06 -8.41 -26.22
C VAL A 456 -14.37 -8.78 -26.88
N ALA A 457 -14.56 -8.29 -28.10
CA ALA A 457 -15.72 -8.66 -28.93
C ALA A 457 -15.40 -8.40 -30.39
N PRO A 458 -15.98 -9.11 -31.36
CA PRO A 458 -15.80 -8.86 -32.77
C PRO A 458 -16.48 -7.62 -33.26
N THR A 459 -15.80 -6.88 -34.10
CA THR A 459 -16.33 -5.69 -34.77
C THR A 459 -15.81 -5.68 -36.19
N ARG A 460 -16.13 -4.65 -36.99
CA ARG A 460 -15.61 -4.57 -38.39
C ARG A 460 -14.42 -3.59 -38.44
N CYS A 461 -13.89 -3.18 -37.30
CA CYS A 461 -12.78 -2.24 -37.16
C CYS A 461 -11.43 -2.96 -37.13
N LYS A 462 -10.51 -2.54 -38.00
CA LYS A 462 -9.17 -3.14 -38.03
C LYS A 462 -8.12 -2.04 -38.15
N ARG A 463 -6.88 -2.27 -37.62
CA ARG A 463 -5.78 -1.29 -37.71
C ARG A 463 -5.38 -1.02 -39.18
N LEU B 9 -27.03 5.78 -15.23
CA LEU B 9 -25.83 6.47 -15.71
C LEU B 9 -24.62 6.39 -14.73
N GLY B 10 -24.78 5.75 -13.56
CA GLY B 10 -23.73 5.58 -12.55
C GLY B 10 -22.95 4.31 -12.80
N PHE B 11 -22.08 3.97 -11.86
CA PHE B 11 -21.26 2.79 -11.97
C PHE B 11 -22.08 1.54 -12.14
N LEU B 12 -21.79 0.80 -13.21
CA LEU B 12 -22.49 -0.42 -13.60
C LEU B 12 -23.95 -0.17 -13.96
N GLY B 13 -24.33 1.08 -14.17
CA GLY B 13 -25.70 1.41 -14.52
C GLY B 13 -26.11 0.78 -15.84
N ALA B 14 -25.15 0.61 -16.72
CA ALA B 14 -25.35 0.05 -18.04
C ALA B 14 -25.24 -1.45 -18.03
N ALA B 15 -25.03 -2.08 -16.90
CA ALA B 15 -24.84 -3.52 -16.88
C ALA B 15 -26.00 -4.27 -17.50
N GLY B 16 -27.22 -3.76 -17.38
CA GLY B 16 -28.35 -4.47 -17.97
C GLY B 16 -28.64 -4.06 -19.42
N SER B 17 -27.87 -3.14 -19.97
CA SER B 17 -28.12 -2.64 -21.33
C SER B 17 -27.33 -3.49 -22.29
N THR B 18 -27.58 -3.25 -23.58
CA THR B 18 -26.91 -4.02 -24.64
C THR B 18 -25.49 -3.52 -24.84
N MET B 19 -24.62 -4.37 -25.37
CA MET B 19 -23.23 -4.04 -25.62
C MET B 19 -23.03 -2.78 -26.42
N GLY B 20 -23.89 -2.54 -27.39
CA GLY B 20 -23.77 -1.36 -28.23
C GLY B 20 -24.09 -0.07 -27.48
N ALA B 21 -24.70 -0.17 -26.30
CA ALA B 21 -25.04 1.01 -25.50
C ALA B 21 -24.05 1.16 -24.37
N ALA B 22 -23.71 0.03 -23.75
CA ALA B 22 -22.84 -0.05 -22.59
C ALA B 22 -21.47 0.48 -22.91
N SER B 23 -21.05 0.31 -24.16
CA SER B 23 -19.75 0.75 -24.62
C SER B 23 -19.56 2.26 -24.51
N MET B 24 -20.63 3.01 -24.29
CA MET B 24 -20.50 4.44 -24.15
C MET B 24 -20.24 4.89 -22.71
N THR B 25 -20.14 3.95 -21.77
CA THR B 25 -19.92 4.27 -20.35
C THR B 25 -18.59 3.73 -19.86
N LEU B 26 -17.65 3.50 -20.76
CA LEU B 26 -16.41 2.89 -20.33
C LEU B 26 -15.66 3.74 -19.30
N THR B 27 -15.81 5.07 -19.33
CA THR B 27 -15.12 5.90 -18.35
C THR B 27 -15.81 5.86 -17.00
N VAL B 28 -17.07 5.46 -16.98
CA VAL B 28 -17.81 5.42 -15.75
C VAL B 28 -17.22 4.31 -14.93
N GLN B 29 -16.96 3.19 -15.57
CA GLN B 29 -16.36 2.11 -14.84
C GLN B 29 -14.87 2.32 -14.63
N ALA B 30 -14.15 2.85 -15.60
CA ALA B 30 -12.71 3.00 -15.41
C ALA B 30 -12.37 3.86 -14.20
N ARG B 31 -13.16 4.90 -13.95
CA ARG B 31 -12.87 5.81 -12.85
C ARG B 31 -13.20 5.24 -11.48
N ASN B 32 -13.86 4.11 -11.42
CA ASN B 32 -14.21 3.52 -10.14
C ASN B 32 -13.33 2.32 -9.82
N LEU B 33 -12.23 2.18 -10.56
CA LEU B 33 -11.31 1.10 -10.27
C LEU B 33 -10.27 1.57 -9.27
N LEU B 34 -10.04 2.88 -9.20
CA LEU B 34 -9.06 3.43 -8.28
C LEU B 34 -9.77 4.32 -7.25
N SER B 35 -9.59 4.03 -5.94
CA SER B 35 -10.19 4.70 -4.77
C SER B 35 -11.66 5.13 -5.02
N HIS B 59 -3.09 -7.90 13.53
CA HIS B 59 -3.07 -6.46 13.76
C HIS B 59 -4.18 -5.82 12.89
N TRP B 60 -5.04 -4.96 13.51
CA TRP B 60 -6.17 -4.29 12.84
C TRP B 60 -5.65 -3.31 11.78
N GLY B 61 -6.20 -3.40 10.58
CA GLY B 61 -5.78 -2.54 9.49
C GLY B 61 -4.83 -3.24 8.49
N ILE B 62 -4.27 -4.40 8.85
CA ILE B 62 -3.38 -5.06 7.89
C ILE B 62 -4.15 -5.61 6.73
N LYS B 63 -5.30 -6.21 7.00
CA LYS B 63 -6.11 -6.79 5.94
C LYS B 63 -6.55 -5.72 4.97
N GLN B 64 -6.80 -4.52 5.48
CA GLN B 64 -7.20 -3.45 4.60
C GLN B 64 -6.00 -3.01 3.77
N LEU B 65 -4.79 -3.00 4.33
CA LEU B 65 -3.65 -2.69 3.49
C LEU B 65 -3.46 -3.75 2.44
N GLN B 66 -3.70 -5.02 2.77
CA GLN B 66 -3.52 -6.05 1.77
C GLN B 66 -4.48 -5.82 0.65
N ALA B 67 -5.72 -5.44 0.97
CA ALA B 67 -6.69 -5.21 -0.06
C ALA B 67 -6.29 -4.05 -0.96
N ARG B 68 -5.71 -2.98 -0.38
CA ARG B 68 -5.33 -1.87 -1.21
C ARG B 68 -4.20 -2.23 -2.13
N VAL B 69 -3.25 -2.98 -1.62
CA VAL B 69 -2.10 -3.36 -2.43
C VAL B 69 -2.52 -4.26 -3.55
N LEU B 70 -3.37 -5.24 -3.27
CA LEU B 70 -3.81 -6.13 -4.30
C LEU B 70 -4.65 -5.42 -5.32
N ALA B 71 -5.48 -4.45 -4.90
CA ALA B 71 -6.26 -3.72 -5.89
C ALA B 71 -5.32 -3.03 -6.86
N VAL B 72 -4.22 -2.48 -6.33
CA VAL B 72 -3.24 -1.84 -7.19
C VAL B 72 -2.55 -2.83 -8.08
N GLU B 73 -2.15 -3.99 -7.57
CA GLU B 73 -1.49 -4.92 -8.46
C GLU B 73 -2.44 -5.39 -9.55
N HIS B 74 -3.71 -5.59 -9.23
CA HIS B 74 -4.66 -6.03 -10.23
C HIS B 74 -4.72 -4.98 -11.33
N TYR B 75 -4.88 -3.73 -10.94
CA TYR B 75 -4.98 -2.64 -11.89
C TYR B 75 -3.77 -2.61 -12.79
N LEU B 76 -2.58 -2.71 -12.20
CA LEU B 76 -1.38 -2.63 -12.99
C LEU B 76 -1.25 -3.79 -13.94
N ARG B 77 -1.69 -4.98 -13.56
CA ARG B 77 -1.57 -6.08 -14.50
C ARG B 77 -2.45 -5.84 -15.72
N ASP B 78 -3.64 -5.30 -15.54
CA ASP B 78 -4.46 -5.04 -16.71
C ASP B 78 -3.83 -3.96 -17.57
N GLN B 79 -3.23 -2.96 -16.94
CA GLN B 79 -2.61 -1.94 -17.75
C GLN B 79 -1.41 -2.47 -18.49
N GLN B 80 -0.66 -3.37 -17.85
CA GLN B 80 0.50 -3.95 -18.49
C GLN B 80 0.08 -4.74 -19.69
N LEU B 81 -1.02 -5.47 -19.56
CA LEU B 81 -1.48 -6.30 -20.64
C LEU B 81 -1.92 -5.45 -21.82
N LEU B 82 -2.60 -4.33 -21.57
CA LEU B 82 -2.97 -3.50 -22.68
C LEU B 82 -1.71 -2.99 -23.36
N GLY B 83 -0.68 -2.67 -22.59
CA GLY B 83 0.56 -2.22 -23.18
C GLY B 83 1.19 -3.28 -24.07
N ILE B 84 1.18 -4.53 -23.62
CA ILE B 84 1.76 -5.63 -24.38
C ILE B 84 1.08 -5.79 -25.71
N TRP B 85 -0.23 -5.63 -25.74
CA TRP B 85 -1.02 -5.76 -26.95
C TRP B 85 -0.99 -4.54 -27.86
N GLY B 86 -0.34 -3.47 -27.43
CA GLY B 86 -0.32 -2.22 -28.21
C GLY B 86 -1.58 -1.34 -28.07
N CYS B 87 -2.33 -1.45 -26.95
CA CYS B 87 -3.57 -0.74 -26.64
C CYS B 87 -3.37 0.23 -25.48
N SER B 88 -2.14 0.58 -25.22
CA SER B 88 -1.88 1.47 -24.10
C SER B 88 -2.52 2.82 -24.31
N GLY B 89 -3.11 3.35 -23.26
CA GLY B 89 -3.67 4.69 -23.30
C GLY B 89 -5.06 4.83 -23.88
N LYS B 90 -5.72 3.74 -24.24
CA LYS B 90 -7.06 3.90 -24.83
C LYS B 90 -8.08 2.89 -24.32
N LEU B 91 -9.34 3.30 -24.30
CA LEU B 91 -10.43 2.44 -23.84
C LEU B 91 -10.97 1.53 -24.93
N ILE B 92 -10.87 1.94 -26.19
CA ILE B 92 -11.30 1.12 -27.32
C ILE B 92 -10.10 0.95 -28.23
N CYS B 93 -9.70 -0.29 -28.54
CA CYS B 93 -8.51 -0.60 -29.36
C CYS B 93 -8.80 -1.65 -30.41
N CYS B 94 -8.55 -1.28 -31.65
CA CYS B 94 -8.78 -2.20 -32.74
C CYS B 94 -7.45 -2.87 -32.97
N THR B 95 -7.49 -4.13 -33.38
CA THR B 95 -6.28 -4.91 -33.58
C THR B 95 -6.24 -5.54 -34.95
N ASN B 96 -5.21 -6.34 -35.19
CA ASN B 96 -5.06 -7.09 -36.44
C ASN B 96 -5.34 -8.58 -36.27
N VAL B 97 -5.97 -8.98 -35.18
CA VAL B 97 -6.28 -10.38 -35.00
C VAL B 97 -7.67 -10.64 -35.51
N PRO B 98 -7.91 -11.59 -36.47
CA PRO B 98 -9.26 -11.85 -36.96
C PRO B 98 -10.09 -12.76 -36.06
N TRP B 99 -11.40 -12.73 -36.23
CA TRP B 99 -12.30 -13.49 -35.34
C TRP B 99 -12.57 -14.86 -35.95
N ASN B 100 -11.90 -15.88 -35.40
CA ASN B 100 -12.18 -17.27 -35.81
C ASN B 100 -13.62 -17.47 -35.38
N SER B 101 -14.45 -18.03 -36.23
CA SER B 101 -15.90 -18.09 -35.96
C SER B 101 -16.19 -19.19 -34.95
N SER B 102 -15.22 -20.07 -34.71
CA SER B 102 -15.35 -21.18 -33.74
C SER B 102 -15.53 -20.61 -32.33
N TRP B 103 -15.04 -19.40 -32.08
CA TRP B 103 -15.16 -18.82 -30.71
C TRP B 103 -16.60 -18.39 -30.50
N SER B 104 -17.17 -17.65 -31.45
CA SER B 104 -18.62 -17.29 -31.42
C SER B 104 -19.09 -16.94 -32.82
N ASN B 105 -19.98 -17.75 -33.40
CA ASN B 105 -20.49 -17.47 -34.72
C ASN B 105 -21.71 -16.59 -34.74
N ARG B 106 -21.96 -15.86 -33.67
CA ARG B 106 -23.11 -14.97 -33.68
C ARG B 106 -22.76 -13.77 -34.57
N ASN B 107 -23.74 -13.17 -35.27
CA ASN B 107 -23.49 -12.00 -36.12
C ASN B 107 -23.51 -10.70 -35.29
N LEU B 108 -23.24 -9.53 -35.92
CA LEU B 108 -23.15 -8.24 -35.23
C LEU B 108 -24.45 -7.76 -34.63
N SER B 109 -25.55 -8.01 -35.33
CA SER B 109 -26.87 -7.55 -34.84
C SER B 109 -27.31 -8.39 -33.63
N GLU B 110 -26.66 -9.52 -33.39
CA GLU B 110 -27.02 -10.41 -32.25
C GLU B 110 -26.08 -10.10 -31.09
N ILE B 111 -24.85 -9.70 -31.41
CA ILE B 111 -23.91 -9.34 -30.37
C ILE B 111 -24.04 -7.92 -29.87
N TRP B 112 -24.28 -6.96 -30.76
CA TRP B 112 -24.26 -5.57 -30.25
C TRP B 112 -25.67 -5.03 -30.01
N ASP B 113 -26.69 -5.63 -30.59
CA ASP B 113 -28.05 -5.09 -30.44
C ASP B 113 -28.83 -5.81 -29.33
N ASN B 114 -28.47 -7.04 -28.97
CA ASN B 114 -29.27 -7.78 -27.97
C ASN B 114 -28.44 -8.19 -26.76
N MET B 115 -27.35 -8.93 -26.95
CA MET B 115 -26.59 -9.50 -25.81
C MET B 115 -26.04 -8.42 -24.89
N THR B 116 -26.00 -8.66 -23.57
CA THR B 116 -25.40 -7.69 -22.60
C THR B 116 -23.98 -8.16 -22.29
N TRP B 117 -23.08 -7.26 -21.87
CA TRP B 117 -21.70 -7.69 -21.68
C TRP B 117 -21.56 -8.87 -20.74
N LEU B 118 -22.47 -9.01 -19.78
CA LEU B 118 -22.36 -10.13 -18.87
C LEU B 118 -22.63 -11.42 -19.64
N GLN B 119 -23.62 -11.41 -20.53
CA GLN B 119 -23.93 -12.67 -21.24
C GLN B 119 -22.81 -12.96 -22.24
N TRP B 120 -22.24 -11.93 -22.87
CA TRP B 120 -21.14 -12.16 -23.79
C TRP B 120 -19.95 -12.74 -23.08
N ASP B 121 -19.61 -12.20 -21.91
CA ASP B 121 -18.47 -12.72 -21.22
C ASP B 121 -18.65 -14.19 -20.92
N LYS B 122 -19.86 -14.60 -20.53
CA LYS B 122 -20.06 -16.03 -20.20
C LYS B 122 -19.89 -16.87 -21.46
N GLU B 123 -20.28 -16.32 -22.61
CA GLU B 123 -20.36 -17.15 -23.84
C GLU B 123 -18.93 -17.49 -24.31
N ILE B 124 -18.03 -16.51 -24.31
CA ILE B 124 -16.66 -16.71 -24.86
C ILE B 124 -15.61 -16.76 -23.74
N SER B 125 -15.95 -17.33 -22.57
CA SER B 125 -15.02 -17.19 -21.43
C SER B 125 -13.88 -18.18 -21.56
N ASN B 126 -14.08 -19.29 -22.26
CA ASN B 126 -13.05 -20.35 -22.24
C ASN B 126 -12.21 -20.28 -23.50
N TYR B 127 -12.56 -19.37 -24.41
CA TYR B 127 -11.71 -19.12 -25.60
C TYR B 127 -10.96 -17.81 -25.39
N THR B 128 -10.88 -17.34 -24.16
CA THR B 128 -10.28 -16.01 -23.86
C THR B 128 -8.76 -16.13 -23.89
N GLN B 129 -8.20 -17.15 -23.24
CA GLN B 129 -6.72 -17.15 -23.08
C GLN B 129 -6.07 -17.56 -24.39
N ILE B 130 -6.88 -17.89 -25.40
CA ILE B 130 -6.39 -18.09 -26.79
C ILE B 130 -6.33 -16.70 -27.43
N ILE B 131 -7.36 -15.87 -27.21
CA ILE B 131 -7.41 -14.58 -27.81
C ILE B 131 -6.30 -13.73 -27.26
N TYR B 132 -6.06 -13.78 -25.95
CA TYR B 132 -5.01 -12.97 -25.41
C TYR B 132 -3.67 -13.37 -25.99
N GLY B 133 -3.43 -14.67 -26.16
CA GLY B 133 -2.17 -15.10 -26.75
C GLY B 133 -2.00 -14.57 -28.16
N LEU B 134 -3.08 -14.58 -28.94
CA LEU B 134 -2.99 -14.08 -30.29
C LEU B 134 -2.70 -12.60 -30.32
N LEU B 135 -3.29 -11.84 -29.40
CA LEU B 135 -3.05 -10.42 -29.40
C LEU B 135 -1.59 -10.12 -29.10
N GLU B 136 -0.99 -10.86 -28.17
CA GLU B 136 0.42 -10.65 -27.87
C GLU B 136 1.31 -10.97 -29.05
N GLU B 137 1.04 -12.06 -29.75
CA GLU B 137 1.88 -12.41 -30.87
C GLU B 137 1.78 -11.39 -31.97
N SER B 138 0.57 -10.88 -32.21
CA SER B 138 0.39 -9.90 -33.24
C SER B 138 1.22 -8.68 -32.95
N GLN B 139 1.21 -8.21 -31.70
CA GLN B 139 1.97 -7.03 -31.41
C GLN B 139 3.45 -7.27 -31.53
N ASN B 140 3.96 -8.44 -31.18
CA ASN B 140 5.40 -8.60 -31.32
C ASN B 140 5.82 -8.46 -32.78
N GLN B 141 5.00 -8.98 -33.69
CA GLN B 141 5.33 -8.87 -35.09
C GLN B 141 5.22 -7.43 -35.55
N GLN B 142 4.24 -6.71 -35.02
CA GLN B 142 4.04 -5.33 -35.39
C GLN B 142 5.21 -4.48 -34.96
N GLU B 143 5.77 -4.74 -33.77
CA GLU B 143 6.90 -3.94 -33.35
C GLU B 143 8.11 -4.18 -34.22
N LYS B 144 8.39 -5.42 -34.56
CA LYS B 144 9.65 -5.66 -35.33
C LYS B 144 9.51 -5.01 -36.70
N ASN B 145 8.33 -5.04 -37.28
CA ASN B 145 8.17 -4.50 -38.66
C ASN B 145 8.36 -2.99 -38.65
N GLU B 146 7.95 -2.30 -37.59
CA GLU B 146 8.05 -0.82 -37.59
C GLU B 146 9.50 -0.40 -37.38
N GLN B 147 10.26 -1.16 -36.59
CA GLN B 147 11.70 -0.84 -36.40
C GLN B 147 12.43 -1.12 -37.71
N ASP B 148 12.10 -2.22 -38.37
CA ASP B 148 12.81 -2.58 -39.62
C ASP B 148 12.43 -1.59 -40.72
N LEU B 149 11.44 -0.74 -40.48
CA LEU B 149 10.98 0.23 -41.50
C LEU B 149 11.56 1.60 -41.18
N LEU B 150 11.81 1.86 -39.89
CA LEU B 150 12.35 3.18 -39.49
C LEU B 150 13.83 3.20 -39.84
N ALA B 151 14.39 2.05 -40.21
CA ALA B 151 15.79 2.02 -40.67
C ALA B 151 15.88 2.87 -41.94
N GLU C 1 -43.44 2.72 -43.55
CA GLU C 1 -43.02 3.37 -44.78
C GLU C 1 -41.99 4.47 -44.48
N VAL C 2 -40.80 4.38 -45.11
CA VAL C 2 -39.71 5.33 -45.02
C VAL C 2 -39.82 6.41 -46.05
N GLN C 3 -39.70 7.63 -45.60
CA GLN C 3 -39.78 8.76 -46.48
C GLN C 3 -38.63 9.68 -46.26
N LEU C 4 -38.17 10.28 -47.34
CA LEU C 4 -37.17 11.30 -47.32
C LEU C 4 -37.70 12.40 -48.19
N VAL C 5 -37.87 13.57 -47.61
CA VAL C 5 -38.46 14.65 -48.38
C VAL C 5 -37.59 15.86 -48.47
N GLU C 6 -37.13 16.14 -49.67
CA GLU C 6 -36.30 17.30 -49.88
C GLU C 6 -37.17 18.52 -49.95
N THR C 7 -36.72 19.58 -49.30
CA THR C 7 -37.39 20.86 -49.35
C THR C 7 -36.30 21.86 -49.67
N GLY C 8 -35.93 21.92 -50.93
CA GLY C 8 -34.77 22.69 -51.33
C GLY C 8 -35.08 24.09 -51.79
N GLY C 9 -34.09 24.69 -52.44
CA GLY C 9 -34.19 26.05 -52.93
C GLY C 9 -34.64 26.07 -54.38
N GLY C 10 -34.41 27.21 -55.05
CA GLY C 10 -34.84 27.40 -56.43
C GLY C 10 -33.71 27.79 -57.36
N LEU C 11 -33.93 28.90 -58.06
CA LEU C 11 -33.00 29.45 -59.03
C LEU C 11 -32.14 30.54 -58.43
N VAL C 12 -30.84 30.33 -58.52
CA VAL C 12 -29.83 31.24 -58.01
C VAL C 12 -28.76 31.63 -59.00
N GLN C 13 -28.02 32.67 -58.67
CA GLN C 13 -26.96 33.15 -59.53
C GLN C 13 -25.62 32.51 -59.16
N PRO C 14 -24.71 32.32 -60.12
CA PRO C 14 -23.41 31.77 -59.91
C PRO C 14 -22.66 32.58 -58.90
N GLY C 15 -21.93 31.88 -58.05
CA GLY C 15 -21.11 32.52 -57.04
C GLY C 15 -21.83 32.77 -55.73
N GLY C 16 -23.12 32.52 -55.67
CA GLY C 16 -23.89 32.73 -54.45
C GLY C 16 -23.97 31.48 -53.61
N SER C 17 -25.10 31.29 -52.93
CA SER C 17 -25.24 30.11 -52.09
C SER C 17 -26.68 29.65 -52.06
N LEU C 18 -26.84 28.37 -51.80
CA LEU C 18 -28.17 27.77 -51.67
C LEU C 18 -28.14 26.67 -50.65
N LYS C 19 -29.12 26.64 -49.77
CA LYS C 19 -29.16 25.56 -48.80
C LYS C 19 -30.32 24.61 -49.02
N LEU C 20 -30.02 23.34 -48.95
CA LEU C 20 -31.01 22.28 -49.04
C LEU C 20 -31.21 21.65 -47.69
N SER C 21 -32.38 21.11 -47.49
CA SER C 21 -32.62 20.32 -46.31
C SER C 21 -33.55 19.20 -46.73
N CYS C 22 -33.57 18.12 -45.92
CA CYS C 22 -34.36 16.91 -46.10
C CYS C 22 -34.92 16.44 -44.77
N ARG C 23 -36.22 16.19 -44.75
CA ARG C 23 -36.84 15.70 -43.55
C ARG C 23 -37.03 14.21 -43.69
N ALA C 24 -36.83 13.50 -42.61
CA ALA C 24 -36.99 12.06 -42.65
C ALA C 24 -38.03 11.55 -41.71
N SER C 25 -38.63 10.43 -42.09
CA SER C 25 -39.59 9.73 -41.24
C SER C 25 -39.65 8.24 -41.57
N GLY C 26 -40.22 7.46 -40.64
CA GLY C 26 -40.46 6.03 -40.86
C GLY C 26 -39.34 5.10 -40.39
N TYR C 27 -38.28 5.67 -39.84
CA TYR C 27 -37.15 4.87 -39.37
C TYR C 27 -36.42 5.64 -38.31
N THR C 28 -35.55 4.97 -37.57
CA THR C 28 -34.79 5.72 -36.61
C THR C 28 -33.74 6.47 -37.40
N PHE C 29 -33.86 7.77 -37.39
CA PHE C 29 -32.99 8.63 -38.17
C PHE C 29 -31.55 8.46 -37.77
N SER C 30 -31.35 8.46 -36.47
CA SER C 30 -30.05 8.38 -35.85
C SER C 30 -29.34 7.05 -36.07
N SER C 31 -30.00 6.04 -36.62
CA SER C 31 -29.34 4.76 -36.83
C SER C 31 -28.62 4.69 -38.19
N PHE C 32 -28.84 5.67 -39.05
CA PHE C 32 -28.26 5.58 -40.40
C PHE C 32 -27.44 6.75 -40.86
N ALA C 33 -26.37 6.42 -41.59
CA ALA C 33 -25.56 7.39 -42.29
C ALA C 33 -26.36 7.86 -43.47
N MET C 34 -26.12 9.07 -43.92
CA MET C 34 -26.85 9.62 -45.06
C MET C 34 -25.96 10.33 -46.03
N SER C 35 -26.45 10.50 -47.24
CA SER C 35 -25.67 11.14 -48.26
C SER C 35 -26.51 11.91 -49.25
N TRP C 36 -25.82 12.73 -50.03
CA TRP C 36 -26.47 13.42 -51.13
C TRP C 36 -25.90 12.91 -52.43
N VAL C 37 -26.80 12.69 -53.39
CA VAL C 37 -26.46 12.23 -54.73
C VAL C 37 -26.98 13.23 -55.75
N ARG C 38 -26.14 13.60 -56.67
CA ARG C 38 -26.46 14.58 -57.70
C ARG C 38 -26.82 13.98 -59.03
N GLN C 39 -27.83 14.54 -59.69
CA GLN C 39 -28.12 14.12 -61.05
C GLN C 39 -28.39 15.28 -61.99
N ALA C 40 -27.44 15.55 -62.88
CA ALA C 40 -27.63 16.66 -63.80
C ALA C 40 -28.80 16.23 -64.68
N PRO C 41 -29.61 17.12 -65.25
CA PRO C 41 -30.76 16.77 -66.07
C PRO C 41 -30.52 15.75 -67.18
N GLY C 42 -29.33 15.75 -67.79
CA GLY C 42 -29.04 14.81 -68.87
C GLY C 42 -28.03 13.73 -68.49
N LYS C 43 -27.71 13.60 -67.21
CA LYS C 43 -26.66 12.67 -66.78
C LYS C 43 -27.12 11.58 -65.82
N GLY C 44 -26.15 10.77 -65.42
CA GLY C 44 -26.38 9.70 -64.48
C GLY C 44 -26.17 10.22 -63.08
N LEU C 45 -25.94 9.33 -62.14
CA LEU C 45 -25.83 9.73 -60.76
C LEU C 45 -24.40 10.01 -60.37
N GLU C 46 -24.20 10.99 -59.50
CA GLU C 46 -22.90 11.34 -58.95
C GLU C 46 -22.93 11.42 -57.42
N TRP C 47 -22.00 10.77 -56.76
CA TRP C 47 -22.01 10.93 -55.31
C TRP C 47 -21.42 12.28 -54.94
N VAL C 48 -22.04 12.99 -53.99
CA VAL C 48 -21.53 14.28 -53.59
C VAL C 48 -20.97 14.31 -52.18
N SER C 49 -21.76 13.89 -51.22
CA SER C 49 -21.30 13.96 -49.83
C SER C 49 -21.92 12.91 -48.94
N LEU C 50 -21.19 12.57 -47.88
CA LEU C 50 -21.59 11.56 -46.89
C LEU C 50 -21.39 12.00 -45.46
N ILE C 51 -22.41 11.79 -44.64
CA ILE C 51 -22.32 12.10 -43.23
C ILE C 51 -22.69 10.92 -42.35
N ASN C 52 -21.87 10.76 -41.30
CA ASN C 52 -22.05 9.66 -40.32
C ASN C 52 -23.30 9.90 -39.50
N ASP C 53 -23.89 8.84 -38.97
CA ASP C 53 -25.12 8.87 -38.20
C ASP C 53 -25.08 9.73 -36.94
N ARG C 54 -23.89 9.94 -36.36
CA ARG C 54 -23.77 10.77 -35.14
C ARG C 54 -23.34 12.18 -35.53
N GLY C 55 -23.15 12.43 -36.82
CA GLY C 55 -22.80 13.74 -37.37
C GLY C 55 -21.31 14.15 -37.27
N GLY C 56 -20.49 13.29 -36.67
CA GLY C 56 -19.07 13.62 -36.47
C GLY C 56 -18.14 13.52 -37.68
N LEU C 57 -18.45 12.61 -38.61
CA LEU C 57 -17.50 12.41 -39.73
C LEU C 57 -18.18 12.75 -41.05
N THR C 58 -17.56 13.60 -41.87
CA THR C 58 -18.08 13.95 -43.18
C THR C 58 -17.06 13.71 -44.26
N PHE C 59 -17.55 13.34 -45.43
CA PHE C 59 -16.71 13.08 -46.58
C PHE C 59 -17.29 13.76 -47.80
N TYR C 60 -16.44 14.25 -48.70
CA TYR C 60 -16.92 14.91 -49.91
C TYR C 60 -16.21 14.46 -51.15
N VAL C 61 -16.89 14.59 -52.27
CA VAL C 61 -16.28 14.40 -53.57
C VAL C 61 -15.39 15.61 -53.78
N ASP C 62 -14.21 15.41 -54.37
CA ASP C 62 -13.27 16.51 -54.57
C ASP C 62 -13.84 17.75 -55.22
N SER C 63 -14.75 17.61 -56.15
CA SER C 63 -15.27 18.76 -56.87
C SER C 63 -16.02 19.78 -56.01
N VAL C 64 -16.45 19.40 -54.80
CA VAL C 64 -17.19 20.30 -53.91
C VAL C 64 -16.49 20.38 -52.56
N LYS C 65 -15.33 19.78 -52.44
CA LYS C 65 -14.72 19.61 -51.12
C LYS C 65 -14.50 20.88 -50.34
N GLY C 66 -14.13 21.96 -51.02
CA GLY C 66 -13.92 23.22 -50.33
C GLY C 66 -15.14 24.13 -50.41
N ARG C 67 -16.25 23.63 -50.94
CA ARG C 67 -17.41 24.47 -51.15
C ARG C 67 -18.67 24.03 -50.43
N PHE C 68 -18.84 22.74 -50.21
CA PHE C 68 -20.07 22.25 -49.59
C PHE C 68 -19.90 21.82 -48.15
N THR C 69 -20.92 22.06 -47.35
CA THR C 69 -20.97 21.56 -45.98
C THR C 69 -22.18 20.67 -45.77
N ILE C 70 -21.97 19.49 -45.21
CA ILE C 70 -23.06 18.57 -44.95
C ILE C 70 -23.26 18.52 -43.45
N SER C 71 -24.49 18.53 -43.01
CA SER C 71 -24.74 18.48 -41.60
C SER C 71 -25.93 17.61 -41.24
N ARG C 72 -26.19 17.54 -39.95
CA ARG C 72 -27.22 16.69 -39.39
C ARG C 72 -27.78 17.16 -38.07
N ASP C 73 -29.06 16.94 -37.87
CA ASP C 73 -29.71 17.19 -36.61
C ASP C 73 -30.59 16.01 -36.24
N ASN C 74 -30.14 15.22 -35.28
CA ASN C 74 -30.85 14.00 -34.94
C ASN C 74 -32.08 14.23 -34.08
N SER C 75 -32.28 15.45 -33.58
CA SER C 75 -33.45 15.66 -32.74
C SER C 75 -34.62 16.03 -33.64
N LYS C 76 -34.29 16.60 -34.80
CA LYS C 76 -35.30 17.04 -35.76
C LYS C 76 -35.42 16.15 -37.00
N ASN C 77 -34.74 15.02 -37.01
CA ASN C 77 -34.76 14.10 -38.14
C ASN C 77 -34.44 14.85 -39.42
N THR C 78 -33.43 15.70 -39.36
CA THR C 78 -33.10 16.51 -40.51
C THR C 78 -31.66 16.41 -41.02
N LEU C 79 -31.57 16.26 -42.32
CA LEU C 79 -30.32 16.23 -43.05
C LEU C 79 -30.19 17.55 -43.78
N SER C 80 -28.98 18.12 -43.86
CA SER C 80 -28.88 19.35 -44.64
C SER C 80 -27.58 19.49 -45.41
N LEU C 81 -27.62 20.34 -46.43
CA LEU C 81 -26.46 20.64 -47.26
C LEU C 81 -26.38 22.12 -47.65
N GLN C 82 -25.27 22.75 -47.30
CA GLN C 82 -25.06 24.15 -47.64
C GLN C 82 -24.07 24.26 -48.76
N MET C 83 -24.51 24.80 -49.89
CA MET C 83 -23.62 24.89 -51.02
C MET C 83 -23.15 26.31 -51.24
N HIS C 84 -21.84 26.49 -51.46
CA HIS C 84 -21.31 27.81 -51.76
C HIS C 84 -20.59 27.88 -53.09
N SER C 85 -20.60 29.10 -53.65
CA SER C 85 -19.95 29.52 -54.87
C SER C 85 -20.60 28.97 -56.12
N LEU C 86 -21.73 28.30 -55.92
CA LEU C 86 -22.63 27.82 -56.95
C LEU C 86 -22.08 27.89 -58.35
N ARG C 87 -21.51 26.80 -58.83
CA ARG C 87 -21.01 26.81 -60.18
C ARG C 87 -22.19 26.53 -61.11
N ASP C 88 -22.09 26.92 -62.36
CA ASP C 88 -23.18 26.64 -63.30
C ASP C 88 -23.33 25.13 -63.49
N GLY C 89 -22.20 24.47 -63.34
CA GLY C 89 -22.07 23.03 -63.45
C GLY C 89 -22.69 22.29 -62.27
N ASP C 90 -23.18 23.02 -61.26
CA ASP C 90 -23.80 22.40 -60.12
C ASP C 90 -25.32 22.29 -60.33
N THR C 91 -25.82 22.70 -61.51
CA THR C 91 -27.26 22.53 -61.73
C THR C 91 -27.54 21.05 -61.80
N ALA C 92 -28.45 20.60 -60.96
CA ALA C 92 -28.78 19.19 -60.85
C ALA C 92 -29.93 18.95 -59.91
N VAL C 93 -30.45 17.74 -59.94
CA VAL C 93 -31.35 17.32 -58.90
C VAL C 93 -30.53 16.74 -57.76
N TYR C 94 -30.80 17.17 -56.56
CA TYR C 94 -30.07 16.66 -55.40
C TYR C 94 -30.94 15.77 -54.57
N TYR C 95 -30.56 14.51 -54.52
CA TYR C 95 -31.33 13.53 -53.81
C TYR C 95 -30.80 13.28 -52.41
N CYS C 96 -31.72 13.13 -51.46
CA CYS C 96 -31.49 12.75 -50.08
C CYS C 96 -31.50 11.24 -50.08
N ALA C 97 -30.45 10.62 -49.58
CA ALA C 97 -30.43 9.17 -49.57
C ALA C 97 -29.89 8.64 -48.27
N THR C 98 -30.39 7.47 -47.89
CA THR C 98 -29.96 6.83 -46.67
C THR C 98 -29.13 5.64 -47.00
N GLY C 99 -27.94 5.58 -46.41
CA GLY C 99 -26.99 4.51 -46.66
C GLY C 99 -25.61 5.08 -47.00
N GLY C 100 -24.74 4.24 -47.53
CA GLY C 100 -23.39 4.62 -47.86
C GLY C 100 -22.31 4.36 -46.79
N MET C 101 -22.72 4.06 -45.55
CA MET C 101 -21.75 3.82 -44.46
C MET C 101 -22.42 3.20 -43.24
N SER C 102 -21.63 2.54 -42.40
CA SER C 102 -22.08 1.97 -41.13
C SER C 102 -21.18 2.39 -40.00
N SER C 103 -21.44 1.89 -38.78
CA SER C 103 -20.68 2.35 -37.60
C SER C 103 -19.81 1.28 -36.94
N ALA C 104 -19.24 0.34 -37.68
CA ALA C 104 -18.27 -0.65 -37.12
C ALA C 104 -18.88 -1.71 -36.21
N LEU C 105 -19.98 -1.44 -35.51
CA LEU C 105 -20.65 -2.44 -34.67
C LEU C 105 -21.92 -2.93 -35.35
N GLN C 106 -22.14 -2.43 -36.54
CA GLN C 106 -23.29 -2.72 -37.35
C GLN C 106 -22.84 -3.48 -38.57
N SER C 107 -23.76 -4.18 -39.22
CA SER C 107 -23.42 -4.77 -40.50
C SER C 107 -23.12 -3.63 -41.43
N SER C 108 -22.25 -3.87 -42.38
CA SER C 108 -21.85 -2.88 -43.35
C SER C 108 -22.94 -2.55 -44.33
N LYS C 109 -22.78 -1.39 -44.96
CA LYS C 109 -23.67 -0.94 -45.99
C LYS C 109 -22.95 -0.84 -47.30
N TYR C 110 -22.39 0.35 -47.62
CA TYR C 110 -21.67 0.61 -48.89
C TYR C 110 -22.64 0.58 -50.07
N TYR C 111 -23.94 0.86 -49.83
CA TYR C 111 -24.93 0.98 -50.87
C TYR C 111 -26.02 1.86 -50.29
N PHE C 112 -26.94 2.35 -51.13
CA PHE C 112 -28.01 3.19 -50.61
C PHE C 112 -29.34 2.43 -50.50
N ASP C 113 -29.99 2.48 -49.33
CA ASP C 113 -31.27 1.79 -49.12
C ASP C 113 -32.49 2.61 -49.49
N PHE C 114 -32.46 3.89 -49.19
CA PHE C 114 -33.66 4.69 -49.43
C PHE C 114 -33.33 5.96 -50.15
N TRP C 115 -34.25 6.41 -50.99
CA TRP C 115 -34.08 7.65 -51.70
C TRP C 115 -35.29 8.58 -51.54
N GLY C 116 -35.03 9.88 -51.52
CA GLY C 116 -36.06 10.89 -51.53
C GLY C 116 -36.34 11.16 -53.00
N GLN C 117 -37.04 12.24 -53.34
CA GLN C 117 -37.33 12.41 -54.77
C GLN C 117 -36.42 13.42 -55.42
N GLY C 118 -35.84 14.28 -54.62
CA GLY C 118 -34.86 15.23 -55.09
C GLY C 118 -35.32 16.66 -55.30
N ALA C 119 -34.48 17.60 -54.85
CA ALA C 119 -34.76 19.01 -55.02
C ALA C 119 -34.08 19.45 -56.29
N LEU C 120 -34.66 20.38 -57.03
CA LEU C 120 -33.95 20.86 -58.20
C LEU C 120 -33.27 22.18 -57.95
N VAL C 121 -31.97 22.17 -58.11
CA VAL C 121 -31.14 23.33 -57.90
C VAL C 121 -30.65 23.87 -59.21
N THR C 122 -30.96 25.12 -59.49
CA THR C 122 -30.53 25.67 -60.77
C THR C 122 -29.67 26.89 -60.58
N VAL C 123 -28.54 26.91 -61.29
CA VAL C 123 -27.61 28.02 -61.22
C VAL C 123 -27.47 28.62 -62.63
N SER C 124 -27.71 29.95 -62.77
CA SER C 124 -27.65 30.71 -64.05
C SER C 124 -26.20 31.13 -64.44
N ALA D 1 -17.46 7.09 -64.77
CA ALA D 1 -16.42 6.41 -64.01
C ALA D 1 -16.40 4.90 -64.35
N LEU D 2 -17.56 4.20 -64.16
CA LEU D 2 -17.73 2.77 -64.49
C LEU D 2 -18.29 2.68 -65.87
N THR D 3 -17.96 1.64 -66.60
CA THR D 3 -18.49 1.52 -67.94
C THR D 3 -19.59 0.50 -68.03
N GLN D 4 -20.73 0.92 -68.50
CA GLN D 4 -21.84 0.01 -68.67
C GLN D 4 -22.43 0.44 -70.00
N PRO D 5 -23.00 -0.46 -70.80
CA PRO D 5 -23.53 -0.16 -72.10
C PRO D 5 -24.86 0.58 -72.09
N PRO D 6 -25.15 1.36 -73.12
CA PRO D 6 -26.44 1.91 -73.45
C PRO D 6 -27.25 0.87 -74.20
N SER D 7 -28.54 1.07 -74.28
CA SER D 7 -29.43 0.33 -75.17
C SER D 7 -29.41 -1.20 -75.10
N VAL D 8 -29.42 -1.73 -73.91
CA VAL D 8 -29.57 -3.16 -73.73
C VAL D 8 -31.03 -3.42 -73.99
N SER D 9 -31.36 -4.46 -74.73
CA SER D 9 -32.76 -4.70 -75.02
C SER D 9 -33.12 -6.14 -75.28
N GLY D 10 -34.41 -6.40 -75.26
CA GLY D 10 -34.99 -7.70 -75.59
C GLY D 10 -36.49 -7.68 -75.39
N SER D 11 -37.17 -8.68 -75.92
CA SER D 11 -38.62 -8.80 -75.84
C SER D 11 -39.03 -9.40 -74.51
N PRO D 12 -40.27 -9.22 -74.06
CA PRO D 12 -40.75 -9.80 -72.84
C PRO D 12 -40.51 -11.29 -72.91
N GLY D 13 -40.02 -11.84 -71.82
CA GLY D 13 -39.71 -13.25 -71.71
C GLY D 13 -38.27 -13.59 -72.09
N GLN D 14 -37.55 -12.65 -72.70
CA GLN D 14 -36.16 -12.90 -73.05
C GLN D 14 -35.30 -12.34 -71.95
N SER D 15 -34.22 -13.02 -71.62
CA SER D 15 -33.34 -12.46 -70.61
C SER D 15 -32.44 -11.41 -71.22
N VAL D 16 -31.97 -10.51 -70.37
CA VAL D 16 -31.00 -9.51 -70.78
C VAL D 16 -29.90 -9.40 -69.76
N THR D 17 -28.72 -8.99 -70.21
CA THR D 17 -27.64 -8.76 -69.26
C THR D 17 -27.10 -7.38 -69.41
N ILE D 18 -26.98 -6.69 -68.28
CA ILE D 18 -26.40 -5.39 -68.27
C ILE D 18 -25.05 -5.48 -67.58
N SER D 19 -23.98 -5.27 -68.34
CA SER D 19 -22.64 -5.38 -67.78
C SER D 19 -22.19 -4.06 -67.14
N CYS D 20 -21.11 -4.12 -66.31
CA CYS D 20 -20.46 -2.99 -65.67
C CYS D 20 -18.97 -3.26 -65.45
N THR D 21 -18.12 -2.61 -66.22
CA THR D 21 -16.70 -2.85 -66.08
C THR D 21 -16.03 -1.68 -65.40
N GLY D 22 -15.33 -1.99 -64.32
CA GLY D 22 -14.63 -1.01 -63.53
C GLY D 22 -13.15 -1.29 -63.60
N THR D 23 -12.48 -1.03 -62.49
CA THR D 23 -11.03 -1.19 -62.42
C THR D 23 -10.61 -2.08 -61.28
N SER D 24 -9.30 -2.25 -61.11
CA SER D 24 -8.81 -3.12 -60.09
C SER D 24 -9.05 -2.58 -58.69
N SER D 25 -8.77 -1.29 -58.46
CA SER D 25 -9.03 -0.69 -57.13
C SER D 25 -10.46 -0.18 -57.08
N ASP D 26 -11.36 -1.07 -57.37
CA ASP D 26 -12.77 -0.81 -57.48
C ASP D 26 -13.56 -2.12 -57.46
N ILE D 27 -14.11 -2.52 -58.61
CA ILE D 27 -14.80 -3.79 -58.66
C ILE D 27 -13.84 -4.92 -58.34
N GLY D 28 -12.62 -4.83 -58.82
CA GLY D 28 -11.64 -5.87 -58.56
C GLY D 28 -11.16 -5.97 -57.09
N SER D 29 -11.43 -4.96 -56.25
CA SER D 29 -10.99 -5.02 -54.85
C SER D 29 -12.10 -5.10 -53.82
N TYR D 30 -13.28 -4.59 -54.12
CA TYR D 30 -14.30 -4.57 -53.10
C TYR D 30 -15.58 -5.22 -53.57
N ASN D 31 -16.17 -6.07 -52.74
CA ASN D 31 -17.44 -6.67 -53.12
C ASN D 31 -18.61 -5.85 -52.66
N TYR D 32 -18.65 -4.60 -53.07
CA TYR D 32 -19.72 -3.72 -52.69
C TYR D 32 -20.23 -3.07 -53.92
N VAL D 33 -20.90 -3.85 -54.72
CA VAL D 33 -21.39 -3.39 -56.00
C VAL D 33 -22.89 -3.40 -55.91
N SER D 34 -23.51 -2.36 -56.40
CA SER D 34 -24.94 -2.31 -56.35
C SER D 34 -25.51 -1.81 -57.62
N TRP D 35 -26.78 -2.11 -57.83
CA TRP D 35 -27.51 -1.67 -58.99
C TRP D 35 -28.77 -0.96 -58.60
N TYR D 36 -29.09 0.10 -59.32
CA TYR D 36 -30.28 0.90 -59.08
C TYR D 36 -31.13 1.03 -60.32
N GLN D 37 -32.43 1.06 -60.12
CA GLN D 37 -33.38 1.18 -61.23
C GLN D 37 -34.11 2.49 -61.22
N GLN D 38 -33.89 3.30 -62.24
CA GLN D 38 -34.53 4.59 -62.29
C GLN D 38 -35.55 4.72 -63.41
N HIS D 39 -36.81 4.79 -63.06
CA HIS D 39 -37.79 4.98 -64.10
C HIS D 39 -37.70 6.47 -64.35
N PRO D 40 -37.86 6.97 -65.56
CA PRO D 40 -37.81 8.39 -65.81
C PRO D 40 -38.80 9.10 -64.91
N GLY D 41 -38.37 10.20 -64.32
CA GLY D 41 -39.22 10.99 -63.45
C GLY D 41 -39.23 10.55 -61.98
N LYS D 42 -38.55 9.45 -61.67
CA LYS D 42 -38.54 8.92 -60.31
C LYS D 42 -37.15 8.82 -59.72
N ALA D 43 -37.03 8.82 -58.39
CA ALA D 43 -35.74 8.57 -57.78
C ALA D 43 -35.37 7.11 -58.02
N PRO D 44 -34.10 6.73 -58.10
CA PRO D 44 -33.61 5.38 -58.26
C PRO D 44 -34.03 4.45 -57.11
N LYS D 45 -34.34 3.21 -57.44
CA LYS D 45 -34.68 2.19 -56.45
C LYS D 45 -33.53 1.20 -56.31
N LEU D 46 -33.23 0.71 -55.12
CA LEU D 46 -32.18 -0.30 -55.00
C LEU D 46 -32.68 -1.64 -55.49
N MET D 47 -31.93 -2.28 -56.38
CA MET D 47 -32.32 -3.60 -56.84
C MET D 47 -31.38 -4.69 -56.33
N ILE D 48 -30.09 -4.40 -56.40
CA ILE D 48 -29.03 -5.33 -55.99
C ILE D 48 -27.97 -4.63 -55.18
N TYR D 49 -27.43 -5.30 -54.17
CA TYR D 49 -26.35 -4.75 -53.37
C TYR D 49 -25.37 -5.85 -52.97
N ASP D 50 -24.15 -5.47 -52.61
CA ASP D 50 -23.14 -6.46 -52.22
C ASP D 50 -22.99 -7.53 -53.30
N VAL D 51 -23.00 -7.07 -54.54
CA VAL D 51 -22.84 -7.82 -55.78
C VAL D 51 -24.04 -8.72 -56.12
N THR D 52 -24.39 -9.64 -55.22
CA THR D 52 -25.44 -10.63 -55.47
C THR D 52 -26.72 -10.54 -54.64
N GLN D 53 -26.83 -9.65 -53.67
CA GLN D 53 -27.99 -9.68 -52.79
C GLN D 53 -29.10 -8.81 -53.28
N ARG D 54 -30.33 -9.16 -52.95
CA ARG D 54 -31.41 -8.27 -53.33
C ARG D 54 -32.12 -7.89 -52.06
N PRO D 55 -32.67 -6.69 -51.94
CA PRO D 55 -33.41 -6.22 -50.81
C PRO D 55 -34.75 -6.85 -50.78
N SER D 56 -35.36 -6.86 -49.61
CA SER D 56 -36.72 -7.28 -49.53
C SER D 56 -37.48 -6.28 -50.34
N GLY D 57 -38.53 -6.71 -51.03
CA GLY D 57 -39.30 -5.78 -51.82
C GLY D 57 -39.05 -5.88 -53.32
N VAL D 58 -38.03 -6.63 -53.75
CA VAL D 58 -37.86 -6.75 -55.19
C VAL D 58 -37.95 -8.20 -55.56
N SER D 59 -38.23 -8.45 -56.83
CA SER D 59 -38.38 -9.80 -57.35
C SER D 59 -37.08 -10.53 -57.55
N ASP D 60 -37.20 -11.83 -57.72
CA ASP D 60 -36.09 -12.72 -57.91
C ASP D 60 -35.75 -12.89 -59.36
N ARG D 61 -36.34 -12.03 -60.19
CA ARG D 61 -36.06 -12.00 -61.60
C ARG D 61 -34.76 -11.23 -61.79
N PHE D 62 -34.33 -10.52 -60.73
CA PHE D 62 -33.11 -9.71 -60.74
C PHE D 62 -32.02 -10.39 -59.93
N SER D 63 -30.90 -10.69 -60.60
CA SER D 63 -29.78 -11.38 -59.96
C SER D 63 -28.42 -10.85 -60.38
N GLY D 64 -27.59 -10.51 -59.39
CA GLY D 64 -26.26 -9.97 -59.70
C GLY D 64 -25.16 -11.03 -59.67
N SER D 65 -24.04 -10.71 -60.31
CA SER D 65 -22.84 -11.54 -60.29
C SER D 65 -21.60 -10.74 -60.69
N LYS D 66 -20.42 -11.31 -60.51
CA LYS D 66 -19.20 -10.66 -60.97
C LYS D 66 -18.03 -11.60 -61.21
N SER D 67 -17.08 -11.14 -62.03
CA SER D 67 -15.80 -11.81 -62.27
C SER D 67 -14.74 -10.78 -62.68
N GLY D 68 -13.54 -10.89 -62.14
CA GLY D 68 -12.49 -9.95 -62.52
C GLY D 68 -12.91 -8.54 -62.13
N ASN D 69 -12.85 -7.61 -63.09
CA ASN D 69 -13.24 -6.22 -62.81
C ASN D 69 -14.61 -5.95 -63.40
N THR D 70 -15.34 -7.00 -63.77
CA THR D 70 -16.65 -6.80 -64.37
C THR D 70 -17.79 -7.39 -63.58
N ALA D 71 -18.79 -6.57 -63.34
CA ALA D 71 -19.98 -6.93 -62.64
C ALA D 71 -21.13 -6.93 -63.63
N SER D 72 -22.15 -7.72 -63.36
CA SER D 72 -23.31 -7.67 -64.22
C SER D 72 -24.62 -7.96 -63.51
N LEU D 73 -25.67 -7.45 -64.12
CA LEU D 73 -27.04 -7.69 -63.67
C LEU D 73 -27.80 -8.47 -64.70
N THR D 74 -28.38 -9.58 -64.28
CA THR D 74 -29.16 -10.37 -65.20
C THR D 74 -30.61 -10.27 -64.83
N ILE D 75 -31.43 -10.00 -65.83
CA ILE D 75 -32.86 -9.96 -65.64
C ILE D 75 -33.37 -11.14 -66.43
N SER D 76 -34.13 -12.02 -65.80
CA SER D 76 -34.59 -13.23 -66.48
C SER D 76 -35.91 -13.05 -67.22
N GLY D 77 -37.02 -13.28 -66.55
CA GLY D 77 -38.33 -13.14 -67.18
C GLY D 77 -38.68 -11.67 -67.34
N LEU D 78 -38.06 -11.04 -68.34
CA LEU D 78 -38.19 -9.62 -68.62
C LEU D 78 -39.62 -9.23 -68.86
N GLN D 79 -40.05 -8.16 -68.19
CA GLN D 79 -41.40 -7.63 -68.29
C GLN D 79 -41.42 -6.29 -68.96
N ALA D 80 -42.58 -5.89 -69.49
CA ALA D 80 -42.72 -4.57 -70.10
C ALA D 80 -42.42 -3.46 -69.10
N ASP D 81 -42.71 -3.71 -67.84
CA ASP D 81 -42.54 -2.72 -66.81
C ASP D 81 -41.10 -2.59 -66.33
N ASP D 82 -40.18 -3.33 -66.93
CA ASP D 82 -38.79 -3.24 -66.53
C ASP D 82 -38.07 -2.15 -67.33
N GLU D 83 -38.77 -1.45 -68.23
CA GLU D 83 -38.08 -0.38 -68.93
C GLU D 83 -37.63 0.66 -67.89
N ALA D 84 -36.34 0.93 -67.86
CA ALA D 84 -35.74 1.86 -66.88
C ALA D 84 -34.30 2.12 -67.20
N ASP D 85 -33.73 3.16 -66.60
CA ASP D 85 -32.31 3.36 -66.68
C ASP D 85 -31.65 2.67 -65.51
N TYR D 86 -30.83 1.68 -65.81
CA TYR D 86 -30.19 0.95 -64.74
C TYR D 86 -28.79 1.46 -64.51
N TYR D 87 -28.41 1.63 -63.27
CA TYR D 87 -27.08 2.11 -62.97
C TYR D 87 -26.33 1.15 -62.10
N CYS D 88 -25.02 1.02 -62.29
CA CYS D 88 -24.13 0.28 -61.42
C CYS D 88 -23.33 1.29 -60.65
N SER D 89 -22.97 0.91 -59.45
CA SER D 89 -22.09 1.71 -58.65
C SER D 89 -21.27 0.82 -57.79
N ALA D 90 -20.18 1.34 -57.30
CA ALA D 90 -19.38 0.55 -56.42
C ALA D 90 -18.60 1.38 -55.45
N TYR D 91 -18.32 0.77 -54.31
CA TYR D 91 -17.45 1.36 -53.35
C TYR D 91 -16.06 1.30 -53.91
N ALA D 92 -15.32 2.38 -53.85
CA ALA D 92 -13.99 2.35 -54.43
C ALA D 92 -12.89 2.83 -53.51
N GLY D 93 -13.04 2.64 -52.22
CA GLY D 93 -12.00 3.06 -51.28
C GLY D 93 -12.43 4.23 -50.44
N ARG D 94 -11.50 4.72 -49.59
CA ARG D 94 -11.82 5.80 -48.62
C ARG D 94 -11.43 7.19 -49.14
N GLN D 95 -11.00 7.30 -50.40
CA GLN D 95 -10.67 8.58 -51.01
C GLN D 95 -11.75 8.97 -52.00
N THR D 96 -12.25 7.98 -52.72
CA THR D 96 -13.27 8.15 -53.73
C THR D 96 -14.34 7.16 -53.39
N PHE D 97 -15.16 7.52 -52.43
CA PHE D 97 -16.09 6.58 -51.88
C PHE D 97 -16.98 5.91 -52.88
N TYR D 98 -17.66 6.68 -53.72
CA TYR D 98 -18.50 5.98 -54.67
C TYR D 98 -18.38 6.48 -56.04
N ILE D 99 -18.45 5.54 -56.97
CA ILE D 99 -18.51 5.92 -58.34
C ILE D 99 -19.67 5.22 -59.01
N PHE D 100 -20.17 5.81 -60.10
CA PHE D 100 -21.27 5.26 -60.87
C PHE D 100 -20.97 5.17 -62.36
N GLY D 101 -21.68 4.29 -63.04
CA GLY D 101 -21.60 4.24 -64.50
C GLY D 101 -22.71 5.14 -65.05
N GLY D 102 -22.87 5.19 -66.37
CA GLY D 102 -23.94 6.01 -66.93
C GLY D 102 -25.17 5.15 -66.88
N GLY D 103 -26.31 5.63 -67.31
CA GLY D 103 -27.45 4.73 -67.20
C GLY D 103 -27.55 3.82 -68.39
N THR D 104 -28.05 2.62 -68.17
CA THR D 104 -28.32 1.72 -69.26
C THR D 104 -29.78 1.80 -69.60
N ARG D 105 -30.08 2.29 -70.79
CA ARG D 105 -31.47 2.40 -71.15
C ARG D 105 -31.99 1.07 -71.61
N LEU D 106 -32.61 0.36 -70.69
CA LEU D 106 -33.12 -0.96 -71.00
C LEU D 106 -34.46 -0.85 -71.61
N THR D 107 -34.56 -1.36 -72.82
CA THR D 107 -35.79 -1.31 -73.60
C THR D 107 -36.39 -2.68 -73.73
N VAL D 108 -37.67 -2.77 -73.39
CA VAL D 108 -38.36 -4.04 -73.50
C VAL D 108 -39.19 -3.96 -74.79
N LEU D 109 -38.95 -4.91 -75.70
CA LEU D 109 -39.49 -5.00 -77.08
C LEU D 109 -40.76 -5.90 -77.17
N ASN E 3 24.58 7.49 -38.21
CA ASN E 3 25.26 6.19 -38.23
C ASN E 3 24.40 5.18 -37.41
N LEU E 4 24.61 5.13 -36.07
CA LEU E 4 23.90 4.29 -35.10
C LEU E 4 23.18 5.16 -34.11
N TRP E 5 22.05 4.67 -33.63
CA TRP E 5 21.15 5.37 -32.72
C TRP E 5 20.83 4.57 -31.49
N VAL E 6 20.51 5.24 -30.40
CA VAL E 6 20.17 4.54 -29.17
C VAL E 6 18.77 3.94 -29.25
N THR E 7 18.65 2.64 -29.02
CA THR E 7 17.34 2.01 -28.99
C THR E 7 17.10 1.47 -27.61
N VAL E 8 15.94 1.80 -27.09
CA VAL E 8 15.53 1.43 -25.77
C VAL E 8 14.74 0.14 -25.80
N TYR E 9 15.11 -0.80 -24.94
CA TYR E 9 14.40 -2.05 -24.85
C TYR E 9 13.91 -2.31 -23.45
N TYR E 10 12.70 -2.84 -23.33
CA TYR E 10 12.18 -3.18 -22.03
C TYR E 10 11.77 -4.63 -22.03
N GLY E 11 12.21 -5.38 -21.02
CA GLY E 11 11.95 -6.81 -20.92
C GLY E 11 13.24 -7.59 -21.20
N VAL E 12 14.35 -6.91 -21.04
CA VAL E 12 15.67 -7.46 -21.25
C VAL E 12 16.06 -8.45 -20.15
N PRO E 13 16.52 -9.69 -20.46
CA PRO E 13 16.85 -10.73 -19.50
C PRO E 13 18.18 -10.53 -18.78
N VAL E 14 18.22 -9.48 -17.99
CA VAL E 14 19.38 -9.08 -17.21
C VAL E 14 19.08 -8.95 -15.73
N TRP E 15 20.02 -9.37 -14.91
CA TRP E 15 19.84 -9.27 -13.48
C TRP E 15 21.11 -8.90 -12.76
N LYS E 16 20.92 -8.41 -11.53
CA LYS E 16 22.01 -8.02 -10.65
C LYS E 16 21.83 -8.63 -9.28
N ASP E 17 22.92 -8.85 -8.57
CA ASP E 17 22.80 -9.40 -7.23
C ASP E 17 21.99 -8.48 -6.36
N ALA E 18 21.09 -9.02 -5.54
CA ALA E 18 20.32 -8.13 -4.68
C ALA E 18 19.84 -8.76 -3.43
N GLU E 19 19.62 -7.96 -2.40
CA GLU E 19 19.08 -8.45 -1.16
C GLU E 19 17.64 -8.03 -0.96
N THR E 20 16.74 -9.00 -0.93
CA THR E 20 15.33 -8.69 -0.72
C THR E 20 14.75 -9.66 0.24
N THR E 21 13.50 -9.44 0.59
CA THR E 21 12.72 -10.27 1.49
C THR E 21 12.10 -11.45 0.78
N LEU E 22 12.28 -12.65 1.32
CA LEU E 22 11.66 -13.84 0.76
C LEU E 22 10.47 -14.23 1.60
N PHE E 23 9.52 -14.92 0.99
CA PHE E 23 8.34 -15.36 1.72
C PHE E 23 8.16 -16.88 1.69
N CYS E 24 7.33 -17.42 2.58
CA CYS E 24 7.27 -18.89 2.80
C CYS E 24 6.09 -19.48 2.03
N ALA E 25 6.30 -20.67 1.45
CA ALA E 25 5.29 -21.42 0.77
C ALA E 25 5.34 -22.85 1.32
N SER E 26 4.21 -23.33 1.86
CA SER E 26 4.20 -24.70 2.44
C SER E 26 2.88 -25.44 2.15
N ASP E 27 2.82 -26.72 2.51
CA ASP E 27 1.61 -27.57 2.46
C ASP E 27 1.10 -27.81 3.87
N VAL E 38 3.68 -26.65 16.12
CA VAL E 38 3.33 -26.42 14.69
C VAL E 38 4.41 -25.52 14.07
N TRP E 39 5.08 -26.03 13.03
CA TRP E 39 6.12 -25.25 12.30
C TRP E 39 5.49 -24.61 11.06
N ALA E 40 4.19 -24.30 11.13
CA ALA E 40 3.54 -23.44 10.11
C ALA E 40 3.39 -22.04 10.69
N THR E 41 2.75 -21.14 9.94
CA THR E 41 2.14 -19.93 10.54
C THR E 41 0.65 -19.95 10.20
N HIS E 42 0.27 -20.87 9.29
CA HIS E 42 -0.99 -20.77 8.50
C HIS E 42 -1.00 -19.43 7.74
N ALA E 43 0.19 -18.85 7.52
CA ALA E 43 0.34 -17.59 6.76
C ALA E 43 1.27 -17.87 5.58
N CYS E 44 2.01 -18.97 5.65
CA CYS E 44 2.62 -19.57 4.43
C CYS E 44 1.52 -19.85 3.42
N VAL E 45 1.64 -19.31 2.20
CA VAL E 45 0.71 -19.64 1.08
C VAL E 45 0.81 -21.14 0.77
N PRO E 46 -0.19 -21.80 0.16
CA PRO E 46 -0.03 -23.15 -0.37
C PRO E 46 1.10 -23.20 -1.42
N THR E 47 1.77 -24.36 -1.54
CA THR E 47 3.11 -24.43 -2.19
C THR E 47 3.07 -23.86 -3.60
N ASP E 48 1.87 -23.81 -4.20
CA ASP E 48 1.70 -23.60 -5.66
C ASP E 48 2.48 -24.71 -6.39
N PRO E 49 1.89 -25.93 -6.52
CA PRO E 49 2.68 -27.15 -6.68
C PRO E 49 3.45 -27.22 -8.00
N ASN E 50 4.44 -28.11 -8.06
CA ASN E 50 5.23 -28.38 -9.29
C ASN E 50 5.85 -27.08 -9.81
N PRO E 51 6.84 -26.48 -9.11
CA PRO E 51 7.45 -25.23 -9.57
C PRO E 51 8.16 -25.48 -10.90
N GLN E 52 8.28 -24.43 -11.73
CA GLN E 52 8.94 -24.56 -13.05
C GLN E 52 10.41 -24.14 -12.93
N GLU E 53 11.29 -24.84 -13.64
CA GLU E 53 12.75 -24.61 -13.52
C GLU E 53 13.33 -24.45 -14.94
N ILE E 54 13.40 -23.20 -15.41
CA ILE E 54 13.95 -22.88 -16.76
C ILE E 54 15.47 -23.03 -16.71
N HIS E 55 16.08 -23.69 -17.70
CA HIS E 55 17.45 -24.24 -17.55
C HIS E 55 18.53 -23.19 -17.83
N LEU E 56 18.23 -22.12 -18.57
CA LEU E 56 19.24 -21.08 -18.88
C LEU E 56 20.47 -21.72 -19.55
N GLU E 57 20.32 -22.18 -20.78
CA GLU E 57 21.35 -23.01 -21.42
C GLU E 57 22.82 -22.57 -21.37
N ASN E 58 23.14 -21.27 -21.55
CA ASN E 58 24.54 -20.78 -21.59
C ASN E 58 24.84 -19.71 -20.54
N VAL E 59 24.21 -19.78 -19.34
CA VAL E 59 24.47 -18.83 -18.25
C VAL E 59 25.37 -19.39 -17.20
N THR E 60 26.47 -18.71 -16.97
CA THR E 60 27.40 -19.09 -15.91
C THR E 60 27.30 -18.00 -14.89
N GLU E 61 27.15 -18.37 -13.63
CA GLU E 61 27.00 -17.35 -12.61
C GLU E 61 27.91 -17.61 -11.44
N GLU E 62 28.25 -16.56 -10.73
CA GLU E 62 29.11 -16.59 -9.55
C GLU E 62 28.32 -16.74 -8.25
N PHE E 63 28.57 -17.81 -7.53
CA PHE E 63 27.88 -18.08 -6.28
C PHE E 63 28.82 -17.90 -5.11
N ASN E 64 28.29 -17.51 -3.95
CA ASN E 64 29.16 -17.37 -2.80
C ASN E 64 28.46 -17.67 -1.47
N MET E 65 28.40 -18.93 -1.09
CA MET E 65 27.72 -19.28 0.14
C MET E 65 28.54 -18.62 1.24
N TRP E 66 27.95 -18.44 2.40
CA TRP E 66 28.56 -17.76 3.56
C TRP E 66 28.35 -16.25 3.47
N LYS E 67 28.09 -15.72 2.27
CA LYS E 67 27.81 -14.29 2.10
C LYS E 67 26.39 -14.15 1.60
N ASN E 68 25.68 -15.26 1.65
CA ASN E 68 24.33 -15.43 1.17
C ASN E 68 23.30 -15.02 2.19
N ASN E 69 22.56 -13.94 1.92
CA ASN E 69 21.62 -13.37 2.87
C ASN E 69 20.38 -14.23 3.10
N MET E 70 20.21 -15.27 2.30
CA MET E 70 19.05 -16.13 2.47
C MET E 70 19.20 -16.86 3.78
N VAL E 71 20.45 -17.04 4.21
CA VAL E 71 20.76 -17.73 5.42
C VAL E 71 20.32 -16.91 6.59
N GLU E 72 20.55 -15.61 6.50
CA GLU E 72 20.21 -14.74 7.60
C GLU E 72 18.73 -14.69 7.73
N GLN E 73 17.99 -14.68 6.62
CA GLN E 73 16.56 -14.64 6.78
C GLN E 73 16.03 -15.92 7.34
N MET E 74 16.57 -17.06 6.93
CA MET E 74 16.06 -18.28 7.49
C MET E 74 16.32 -18.29 8.98
N HIS E 75 17.49 -17.83 9.40
CA HIS E 75 17.85 -17.82 10.79
C HIS E 75 16.90 -16.95 11.60
N GLU E 76 16.67 -15.73 11.12
CA GLU E 76 15.78 -14.84 11.85
C GLU E 76 14.34 -15.30 11.85
N ASP E 77 13.87 -15.89 10.75
CA ASP E 77 12.48 -16.31 10.74
C ASP E 77 12.28 -17.48 11.66
N ILE E 78 13.23 -18.40 11.73
CA ILE E 78 13.04 -19.53 12.60
C ILE E 78 13.02 -19.09 14.03
N ILE E 79 13.92 -18.20 14.41
CA ILE E 79 13.92 -17.77 15.80
C ILE E 79 12.65 -17.01 16.11
N SER E 80 12.22 -16.11 15.24
CA SER E 80 11.03 -15.36 15.51
C SER E 80 9.82 -16.26 15.64
N LEU E 81 9.65 -17.23 14.74
CA LEU E 81 8.50 -18.10 14.82
C LEU E 81 8.56 -18.95 16.06
N TRP E 82 9.76 -19.38 16.44
CA TRP E 82 9.93 -20.16 17.64
C TRP E 82 9.39 -19.36 18.83
N ASP E 83 9.83 -18.11 18.97
CA ASP E 83 9.39 -17.31 20.10
C ASP E 83 7.91 -17.01 20.04
N GLN E 84 7.36 -16.83 18.86
CA GLN E 84 5.94 -16.53 18.76
C GLN E 84 5.12 -17.67 19.30
N SER E 85 5.57 -18.90 19.10
CA SER E 85 4.81 -20.05 19.53
C SER E 85 4.71 -20.17 21.04
N LEU E 86 5.57 -19.46 21.79
CA LEU E 86 5.54 -19.53 23.23
C LEU E 86 4.77 -18.37 23.86
N LYS E 87 4.30 -17.44 23.04
CA LYS E 87 3.65 -16.28 23.60
C LYS E 87 2.42 -16.61 24.44
N PRO E 88 1.52 -17.52 24.03
CA PRO E 88 0.34 -17.86 24.78
C PRO E 88 0.50 -18.96 25.85
N CYS E 89 1.75 -19.43 26.14
CA CYS E 89 1.99 -20.59 26.98
C CYS E 89 2.26 -20.19 28.43
N VAL E 90 2.10 -21.15 29.32
CA VAL E 90 2.26 -20.97 30.76
C VAL E 90 3.65 -20.61 31.24
N LYS E 91 3.74 -19.60 32.09
CA LYS E 91 5.01 -19.17 32.66
C LYS E 91 5.22 -19.86 33.99
N LEU E 92 6.29 -20.61 34.11
CA LEU E 92 6.52 -21.41 35.30
C LEU E 92 7.26 -20.69 36.39
N THR E 93 6.65 -19.64 36.89
CA THR E 93 7.26 -18.88 37.95
C THR E 93 6.87 -19.39 39.34
N PRO E 94 5.69 -20.02 39.55
CA PRO E 94 5.26 -20.58 40.81
C PRO E 94 6.16 -21.73 41.25
N LEU E 95 6.98 -22.25 40.35
CA LEU E 95 7.82 -23.37 40.70
C LEU E 95 9.21 -23.02 41.25
N CYS E 96 9.59 -21.72 41.35
CA CYS E 96 10.89 -21.30 41.86
C CYS E 96 10.89 -21.28 43.38
N VAL E 97 10.94 -22.49 43.91
CA VAL E 97 10.92 -22.76 45.32
C VAL E 97 12.05 -23.69 45.65
N THR E 98 12.29 -23.90 46.94
CA THR E 98 13.34 -24.84 47.37
C THR E 98 12.80 -26.28 47.25
N LEU E 99 13.17 -26.99 46.19
CA LEU E 99 12.72 -28.40 46.00
C LEU E 99 13.52 -29.31 46.94
N GLN E 100 12.84 -30.24 47.63
CA GLN E 100 13.55 -31.22 48.52
C GLN E 100 13.77 -32.49 47.72
N CYS E 101 15.00 -32.76 47.27
CA CYS E 101 15.21 -33.91 46.35
C CYS E 101 15.92 -35.12 46.97
N THR E 102 15.37 -36.31 46.79
CA THR E 102 15.96 -37.56 47.26
C THR E 102 16.24 -38.48 46.06
N ASN E 103 16.92 -39.63 46.30
CA ASN E 103 17.23 -40.65 45.29
C ASN E 103 15.97 -41.44 44.91
N VAL E 104 15.85 -41.78 43.60
CA VAL E 104 14.74 -42.53 43.02
C VAL E 104 14.65 -43.99 43.47
N THR E 105 13.48 -44.39 43.96
CA THR E 105 13.26 -45.74 44.49
C THR E 105 12.90 -46.73 43.42
N ASN E 106 13.88 -47.04 42.61
CA ASN E 106 13.68 -47.94 41.48
C ASN E 106 14.99 -48.70 41.18
N ASN E 107 14.96 -49.60 40.17
CA ASN E 107 16.08 -50.39 39.68
C ASN E 107 16.83 -49.57 38.62
N ILE E 108 17.95 -48.98 39.04
CA ILE E 108 18.76 -48.03 38.26
C ILE E 108 20.06 -48.66 37.86
N THR E 109 20.34 -48.62 36.57
CA THR E 109 21.61 -49.18 36.12
C THR E 109 22.75 -48.24 36.45
N ASP E 110 23.97 -48.71 36.30
CA ASP E 110 25.12 -47.88 36.67
C ASP E 110 25.21 -46.58 35.90
N ASP E 111 24.83 -46.62 34.65
CA ASP E 111 24.89 -45.51 33.73
C ASP E 111 23.97 -44.36 34.13
N MET E 112 22.95 -44.68 34.92
CA MET E 112 21.96 -43.71 35.35
C MET E 112 22.07 -43.33 36.81
N ARG E 113 23.13 -43.70 37.48
CA ARG E 113 23.16 -43.34 38.88
C ARG E 113 23.40 -41.86 39.00
N GLY E 114 22.56 -41.21 39.77
CA GLY E 114 22.69 -39.77 39.99
C GLY E 114 22.03 -38.93 38.88
N GLU E 115 21.46 -39.59 37.86
CA GLU E 115 20.84 -38.86 36.77
C GLU E 115 19.44 -38.36 37.05
N LEU E 116 18.70 -39.06 37.90
CA LEU E 116 17.35 -38.66 38.23
C LEU E 116 17.21 -38.42 39.70
N LYS E 117 16.41 -37.42 40.04
CA LYS E 117 16.09 -37.14 41.43
C LYS E 117 14.59 -37.00 41.60
N ASN E 118 14.06 -37.47 42.76
CA ASN E 118 12.67 -37.39 43.15
C ASN E 118 12.47 -36.17 44.06
N CYS E 119 11.88 -35.08 43.52
CA CYS E 119 11.78 -33.78 44.19
C CYS E 119 10.37 -33.42 44.60
N SER E 120 10.22 -33.02 45.85
CA SER E 120 8.94 -32.58 46.39
C SER E 120 8.95 -31.08 46.60
N PHE E 121 7.82 -30.46 46.32
CA PHE E 121 7.68 -29.02 46.50
C PHE E 121 6.22 -28.59 46.69
N ASN E 122 6.07 -27.34 47.16
CA ASN E 122 4.72 -26.77 47.35
C ASN E 122 4.43 -25.84 46.18
N ALA E 123 3.41 -26.16 45.39
CA ALA E 123 2.96 -25.45 44.20
C ALA E 123 1.73 -24.64 44.52
N THR E 124 1.48 -23.63 43.72
CA THR E 124 0.27 -22.84 43.85
C THR E 124 -0.85 -23.63 43.24
N THR E 125 -2.07 -23.19 43.48
CA THR E 125 -3.28 -23.82 42.96
C THR E 125 -4.16 -22.79 42.29
N GLU E 126 -5.35 -23.20 41.87
CA GLU E 126 -6.32 -22.32 41.24
C GLU E 126 -6.75 -21.20 42.19
N LEU E 127 -6.66 -21.44 43.50
CA LEU E 127 -7.07 -20.43 44.45
C LEU E 127 -5.86 -19.84 45.14
N ARG E 128 -5.92 -18.53 45.35
CA ARG E 128 -4.83 -17.78 45.93
C ARG E 128 -4.45 -18.29 47.32
N ASN E 129 -5.40 -18.90 48.01
CA ASN E 129 -5.15 -19.30 49.42
C ASN E 129 -4.94 -20.81 49.58
N LYS E 130 -4.84 -21.55 48.48
CA LYS E 130 -4.72 -23.01 48.61
C LYS E 130 -3.42 -23.47 48.00
N ARG E 131 -2.74 -24.41 48.67
CA ARG E 131 -1.42 -24.92 48.19
C ARG E 131 -1.48 -26.43 48.02
N GLN E 132 -0.69 -27.00 47.10
CA GLN E 132 -0.65 -28.44 46.90
C GLN E 132 0.77 -28.98 46.94
N LYS E 133 0.91 -30.19 47.46
CA LYS E 133 2.21 -30.86 47.47
C LYS E 133 2.33 -31.66 46.21
N VAL E 134 3.38 -31.39 45.48
CA VAL E 134 3.64 -31.99 44.21
C VAL E 134 4.98 -32.62 44.20
N TYR E 135 5.08 -33.78 43.61
CA TYR E 135 6.39 -34.34 43.50
C TYR E 135 6.56 -34.74 42.08
N SER E 136 7.80 -34.74 41.62
CA SER E 136 8.09 -35.12 40.25
C SER E 136 9.50 -35.62 40.08
N LEU E 137 9.74 -36.26 38.96
CA LEU E 137 11.08 -36.74 38.67
C LEU E 137 11.81 -35.82 37.72
N PHE E 138 12.93 -35.29 38.18
CA PHE E 138 13.73 -34.38 37.40
C PHE E 138 15.04 -34.97 36.97
N TYR E 139 15.52 -34.51 35.85
CA TYR E 139 16.84 -34.89 35.42
C TYR E 139 17.80 -34.03 36.18
N ARG E 140 18.93 -34.57 36.54
CA ARG E 140 19.92 -33.86 37.29
C ARG E 140 20.42 -32.59 36.61
N LEU E 141 20.43 -32.58 35.29
CA LEU E 141 20.92 -31.43 34.55
C LEU E 141 20.03 -30.21 34.67
N ASP E 142 18.80 -30.38 35.14
CA ASP E 142 17.86 -29.29 35.26
C ASP E 142 17.82 -28.65 36.64
N ILE E 143 18.60 -29.16 37.59
CA ILE E 143 18.56 -28.59 38.95
C ILE E 143 19.94 -28.26 39.47
N VAL E 144 20.02 -27.35 40.45
CA VAL E 144 21.35 -26.93 40.98
C VAL E 144 21.30 -26.90 42.50
N PRO E 145 22.17 -27.61 43.27
CA PRO E 145 22.02 -27.62 44.73
C PRO E 145 22.30 -26.27 45.39
N MET E 146 21.43 -25.85 46.31
CA MET E 146 21.70 -24.58 47.04
C MET E 146 22.37 -24.94 48.35
N GLY E 147 21.94 -26.05 48.98
CA GLY E 147 22.58 -26.50 50.22
C GLY E 147 23.76 -27.40 49.92
N GLU E 148 24.77 -27.41 50.81
CA GLU E 148 26.00 -28.20 50.56
C GLU E 148 25.68 -29.69 50.66
N ASN E 149 25.38 -30.19 51.87
CA ASN E 149 25.09 -31.62 52.07
C ASN E 149 23.57 -31.79 52.15
N SER E 150 22.84 -30.68 52.20
CA SER E 150 21.37 -30.74 52.35
C SER E 150 20.72 -31.23 51.06
N THR E 151 19.48 -31.71 51.14
CA THR E 151 18.75 -32.20 49.94
C THR E 151 18.02 -31.02 49.30
N ASN E 152 18.47 -29.80 49.55
CA ASN E 152 17.77 -28.61 49.01
C ASN E 152 18.34 -28.28 47.63
N TYR E 153 17.51 -28.32 46.60
CA TYR E 153 17.95 -27.97 45.23
C TYR E 153 16.99 -26.91 44.69
N ARG E 154 17.38 -26.20 43.64
CA ARG E 154 16.47 -25.20 43.00
C ARG E 154 16.51 -25.40 41.48
N LEU E 155 15.52 -24.91 40.75
CA LEU E 155 15.53 -25.17 39.28
C LEU E 155 16.70 -24.38 38.68
N ILE E 156 17.27 -24.87 37.57
CA ILE E 156 18.49 -24.23 36.99
C ILE E 156 18.23 -22.78 36.61
N ASN E 157 17.02 -22.44 36.17
CA ASN E 157 16.81 -21.06 35.68
C ASN E 157 15.85 -20.29 36.58
N CYS E 158 16.25 -20.03 37.83
CA CYS E 158 15.42 -19.18 38.71
C CYS E 158 16.29 -18.03 39.17
N ASN E 159 17.57 -18.05 38.80
CA ASN E 159 18.45 -16.89 39.09
C ASN E 159 18.59 -16.08 37.81
N THR E 160 18.41 -16.72 36.66
CA THR E 160 18.40 -15.97 35.38
C THR E 160 16.94 -15.78 35.00
N SER E 161 16.58 -15.83 33.71
CA SER E 161 15.19 -15.50 33.31
C SER E 161 14.18 -16.59 33.66
N ALA E 162 12.89 -16.23 33.68
CA ALA E 162 11.87 -17.24 33.93
C ALA E 162 11.66 -18.18 32.75
N ILE E 163 11.39 -19.43 33.13
CA ILE E 163 11.21 -20.53 32.13
C ILE E 163 9.78 -20.51 31.64
N THR E 164 9.58 -20.65 30.34
CA THR E 164 8.25 -20.75 29.75
C THR E 164 7.97 -22.18 29.38
N GLN E 165 6.82 -22.72 29.75
CA GLN E 165 6.51 -24.09 29.37
C GLN E 165 6.03 -24.10 27.96
N ALA E 166 6.53 -25.00 27.16
CA ALA E 166 6.02 -25.09 25.82
C ALA E 166 4.61 -25.62 25.90
N CYS E 167 3.70 -25.15 25.02
CA CYS E 167 2.33 -25.64 24.93
C CYS E 167 2.36 -27.11 24.43
N PRO E 168 1.69 -28.04 25.12
CA PRO E 168 1.68 -29.47 24.83
C PRO E 168 1.03 -29.82 23.51
N LYS E 169 0.26 -28.89 22.97
CA LYS E 169 -0.43 -29.10 21.71
C LYS E 169 0.43 -28.72 20.52
N VAL E 170 1.61 -28.14 20.77
CA VAL E 170 2.45 -27.68 19.67
C VAL E 170 3.65 -28.57 19.51
N SER E 171 3.76 -29.18 18.35
CA SER E 171 4.87 -30.08 18.06
C SER E 171 6.08 -29.32 17.61
N PHE E 172 7.22 -30.01 17.59
CA PHE E 172 8.45 -29.41 17.10
C PHE E 172 8.89 -30.06 15.80
N GLU E 173 7.95 -30.70 15.11
CA GLU E 173 8.25 -31.39 13.88
C GLU E 173 8.77 -30.42 12.80
N PRO E 174 9.90 -30.72 12.14
CA PRO E 174 10.53 -29.89 11.12
C PRO E 174 9.85 -29.95 9.77
N ILE E 175 8.68 -29.37 9.68
CA ILE E 175 7.90 -29.35 8.45
C ILE E 175 8.62 -28.47 7.41
N PRO E 176 8.85 -28.93 6.17
CA PRO E 176 9.55 -28.19 5.12
C PRO E 176 8.93 -26.87 4.77
N ILE E 177 9.77 -25.87 4.55
CA ILE E 177 9.34 -24.55 4.11
C ILE E 177 10.05 -24.18 2.83
N HIS E 178 9.32 -23.79 1.80
CA HIS E 178 9.94 -23.37 0.56
C HIS E 178 10.08 -21.86 0.64
N TYR E 179 11.16 -21.30 0.11
CA TYR E 179 11.34 -19.84 0.09
C TYR E 179 11.17 -19.30 -1.32
N CYS E 180 10.17 -18.42 -1.52
CA CYS E 180 9.77 -17.91 -2.82
C CYS E 180 10.16 -16.44 -3.00
N ALA E 181 10.53 -16.09 -4.23
CA ALA E 181 10.89 -14.71 -4.52
C ALA E 181 9.67 -13.83 -4.77
N PRO E 182 9.72 -12.56 -4.40
CA PRO E 182 8.73 -11.55 -4.70
C PRO E 182 8.82 -11.18 -6.16
N ALA E 183 7.76 -10.65 -6.72
CA ALA E 183 7.82 -10.23 -8.11
C ALA E 183 8.93 -9.23 -8.32
N GLY E 184 9.63 -9.38 -9.43
CA GLY E 184 10.74 -8.51 -9.78
C GLY E 184 12.08 -9.15 -9.43
N PHE E 185 12.02 -10.27 -8.72
CA PHE E 185 13.17 -11.03 -8.29
C PHE E 185 13.13 -12.47 -8.74
N ALA E 186 14.29 -13.10 -8.76
CA ALA E 186 14.36 -14.49 -9.14
C ALA E 186 15.41 -15.22 -8.33
N ILE E 187 15.22 -16.51 -8.16
CA ILE E 187 16.20 -17.29 -7.44
C ILE E 187 16.94 -18.17 -8.40
N LEU E 188 18.26 -18.09 -8.37
CA LEU E 188 19.05 -18.91 -9.26
C LEU E 188 19.60 -20.08 -8.50
N LYS E 189 19.51 -21.25 -9.10
CA LYS E 189 19.96 -22.49 -8.51
C LYS E 189 21.18 -23.05 -9.23
N CYS E 190 22.23 -23.44 -8.48
CA CYS E 190 23.45 -24.05 -9.01
C CYS E 190 23.26 -25.57 -9.06
N LYS E 191 23.37 -26.13 -10.26
CA LYS E 191 23.18 -27.56 -10.46
C LYS E 191 24.47 -28.33 -10.63
N ASP E 192 25.59 -27.68 -10.45
CA ASP E 192 26.85 -28.39 -10.58
C ASP E 192 27.04 -29.31 -9.40
N LYS E 193 27.07 -30.59 -9.69
CA LYS E 193 27.13 -31.66 -8.70
C LYS E 193 28.38 -31.62 -7.86
N LYS E 194 29.41 -30.96 -8.37
CA LYS E 194 30.68 -30.88 -7.67
C LYS E 194 30.91 -29.51 -7.07
N PHE E 195 29.89 -28.66 -7.08
CA PHE E 195 30.07 -27.31 -6.58
C PHE E 195 30.42 -27.31 -5.10
N ASN E 196 31.50 -26.56 -4.74
CA ASN E 196 32.07 -26.46 -3.40
C ASN E 196 31.62 -25.22 -2.60
N GLY E 197 30.56 -24.52 -3.05
CA GLY E 197 29.97 -23.35 -2.40
C GLY E 197 30.35 -21.99 -2.96
N THR E 198 31.44 -21.89 -3.70
CA THR E 198 31.82 -20.61 -4.26
C THR E 198 32.27 -20.66 -5.68
N GLY E 199 32.27 -19.51 -6.31
CA GLY E 199 32.85 -19.37 -7.62
C GLY E 199 31.84 -19.64 -8.70
N PRO E 200 32.26 -19.63 -9.95
CA PRO E 200 31.43 -19.82 -11.09
C PRO E 200 30.78 -21.18 -11.01
N CYS E 201 29.52 -21.25 -11.44
CA CYS E 201 28.70 -22.43 -11.53
C CYS E 201 28.24 -22.47 -13.00
N PRO E 202 28.75 -23.40 -13.82
CA PRO E 202 28.52 -23.54 -15.25
C PRO E 202 27.10 -23.96 -15.62
N SER E 203 26.33 -24.46 -14.68
CA SER E 203 24.99 -24.89 -14.97
C SER E 203 24.08 -24.30 -13.92
N VAL E 204 23.35 -23.28 -14.32
CA VAL E 204 22.52 -22.50 -13.43
C VAL E 204 21.13 -22.46 -13.97
N SER E 205 20.13 -22.67 -13.15
CA SER E 205 18.77 -22.60 -13.63
C SER E 205 17.96 -21.63 -12.79
N THR E 206 16.79 -21.23 -13.28
CA THR E 206 15.93 -20.29 -12.52
C THR E 206 14.76 -21.03 -11.87
N VAL E 207 14.75 -21.10 -10.53
CA VAL E 207 13.57 -21.64 -9.78
C VAL E 207 12.72 -20.46 -9.34
N GLN E 208 11.39 -20.64 -9.35
CA GLN E 208 10.46 -19.61 -8.82
C GLN E 208 10.60 -19.58 -7.31
N CYS E 209 10.73 -20.78 -6.73
CA CYS E 209 10.76 -20.98 -5.30
C CYS E 209 11.72 -22.14 -5.05
N THR E 210 12.39 -22.14 -3.91
CA THR E 210 13.33 -23.20 -3.56
C THR E 210 12.59 -24.45 -3.20
N HIS E 211 13.34 -25.54 -3.04
CA HIS E 211 12.76 -26.79 -2.63
C HIS E 211 12.42 -26.63 -1.18
N GLY E 212 11.67 -27.55 -0.61
CA GLY E 212 11.36 -27.35 0.79
C GLY E 212 12.57 -27.70 1.60
N ILE E 213 12.85 -26.88 2.60
CA ILE E 213 13.93 -27.16 3.51
C ILE E 213 13.39 -27.43 4.88
N LYS E 214 13.79 -28.56 5.44
CA LYS E 214 13.34 -28.91 6.77
C LYS E 214 14.20 -28.19 7.78
N PRO E 215 13.64 -27.37 8.68
CA PRO E 215 14.34 -26.61 9.67
C PRO E 215 14.72 -27.48 10.85
N VAL E 216 15.60 -28.44 10.59
CA VAL E 216 16.04 -29.36 11.60
C VAL E 216 17.13 -28.67 12.36
N VAL E 217 17.03 -28.69 13.67
CA VAL E 217 18.04 -28.05 14.51
C VAL E 217 18.86 -29.10 15.22
N SER E 218 20.15 -29.08 14.97
CA SER E 218 21.09 -30.01 15.59
C SER E 218 22.46 -29.38 15.60
N THR E 219 23.38 -29.96 16.36
CA THR E 219 24.75 -29.43 16.39
C THR E 219 25.76 -30.10 15.46
N GLN E 220 26.57 -30.98 16.00
CA GLN E 220 27.66 -31.54 15.22
C GLN E 220 27.34 -32.51 14.07
N LEU E 221 26.21 -33.18 14.10
CA LEU E 221 25.85 -34.05 12.98
C LEU E 221 24.57 -33.51 12.40
N LEU E 222 24.60 -33.28 11.10
CA LEU E 222 23.47 -32.74 10.40
C LEU E 222 22.54 -33.87 10.10
N LEU E 223 21.28 -33.70 10.44
CA LEU E 223 20.34 -34.76 10.22
C LEU E 223 19.30 -34.34 9.18
N ASN E 224 18.83 -35.33 8.40
CA ASN E 224 17.75 -35.27 7.40
C ASN E 224 17.90 -34.14 6.36
N GLY E 225 19.14 -33.88 5.87
CA GLY E 225 19.43 -32.88 4.86
C GLY E 225 19.54 -33.54 3.51
N SER E 226 20.06 -32.81 2.56
CA SER E 226 20.23 -33.34 1.23
C SER E 226 21.54 -34.09 1.15
N LEU E 227 21.59 -35.11 0.32
CA LEU E 227 22.84 -35.82 0.09
C LEU E 227 23.48 -35.33 -1.17
N ALA E 228 24.79 -35.46 -1.22
CA ALA E 228 25.57 -35.11 -2.39
C ALA E 228 25.20 -36.09 -3.48
N GLU E 229 25.18 -35.65 -4.72
CA GLU E 229 24.80 -36.52 -5.81
C GLU E 229 25.80 -37.63 -6.12
N GLU E 230 27.09 -37.33 -6.05
CA GLU E 230 28.09 -38.32 -6.43
C GLU E 230 29.15 -38.64 -5.38
N GLU E 231 29.67 -37.62 -4.71
CA GLU E 231 30.81 -37.81 -3.81
C GLU E 231 30.73 -36.89 -2.63
N VAL E 232 31.48 -37.19 -1.60
CA VAL E 232 31.51 -36.33 -0.44
C VAL E 232 32.10 -34.99 -0.81
N ILE E 233 31.43 -33.91 -0.43
CA ILE E 233 31.94 -32.58 -0.77
C ILE E 233 32.28 -31.81 0.48
N ILE E 234 33.50 -31.32 0.52
CA ILE E 234 33.94 -30.57 1.67
C ILE E 234 33.97 -29.09 1.35
N ARG E 235 33.17 -28.32 2.08
CA ARG E 235 33.04 -26.90 1.83
C ARG E 235 33.45 -26.06 3.03
N SER E 236 34.30 -25.08 2.82
CA SER E 236 34.68 -24.21 3.92
C SER E 236 34.99 -22.84 3.37
N GLU E 237 34.80 -21.80 4.18
CA GLU E 237 35.10 -20.45 3.70
C GLU E 237 36.59 -20.26 3.32
N ASN E 238 37.49 -20.83 4.15
CA ASN E 238 38.95 -20.83 4.03
C ASN E 238 39.45 -22.12 4.67
N ILE E 239 39.84 -23.11 3.86
CA ILE E 239 40.23 -24.46 4.30
C ILE E 239 41.54 -24.48 5.07
N THR E 240 42.31 -23.40 4.99
CA THR E 240 43.57 -23.38 5.72
C THR E 240 43.46 -22.52 6.97
N ASN E 241 42.27 -21.98 7.24
CA ASN E 241 42.06 -21.15 8.41
C ASN E 241 41.37 -21.95 9.49
N ASN E 242 42.06 -22.25 10.58
CA ASN E 242 41.51 -23.12 11.62
C ASN E 242 40.40 -22.46 12.43
N ALA E 243 40.13 -21.20 12.16
CA ALA E 243 39.05 -20.49 12.82
C ALA E 243 37.72 -20.71 12.10
N LYS E 244 37.75 -21.39 10.97
CA LYS E 244 36.54 -21.62 10.18
C LYS E 244 36.01 -23.03 10.34
N ASN E 245 34.70 -23.20 10.16
CA ASN E 245 34.15 -24.54 10.23
C ASN E 245 34.15 -25.18 8.86
N ILE E 246 34.21 -26.49 8.85
CA ILE E 246 34.16 -27.27 7.64
C ILE E 246 32.85 -28.04 7.55
N LEU E 247 32.12 -27.81 6.47
CA LEU E 247 30.85 -28.49 6.28
C LEU E 247 31.04 -29.63 5.32
N VAL E 248 30.80 -30.84 5.80
CA VAL E 248 31.02 -32.00 4.95
C VAL E 248 29.71 -32.61 4.55
N GLN E 249 29.41 -32.63 3.27
CA GLN E 249 28.16 -33.21 2.80
C GLN E 249 28.40 -34.63 2.34
N LEU E 250 27.62 -35.57 2.84
CA LEU E 250 27.86 -36.96 2.49
C LEU E 250 27.06 -37.33 1.27
N ASN E 251 27.53 -38.34 0.51
CA ASN E 251 26.77 -38.82 -0.65
C ASN E 251 25.94 -40.06 -0.33
N THR E 252 26.01 -40.50 0.91
CA THR E 252 25.26 -41.63 1.43
C THR E 252 24.81 -41.28 2.82
N PRO E 253 23.65 -41.70 3.29
CA PRO E 253 23.20 -41.48 4.63
C PRO E 253 23.86 -42.46 5.55
N VAL E 254 24.00 -42.09 6.81
CA VAL E 254 24.35 -43.07 7.82
C VAL E 254 23.13 -43.13 8.71
N GLN E 255 22.54 -44.28 8.87
CA GLN E 255 21.31 -44.29 9.64
C GLN E 255 21.59 -44.36 11.12
N ILE E 256 20.96 -43.47 11.88
CA ILE E 256 21.11 -43.44 13.32
C ILE E 256 19.76 -43.69 14.03
N ASN E 257 19.74 -44.65 14.98
CA ASN E 257 18.58 -45.09 15.76
C ASN E 257 18.68 -44.64 17.21
N CYS E 258 17.84 -43.66 17.65
CA CYS E 258 17.89 -43.07 18.98
C CYS E 258 16.68 -43.46 19.82
N THR E 259 16.95 -43.73 21.09
CA THR E 259 15.90 -44.13 22.00
C THR E 259 16.06 -43.64 23.42
N ARG E 260 14.92 -43.50 24.06
CA ARG E 260 14.79 -43.21 25.47
C ARG E 260 13.94 -44.33 26.05
N PRO E 261 14.54 -45.47 26.42
CA PRO E 261 13.91 -46.73 26.76
C PRO E 261 13.36 -46.80 28.16
N ASN E 262 12.55 -45.84 28.53
CA ASN E 262 11.97 -45.74 29.86
C ASN E 262 10.51 -45.35 29.73
N ASN E 263 9.57 -46.18 30.22
CA ASN E 263 8.13 -45.94 30.07
C ASN E 263 7.69 -44.87 31.10
N ASN E 264 7.55 -43.63 30.58
CA ASN E 264 7.29 -42.39 31.30
C ASN E 264 5.81 -42.10 31.54
N THR E 265 5.43 -42.02 32.80
CA THR E 265 4.05 -41.71 33.11
C THR E 265 4.00 -40.23 33.39
N VAL E 266 3.23 -39.52 32.59
CA VAL E 266 3.11 -38.07 32.67
C VAL E 266 1.88 -37.65 33.43
N LYS E 267 2.09 -36.76 34.39
CA LYS E 267 1.04 -36.26 35.25
C LYS E 267 0.95 -34.76 35.15
N SER E 268 -0.17 -34.18 35.56
CA SER E 268 -0.25 -32.74 35.55
C SER E 268 -1.01 -32.19 36.73
N ILE E 269 -0.71 -30.94 37.01
CA ILE E 269 -1.37 -30.18 38.06
C ILE E 269 -1.81 -28.84 37.56
N ARG E 270 -2.72 -28.22 38.26
CA ARG E 270 -3.04 -26.86 37.92
C ARG E 270 -2.17 -25.99 38.79
N ILE E 271 -1.67 -24.91 38.25
CA ILE E 271 -0.90 -23.97 39.04
C ILE E 271 -1.60 -22.63 39.07
N GLY E 272 -2.63 -22.49 38.26
CA GLY E 272 -3.36 -21.24 38.23
C GLY E 272 -4.64 -21.36 37.39
N PRO E 273 -5.31 -20.24 37.11
CA PRO E 273 -6.59 -20.16 36.44
C PRO E 273 -6.48 -20.50 34.97
N GLY E 274 -6.52 -21.81 34.70
CA GLY E 274 -6.39 -22.31 33.35
C GLY E 274 -4.95 -22.61 32.98
N GLN E 275 -4.09 -22.63 33.99
CA GLN E 275 -2.68 -22.88 33.76
C GLN E 275 -2.22 -24.21 34.30
N ALA E 276 -1.87 -25.13 33.40
CA ALA E 276 -1.44 -26.45 33.84
C ALA E 276 0.04 -26.66 33.61
N PHE E 277 0.63 -27.40 34.53
CA PHE E 277 2.03 -27.82 34.49
C PHE E 277 2.15 -29.30 34.29
N TYR E 278 3.05 -29.69 33.38
CA TYR E 278 3.26 -31.11 33.09
C TYR E 278 4.58 -31.60 33.61
N TYR E 279 4.58 -32.78 34.19
CA TYR E 279 5.81 -33.33 34.74
C TYR E 279 5.84 -34.84 34.73
N THR E 280 7.04 -35.41 34.89
CA THR E 280 7.13 -36.86 34.96
C THR E 280 6.68 -37.26 36.31
N GLY E 281 5.70 -38.13 36.34
CA GLY E 281 5.12 -38.60 37.56
C GLY E 281 5.91 -39.77 38.07
N ASP E 282 6.05 -40.75 37.20
CA ASP E 282 6.77 -41.95 37.59
C ASP E 282 7.35 -42.66 36.39
N ILE E 283 8.07 -43.74 36.66
CA ILE E 283 8.65 -44.60 35.63
C ILE E 283 8.19 -46.04 35.83
N ILE E 284 7.70 -46.63 34.77
CA ILE E 284 7.25 -47.98 34.81
C ILE E 284 8.38 -48.85 34.35
N GLY E 285 8.82 -49.73 35.23
CA GLY E 285 9.94 -50.59 34.93
C GLY E 285 11.27 -49.95 35.29
N ASP E 286 12.33 -50.59 34.82
CA ASP E 286 13.73 -50.26 35.11
C ASP E 286 14.16 -48.95 34.49
N ILE E 287 15.19 -48.35 35.07
CA ILE E 287 15.76 -47.12 34.56
C ILE E 287 17.06 -47.34 33.80
N ARG E 288 17.04 -46.96 32.52
CA ARG E 288 18.14 -47.16 31.59
C ARG E 288 18.55 -45.87 30.91
N GLN E 289 19.79 -45.81 30.45
CA GLN E 289 20.26 -44.61 29.79
C GLN E 289 19.79 -44.52 28.35
N ALA E 290 19.42 -43.31 27.95
CA ALA E 290 19.04 -43.04 26.58
C ALA E 290 20.27 -43.21 25.73
N HIS E 291 20.11 -43.67 24.51
CA HIS E 291 21.26 -43.87 23.66
C HIS E 291 20.92 -43.88 22.17
N CYS E 292 21.95 -43.74 21.29
CA CYS E 292 21.81 -43.83 19.83
C CYS E 292 22.78 -44.85 19.22
N ASN E 293 22.29 -45.62 18.27
CA ASN E 293 23.10 -46.60 17.55
C ASN E 293 23.45 -46.11 16.13
N VAL E 294 24.74 -46.22 15.77
CA VAL E 294 25.31 -45.95 14.45
C VAL E 294 25.96 -47.22 13.93
N SER E 295 25.58 -47.71 12.76
CA SER E 295 26.19 -48.95 12.26
C SER E 295 27.68 -48.77 12.13
N LYS E 296 28.47 -49.71 12.65
CA LYS E 296 29.91 -49.54 12.65
C LYS E 296 30.55 -49.55 11.28
N ALA E 297 30.18 -50.49 10.43
CA ALA E 297 30.83 -50.54 9.14
C ALA E 297 30.49 -49.33 8.31
N THR E 298 29.23 -48.90 8.39
CA THR E 298 28.80 -47.80 7.59
C THR E 298 29.55 -46.56 8.01
N TRP E 299 29.64 -46.35 9.31
CA TRP E 299 30.34 -45.18 9.80
C TRP E 299 31.83 -45.16 9.40
N ASN E 300 32.54 -46.31 9.49
CA ASN E 300 33.97 -46.38 9.13
C ASN E 300 34.19 -46.09 7.63
N GLU E 301 33.28 -46.56 6.74
CA GLU E 301 33.33 -46.30 5.28
C GLU E 301 33.12 -44.83 5.03
N THR E 302 32.20 -44.23 5.79
CA THR E 302 31.89 -42.83 5.66
C THR E 302 33.11 -42.01 6.00
N LEU E 303 33.80 -42.33 7.10
CA LEU E 303 34.97 -41.54 7.38
C LEU E 303 36.03 -41.78 6.35
N GLY E 304 36.17 -43.00 5.85
CA GLY E 304 37.22 -43.20 4.87
C GLY E 304 37.03 -42.26 3.69
N LYS E 305 35.78 -42.09 3.25
CA LYS E 305 35.50 -41.18 2.15
C LYS E 305 35.82 -39.73 2.52
N VAL E 306 35.52 -39.34 3.75
CA VAL E 306 35.79 -37.98 4.18
C VAL E 306 37.29 -37.71 4.17
N VAL E 307 38.06 -38.67 4.65
CA VAL E 307 39.50 -38.56 4.72
C VAL E 307 40.09 -38.42 3.33
N LYS E 308 39.62 -39.23 2.39
CA LYS E 308 40.14 -39.13 1.03
C LYS E 308 39.93 -37.76 0.45
N GLN E 309 38.82 -37.11 0.78
CA GLN E 309 38.59 -35.79 0.24
C GLN E 309 39.38 -34.73 1.01
N LEU E 310 39.60 -34.92 2.31
CA LEU E 310 40.39 -33.96 3.08
C LEU E 310 41.82 -33.92 2.56
N ARG E 311 42.32 -35.06 2.10
CA ARG E 311 43.68 -35.14 1.57
C ARG E 311 43.88 -34.34 0.30
N LYS E 312 42.81 -33.83 -0.31
CA LYS E 312 42.97 -33.00 -1.50
C LYS E 312 43.17 -31.55 -1.12
N HIS E 313 42.96 -31.20 0.15
CA HIS E 313 43.11 -29.83 0.62
C HIS E 313 44.32 -29.68 1.52
N PHE E 314 44.70 -30.79 2.13
CA PHE E 314 45.80 -30.87 3.05
C PHE E 314 46.87 -31.67 2.37
N GLY E 315 47.99 -31.95 3.01
CA GLY E 315 48.99 -32.70 2.27
C GLY E 315 48.39 -34.06 1.94
N ASN E 316 48.83 -34.67 0.81
CA ASN E 316 48.35 -35.99 0.35
C ASN E 316 48.96 -37.13 1.18
N ASN E 317 50.29 -37.08 1.42
CA ASN E 317 51.05 -38.06 2.21
C ASN E 317 51.00 -37.59 3.65
N THR E 318 49.80 -37.64 4.20
CA THR E 318 49.56 -37.10 5.52
C THR E 318 48.82 -38.06 6.41
N ILE E 319 48.59 -37.56 7.62
CA ILE E 319 47.85 -38.26 8.64
C ILE E 319 46.66 -37.44 9.07
N ILE E 320 45.50 -38.06 9.05
CA ILE E 320 44.28 -37.41 9.48
C ILE E 320 43.71 -38.07 10.71
N ARG E 321 43.52 -37.28 11.74
CA ARG E 321 43.04 -37.79 13.00
C ARG E 321 41.74 -37.20 13.44
N PHE E 322 40.86 -38.06 13.91
CA PHE E 322 39.60 -37.61 14.45
C PHE E 322 39.61 -37.72 15.95
N ALA E 323 39.06 -36.70 16.59
CA ALA E 323 38.98 -36.61 18.04
C ALA E 323 37.70 -35.93 18.48
N GLN E 324 37.36 -36.11 19.74
CA GLN E 324 36.19 -35.51 20.36
C GLN E 324 36.42 -34.05 20.67
N SER E 325 35.32 -33.29 20.77
CA SER E 325 35.45 -31.87 21.10
C SER E 325 36.15 -31.68 22.42
N SER E 326 37.03 -30.69 22.44
CA SER E 326 37.86 -30.38 23.59
C SER E 326 37.20 -29.67 24.77
N GLY E 327 36.08 -29.00 24.58
CA GLY E 327 35.52 -28.30 25.73
C GLY E 327 34.34 -27.42 25.41
N GLY E 328 33.78 -26.82 26.45
CA GLY E 328 32.61 -25.97 26.34
C GLY E 328 31.47 -26.69 27.04
N ASP E 329 30.28 -26.12 27.02
CA ASP E 329 29.19 -26.74 27.75
C ASP E 329 28.56 -27.88 26.97
N LEU E 330 27.57 -28.53 27.58
CA LEU E 330 26.93 -29.68 26.98
C LEU E 330 26.32 -29.34 25.63
N GLU E 331 25.83 -28.13 25.48
CA GLU E 331 25.21 -27.69 24.25
C GLU E 331 26.15 -27.63 23.05
N VAL E 332 27.46 -27.60 23.28
CA VAL E 332 28.42 -27.54 22.18
C VAL E 332 29.39 -28.73 22.09
N THR E 333 29.47 -29.57 23.12
CA THR E 333 30.39 -30.71 23.10
C THR E 333 29.71 -32.01 22.75
N THR E 334 28.41 -31.97 22.56
CA THR E 334 27.61 -33.15 22.26
C THR E 334 26.77 -32.96 21.04
N HIS E 335 26.12 -34.03 20.65
CA HIS E 335 25.20 -33.98 19.55
C HIS E 335 23.84 -33.71 20.10
N SER E 336 23.39 -32.49 19.93
CA SER E 336 22.13 -32.06 20.45
C SER E 336 21.08 -32.15 19.39
N PHE E 337 19.96 -32.76 19.72
CA PHE E 337 18.83 -32.86 18.80
C PHE E 337 17.50 -33.13 19.48
N ASN E 338 16.42 -32.84 18.77
CA ASN E 338 15.07 -33.13 19.21
C ASN E 338 14.58 -34.47 18.64
N CYS E 339 14.32 -35.47 19.52
CA CYS E 339 13.89 -36.83 19.18
C CYS E 339 12.51 -37.09 19.77
N GLY E 340 11.50 -36.93 18.94
CA GLY E 340 10.13 -37.17 19.39
C GLY E 340 9.63 -36.13 20.37
N GLY E 341 10.22 -34.93 20.40
CA GLY E 341 9.84 -33.91 21.34
C GLY E 341 10.78 -33.82 22.55
N GLU E 342 11.63 -34.83 22.77
CA GLU E 342 12.56 -34.73 23.90
C GLU E 342 13.89 -34.20 23.41
N PHE E 343 14.62 -33.54 24.29
CA PHE E 343 15.91 -33.00 23.91
C PHE E 343 17.08 -33.83 24.42
N PHE E 344 17.78 -34.44 23.47
CA PHE E 344 18.90 -35.34 23.68
C PHE E 344 20.22 -34.65 23.49
N TYR E 345 21.17 -35.03 24.32
CA TYR E 345 22.57 -34.58 24.27
C TYR E 345 23.52 -35.78 24.26
N CYS E 346 23.87 -36.30 23.05
CA CYS E 346 24.58 -37.57 22.87
C CYS E 346 26.08 -37.38 22.72
N ASN E 347 26.82 -38.27 23.35
CA ASN E 347 28.28 -38.25 23.32
C ASN E 347 28.80 -38.97 22.07
N THR E 348 29.50 -38.22 21.20
CA THR E 348 30.03 -38.65 19.90
C THR E 348 31.49 -39.03 19.93
N SER E 349 32.08 -39.15 21.11
CA SER E 349 33.48 -39.56 21.16
C SER E 349 33.64 -40.97 20.63
N GLY E 350 32.54 -41.71 20.56
CA GLY E 350 32.56 -43.07 20.04
C GLY E 350 32.57 -43.09 18.51
N LEU E 351 32.34 -41.93 17.89
CA LEU E 351 32.35 -41.83 16.43
C LEU E 351 33.64 -41.21 15.93
N PHE E 352 34.21 -40.31 16.71
CA PHE E 352 35.40 -39.59 16.27
C PHE E 352 36.61 -39.89 17.13
N ASN E 353 37.11 -41.15 17.03
CA ASN E 353 38.25 -41.67 17.78
C ASN E 353 39.06 -42.62 16.88
N SER E 354 39.83 -42.05 15.91
CA SER E 354 40.63 -42.85 14.95
C SER E 354 41.73 -42.05 14.26
N THR E 355 42.74 -42.76 13.77
CA THR E 355 43.78 -42.12 12.98
C THR E 355 43.94 -42.85 11.64
N TRP E 356 43.90 -42.07 10.57
CA TRP E 356 44.03 -42.57 9.22
C TRP E 356 45.39 -42.18 8.65
N ILE E 357 46.21 -43.16 8.32
CA ILE E 357 47.56 -42.83 7.84
C ILE E 357 47.76 -43.19 6.37
N SER E 358 48.17 -42.19 5.52
CA SER E 358 48.44 -42.25 4.07
C SER E 358 48.14 -43.59 3.38
N ASN E 371 27.68 -58.08 12.98
CA ASN E 371 26.93 -56.86 12.69
C ASN E 371 27.00 -55.89 13.90
N ASP E 372 28.21 -55.32 14.11
CA ASP E 372 28.54 -54.36 15.17
C ASP E 372 27.94 -52.97 14.97
N SER E 373 27.75 -52.27 16.07
CA SER E 373 27.29 -50.90 16.05
C SER E 373 27.96 -50.12 17.15
N ILE E 374 27.96 -48.82 17.00
CA ILE E 374 28.53 -47.92 17.96
C ILE E 374 27.41 -47.31 18.77
N THR E 375 27.47 -47.45 20.09
CA THR E 375 26.41 -46.88 20.91
C THR E 375 26.89 -45.61 21.57
N LEU E 376 26.12 -44.56 21.41
CA LEU E 376 26.41 -43.26 21.95
C LEU E 376 25.51 -43.04 23.18
N PRO E 377 26.04 -42.86 24.39
CA PRO E 377 25.28 -42.55 25.58
C PRO E 377 24.63 -41.20 25.35
N CYS E 378 23.39 -40.98 25.83
CA CYS E 378 22.68 -39.69 25.69
C CYS E 378 22.12 -39.21 27.02
N ARG E 379 22.20 -37.91 27.22
CA ARG E 379 21.61 -37.25 28.38
C ARG E 379 20.34 -36.55 27.95
N ILE E 380 19.41 -36.37 28.89
CA ILE E 380 18.15 -35.70 28.58
C ILE E 380 17.96 -34.44 29.43
N LYS E 381 17.51 -33.36 28.80
CA LYS E 381 17.22 -32.14 29.56
C LYS E 381 15.81 -31.68 29.31
N GLN E 382 15.12 -31.21 30.34
CA GLN E 382 13.80 -30.65 30.13
C GLN E 382 13.87 -29.13 30.02
N ILE E 383 14.86 -28.50 30.65
CA ILE E 383 14.94 -27.00 30.62
C ILE E 383 16.06 -26.58 29.66
N ILE E 384 15.72 -26.05 28.47
CA ILE E 384 16.73 -25.76 27.47
C ILE E 384 16.72 -24.31 27.04
N ASN E 385 17.80 -23.87 26.37
CA ASN E 385 17.90 -22.46 25.90
C ASN E 385 17.77 -22.37 24.38
N MET E 386 17.81 -23.50 23.65
CA MET E 386 17.68 -23.55 22.18
C MET E 386 18.67 -22.75 21.37
N TRP E 387 18.54 -21.45 21.46
CA TRP E 387 19.32 -20.54 20.71
C TRP E 387 20.41 -20.09 21.61
N GLN E 388 21.49 -19.56 21.05
CA GLN E 388 22.56 -19.11 21.93
C GLN E 388 22.21 -17.76 22.51
N ARG E 389 21.31 -17.78 23.48
CA ARG E 389 20.78 -16.61 24.14
C ARG E 389 20.82 -16.80 25.65
N ILE E 390 20.80 -15.70 26.37
CA ILE E 390 20.85 -15.73 27.82
C ILE E 390 19.50 -15.55 28.52
N GLY E 391 18.65 -14.70 27.99
CA GLY E 391 17.42 -14.30 28.65
C GLY E 391 16.18 -15.17 28.42
N GLN E 392 16.34 -16.32 27.79
CA GLN E 392 15.19 -17.16 27.53
C GLN E 392 15.49 -18.60 27.92
N ALA E 393 14.44 -19.28 28.37
CA ALA E 393 14.57 -20.69 28.76
C ALA E 393 13.20 -21.33 28.57
N MET E 394 13.15 -22.56 28.08
CA MET E 394 11.90 -23.25 27.85
C MET E 394 11.83 -24.56 28.58
N TYR E 395 10.66 -24.90 29.08
CA TYR E 395 10.47 -26.20 29.68
C TYR E 395 9.74 -27.08 28.71
N ALA E 396 10.35 -28.18 28.36
CA ALA E 396 9.74 -29.10 27.45
C ALA E 396 8.95 -30.11 28.27
N PRO E 397 7.64 -30.26 28.10
CA PRO E 397 6.84 -31.20 28.83
C PRO E 397 7.44 -32.56 28.53
N PRO E 398 7.44 -33.50 29.45
CA PRO E 398 7.91 -34.85 29.30
C PRO E 398 6.94 -35.57 28.43
N ILE E 399 7.40 -36.58 27.72
CA ILE E 399 6.51 -37.33 26.89
C ILE E 399 6.21 -38.74 27.34
N GLN E 400 4.91 -38.99 27.39
CA GLN E 400 4.30 -40.23 27.81
C GLN E 400 4.75 -41.41 26.99
N GLY E 401 5.12 -42.50 27.67
CA GLY E 401 5.55 -43.70 26.98
C GLY E 401 7.04 -43.76 26.71
N VAL E 402 7.41 -44.37 25.60
CA VAL E 402 8.79 -44.66 25.24
C VAL E 402 9.08 -44.05 23.89
N ILE E 403 10.23 -43.38 23.76
CA ILE E 403 10.54 -42.74 22.49
C ILE E 403 11.61 -43.39 21.68
N ARG E 404 11.29 -43.58 20.41
CA ARG E 404 12.20 -44.08 19.42
C ARG E 404 12.08 -43.21 18.17
N CYS E 405 13.21 -42.79 17.57
CA CYS E 405 13.25 -42.01 16.33
C CYS E 405 14.42 -42.52 15.50
N VAL E 406 14.23 -42.51 14.19
CA VAL E 406 15.27 -42.91 13.28
C VAL E 406 15.51 -41.80 12.28
N SER E 407 16.75 -41.42 12.11
CA SER E 407 17.09 -40.35 11.22
C SER E 407 18.34 -40.64 10.40
N ASN E 408 18.57 -39.85 9.32
CA ASN E 408 19.75 -39.96 8.46
C ASN E 408 20.79 -38.89 8.79
N ILE E 409 22.07 -39.29 8.91
CA ILE E 409 23.20 -38.36 9.05
C ILE E 409 23.57 -38.05 7.63
N THR E 410 23.45 -36.80 7.25
CA THR E 410 23.66 -36.38 5.88
C THR E 410 24.86 -35.48 5.71
N GLY E 411 25.50 -35.17 6.81
CA GLY E 411 26.65 -34.31 6.80
C GLY E 411 27.21 -34.08 8.19
N LEU E 412 28.43 -33.61 8.23
CA LEU E 412 29.14 -33.38 9.48
C LEU E 412 29.62 -31.96 9.61
N ILE E 413 29.73 -31.44 10.83
CA ILE E 413 30.41 -30.17 10.97
C ILE E 413 31.69 -30.39 11.75
N LEU E 414 32.82 -30.13 11.11
CA LEU E 414 34.13 -30.33 11.72
C LEU E 414 34.94 -29.06 11.84
N THR E 415 35.84 -29.03 12.81
CA THR E 415 36.77 -27.93 12.91
C THR E 415 38.13 -28.55 12.88
N ARG E 416 39.15 -27.77 12.60
CA ARG E 416 40.50 -28.29 12.55
C ARG E 416 41.32 -27.59 13.63
N ASP E 417 42.26 -28.32 14.28
CA ASP E 417 43.19 -27.79 15.29
C ASP E 417 44.16 -26.80 14.64
N THR E 424 53.69 -32.74 11.88
CA THR E 424 52.65 -33.04 10.92
C THR E 424 51.38 -33.51 11.67
N THR E 425 50.42 -34.12 10.92
CA THR E 425 49.09 -34.64 11.30
C THR E 425 48.06 -33.54 11.47
N GLU E 426 46.97 -33.68 10.76
CA GLU E 426 45.85 -32.76 10.88
C GLU E 426 44.82 -33.39 11.79
N THR E 427 44.37 -32.66 12.81
CA THR E 427 43.36 -33.20 13.71
C THR E 427 42.07 -32.44 13.58
N PHE E 428 40.99 -33.19 13.42
CA PHE E 428 39.65 -32.67 13.24
C PHE E 428 38.75 -33.10 14.38
N ARG E 429 37.89 -32.19 14.79
CA ARG E 429 36.97 -32.44 15.89
C ARG E 429 35.59 -31.96 15.50
N PRO E 430 34.52 -32.49 16.04
CA PRO E 430 33.18 -31.99 15.86
C PRO E 430 33.02 -30.57 16.33
N GLY E 431 32.23 -29.79 15.58
CA GLY E 431 31.89 -28.40 15.90
C GLY E 431 30.39 -28.19 15.72
N GLY E 432 30.00 -27.13 15.02
CA GLY E 432 28.58 -26.89 14.75
C GLY E 432 27.76 -26.07 15.75
N GLY E 433 28.39 -25.34 16.65
CA GLY E 433 27.61 -24.55 17.62
C GLY E 433 26.68 -23.50 16.98
N ASP E 434 27.07 -22.90 15.85
CA ASP E 434 26.29 -21.86 15.16
C ASP E 434 25.29 -22.45 14.17
N MET E 435 24.00 -22.26 14.45
CA MET E 435 22.92 -22.86 13.68
C MET E 435 22.89 -22.40 12.23
N ARG E 436 23.51 -21.27 11.93
CA ARG E 436 23.50 -20.82 10.56
C ARG E 436 24.19 -21.82 9.65
N ASP E 437 25.08 -22.65 10.19
CA ASP E 437 25.77 -23.64 9.38
C ASP E 437 24.83 -24.75 8.96
N ASN E 438 23.77 -24.99 9.73
CA ASN E 438 22.89 -26.05 9.33
C ASN E 438 22.14 -25.58 8.12
N TRP E 439 21.78 -24.31 8.15
CA TRP E 439 21.01 -23.75 7.05
C TRP E 439 21.84 -23.50 5.81
N ARG E 440 23.11 -23.22 5.98
CA ARG E 440 23.99 -23.04 4.85
C ARG E 440 24.11 -24.33 4.06
N SER E 441 24.04 -25.47 4.75
CA SER E 441 24.19 -26.74 4.05
C SER E 441 23.04 -27.01 3.07
N GLU E 442 21.91 -26.29 3.20
CA GLU E 442 20.80 -26.49 2.28
C GLU E 442 20.66 -25.31 1.31
N LEU E 443 20.99 -24.11 1.77
CA LEU E 443 20.83 -22.92 0.95
C LEU E 443 22.03 -22.57 0.08
N TYR E 444 23.12 -23.30 0.20
CA TYR E 444 24.31 -22.99 -0.58
C TYR E 444 24.11 -22.97 -2.08
N LYS E 445 23.12 -23.65 -2.61
CA LYS E 445 22.97 -23.66 -4.04
C LYS E 445 22.07 -22.56 -4.54
N TYR E 446 21.55 -21.72 -3.67
CA TYR E 446 20.65 -20.67 -4.15
C TYR E 446 21.17 -19.26 -4.02
N LYS E 447 20.85 -18.44 -5.00
CA LYS E 447 21.20 -17.02 -4.98
C LYS E 447 19.99 -16.16 -5.34
N VAL E 448 19.84 -14.99 -4.73
CA VAL E 448 18.72 -14.13 -5.11
C VAL E 448 19.18 -12.93 -5.92
N VAL E 449 18.55 -12.74 -7.08
CA VAL E 449 18.93 -11.61 -7.91
C VAL E 449 17.73 -10.76 -8.26
N LYS E 450 17.98 -9.50 -8.60
CA LYS E 450 16.95 -8.56 -9.01
C LYS E 450 16.94 -8.45 -10.50
N ILE E 451 15.77 -8.39 -11.08
CA ILE E 451 15.64 -8.28 -12.51
C ILE E 451 15.65 -6.82 -12.91
N GLU E 452 16.47 -6.48 -13.88
CA GLU E 452 16.56 -5.12 -14.37
C GLU E 452 16.25 -5.08 -15.85
N PRO E 453 14.97 -5.07 -16.23
CA PRO E 453 14.47 -5.24 -17.56
C PRO E 453 14.71 -4.09 -18.51
N LEU E 454 15.16 -2.94 -18.02
CA LEU E 454 15.33 -1.80 -18.91
C LEU E 454 16.78 -1.64 -19.34
N GLY E 455 17.01 -1.40 -20.63
CA GLY E 455 18.38 -1.16 -21.08
C GLY E 455 18.45 -0.63 -22.50
N VAL E 456 19.65 -0.27 -22.94
CA VAL E 456 19.82 0.30 -24.28
C VAL E 456 20.91 -0.39 -25.07
N ALA E 457 20.87 -0.26 -26.39
CA ALA E 457 21.91 -0.75 -27.28
C ALA E 457 21.81 0.00 -28.62
N PRO E 458 22.90 0.19 -29.38
CA PRO E 458 22.88 0.82 -30.68
C PRO E 458 22.26 -0.03 -31.76
N THR E 459 21.47 0.59 -32.62
CA THR E 459 20.88 -0.02 -33.80
C THR E 459 20.91 0.99 -34.94
N ARG E 460 20.37 0.63 -36.12
CA ARG E 460 20.33 1.59 -37.26
C ARG E 460 18.95 2.25 -37.37
N CYS E 461 18.08 2.08 -36.37
CA CYS E 461 16.72 2.61 -36.32
C CYS E 461 16.66 3.99 -35.67
N LYS E 462 16.01 4.95 -36.35
CA LYS E 462 15.84 6.27 -35.75
C LYS E 462 14.42 6.78 -35.94
N ARG E 463 13.92 7.61 -34.99
CA ARG E 463 12.61 8.27 -35.07
C ARG E 463 12.65 9.45 -36.05
N LEU F 9 12.54 -21.14 -23.41
CA LEU F 9 11.46 -20.24 -23.87
C LEU F 9 10.75 -19.44 -22.76
N GLY F 10 10.94 -19.83 -21.48
CA GLY F 10 10.30 -19.22 -20.31
C GLY F 10 11.12 -18.06 -19.79
N PHE F 11 10.76 -17.62 -18.60
CA PHE F 11 11.40 -16.48 -18.00
C PHE F 11 12.90 -16.66 -17.90
N LEU F 12 13.63 -15.70 -18.49
CA LEU F 12 15.08 -15.66 -18.57
C LEU F 12 15.67 -16.80 -19.36
N GLY F 13 14.87 -17.54 -20.11
CA GLY F 13 15.38 -18.65 -20.89
C GLY F 13 16.41 -18.20 -21.90
N ALA F 14 16.23 -17.00 -22.39
CA ALA F 14 17.09 -16.39 -23.38
C ALA F 14 18.29 -15.69 -22.78
N ALA F 15 18.45 -15.72 -21.47
CA ALA F 15 19.54 -15.00 -20.84
C ALA F 15 20.90 -15.42 -21.36
N GLY F 16 21.08 -16.68 -21.73
CA GLY F 16 22.38 -17.11 -22.23
C GLY F 16 22.52 -16.97 -23.75
N SER F 17 21.47 -16.50 -24.43
CA SER F 17 21.48 -16.39 -25.87
C SER F 17 21.97 -15.02 -26.24
N THR F 18 22.22 -14.82 -27.52
CA THR F 18 22.72 -13.53 -28.08
C THR F 18 21.62 -12.48 -28.03
N MET F 19 21.99 -11.20 -27.95
CA MET F 19 21.07 -10.08 -27.94
C MET F 19 20.09 -10.10 -29.10
N GLY F 20 20.55 -10.52 -30.26
CA GLY F 20 19.72 -10.57 -31.43
C GLY F 20 18.63 -11.63 -31.35
N ALA F 21 18.73 -12.54 -30.39
CA ALA F 21 17.73 -13.58 -30.20
C ALA F 21 16.87 -13.23 -29.00
N ALA F 22 17.52 -12.77 -27.95
CA ALA F 22 16.91 -12.44 -26.68
C ALA F 22 15.89 -11.35 -26.81
N SER F 23 16.10 -10.44 -27.74
CA SER F 23 15.21 -9.32 -27.97
C SER F 23 13.81 -9.77 -28.41
N MET F 24 13.65 -11.03 -28.78
CA MET F 24 12.35 -11.53 -29.18
C MET F 24 11.52 -12.10 -28.02
N THR F 25 12.05 -12.06 -26.79
CA THR F 25 11.37 -12.62 -25.62
C THR F 25 11.04 -11.53 -24.62
N LEU F 26 10.98 -10.30 -25.08
CA LEU F 26 10.77 -9.19 -24.16
C LEU F 26 9.45 -9.29 -23.41
N THR F 27 8.43 -9.89 -24.02
CA THR F 27 7.15 -9.99 -23.33
C THR F 27 7.21 -11.07 -22.26
N VAL F 28 8.14 -12.01 -22.38
CA VAL F 28 8.22 -13.09 -21.42
C VAL F 28 8.70 -12.53 -20.11
N GLN F 29 9.71 -11.68 -20.18
CA GLN F 29 10.17 -11.09 -18.94
C GLN F 29 9.23 -10.01 -18.45
N ALA F 30 8.63 -9.22 -19.34
CA ALA F 30 7.76 -8.16 -18.86
C ALA F 30 6.61 -8.72 -18.04
N ARG F 31 6.06 -9.86 -18.43
CA ARG F 31 4.92 -10.41 -17.72
C ARG F 31 5.26 -11.02 -16.37
N ASN F 32 6.53 -11.13 -16.03
CA ASN F 32 6.93 -11.68 -14.76
C ASN F 32 7.44 -10.61 -13.80
N LEU F 33 7.17 -9.35 -14.11
CA LEU F 33 7.60 -8.27 -13.23
C LEU F 33 6.54 -7.94 -12.17
N LEU F 34 5.30 -8.29 -12.43
CA LEU F 34 4.22 -8.03 -11.48
C LEU F 34 3.72 -9.36 -10.93
N SER F 35 3.28 -9.40 -9.64
CA SER F 35 2.71 -10.56 -8.93
C SER F 35 3.55 -11.84 -9.12
N HIS F 59 6.66 -7.47 13.06
CA HIS F 59 5.36 -8.11 12.83
C HIS F 59 5.47 -9.11 11.67
N TRP F 60 4.97 -10.35 11.87
CA TRP F 60 5.00 -11.39 10.82
C TRP F 60 3.95 -11.03 9.77
N GLY F 61 4.36 -11.00 8.51
CA GLY F 61 3.47 -10.61 7.43
C GLY F 61 3.65 -9.14 6.98
N ILE F 62 4.32 -8.31 7.79
CA ILE F 62 4.46 -6.92 7.38
C ILE F 62 5.52 -6.78 6.34
N LYS F 63 6.57 -7.60 6.45
CA LYS F 63 7.67 -7.53 5.53
C LYS F 63 7.24 -7.94 4.13
N GLN F 64 6.17 -8.73 4.01
CA GLN F 64 5.69 -9.10 2.71
C GLN F 64 4.95 -7.93 2.11
N LEU F 65 4.17 -7.19 2.90
CA LEU F 65 3.55 -6.03 2.30
C LEU F 65 4.58 -5.01 1.91
N GLN F 66 5.64 -4.87 2.69
CA GLN F 66 6.63 -3.88 2.34
C GLN F 66 7.29 -4.27 1.04
N ALA F 67 7.57 -5.57 0.85
CA ALA F 67 8.17 -6.00 -0.39
C ALA F 67 7.25 -5.74 -1.57
N ARG F 68 5.95 -5.96 -1.41
CA ARG F 68 5.05 -5.74 -2.52
C ARG F 68 4.98 -4.29 -2.90
N VAL F 69 4.97 -3.41 -1.91
CA VAL F 69 4.88 -2.01 -2.21
C VAL F 69 6.12 -1.55 -2.93
N LEU F 70 7.28 -2.00 -2.48
CA LEU F 70 8.50 -1.59 -3.14
C LEU F 70 8.58 -2.16 -4.54
N ALA F 71 8.10 -3.39 -4.77
CA ALA F 71 8.12 -3.95 -6.11
C ALA F 71 7.29 -3.08 -7.03
N VAL F 72 6.16 -2.57 -6.53
CA VAL F 72 5.33 -1.69 -7.30
C VAL F 72 6.03 -0.38 -7.56
N GLU F 73 6.67 0.21 -6.56
CA GLU F 73 7.32 1.47 -6.84
C GLU F 73 8.42 1.29 -7.86
N HIS F 74 9.15 0.18 -7.80
CA HIS F 74 10.21 -0.02 -8.77
C HIS F 74 9.61 -0.07 -10.15
N TYR F 75 8.54 -0.85 -10.32
CA TYR F 75 7.88 -0.98 -11.60
C TYR F 75 7.45 0.37 -12.13
N LEU F 76 6.84 1.17 -11.28
CA LEU F 76 6.36 2.45 -11.74
C LEU F 76 7.50 3.34 -12.16
N ARG F 77 8.66 3.28 -11.51
CA ARG F 77 9.74 4.14 -11.93
C ARG F 77 10.21 3.76 -13.33
N ASP F 78 10.26 2.46 -13.65
CA ASP F 78 10.66 2.12 -15.00
C ASP F 78 9.65 2.67 -16.00
N GLN F 79 8.38 2.61 -15.64
CA GLN F 79 7.38 3.11 -16.55
C GLN F 79 7.47 4.61 -16.68
N GLN F 80 7.81 5.30 -15.60
CA GLN F 80 7.93 6.74 -15.69
C GLN F 80 9.04 7.13 -16.63
N LEU F 81 10.17 6.42 -16.61
CA LEU F 81 11.23 6.79 -17.53
C LEU F 81 10.82 6.56 -18.95
N LEU F 82 10.11 5.49 -19.22
CA LEU F 82 9.70 5.27 -20.59
C LEU F 82 8.77 6.40 -20.98
N GLY F 83 7.95 6.87 -20.06
CA GLY F 83 7.08 8.00 -20.34
C GLY F 83 7.88 9.23 -20.70
N ILE F 84 8.87 9.56 -19.89
CA ILE F 84 9.67 10.76 -20.09
C ILE F 84 10.41 10.75 -21.40
N TRP F 85 10.93 9.61 -21.80
CA TRP F 85 11.69 9.47 -23.04
C TRP F 85 10.81 9.30 -24.27
N GLY F 86 9.48 9.23 -24.08
CA GLY F 86 8.56 9.01 -25.20
C GLY F 86 8.42 7.55 -25.71
N CYS F 87 8.71 6.55 -24.85
CA CYS F 87 8.69 5.12 -25.14
C CYS F 87 7.54 4.43 -24.40
N SER F 88 6.59 5.21 -23.92
CA SER F 88 5.50 4.61 -23.20
C SER F 88 4.67 3.73 -24.10
N GLY F 89 4.28 2.57 -23.58
CA GLY F 89 3.39 1.68 -24.31
C GLY F 89 4.09 0.73 -25.27
N LYS F 90 5.42 0.75 -25.33
CA LYS F 90 6.11 -0.15 -26.26
C LYS F 90 7.33 -0.82 -25.65
N LEU F 91 7.65 -2.03 -26.11
CA LEU F 91 8.83 -2.70 -25.57
C LEU F 91 10.09 -2.40 -26.36
N ILE F 92 9.94 -2.03 -27.62
CA ILE F 92 11.09 -1.64 -28.44
C ILE F 92 10.83 -0.20 -28.87
N CYS F 93 11.75 0.73 -28.56
CA CYS F 93 11.60 2.15 -28.85
C CYS F 93 12.85 2.75 -29.48
N CYS F 94 12.66 3.34 -30.64
CA CYS F 94 13.76 3.96 -31.33
C CYS F 94 13.79 5.39 -30.85
N THR F 95 14.95 6.01 -30.90
CA THR F 95 15.04 7.38 -30.41
C THR F 95 15.75 8.24 -31.41
N ASN F 96 15.96 9.50 -31.03
CA ASN F 96 16.70 10.46 -31.84
C ASN F 96 18.05 10.81 -31.23
N VAL F 97 18.55 9.98 -30.33
CA VAL F 97 19.86 10.21 -29.73
C VAL F 97 20.88 9.34 -30.43
N PRO F 98 22.01 9.89 -30.98
CA PRO F 98 23.03 9.06 -31.66
C PRO F 98 23.96 8.30 -30.72
N TRP F 99 24.71 7.33 -31.26
CA TRP F 99 25.63 6.52 -30.43
C TRP F 99 27.07 6.99 -30.63
N ASN F 100 27.48 7.98 -29.83
CA ASN F 100 28.90 8.34 -29.60
C ASN F 100 29.69 7.05 -29.41
N SER F 101 30.75 6.87 -30.20
CA SER F 101 31.51 5.61 -30.21
C SER F 101 32.33 5.46 -28.94
N SER F 102 32.50 6.55 -28.18
CA SER F 102 33.28 6.54 -26.93
C SER F 102 32.56 5.72 -25.86
N TRP F 103 31.25 5.50 -26.02
CA TRP F 103 30.50 4.63 -25.08
C TRP F 103 30.89 3.19 -25.38
N SER F 104 30.71 2.74 -26.62
CA SER F 104 31.19 1.41 -27.05
C SER F 104 31.39 1.38 -28.57
N ASN F 105 32.62 1.20 -29.03
CA ASN F 105 32.94 1.20 -30.44
C ASN F 105 32.78 -0.14 -31.11
N ARG F 106 31.99 -1.04 -30.54
CA ARG F 106 31.77 -2.37 -31.20
C ARG F 106 30.76 -2.21 -32.35
N ASN F 107 30.85 -3.04 -33.38
CA ASN F 107 29.97 -2.89 -34.56
C ASN F 107 28.68 -3.69 -34.34
N LEU F 108 27.70 -3.55 -35.23
CA LEU F 108 26.38 -4.18 -34.99
C LEU F 108 26.54 -5.69 -34.93
N SER F 109 27.43 -6.26 -35.72
CA SER F 109 27.67 -7.72 -35.72
C SER F 109 28.03 -8.21 -34.32
N GLU F 110 29.06 -7.63 -33.71
CA GLU F 110 29.56 -8.14 -32.41
C GLU F 110 28.48 -7.94 -31.35
N ILE F 111 27.82 -6.79 -31.34
CA ILE F 111 26.83 -6.55 -30.26
C ILE F 111 25.69 -7.53 -30.45
N TRP F 112 25.12 -7.60 -31.66
CA TRP F 112 23.76 -8.18 -31.82
C TRP F 112 23.81 -9.61 -32.36
N ASP F 113 24.93 -10.31 -32.18
CA ASP F 113 25.08 -11.67 -32.75
C ASP F 113 26.19 -12.44 -32.04
N ASN F 114 26.88 -11.80 -31.10
CA ASN F 114 27.82 -12.51 -30.21
C ASN F 114 27.41 -12.27 -28.75
N MET F 115 27.51 -11.03 -28.28
CA MET F 115 27.38 -10.66 -26.86
C MET F 115 26.00 -11.09 -26.35
N THR F 116 25.90 -11.56 -25.09
CA THR F 116 24.58 -11.71 -24.42
C THR F 116 24.23 -10.40 -23.74
N TRP F 117 22.95 -10.17 -23.42
CA TRP F 117 22.59 -8.92 -22.76
C TRP F 117 23.32 -8.71 -21.44
N LEU F 118 23.67 -9.80 -20.77
CA LEU F 118 24.38 -9.65 -19.50
C LEU F 118 25.75 -9.06 -19.76
N GLN F 119 26.43 -9.55 -20.79
CA GLN F 119 27.78 -9.02 -21.08
C GLN F 119 27.66 -7.57 -21.55
N TRP F 120 26.67 -7.23 -22.38
CA TRP F 120 26.52 -5.88 -22.85
C TRP F 120 26.26 -4.94 -21.72
N ASP F 121 25.37 -5.33 -20.82
CA ASP F 121 25.07 -4.43 -19.72
C ASP F 121 26.31 -4.13 -18.92
N LYS F 122 27.21 -5.11 -18.77
CA LYS F 122 28.42 -4.89 -17.94
C LYS F 122 29.42 -4.02 -18.69
N GLU F 123 29.26 -3.85 -20.00
CA GLU F 123 30.15 -2.93 -20.75
C GLU F 123 29.62 -1.50 -20.59
N ILE F 124 28.41 -1.21 -21.06
CA ILE F 124 27.90 0.20 -20.97
C ILE F 124 27.25 0.42 -19.61
N SER F 125 27.88 -0.05 -18.54
CA SER F 125 27.35 0.19 -17.17
C SER F 125 27.76 1.60 -16.72
N ASN F 126 29.00 1.98 -16.99
CA ASN F 126 29.49 3.31 -16.56
C ASN F 126 28.75 4.38 -17.35
N TYR F 127 28.53 4.17 -18.65
CA TYR F 127 27.91 5.21 -19.50
C TYR F 127 26.42 4.94 -19.67
N THR F 128 25.66 4.83 -18.57
CA THR F 128 24.19 4.67 -18.70
C THR F 128 23.50 5.96 -18.28
N GLN F 129 23.90 6.57 -17.16
CA GLN F 129 23.28 7.81 -16.75
C GLN F 129 23.41 8.88 -17.81
N ILE F 130 24.46 8.84 -18.60
CA ILE F 130 24.64 9.82 -19.63
C ILE F 130 23.58 9.61 -20.67
N ILE F 131 23.38 8.35 -21.05
CA ILE F 131 22.42 8.04 -22.06
C ILE F 131 21.04 8.41 -21.59
N TYR F 132 20.70 8.09 -20.34
CA TYR F 132 19.37 8.45 -19.89
C TYR F 132 19.17 9.95 -19.92
N GLY F 133 20.17 10.73 -19.53
CA GLY F 133 20.03 12.17 -19.57
C GLY F 133 19.80 12.67 -21.00
N LEU F 134 20.51 12.10 -21.96
CA LEU F 134 20.33 12.53 -23.33
C LEU F 134 18.96 12.19 -23.85
N LEU F 135 18.43 11.03 -23.47
CA LEU F 135 17.12 10.66 -23.93
C LEU F 135 16.07 11.61 -23.40
N GLU F 136 16.20 12.01 -22.14
CA GLU F 136 15.26 12.95 -21.55
C GLU F 136 15.30 14.29 -22.24
N GLU F 137 16.49 14.77 -22.56
CA GLU F 137 16.55 16.07 -23.21
C GLU F 137 15.96 16.01 -24.60
N SER F 138 16.22 14.92 -25.31
CA SER F 138 15.70 14.85 -26.66
C SER F 138 14.20 14.87 -26.64
N GLN F 139 13.57 14.14 -25.73
CA GLN F 139 12.12 14.17 -25.75
C GLN F 139 11.57 15.54 -25.41
N ASN F 140 12.20 16.28 -24.50
CA ASN F 140 11.65 17.59 -24.23
C ASN F 140 11.72 18.48 -25.45
N GLN F 141 12.79 18.35 -26.24
CA GLN F 141 12.87 19.19 -27.42
C GLN F 141 11.79 18.81 -28.41
N GLN F 142 11.50 17.52 -28.50
CA GLN F 142 10.50 17.05 -29.41
C GLN F 142 9.11 17.49 -29.00
N GLU F 143 8.80 17.48 -27.71
CA GLU F 143 7.46 17.91 -27.33
C GLU F 143 7.25 19.36 -27.65
N LYS F 144 8.23 20.22 -27.39
CA LYS F 144 7.96 21.66 -27.62
C LYS F 144 7.78 21.88 -29.12
N ASN F 145 8.67 21.33 -29.94
CA ASN F 145 8.59 21.55 -31.41
C ASN F 145 7.21 21.11 -31.90
N GLU F 146 6.75 19.93 -31.49
CA GLU F 146 5.45 19.41 -31.99
C GLU F 146 4.34 20.40 -31.65
N GLN F 147 4.33 20.91 -30.42
CA GLN F 147 3.26 21.85 -30.00
C GLN F 147 3.32 23.06 -30.93
N ASP F 148 4.50 23.59 -31.18
CA ASP F 148 4.62 24.83 -32.00
C ASP F 148 4.36 24.54 -33.47
N LEU F 149 3.91 23.33 -33.81
CA LEU F 149 3.60 22.95 -35.21
C LEU F 149 2.11 22.70 -35.33
N LEU F 150 1.46 22.38 -34.21
CA LEU F 150 -0.01 22.18 -34.21
C LEU F 150 -0.67 23.54 -33.94
N ALA F 151 0.14 24.55 -33.64
CA ALA F 151 -0.40 25.91 -33.40
C ALA F 151 -0.95 26.44 -34.72
N GLU G 1 29.25 -22.40 -51.91
CA GLU G 1 28.74 -21.69 -53.09
C GLU G 1 27.25 -21.38 -52.91
N VAL G 2 26.89 -20.09 -53.09
CA VAL G 2 25.52 -19.58 -53.06
C VAL G 2 24.85 -19.70 -54.40
N GLN G 3 23.68 -20.29 -54.39
CA GLN G 3 22.94 -20.45 -55.61
C GLN G 3 21.53 -19.97 -55.43
N LEU G 4 21.04 -19.35 -56.49
CA LEU G 4 19.67 -18.92 -56.58
C LEU G 4 19.21 -19.47 -57.91
N VAL G 5 18.18 -20.29 -57.90
CA VAL G 5 17.75 -20.89 -59.15
C VAL G 5 16.31 -20.65 -59.45
N GLU G 6 16.05 -19.93 -60.53
CA GLU G 6 14.69 -19.69 -60.91
C GLU G 6 14.13 -20.92 -61.58
N THR G 7 12.92 -21.26 -61.23
CA THR G 7 12.18 -22.37 -61.79
C THR G 7 10.80 -21.84 -62.13
N GLY G 8 10.76 -20.86 -63.01
CA GLY G 8 9.54 -20.13 -63.30
C GLY G 8 8.76 -20.63 -64.49
N GLY G 9 7.89 -19.76 -65.01
CA GLY G 9 7.02 -20.09 -66.12
C GLY G 9 7.63 -19.73 -67.46
N GLY G 10 6.80 -19.70 -68.49
CA GLY G 10 7.25 -19.42 -69.85
C GLY G 10 6.43 -18.35 -70.56
N LEU G 11 5.78 -18.77 -71.64
CA LEU G 11 4.98 -17.91 -72.49
C LEU G 11 3.51 -17.94 -72.14
N VAL G 12 2.99 -16.74 -71.89
CA VAL G 12 1.62 -16.48 -71.51
C VAL G 12 0.93 -15.39 -72.33
N GLN G 13 -0.39 -15.35 -72.20
CA GLN G 13 -1.19 -14.36 -72.91
C GLN G 13 -1.42 -13.13 -72.05
N PRO G 14 -1.57 -11.93 -72.64
CA PRO G 14 -1.84 -10.70 -71.96
C PRO G 14 -3.09 -10.80 -71.14
N GLY G 15 -3.03 -10.21 -69.97
CA GLY G 15 -4.16 -10.15 -69.07
C GLY G 15 -4.30 -11.35 -68.13
N GLY G 16 -3.47 -12.38 -68.32
CA GLY G 16 -3.59 -13.57 -67.49
C GLY G 16 -2.66 -13.50 -66.28
N SER G 17 -2.08 -14.63 -65.91
CA SER G 17 -1.19 -14.62 -64.77
C SER G 17 -0.08 -15.63 -64.93
N LEU G 18 1.05 -15.34 -64.29
CA LEU G 18 2.20 -16.23 -64.29
C LEU G 18 2.90 -16.20 -62.96
N LYS G 19 3.29 -17.36 -62.46
CA LYS G 19 4.00 -17.38 -61.20
C LYS G 19 5.44 -17.83 -61.36
N LEU G 20 6.32 -17.10 -60.70
CA LEU G 20 7.73 -17.41 -60.63
C LEU G 20 8.07 -17.91 -59.27
N SER G 21 9.08 -18.73 -59.21
CA SER G 21 9.62 -19.15 -57.95
C SER G 21 11.12 -19.33 -58.14
N CYS G 22 11.87 -19.25 -57.03
CA CYS G 22 13.32 -19.36 -56.94
C CYS G 22 13.72 -20.16 -55.71
N ARG G 23 14.54 -21.16 -55.93
CA ARG G 23 15.01 -21.98 -54.84
C ARG G 23 16.37 -21.48 -54.45
N ALA G 24 16.70 -21.56 -53.18
CA ALA G 24 18.00 -21.08 -52.79
C ALA G 24 18.74 -22.01 -51.86
N SER G 25 20.05 -21.95 -51.95
CA SER G 25 20.93 -22.74 -51.09
C SER G 25 22.33 -22.12 -50.94
N GLY G 26 23.08 -22.62 -49.95
CA GLY G 26 24.47 -22.20 -49.74
C GLY G 26 24.65 -21.07 -48.73
N TYR G 27 23.55 -20.60 -48.16
CA TYR G 27 23.56 -19.52 -47.20
C TYR G 27 22.32 -19.64 -46.34
N THR G 28 22.27 -18.92 -45.24
CA THR G 28 21.04 -19.00 -44.49
C THR G 28 20.03 -18.14 -45.21
N PHE G 29 18.99 -18.76 -45.71
CA PHE G 29 17.98 -18.08 -46.51
C PHE G 29 17.32 -16.97 -45.73
N SER G 30 16.95 -17.33 -44.52
CA SER G 30 16.24 -16.46 -43.59
C SER G 30 17.06 -15.28 -43.10
N SER G 31 18.35 -15.21 -43.39
CA SER G 31 19.14 -14.07 -42.93
C SER G 31 19.12 -12.91 -43.91
N PHE G 32 18.59 -13.13 -45.12
CA PHE G 32 18.64 -12.07 -46.12
C PHE G 32 17.33 -11.68 -46.75
N ALA G 33 17.23 -10.39 -47.00
CA ALA G 33 16.12 -9.83 -47.77
C ALA G 33 16.36 -10.20 -49.20
N MET G 34 15.30 -10.30 -49.97
CA MET G 34 15.43 -10.65 -51.37
C MET G 34 14.58 -9.79 -52.25
N SER G 35 14.93 -9.76 -53.51
CA SER G 35 14.19 -8.95 -54.44
C SER G 35 14.16 -9.54 -55.82
N TRP G 36 13.30 -9.00 -56.64
CA TRP G 36 13.29 -9.36 -58.04
C TRP G 36 13.72 -8.15 -58.84
N VAL G 37 14.60 -8.39 -59.80
CA VAL G 37 15.10 -7.37 -60.71
C VAL G 37 14.78 -7.80 -62.12
N ARG G 38 14.23 -6.91 -62.90
CA ARG G 38 13.83 -7.24 -64.24
C ARG G 38 14.74 -6.69 -65.33
N GLN G 39 14.91 -7.46 -66.40
CA GLN G 39 15.65 -6.99 -67.55
C GLN G 39 15.05 -7.39 -68.88
N ALA G 40 14.46 -6.45 -69.58
CA ALA G 40 13.89 -6.77 -70.88
C ALA G 40 15.08 -7.11 -71.75
N PRO G 41 14.97 -7.95 -72.79
CA PRO G 41 16.08 -8.34 -73.66
C PRO G 41 16.93 -7.21 -74.23
N GLY G 42 16.33 -6.05 -74.51
CA GLY G 42 17.10 -4.93 -75.07
C GLY G 42 17.35 -3.79 -74.08
N LYS G 43 17.07 -4.02 -72.81
CA LYS G 43 17.15 -2.98 -71.79
C LYS G 43 18.13 -3.23 -70.66
N GLY G 44 18.24 -2.23 -69.78
CA GLY G 44 19.08 -2.34 -68.61
C GLY G 44 18.27 -2.96 -67.49
N LEU G 45 18.74 -2.83 -66.26
CA LEU G 45 18.08 -3.48 -65.15
C LEU G 45 17.04 -2.57 -64.51
N GLU G 46 15.95 -3.15 -64.01
CA GLU G 46 14.94 -2.40 -63.29
C GLU G 46 14.55 -3.08 -61.98
N TRP G 47 14.48 -2.35 -60.90
CA TRP G 47 14.05 -3.02 -59.68
C TRP G 47 12.55 -3.22 -59.73
N VAL G 48 12.06 -4.39 -59.33
CA VAL G 48 10.63 -4.63 -59.33
C VAL G 48 10.02 -4.76 -57.94
N SER G 49 10.58 -5.64 -57.14
CA SER G 49 9.99 -5.84 -55.81
C SER G 49 10.98 -6.29 -54.77
N LEU G 50 10.68 -5.96 -53.52
CA LEU G 50 11.52 -6.29 -52.37
C LEU G 50 10.77 -6.88 -51.21
N ILE G 51 11.30 -7.97 -50.66
CA ILE G 51 10.70 -8.58 -49.50
C ILE G 51 11.70 -8.78 -48.38
N ASN G 52 11.22 -8.45 -47.17
CA ASN G 52 12.05 -8.57 -45.94
C ASN G 52 12.33 -10.03 -45.68
N ASP G 53 13.38 -10.32 -44.92
CA ASP G 53 13.81 -11.66 -44.57
C ASP G 53 12.81 -12.47 -43.72
N ARG G 54 11.93 -11.80 -42.99
CA ARG G 54 10.91 -12.52 -42.19
C ARG G 54 9.60 -12.62 -42.98
N GLY G 55 9.54 -11.95 -44.13
CA GLY G 55 8.36 -11.97 -44.99
C GLY G 55 7.28 -10.93 -44.67
N GLY G 56 7.46 -10.14 -43.62
CA GLY G 56 6.46 -9.17 -43.19
C GLY G 56 6.32 -7.87 -44.00
N LEU G 57 7.44 -7.39 -44.56
CA LEU G 57 7.39 -6.08 -45.24
C LEU G 57 7.68 -6.23 -46.73
N THR G 58 6.81 -5.75 -47.61
CA THR G 58 7.02 -5.78 -49.03
C THR G 58 6.94 -4.42 -49.65
N PHE G 59 7.73 -4.21 -50.70
CA PHE G 59 7.75 -2.96 -51.42
C PHE G 59 7.72 -3.22 -52.90
N TYR G 60 7.07 -2.35 -53.67
CA TYR G 60 7.03 -2.53 -55.11
C TYR G 60 7.33 -1.29 -55.90
N VAL G 61 7.87 -1.48 -57.09
CA VAL G 61 7.97 -0.39 -58.02
C VAL G 61 6.54 -0.02 -58.32
N ASP G 62 6.24 1.26 -58.44
CA ASP G 62 4.86 1.64 -58.63
C ASP G 62 4.17 1.06 -59.86
N SER G 63 4.93 0.76 -60.90
CA SER G 63 4.35 0.24 -62.12
C SER G 63 3.73 -1.16 -62.01
N VAL G 64 4.01 -1.87 -60.92
CA VAL G 64 3.46 -3.21 -60.71
C VAL G 64 2.73 -3.24 -59.38
N LYS G 65 2.59 -2.10 -58.72
CA LYS G 65 2.11 -2.12 -57.36
C LYS G 65 0.77 -2.77 -57.16
N GLY G 66 -0.15 -2.59 -58.09
CA GLY G 66 -1.46 -3.18 -57.93
C GLY G 66 -1.58 -4.53 -58.63
N ARG G 67 -0.48 -5.05 -59.16
CA ARG G 67 -0.55 -6.27 -59.93
C ARG G 67 0.30 -7.42 -59.42
N PHE G 68 1.42 -7.13 -58.77
CA PHE G 68 2.32 -8.20 -58.35
C PHE G 68 2.28 -8.49 -56.85
N THR G 69 2.42 -9.75 -56.50
CA THR G 69 2.57 -10.14 -55.10
C THR G 69 3.90 -10.86 -54.87
N ILE G 70 4.67 -10.39 -53.90
CA ILE G 70 5.96 -11.03 -53.60
C ILE G 70 5.82 -11.76 -52.29
N SER G 71 6.32 -12.98 -52.25
CA SER G 71 6.23 -13.72 -51.03
C SER G 71 7.48 -14.50 -50.70
N ARG G 72 7.44 -15.17 -49.57
CA ARG G 72 8.57 -15.90 -49.03
C ARG G 72 8.19 -17.10 -48.19
N ASP G 73 8.98 -18.15 -48.31
CA ASP G 73 8.85 -19.32 -47.50
C ASP G 73 10.20 -19.73 -46.93
N ASN G 74 10.39 -19.49 -45.64
CA ASN G 74 11.70 -19.75 -45.05
C ASN G 74 11.91 -21.22 -44.68
N SER G 75 10.88 -22.05 -44.84
CA SER G 75 11.03 -23.45 -44.51
C SER G 75 11.52 -24.18 -45.74
N LYS G 76 11.12 -23.68 -46.91
CA LYS G 76 11.48 -24.29 -48.17
C LYS G 76 12.55 -23.54 -48.94
N ASN G 77 13.13 -22.53 -48.32
CA ASN G 77 14.16 -21.72 -48.94
C ASN G 77 13.69 -21.23 -50.30
N THR G 78 12.46 -20.74 -50.33
CA THR G 78 11.87 -20.32 -51.59
C THR G 78 11.32 -18.90 -51.62
N LEU G 79 11.68 -18.21 -52.68
CA LEU G 79 11.22 -16.87 -52.98
C LEU G 79 10.20 -16.98 -54.09
N SER G 80 9.12 -16.22 -54.06
CA SER G 80 8.18 -16.31 -55.17
C SER G 80 7.53 -14.99 -55.56
N LEU G 81 7.05 -14.93 -56.79
CA LEU G 81 6.38 -13.75 -57.31
C LEU G 81 5.18 -14.12 -58.17
N GLN G 82 4.02 -13.61 -57.82
CA GLN G 82 2.82 -13.88 -58.59
C GLN G 82 2.43 -12.65 -59.37
N MET G 83 2.46 -12.76 -60.69
CA MET G 83 2.14 -11.59 -61.50
C MET G 83 0.76 -11.71 -62.11
N HIS G 84 -0.02 -10.63 -62.01
CA HIS G 84 -1.33 -10.59 -62.61
C HIS G 84 -1.49 -9.49 -63.65
N SER G 85 -2.39 -9.75 -64.59
CA SER G 85 -2.80 -8.87 -65.66
C SER G 85 -1.74 -8.69 -66.72
N LEU G 86 -0.67 -9.46 -66.59
CA LEU G 86 0.41 -9.59 -67.55
C LEU G 86 0.39 -8.58 -68.68
N ARG G 87 1.09 -7.49 -68.51
CA ARG G 87 1.11 -6.48 -69.55
C ARG G 87 2.12 -6.93 -70.58
N ASP G 88 2.01 -6.46 -71.81
CA ASP G 88 2.99 -6.84 -72.83
C ASP G 88 4.37 -6.31 -72.44
N GLY G 89 4.34 -5.19 -71.74
CA GLY G 89 5.50 -4.49 -71.25
C GLY G 89 6.21 -5.24 -70.12
N ASP G 90 5.63 -6.34 -69.65
CA ASP G 90 6.25 -7.11 -68.60
C ASP G 90 7.15 -8.21 -69.17
N THR G 91 7.29 -8.29 -70.50
CA THR G 91 8.18 -9.31 -71.04
C THR G 91 9.59 -8.95 -70.66
N ALA G 92 10.25 -9.88 -69.98
CA ALA G 92 11.59 -9.63 -69.49
C ALA G 92 12.18 -10.84 -68.81
N VAL G 93 13.46 -10.75 -68.54
CA VAL G 93 14.09 -11.71 -67.67
C VAL G 93 13.90 -11.27 -66.22
N TYR G 94 13.46 -12.17 -65.37
CA TYR G 94 13.27 -11.87 -63.97
C TYR G 94 14.30 -12.56 -63.12
N TYR G 95 15.15 -11.78 -62.49
CA TYR G 95 16.22 -12.34 -61.70
C TYR G 95 15.88 -12.36 -60.23
N CYS G 96 16.23 -13.46 -59.58
CA CYS G 96 16.17 -13.70 -58.14
C CYS G 96 17.45 -13.08 -57.59
N ALA G 97 17.33 -12.18 -56.63
CA ALA G 97 18.54 -11.57 -56.10
C ALA G 97 18.48 -11.47 -54.60
N THR G 98 19.64 -11.61 -53.99
CA THR G 98 19.78 -11.52 -52.55
C THR G 98 20.41 -10.21 -52.19
N GLY G 99 19.75 -9.46 -51.32
CA GLY G 99 20.20 -8.15 -50.90
C GLY G 99 19.07 -7.14 -51.06
N GLY G 100 19.42 -5.87 -51.01
CA GLY G 100 18.46 -4.78 -51.11
C GLY G 100 17.90 -4.25 -49.77
N MET G 101 18.11 -4.95 -48.67
CA MET G 101 17.59 -4.48 -47.38
C MET G 101 18.17 -5.27 -46.22
N SER G 102 18.16 -4.67 -45.03
CA SER G 102 18.61 -5.31 -43.79
C SER G 102 17.58 -5.13 -42.69
N SER G 103 17.89 -5.59 -41.48
CA SER G 103 16.87 -5.58 -40.40
C SER G 103 17.23 -4.73 -39.18
N ALA G 104 17.86 -3.57 -39.33
CA ALA G 104 18.08 -2.63 -38.20
C ALA G 104 19.04 -3.10 -37.11
N LEU G 105 19.31 -4.41 -36.96
CA LEU G 105 20.29 -4.92 -36.00
C LEU G 105 21.47 -5.51 -36.74
N GLN G 106 21.39 -5.42 -38.05
CA GLN G 106 22.38 -5.91 -39.00
C GLN G 106 23.03 -4.78 -39.71
N SER G 107 24.19 -5.02 -40.28
CA SER G 107 24.80 -4.01 -41.10
C SER G 107 23.87 -3.81 -42.27
N SER G 108 23.82 -2.59 -42.78
CA SER G 108 22.97 -2.26 -43.89
C SER G 108 23.48 -2.83 -45.19
N LYS G 109 22.58 -2.90 -46.17
CA LYS G 109 22.92 -3.35 -47.50
C LYS G 109 22.73 -2.29 -48.53
N TYR G 110 21.53 -2.17 -49.10
CA TYR G 110 21.19 -1.19 -50.17
C TYR G 110 21.92 -1.53 -51.46
N TYR G 111 22.31 -2.80 -51.67
CA TYR G 111 22.92 -3.28 -52.90
C TYR G 111 22.61 -4.76 -52.97
N PHE G 112 22.81 -5.39 -54.12
CA PHE G 112 22.53 -6.82 -54.24
C PHE G 112 23.82 -7.63 -54.24
N ASP G 113 23.90 -8.68 -53.41
CA ASP G 113 25.09 -9.53 -53.34
C ASP G 113 25.08 -10.73 -54.28
N PHE G 114 23.92 -11.35 -54.44
CA PHE G 114 23.89 -12.57 -55.25
C PHE G 114 22.79 -12.55 -56.27
N TRP G 115 23.03 -13.16 -57.41
CA TRP G 115 22.04 -13.24 -58.47
C TRP G 115 21.83 -14.65 -58.96
N GLY G 116 20.61 -14.94 -59.40
CA GLY G 116 20.26 -16.21 -60.03
C GLY G 116 20.51 -16.11 -61.52
N GLN G 117 19.90 -16.98 -62.30
CA GLN G 117 20.19 -16.99 -63.74
C GLN G 117 19.21 -16.16 -64.51
N GLY G 118 18.01 -16.10 -63.99
CA GLY G 118 16.92 -15.33 -64.56
C GLY G 118 15.90 -16.15 -65.34
N ALA G 119 14.63 -15.96 -65.00
CA ALA G 119 13.56 -16.66 -65.69
C ALA G 119 13.11 -15.81 -66.83
N LEU G 120 12.79 -16.38 -67.99
CA LEU G 120 12.28 -15.52 -69.03
C LEU G 120 10.79 -15.61 -69.14
N VAL G 121 10.16 -14.48 -68.93
CA VAL G 121 8.72 -14.37 -68.95
C VAL G 121 8.28 -13.63 -70.18
N THR G 122 7.45 -14.28 -70.99
CA THR G 122 7.01 -13.62 -72.20
C THR G 122 5.52 -13.48 -72.27
N VAL G 123 5.08 -12.28 -72.60
CA VAL G 123 3.67 -12.00 -72.72
C VAL G 123 3.36 -11.61 -74.18
N SER G 124 2.43 -12.35 -74.84
CA SER G 124 2.03 -12.16 -76.26
C SER G 124 0.99 -11.01 -76.46
N ALA H 1 16.80 6.07 -65.44
CA ALA H 1 16.79 6.89 -64.23
C ALA H 1 18.15 7.59 -64.05
N LEU H 2 19.26 6.82 -63.96
CA LEU H 2 20.63 7.31 -63.81
C LEU H 2 21.26 7.42 -65.17
N THR H 3 22.14 8.38 -65.36
CA THR H 3 22.79 8.48 -66.65
C THR H 3 24.21 8.01 -66.62
N GLN H 4 24.54 7.08 -67.47
CA GLN H 4 25.90 6.60 -67.54
C GLN H 4 26.13 6.51 -69.02
N PRO H 5 27.35 6.71 -69.52
CA PRO H 5 27.65 6.71 -70.92
C PRO H 5 27.69 5.34 -71.56
N PRO H 6 27.40 5.24 -72.85
CA PRO H 6 27.64 4.09 -73.68
C PRO H 6 29.08 4.08 -74.13
N SER H 7 29.54 2.94 -74.59
CA SER H 7 30.80 2.81 -75.32
C SER H 7 32.08 3.36 -74.71
N VAL H 8 32.29 3.09 -73.45
CA VAL H 8 33.54 3.46 -72.79
C VAL H 8 34.55 2.45 -73.28
N SER H 9 35.75 2.89 -73.64
CA SER H 9 36.72 1.95 -74.16
C SER H 9 38.16 2.36 -73.93
N GLY H 10 39.04 1.41 -74.12
CA GLY H 10 40.50 1.64 -74.06
C GLY H 10 41.25 0.34 -74.30
N SER H 11 42.56 0.45 -74.54
CA SER H 11 43.42 -0.69 -74.80
C SER H 11 43.83 -1.38 -73.53
N PRO H 12 44.25 -2.65 -73.57
CA PRO H 12 44.72 -3.35 -72.40
C PRO H 12 45.82 -2.54 -71.76
N GLY H 13 45.75 -2.43 -70.46
CA GLY H 13 46.73 -1.68 -69.69
C GLY H 13 46.35 -0.21 -69.48
N GLN H 14 45.36 0.28 -70.21
CA GLN H 14 44.95 1.67 -70.06
C GLN H 14 43.80 1.71 -69.09
N SER H 15 43.71 2.77 -68.30
CA SER H 15 42.57 2.88 -67.43
C SER H 15 41.39 3.44 -68.19
N VAL H 16 40.19 3.16 -67.69
CA VAL H 16 38.97 3.74 -68.22
C VAL H 16 38.08 4.23 -67.11
N THR H 17 37.26 5.22 -67.39
CA THR H 17 36.32 5.66 -66.38
C THR H 17 34.89 5.61 -66.88
N ILE H 18 34.05 4.99 -66.09
CA ILE H 18 32.65 4.91 -66.41
C ILE H 18 31.90 5.80 -65.41
N SER H 19 31.34 6.89 -65.89
CA SER H 19 30.64 7.80 -64.98
C SER H 19 29.18 7.38 -64.79
N CYS H 20 28.51 7.94 -63.75
CA CYS H 20 27.10 7.76 -63.41
C CYS H 20 26.53 9.01 -62.74
N THR H 21 25.73 9.76 -63.46
CA THR H 21 25.20 10.99 -62.90
C THR H 21 23.73 10.86 -62.57
N GLY H 22 23.40 11.18 -61.34
CA GLY H 22 22.04 11.14 -60.83
C GLY H 22 21.61 12.51 -60.40
N THR H 23 20.77 12.54 -59.39
CA THR H 23 20.22 13.79 -58.86
C THR H 23 20.56 14.01 -57.41
N SER H 24 20.05 15.11 -56.84
CA SER H 24 20.35 15.43 -55.46
C SER H 24 19.70 14.45 -54.49
N SER H 25 18.42 14.13 -54.68
CA SER H 25 17.75 13.15 -53.81
C SER H 25 17.97 11.75 -54.36
N ASP H 26 19.23 11.43 -54.51
CA ASP H 26 19.75 10.22 -55.07
C ASP H 26 21.20 10.04 -54.68
N ILE H 27 22.10 10.19 -55.64
CA ILE H 27 23.52 10.09 -55.40
C ILE H 27 23.95 11.21 -54.46
N GLY H 28 23.39 12.39 -54.62
CA GLY H 28 23.75 13.49 -53.76
C GLY H 28 23.31 13.31 -52.29
N SER H 29 22.37 12.39 -52.01
CA SER H 29 21.90 12.20 -50.63
C SER H 29 22.33 10.90 -49.99
N TYR H 30 22.53 9.85 -50.78
CA TYR H 30 22.84 8.58 -50.17
C TYR H 30 24.13 7.94 -50.64
N ASN H 31 24.93 7.46 -49.72
CA ASN H 31 26.15 6.79 -50.12
C ASN H 31 25.91 5.29 -50.31
N TYR H 32 24.97 4.97 -51.15
CA TYR H 32 24.65 3.59 -51.42
C TYR H 32 24.60 3.38 -52.90
N VAL H 33 25.76 3.39 -53.50
CA VAL H 33 25.89 3.28 -54.93
C VAL H 33 26.61 1.99 -55.20
N SER H 34 26.16 1.27 -56.19
CA SER H 34 26.82 0.04 -56.52
C SER H 34 26.94 -0.11 -58.01
N TRP H 35 27.87 -0.97 -58.40
CA TRP H 35 28.10 -1.27 -59.80
C TRP H 35 28.05 -2.76 -60.04
N TYR H 36 27.48 -3.14 -61.16
CA TYR H 36 27.39 -4.53 -61.55
C TYR H 36 27.97 -4.77 -62.92
N GLN H 37 28.56 -5.94 -63.09
CA GLN H 37 29.17 -6.34 -64.35
C GLN H 37 28.43 -7.47 -65.03
N GLN H 38 27.85 -7.20 -66.20
CA GLN H 38 27.10 -8.22 -66.90
C GLN H 38 27.74 -8.69 -68.19
N HIS H 39 28.26 -9.90 -68.18
CA HIS H 39 28.84 -10.41 -69.39
C HIS H 39 27.64 -10.85 -70.20
N PRO H 40 27.64 -10.78 -71.51
CA PRO H 40 26.52 -11.21 -72.30
C PRO H 40 26.17 -12.64 -71.96
N GLY H 41 24.88 -12.89 -71.78
CA GLY H 41 24.39 -14.23 -71.46
C GLY H 41 24.41 -14.58 -69.97
N LYS H 42 24.92 -13.69 -69.14
CA LYS H 42 25.04 -13.95 -67.71
C LYS H 42 24.28 -12.96 -66.84
N ALA H 43 23.95 -13.40 -65.63
CA ALA H 43 23.35 -12.51 -64.67
C ALA H 43 24.43 -11.51 -64.23
N PRO H 44 24.10 -10.28 -63.83
CA PRO H 44 25.04 -9.30 -63.34
C PRO H 44 25.80 -9.76 -62.11
N LYS H 45 27.08 -9.40 -62.01
CA LYS H 45 27.90 -9.69 -60.85
C LYS H 45 28.15 -8.41 -60.07
N LEU H 46 28.16 -8.47 -58.74
CA LEU H 46 28.49 -7.26 -57.99
C LEU H 46 29.96 -6.95 -58.02
N MET H 47 30.32 -5.73 -58.36
CA MET H 47 31.72 -5.35 -58.38
C MET H 47 32.05 -4.34 -57.30
N ILE H 48 31.16 -3.35 -57.15
CA ILE H 48 31.33 -2.24 -56.20
C ILE H 48 30.05 -1.99 -55.42
N TYR H 49 30.17 -1.65 -54.15
CA TYR H 49 29.01 -1.31 -53.34
C TYR H 49 29.34 -0.21 -52.33
N ASP H 50 28.32 0.47 -51.82
CA ASP H 50 28.55 1.55 -50.85
C ASP H 50 29.57 2.54 -51.37
N VAL H 51 29.44 2.85 -52.66
CA VAL H 51 30.22 3.79 -53.44
C VAL H 51 31.65 3.31 -53.71
N THR H 52 32.42 3.04 -52.65
CA THR H 52 33.83 2.69 -52.78
C THR H 52 34.26 1.27 -52.41
N GLN H 53 33.39 0.41 -51.93
CA GLN H 53 33.83 -0.88 -51.44
C GLN H 53 33.74 -1.96 -52.48
N ARG H 54 34.55 -2.99 -52.36
CA ARG H 54 34.44 -4.09 -53.28
C ARG H 54 34.25 -5.35 -52.46
N PRO H 55 33.53 -6.35 -52.94
CA PRO H 55 33.33 -7.61 -52.29
C PRO H 55 34.56 -8.46 -52.39
N SER H 56 34.68 -9.41 -51.50
CA SER H 56 35.73 -10.37 -51.66
C SER H 56 35.39 -11.09 -52.94
N GLY H 57 36.38 -11.51 -53.69
CA GLY H 57 36.11 -12.22 -54.92
C GLY H 57 36.35 -11.38 -56.17
N VAL H 58 36.56 -10.07 -56.02
CA VAL H 58 36.88 -9.30 -57.22
C VAL H 58 38.21 -8.64 -57.01
N SER H 59 38.83 -8.24 -58.12
CA SER H 59 40.13 -7.60 -58.09
C SER H 59 40.07 -6.16 -57.64
N ASP H 60 41.24 -5.65 -57.31
CA ASP H 60 41.40 -4.29 -56.85
C ASP H 60 41.67 -3.35 -57.98
N ARG H 61 41.47 -3.84 -59.19
CA ARG H 61 41.60 -3.03 -60.37
C ARG H 61 40.32 -2.22 -60.51
N PHE H 62 39.28 -2.60 -59.77
CA PHE H 62 37.99 -1.92 -59.80
C PHE H 62 37.84 -1.07 -58.56
N SER H 63 37.68 0.23 -58.76
CA SER H 63 37.57 1.16 -57.65
C SER H 63 36.52 2.25 -57.86
N GLY H 64 35.61 2.39 -56.91
CA GLY H 64 34.55 3.39 -57.02
C GLY H 64 34.90 4.70 -56.33
N SER H 65 34.21 5.76 -56.73
CA SER H 65 34.33 7.07 -56.10
C SER H 65 33.13 7.95 -56.43
N LYS H 66 32.99 9.10 -55.75
CA LYS H 66 31.92 10.03 -56.10
C LYS H 66 32.21 11.48 -55.70
N SER H 67 31.51 12.40 -56.36
CA SER H 67 31.50 13.81 -56.03
C SER H 67 30.19 14.44 -56.48
N GLY H 68 29.60 15.29 -55.65
CA GLY H 68 28.34 15.92 -56.05
C GLY H 68 27.29 14.85 -56.30
N ASN H 69 26.66 14.90 -57.48
CA ASN H 69 25.63 13.94 -57.83
C ASN H 69 26.18 12.91 -58.80
N THR H 70 27.50 12.85 -58.94
CA THR H 70 28.11 11.90 -59.87
C THR H 70 29.00 10.88 -59.22
N ALA H 71 28.74 9.64 -59.57
CA ALA H 71 29.50 8.51 -59.10
C ALA H 71 30.26 7.96 -60.28
N SER H 72 31.39 7.33 -60.02
CA SER H 72 32.09 6.71 -61.13
C SER H 72 32.85 5.47 -60.74
N LEU H 73 33.10 4.64 -61.74
CA LEU H 73 33.89 3.44 -61.64
C LEU H 73 35.16 3.54 -62.45
N THR H 74 36.28 3.34 -61.80
CA THR H 74 37.53 3.38 -62.52
C THR H 74 38.11 2.00 -62.58
N ILE H 75 38.51 1.61 -63.78
CA ILE H 75 39.15 0.32 -63.97
C ILE H 75 40.58 0.66 -64.36
N SER H 76 41.55 0.10 -63.65
CA SER H 76 42.94 0.43 -63.90
C SER H 76 43.62 -0.45 -64.97
N GLY H 77 44.22 -1.55 -64.59
CA GLY H 77 44.91 -2.41 -65.54
C GLY H 77 43.93 -3.20 -66.38
N LEU H 78 43.28 -2.53 -67.31
CA LEU H 78 42.21 -3.09 -68.14
C LEU H 78 42.65 -4.34 -68.86
N GLN H 79 41.82 -5.37 -68.73
CA GLN H 79 42.05 -6.66 -69.33
C GLN H 79 41.03 -6.97 -70.40
N ALA H 80 41.35 -7.88 -71.30
CA ALA H 80 40.38 -8.32 -72.32
C ALA H 80 39.13 -8.89 -71.69
N ASP H 81 39.29 -9.52 -70.55
CA ASP H 81 38.21 -10.18 -69.85
C ASP H 81 37.26 -9.21 -69.18
N ASP H 82 37.55 -7.92 -69.24
CA ASP H 82 36.67 -6.95 -68.62
C ASP H 82 35.52 -6.57 -69.55
N GLU H 83 35.53 -7.03 -70.80
CA GLU H 83 34.41 -6.62 -71.66
C GLU H 83 33.09 -7.07 -71.04
N ALA H 84 32.20 -6.11 -70.84
CA ALA H 84 30.91 -6.37 -70.20
C ALA H 84 30.03 -5.15 -70.25
N ASP H 85 28.75 -5.34 -69.97
CA ASP H 85 27.86 -4.21 -69.78
C ASP H 85 27.86 -3.83 -68.32
N TYR H 86 28.35 -2.65 -68.01
CA TYR H 86 28.41 -2.24 -66.63
C TYR H 86 27.22 -1.38 -66.29
N TYR H 87 26.68 -1.58 -65.11
CA TYR H 87 25.53 -0.80 -64.68
C TYR H 87 25.79 -0.18 -63.34
N CYS H 88 25.28 1.05 -63.12
CA CYS H 88 25.29 1.72 -61.84
C CYS H 88 23.88 1.70 -61.32
N SER H 89 23.78 1.68 -60.01
CA SER H 89 22.51 1.78 -59.37
C SER H 89 22.69 2.51 -58.08
N ALA H 90 21.60 3.02 -57.56
CA ALA H 90 21.68 3.69 -56.29
C ALA H 90 20.40 3.60 -55.52
N TYR H 91 20.56 3.66 -54.21
CA TYR H 91 19.41 3.77 -53.34
C TYR H 91 18.88 5.17 -53.49
N ALA H 92 17.58 5.32 -53.65
CA ALA H 92 17.06 6.66 -53.83
C ALA H 92 15.86 7.01 -52.96
N GLY H 93 15.82 6.50 -51.74
CA GLY H 93 14.73 6.83 -50.84
C GLY H 93 13.81 5.65 -50.58
N ARG H 94 12.76 5.88 -49.79
CA ARG H 94 11.85 4.78 -49.37
C ARG H 94 10.62 4.70 -50.29
N GLN H 95 10.54 5.52 -51.34
CA GLN H 95 9.46 5.49 -52.30
C GLN H 95 9.90 4.84 -53.60
N THR H 96 11.13 5.10 -53.96
CA THR H 96 11.73 4.59 -55.18
C THR H 96 13.03 3.99 -54.74
N PHE H 97 12.94 2.80 -54.18
CA PHE H 97 14.07 2.20 -53.53
C PHE H 97 15.28 2.11 -54.41
N TYR H 98 15.17 1.56 -55.60
CA TYR H 98 16.37 1.51 -56.40
C TYR H 98 16.15 1.97 -57.77
N ILE H 99 17.17 2.62 -58.28
CA ILE H 99 17.17 3.02 -59.64
C ILE H 99 18.45 2.58 -60.31
N PHE H 100 18.40 2.39 -61.62
CA PHE H 100 19.55 1.98 -62.42
C PHE H 100 19.75 2.86 -63.64
N GLY H 101 20.98 2.87 -64.15
CA GLY H 101 21.25 3.53 -65.43
C GLY H 101 21.14 2.51 -66.56
N GLY H 102 21.50 2.90 -67.79
CA GLY H 102 21.46 1.95 -68.89
C GLY H 102 22.78 1.23 -68.83
N GLY H 103 23.07 0.31 -69.73
CA GLY H 103 24.36 -0.35 -69.60
C GLY H 103 25.48 0.36 -70.35
N THR H 104 26.69 0.24 -69.83
CA THR H 104 27.85 0.75 -70.51
C THR H 104 28.59 -0.37 -71.17
N ARG H 105 28.63 -0.36 -72.49
CA ARG H 105 29.33 -1.43 -73.19
C ARG H 105 30.81 -1.15 -73.21
N LEU H 106 31.49 -1.70 -72.21
CA LEU H 106 32.92 -1.48 -72.09
C LEU H 106 33.64 -2.38 -73.05
N THR H 107 34.42 -1.74 -73.92
CA THR H 107 35.18 -2.39 -74.97
C THR H 107 36.68 -2.26 -74.78
N VAL H 108 37.36 -3.38 -74.89
CA VAL H 108 38.80 -3.41 -74.72
C VAL H 108 39.40 -3.42 -76.14
N LEU H 109 40.34 -2.50 -76.41
CA LEU H 109 40.99 -2.25 -77.70
C LEU H 109 42.39 -2.90 -77.78
N ASN I 3 -10.51 30.68 -30.32
CA ASN I 3 -9.15 31.19 -30.50
C ASN I 3 -8.14 30.36 -29.68
N LEU I 4 -8.36 30.21 -28.35
CA LEU I 4 -7.49 29.46 -27.44
C LEU I 4 -8.12 28.15 -27.06
N TRP I 5 -7.27 27.17 -26.78
CA TRP I 5 -7.63 25.80 -26.45
C TRP I 5 -7.02 25.33 -25.16
N VAL I 6 -7.67 24.39 -24.50
CA VAL I 6 -7.13 23.86 -23.26
C VAL I 6 -5.92 22.97 -23.50
N THR I 7 -4.82 23.25 -22.83
CA THR I 7 -3.64 22.39 -22.91
C THR I 7 -3.33 21.88 -21.52
N VAL I 8 -3.12 20.59 -21.46
CA VAL I 8 -2.86 19.90 -20.22
C VAL I 8 -1.38 19.77 -19.99
N TYR I 9 -0.93 20.14 -18.80
CA TYR I 9 0.47 20.04 -18.46
C TYR I 9 0.66 19.18 -17.23
N TYR I 10 1.67 18.31 -17.28
CA TYR I 10 1.94 17.47 -16.12
C TYR I 10 3.38 17.64 -15.67
N GLY I 11 3.57 17.87 -14.38
CA GLY I 11 4.89 18.11 -13.80
C GLY I 11 5.01 19.59 -13.43
N VAL I 12 3.88 20.24 -13.27
CA VAL I 12 3.77 21.64 -12.94
C VAL I 12 4.16 21.91 -11.48
N PRO I 13 5.06 22.87 -11.17
CA PRO I 13 5.54 23.16 -9.83
C PRO I 13 4.55 23.91 -8.94
N VAL I 14 3.48 23.23 -8.61
CA VAL I 14 2.39 23.70 -7.78
C VAL I 14 2.13 22.81 -6.61
N TRP I 15 1.77 23.40 -5.49
CA TRP I 15 1.48 22.64 -4.30
C TRP I 15 0.35 23.22 -3.49
N LYS I 16 -0.20 22.38 -2.63
CA LYS I 16 -1.25 22.73 -1.71
C LYS I 16 -0.90 22.26 -0.32
N ASP I 17 -1.39 22.92 0.70
CA ASP I 17 -1.09 22.49 2.06
C ASP I 17 -1.60 21.10 2.29
N ALA I 18 -0.85 20.28 3.01
CA ALA I 18 -1.35 18.94 3.25
C ALA I 18 -0.82 18.33 4.51
N GLU I 19 -1.55 17.36 5.05
CA GLU I 19 -1.10 16.68 6.23
C GLU I 19 -0.82 15.22 5.97
N THR I 20 0.44 14.86 6.04
CA THR I 20 0.84 13.47 5.80
C THR I 20 1.78 13.06 6.87
N THR I 21 2.18 11.80 6.82
CA THR I 21 3.10 11.18 7.74
C THR I 21 4.54 11.38 7.31
N LEU I 22 5.38 11.89 8.20
CA LEU I 22 6.79 12.15 7.83
C LEU I 22 7.63 10.98 8.36
N PHE I 23 8.75 10.68 7.70
CA PHE I 23 9.59 9.52 8.10
C PHE I 23 10.89 10.01 8.74
N CYS I 24 11.25 9.48 9.91
CA CYS I 24 12.44 9.99 10.64
C CYS I 24 13.73 9.38 10.09
N ALA I 25 14.78 10.19 10.00
CA ALA I 25 16.11 9.70 9.55
C ALA I 25 17.20 10.16 10.52
N SER I 26 18.05 9.26 11.02
CA SER I 26 19.06 9.66 12.03
C SER I 26 20.40 8.99 11.74
N ASP I 27 21.38 9.15 12.65
CA ASP I 27 22.75 8.57 12.48
C ASP I 27 23.07 7.65 13.67
N ASN I 37 19.37 6.33 23.95
CA ASN I 37 19.12 5.09 23.18
C ASN I 37 17.64 5.00 22.84
N VAL I 38 16.78 5.64 23.63
CA VAL I 38 15.31 5.66 23.33
C VAL I 38 15.11 6.35 21.98
N TRP I 39 15.83 7.46 21.75
CA TRP I 39 15.74 8.19 20.45
C TRP I 39 16.61 7.48 19.41
N ALA I 40 16.47 7.85 18.14
CA ALA I 40 17.24 7.19 17.07
C ALA I 40 17.19 5.68 17.30
N THR I 41 15.99 5.12 17.38
CA THR I 41 15.85 3.65 17.51
C THR I 41 16.20 3.01 16.16
N HIS I 42 16.07 1.68 16.06
CA HIS I 42 16.28 1.02 14.75
C HIS I 42 15.19 1.49 13.78
N ALA I 43 14.14 2.12 14.30
CA ALA I 43 13.02 2.61 13.46
C ALA I 43 13.35 3.98 12.87
N CYS I 44 14.47 4.10 12.16
CA CYS I 44 14.92 5.40 11.60
C CYS I 44 15.84 5.15 10.41
N VAL I 45 15.36 5.44 9.19
CA VAL I 45 16.18 5.23 7.95
C VAL I 45 17.56 5.81 8.19
N PRO I 46 18.63 4.99 8.25
CA PRO I 46 19.95 5.50 8.55
C PRO I 46 20.51 6.31 7.38
N THR I 47 20.39 7.63 7.45
CA THR I 47 20.92 8.51 6.38
C THR I 47 21.50 9.79 6.97
N ASP I 48 20.68 10.84 7.03
CA ASP I 48 21.17 12.24 7.00
C ASP I 48 22.25 12.34 5.91
N PRO I 49 21.89 12.31 4.61
CA PRO I 49 22.89 12.27 3.54
C PRO I 49 23.52 13.65 3.30
N ASN I 50 22.86 14.48 2.48
CA ASN I 50 23.21 15.92 2.33
C ASN I 50 21.94 16.72 2.09
N PRO I 51 21.01 16.81 3.06
CA PRO I 51 19.64 17.26 2.81
C PRO I 51 19.61 18.52 1.93
N GLN I 52 19.28 18.34 0.65
CA GLN I 52 19.52 19.38 -0.39
C GLN I 52 18.55 20.54 -0.16
N GLU I 53 19.03 21.76 -0.33
CA GLU I 53 18.18 22.97 -0.16
C GLU I 53 18.15 23.74 -1.47
N ILE I 54 16.95 23.98 -2.02
CA ILE I 54 16.79 24.52 -3.39
C ILE I 54 15.99 25.83 -3.31
N HIS I 55 16.66 26.93 -2.94
CA HIS I 55 15.98 28.23 -2.71
C HIS I 55 14.99 28.53 -3.85
N LEU I 56 13.72 28.77 -3.51
CA LEU I 56 12.61 28.88 -4.48
C LEU I 56 12.54 30.30 -5.06
N GLU I 57 13.47 31.16 -4.67
CA GLU I 57 13.50 32.58 -5.14
C GLU I 57 12.14 33.23 -4.90
N ASN I 58 11.44 33.62 -5.97
CA ASN I 58 10.40 34.68 -5.91
C ASN I 58 9.07 34.12 -5.39
N VAL I 59 9.10 33.20 -4.41
CA VAL I 59 7.89 32.58 -3.81
C VAL I 59 7.63 33.21 -2.43
N THR I 60 6.36 33.46 -2.10
CA THR I 60 5.96 33.97 -0.77
C THR I 60 4.82 33.10 -0.21
N GLU I 61 5.10 32.34 0.85
CA GLU I 61 4.20 31.26 1.32
C GLU I 61 3.63 31.62 2.69
N GLU I 62 2.35 31.33 2.93
CA GLU I 62 1.69 31.69 4.21
C GLU I 62 2.04 30.64 5.27
N PHE I 63 3.17 30.83 5.95
CA PHE I 63 3.60 29.87 7.00
C PHE I 63 2.73 30.07 8.23
N ASN I 64 2.66 29.02 9.07
CA ASN I 64 1.90 29.08 10.34
C ASN I 64 2.46 28.00 11.25
N MET I 65 2.99 28.38 12.41
CA MET I 65 3.08 27.46 13.56
C MET I 65 1.75 27.59 14.33
N TRP I 66 1.59 26.83 15.41
CA TRP I 66 0.30 26.78 16.15
C TRP I 66 -0.81 26.26 15.24
N LYS I 67 -0.43 25.58 14.15
CA LYS I 67 -1.34 24.74 13.33
C LYS I 67 -0.52 23.60 12.74
N ASN I 68 0.78 23.81 12.59
CA ASN I 68 1.69 22.82 11.93
C ASN I 68 1.44 21.46 12.58
N ASN I 69 1.04 20.47 11.77
CA ASN I 69 0.72 19.12 12.31
C ASN I 69 2.03 18.37 12.59
N MET I 70 3.16 18.88 12.09
CA MET I 70 4.46 18.21 12.35
C MET I 70 4.67 18.16 13.85
N VAL I 71 4.26 19.23 14.56
CA VAL I 71 4.35 19.29 16.05
C VAL I 71 3.67 18.06 16.62
N GLU I 72 2.43 17.79 16.19
CA GLU I 72 1.67 16.64 16.75
C GLU I 72 2.38 15.34 16.40
N GLN I 73 2.79 15.14 15.14
CA GLN I 73 3.46 13.86 14.78
C GLN I 73 4.63 13.64 15.71
N MET I 74 5.51 14.64 15.86
CA MET I 74 6.70 14.47 16.73
C MET I 74 6.24 14.12 18.14
N HIS I 75 5.24 14.82 18.66
CA HIS I 75 4.74 14.52 20.03
C HIS I 75 4.41 13.04 20.15
N GLU I 76 3.53 12.54 19.28
CA GLU I 76 3.19 11.09 19.26
C GLU I 76 4.48 10.26 19.20
N ASP I 77 5.25 10.40 18.13
CA ASP I 77 6.54 9.68 17.96
C ASP I 77 7.30 9.63 19.29
N ILE I 78 7.68 10.78 19.83
CA ILE I 78 8.54 10.81 21.04
C ILE I 78 7.86 10.01 22.16
N ILE I 79 6.61 10.33 22.49
CA ILE I 79 5.90 9.59 23.57
C ILE I 79 5.99 8.09 23.27
N SER I 80 5.75 7.70 22.02
CA SER I 80 5.75 6.26 21.64
C SER I 80 7.16 5.66 21.81
N LEU I 81 8.18 6.32 21.25
CA LEU I 81 9.57 5.82 21.36
C LEU I 81 9.89 5.65 22.85
N TRP I 82 9.51 6.63 23.65
CA TRP I 82 9.80 6.59 25.11
C TRP I 82 9.14 5.34 25.71
N ASP I 83 7.86 5.12 25.40
CA ASP I 83 7.21 3.96 25.99
C ASP I 83 7.80 2.66 25.52
N GLN I 84 8.23 2.60 24.27
CA GLN I 84 8.80 1.34 23.80
C GLN I 84 10.07 0.99 24.55
N SER I 85 10.84 1.99 24.97
CA SER I 85 12.09 1.72 25.63
C SER I 85 11.88 1.07 27.00
N LEU I 86 10.66 1.15 27.55
CA LEU I 86 10.40 0.57 28.85
C LEU I 86 9.76 -0.80 28.76
N LYS I 87 9.47 -1.26 27.55
CA LYS I 87 8.79 -2.53 27.43
C LYS I 87 9.55 -3.71 28.01
N PRO I 88 10.87 -3.86 27.84
CA PRO I 88 11.62 -4.96 28.39
C PRO I 88 12.13 -4.79 29.84
N CYS I 89 11.72 -3.73 30.57
CA CYS I 89 12.28 -3.37 31.86
C CYS I 89 11.44 -3.92 33.02
N VAL I 90 12.07 -4.04 34.18
CA VAL I 90 11.48 -4.57 35.41
C VAL I 90 10.38 -3.73 36.03
N LYS I 91 9.27 -4.37 36.38
CA LYS I 91 8.17 -3.68 37.02
C LYS I 91 8.36 -3.71 38.52
N LEU I 92 8.41 -2.54 39.15
CA LEU I 92 8.69 -2.49 40.57
C LEU I 92 7.44 -2.53 41.40
N THR I 93 6.71 -3.60 41.23
CA THR I 93 5.49 -3.80 41.93
C THR I 93 5.65 -4.60 43.21
N PRO I 94 6.62 -5.54 43.34
CA PRO I 94 6.86 -6.29 44.54
C PRO I 94 7.31 -5.38 45.64
N LEU I 95 7.72 -4.18 45.28
CA LEU I 95 8.20 -3.20 46.23
C LEU I 95 7.13 -2.24 46.81
N CYS I 96 5.84 -2.36 46.41
CA CYS I 96 4.75 -1.54 46.93
C CYS I 96 4.28 -2.09 48.27
N VAL I 97 5.12 -1.89 49.26
CA VAL I 97 4.88 -2.37 50.59
C VAL I 97 5.06 -1.25 51.57
N THR I 98 4.66 -1.48 52.82
CA THR I 98 4.89 -0.46 53.88
C THR I 98 6.40 -0.29 54.08
N LEU I 99 6.93 0.92 53.87
CA LEU I 99 8.38 1.17 54.12
C LEU I 99 8.51 1.94 55.43
N GLN I 100 9.07 1.32 56.47
CA GLN I 100 9.31 2.05 57.74
C GLN I 100 10.47 3.03 57.51
N CYS I 101 10.30 4.32 57.86
CA CYS I 101 11.37 5.29 57.53
C CYS I 101 11.84 6.15 58.71
N THR I 102 13.12 6.52 58.76
CA THR I 102 13.75 7.38 59.74
C THR I 102 14.61 8.42 58.99
N ASN I 103 15.30 9.32 59.72
CA ASN I 103 16.15 10.37 59.15
C ASN I 103 17.55 9.79 58.83
N VAL I 104 18.26 10.43 57.87
CA VAL I 104 19.60 10.04 57.45
C VAL I 104 20.69 10.40 58.45
N THR I 105 21.51 9.42 58.80
CA THR I 105 22.57 9.58 59.79
C THR I 105 23.83 10.16 59.20
N ASN I 106 23.75 11.41 58.81
CA ASN I 106 24.86 12.09 58.18
C ASN I 106 24.81 13.59 58.53
N ASN I 107 25.78 14.38 58.01
CA ASN I 107 25.90 15.83 58.19
C ASN I 107 25.07 16.50 57.08
N ILE I 108 23.87 16.96 57.47
CA ILE I 108 22.82 17.50 56.61
C ILE I 108 22.67 18.98 56.81
N THR I 109 22.73 19.73 55.73
CA THR I 109 22.56 21.16 55.85
C THR I 109 21.11 21.52 56.05
N ASP I 110 20.83 22.78 56.36
CA ASP I 110 19.47 23.21 56.65
C ASP I 110 18.53 23.05 55.46
N ASP I 111 19.06 23.24 54.28
CA ASP I 111 18.28 23.19 53.06
C ASP I 111 17.91 21.78 52.68
N MET I 112 18.50 20.82 53.38
CA MET I 112 18.26 19.41 53.15
C MET I 112 17.43 18.71 54.27
N ARG I 113 16.72 19.51 55.11
CA ARG I 113 15.86 19.05 56.20
C ARG I 113 14.43 19.09 55.66
N GLY I 114 15.59 15.34 56.61
CA GLY I 114 14.20 15.59 56.31
C GLY I 114 13.88 15.53 54.80
N GLU I 115 14.82 16.01 53.94
CA GLU I 115 14.74 15.94 52.47
C GLU I 115 14.95 14.50 52.03
N LEU I 116 15.78 13.80 52.78
CA LEU I 116 16.06 12.41 52.51
C LEU I 116 15.56 11.58 53.64
N LYS I 117 15.13 10.38 53.34
CA LYS I 117 14.73 9.42 54.37
C LYS I 117 15.39 8.07 54.18
N ASN I 118 15.78 7.44 55.30
CA ASN I 118 16.39 6.11 55.37
C ASN I 118 15.28 5.08 55.64
N CYS I 119 14.83 4.37 54.58
CA CYS I 119 13.66 3.50 54.61
C CYS I 119 14.02 2.04 54.48
N SER I 120 13.48 1.24 55.38
CA SER I 120 13.69 -0.19 55.34
C SER I 120 12.40 -0.90 55.01
N PHE I 121 12.54 -2.01 54.33
CA PHE I 121 11.39 -2.80 53.95
C PHE I 121 11.74 -4.26 53.68
N ASN I 122 10.69 -5.07 53.65
CA ASN I 122 10.84 -6.51 53.34
C ASN I 122 10.54 -6.69 51.85
N ALA I 123 11.56 -7.02 51.07
CA ALA I 123 11.54 -7.19 49.61
C ALA I 123 11.42 -8.64 49.23
N THR I 124 10.89 -8.89 48.05
CA THR I 124 10.82 -10.23 47.54
C THR I 124 12.17 -10.57 47.02
N THR I 125 12.39 -11.84 46.70
CA THR I 125 13.65 -12.27 46.11
C THR I 125 13.44 -13.33 45.05
N GLU I 126 14.49 -14.00 44.63
CA GLU I 126 14.43 -14.99 43.55
C GLU I 126 13.54 -16.18 43.85
N LEU I 127 13.57 -16.68 45.08
CA LEU I 127 12.78 -17.88 45.44
C LEU I 127 11.53 -17.47 46.23
N ARG I 128 10.37 -18.02 45.90
CA ARG I 128 9.11 -17.65 46.52
C ARG I 128 9.04 -17.78 48.00
N ASN I 129 9.83 -18.65 48.58
CA ASN I 129 9.78 -18.85 50.01
C ASN I 129 10.91 -18.16 50.75
N LYS I 130 11.57 -17.23 50.09
CA LYS I 130 12.65 -16.49 50.70
C LYS I 130 12.29 -15.02 50.67
N ARG I 131 12.84 -14.26 51.60
CA ARG I 131 12.58 -12.84 51.62
C ARG I 131 13.82 -12.14 52.11
N GLN I 132 13.97 -10.87 51.80
CA GLN I 132 15.15 -10.15 52.27
C GLN I 132 14.84 -8.77 52.82
N LYS I 133 15.65 -8.34 53.80
CA LYS I 133 15.48 -7.00 54.34
C LYS I 133 16.42 -6.08 53.60
N VAL I 134 15.84 -5.01 53.07
CA VAL I 134 16.52 -4.04 52.26
C VAL I 134 16.28 -2.66 52.75
N TYR I 135 17.29 -1.82 52.70
CA TYR I 135 17.01 -0.44 53.04
C TYR I 135 17.65 0.41 51.98
N SER I 136 17.10 1.58 51.79
CA SER I 136 17.61 2.50 50.80
C SER I 136 17.31 3.93 51.13
N LEU I 137 17.95 4.84 50.42
CA LEU I 137 17.70 6.24 50.64
C LEU I 137 16.77 6.82 49.60
N PHE I 138 15.68 7.38 50.07
CA PHE I 138 14.68 7.97 49.20
C PHE I 138 14.59 9.45 49.36
N TYR I 139 14.25 10.12 48.29
CA TYR I 139 14.00 11.52 48.40
C TYR I 139 12.61 11.63 48.96
N ARG I 140 12.39 12.61 49.78
CA ARG I 140 11.09 12.81 50.40
C ARG I 140 9.98 12.98 49.39
N LEU I 141 10.28 13.55 48.23
CA LEU I 141 9.25 13.78 47.22
C LEU I 141 8.72 12.51 46.55
N ASP I 142 9.40 11.38 46.76
CA ASP I 142 8.98 10.11 46.18
C ASP I 142 8.15 9.24 47.12
N ILE I 143 7.97 9.66 48.37
CA ILE I 143 7.23 8.82 49.31
C ILE I 143 6.13 9.62 49.97
N VAL I 144 5.10 8.92 50.45
CA VAL I 144 3.93 9.63 51.03
C VAL I 144 3.61 9.01 52.40
N PRO I 145 3.42 9.78 53.51
CA PRO I 145 3.23 9.16 54.82
C PRO I 145 1.93 8.37 54.87
N MET I 146 1.95 7.22 55.52
CA MET I 146 0.74 6.40 55.67
C MET I 146 0.32 6.46 57.13
N GLY I 147 -0.88 6.97 57.41
CA GLY I 147 -1.33 7.12 58.81
C GLY I 147 -0.84 8.45 59.37
N GLU I 148 -0.96 9.52 58.57
CA GLU I 148 -0.51 10.88 59.00
C GLU I 148 0.95 10.81 59.48
N ASN I 149 1.24 11.41 60.63
CA ASN I 149 2.62 11.41 61.19
C ASN I 149 2.96 10.00 61.67
N SER I 150 3.64 9.18 60.87
CA SER I 150 4.07 7.85 61.36
C SER I 150 5.35 7.44 60.65
N THR I 151 6.02 6.40 61.16
CA THR I 151 7.22 5.91 60.45
C THR I 151 6.80 5.14 59.21
N ASN I 152 5.50 4.80 59.10
CA ASN I 152 5.04 3.98 57.95
C ASN I 152 4.82 4.90 56.74
N TYR I 153 5.44 4.57 55.60
CA TYR I 153 5.31 5.39 54.37
C TYR I 153 5.14 4.43 53.20
N ARG I 154 4.52 4.87 52.10
CA ARG I 154 4.40 4.02 50.89
C ARG I 154 5.02 4.81 49.75
N LEU I 155 5.39 4.17 48.65
CA LEU I 155 5.96 4.89 47.48
C LEU I 155 4.84 5.75 46.89
N ILE I 156 5.16 6.91 46.34
CA ILE I 156 4.08 7.85 45.88
C ILE I 156 3.14 7.17 44.89
N ASN I 157 3.67 6.40 43.95
CA ASN I 157 2.78 5.85 42.90
C ASN I 157 2.51 4.37 43.14
N CYS I 158 1.86 4.04 44.25
CA CYS I 158 1.44 2.64 44.46
C CYS I 158 -0.06 2.67 44.70
N ASN I 159 -0.62 3.87 44.83
CA ASN I 159 -2.09 4.00 44.96
C ASN I 159 -2.64 4.20 43.54
N THR I 160 -1.79 4.69 42.63
CA THR I 160 -2.20 4.80 41.21
C THR I 160 -1.33 3.81 40.43
N SER I 161 -0.94 4.12 39.19
CA SER I 161 -0.24 3.15 38.31
C SER I 161 1.04 2.50 38.85
N ALA I 162 1.36 1.28 38.37
CA ALA I 162 2.62 0.65 38.69
C ALA I 162 3.80 1.32 38.05
N ILE I 163 4.87 1.37 38.85
CA ILE I 163 6.10 2.05 38.42
C ILE I 163 6.95 1.06 37.65
N THR I 164 7.55 1.50 36.55
CA THR I 164 8.49 0.68 35.79
C THR I 164 9.90 1.21 35.96
N GLN I 165 10.86 0.36 36.26
CA GLN I 165 12.24 0.84 36.40
C GLN I 165 12.81 1.04 35.04
N ALA I 166 13.41 2.18 34.81
CA ALA I 166 14.05 2.35 33.53
C ALA I 166 15.25 1.42 33.48
N CYS I 167 15.56 0.82 32.31
CA CYS I 167 16.72 -0.06 32.13
C CYS I 167 18.00 0.81 32.21
N PRO I 168 18.95 0.51 33.10
CA PRO I 168 20.16 1.29 33.38
C PRO I 168 21.12 1.38 32.22
N LYS I 169 20.95 0.50 31.25
CA LYS I 169 21.79 0.45 30.07
C LYS I 169 21.37 1.47 29.02
N VAL I 170 20.19 2.07 29.21
CA VAL I 170 19.65 2.99 28.23
C VAL I 170 19.80 4.42 28.68
N SER I 171 20.44 5.24 27.84
CA SER I 171 20.71 6.66 28.22
C SER I 171 19.62 7.56 27.71
N PHE I 172 19.21 8.55 28.51
CA PHE I 172 18.11 9.46 28.14
C PHE I 172 18.67 10.66 27.37
N GLU I 173 19.96 10.67 27.09
CA GLU I 173 20.59 11.84 26.43
C GLU I 173 19.87 12.08 25.11
N PRO I 174 19.47 13.32 24.78
CA PRO I 174 18.70 13.58 23.57
C PRO I 174 19.52 13.32 22.30
N ILE I 175 18.97 12.56 21.35
CA ILE I 175 19.67 12.27 20.07
C ILE I 175 18.93 12.94 18.90
N PRO I 176 19.51 13.85 18.08
CA PRO I 176 18.77 14.49 17.00
C PRO I 176 18.10 13.55 16.03
N ILE I 177 16.87 13.91 15.63
CA ILE I 177 16.11 13.10 14.65
C ILE I 177 15.68 14.03 13.53
N HIS I 178 16.00 13.69 12.28
CA HIS I 178 15.63 14.54 11.13
C HIS I 178 14.27 14.06 10.64
N TYR I 179 13.37 14.96 10.23
CA TYR I 179 12.08 14.50 9.69
C TYR I 179 12.02 14.76 8.18
N CYS I 180 11.88 13.68 7.39
CA CYS I 180 11.94 13.70 5.93
C CYS I 180 10.58 13.50 5.29
N ALA I 181 10.37 14.17 4.16
CA ALA I 181 9.10 14.04 3.45
C ALA I 181 9.04 12.77 2.61
N PRO I 182 7.88 12.11 2.51
CA PRO I 182 7.61 10.99 1.64
C PRO I 182 7.50 11.49 0.22
N ALA I 183 7.70 10.64 -0.76
CA ALA I 183 7.57 11.09 -2.13
C ALA I 183 6.18 11.62 -2.36
N GLY I 184 6.11 12.69 -3.15
CA GLY I 184 4.87 13.35 -3.47
C GLY I 184 4.67 14.59 -2.61
N PHE I 185 5.53 14.74 -1.60
CA PHE I 185 5.50 15.83 -0.66
C PHE I 185 6.83 16.56 -0.56
N ALA I 186 6.78 17.77 -0.05
CA ALA I 186 7.98 18.55 0.14
C ALA I 186 7.90 19.36 1.41
N ILE I 187 9.05 19.70 2.01
CA ILE I 187 9.00 20.53 3.19
C ILE I 187 9.54 21.89 2.84
N LEU I 188 8.77 22.92 3.14
CA LEU I 188 9.23 24.25 2.84
C LEU I 188 9.78 24.88 4.11
N LYS I 189 10.91 25.52 3.98
CA LYS I 189 11.58 26.14 5.10
C LYS I 189 11.58 27.66 4.99
N CYS I 190 11.18 28.37 6.06
CA CYS I 190 11.16 29.83 6.12
C CYS I 190 12.52 30.33 6.62
N LYS I 191 13.19 31.13 5.80
CA LYS I 191 14.51 31.64 6.11
C LYS I 191 14.51 33.08 6.56
N ASP I 192 13.36 33.62 6.78
CA ASP I 192 13.29 34.99 7.21
C ASP I 192 13.70 35.06 8.68
N LYS I 193 14.83 35.71 8.91
CA LYS I 193 15.48 35.82 10.21
C LYS I 193 14.62 36.55 11.24
N LYS I 194 13.68 37.32 10.77
CA LYS I 194 12.82 38.08 11.67
C LYS I 194 11.44 37.45 11.79
N PHE I 195 11.26 36.27 11.24
CA PHE I 195 9.95 35.64 11.23
C PHE I 195 9.44 35.33 12.64
N ASN I 196 8.20 35.78 12.93
CA ASN I 196 7.51 35.66 14.21
C ASN I 196 6.51 34.48 14.30
N GLY I 197 6.57 33.52 13.35
CA GLY I 197 5.77 32.30 13.32
C GLY I 197 4.56 32.30 12.40
N THR I 198 4.07 33.45 11.99
CA THR I 198 2.90 33.46 11.11
C THR I 198 3.01 34.43 9.97
N GLY I 199 2.18 34.23 8.98
CA GLY I 199 2.05 35.17 7.89
C GLY I 199 3.03 34.85 6.79
N PRO I 200 3.07 35.68 5.76
CA PRO I 200 3.90 35.51 4.61
C PRO I 200 5.35 35.48 5.03
N CYS I 201 6.14 34.63 4.38
CA CYS I 201 7.57 34.47 4.54
C CYS I 201 8.15 34.72 3.15
N PRO I 202 8.84 35.84 2.92
CA PRO I 202 9.39 36.28 1.65
C PRO I 202 10.56 35.46 1.14
N SER I 203 11.17 34.64 1.99
CA SER I 203 12.30 33.85 1.56
C SER I 203 12.10 32.43 2.03
N VAL I 204 11.73 31.59 1.09
CA VAL I 204 11.35 30.23 1.38
C VAL I 204 12.12 29.29 0.51
N SER I 205 12.65 28.23 1.08
CA SER I 205 13.37 27.25 0.28
C SER I 205 12.77 25.87 0.45
N THR I 206 13.01 25.00 -0.51
CA THR I 206 12.51 23.63 -0.40
C THR I 206 13.58 22.73 0.12
N VAL I 207 13.25 21.92 1.10
CA VAL I 207 14.24 21.01 1.60
C VAL I 207 13.73 19.59 1.54
N GLN I 208 14.69 18.68 1.39
CA GLN I 208 14.37 17.27 1.40
C GLN I 208 13.95 16.72 2.78
N CYS I 209 14.58 17.27 3.86
CA CYS I 209 14.45 16.80 5.22
C CYS I 209 14.86 17.96 6.12
N THR I 210 14.29 18.02 7.31
CA THR I 210 14.60 19.07 8.28
C THR I 210 15.96 18.80 8.87
N HIS I 211 16.47 19.77 9.63
CA HIS I 211 17.73 19.60 10.32
C HIS I 211 17.43 18.66 11.46
N GLY I 212 18.44 18.17 12.13
CA GLY I 212 18.10 17.27 13.21
C GLY I 212 17.61 18.10 14.36
N ILE I 213 16.54 17.65 14.98
CA ILE I 213 16.03 18.33 16.14
C ILE I 213 16.23 17.49 17.36
N LYS I 214 16.85 18.07 18.37
CA LYS I 214 17.10 17.35 19.59
C LYS I 214 15.85 17.35 20.46
N PRO I 215 15.27 16.16 20.79
CA PRO I 215 14.06 16.08 21.59
C PRO I 215 14.41 16.32 23.06
N VAL I 216 14.84 17.53 23.41
CA VAL I 216 15.22 17.88 24.77
C VAL I 216 13.94 18.13 25.52
N VAL I 217 13.79 17.49 26.69
CA VAL I 217 12.56 17.65 27.51
C VAL I 217 12.84 18.55 28.71
N SER I 218 12.29 19.77 28.73
CA SER I 218 12.43 20.70 29.83
C SER I 218 11.19 21.55 29.90
N THR I 219 11.02 22.29 30.99
CA THR I 219 9.85 23.17 31.08
C THR I 219 10.11 24.63 30.78
N GLN I 220 10.13 25.44 31.80
CA GLN I 220 10.15 26.88 31.61
C GLN I 220 11.37 27.50 30.93
N LEU I 221 12.52 26.86 30.99
CA LEU I 221 13.65 27.37 30.26
C LEU I 221 13.95 26.31 29.22
N LEU I 222 13.96 26.72 27.97
CA LEU I 222 14.23 25.80 26.89
C LEU I 222 15.71 25.63 26.85
N LEU I 223 16.16 24.40 26.76
CA LEU I 223 17.58 24.16 26.73
C LEU I 223 18.01 23.57 25.40
N ASN I 224 19.24 23.91 24.97
CA ASN I 224 19.98 23.40 23.82
C ASN I 224 19.19 23.46 22.48
N GLY I 225 18.42 24.54 22.23
CA GLY I 225 17.66 24.74 21.00
C GLY I 225 18.41 25.63 20.06
N SER I 226 17.71 26.12 19.04
CA SER I 226 18.31 26.99 18.07
C SER I 226 18.23 28.42 18.57
N LEU I 227 19.20 29.22 18.22
CA LEU I 227 19.18 30.64 18.56
C LEU I 227 18.74 31.47 17.39
N ALA I 228 18.18 32.63 17.71
CA ALA I 228 17.75 33.58 16.72
C ALA I 228 19.00 34.11 16.06
N GLU I 229 18.92 34.41 14.77
CA GLU I 229 20.08 34.90 14.07
C GLU I 229 20.54 36.30 14.47
N GLU I 230 19.60 37.20 14.71
CA GLU I 230 19.98 38.57 15.02
C GLU I 230 19.45 39.16 16.32
N GLU I 231 18.18 38.92 16.63
CA GLU I 231 17.54 39.60 17.75
C GLU I 231 16.59 38.66 18.45
N VAL I 232 16.23 39.00 19.67
CA VAL I 232 15.28 38.18 20.39
C VAL I 232 13.94 38.23 19.69
N ILE I 233 13.35 37.07 19.46
CA ILE I 233 12.07 37.04 18.78
C ILE I 233 10.99 36.53 19.67
N ILE I 234 9.93 37.30 19.80
CA ILE I 234 8.85 36.88 20.66
C ILE I 234 7.67 36.41 19.84
N ARG I 235 7.30 35.14 20.02
CA ARG I 235 6.25 34.54 19.20
C ARG I 235 5.09 34.05 20.06
N SER I 236 3.89 34.43 19.68
CA SER I 236 2.72 33.96 20.42
C SER I 236 1.56 33.81 19.46
N GLU I 237 0.64 32.91 19.73
CA GLU I 237 -0.49 32.75 18.81
C GLU I 237 -1.38 34.00 18.71
N ASN I 238 -1.62 34.65 19.86
CA ASN I 238 -2.39 35.87 20.04
C ASN I 238 -1.81 36.60 21.26
N ILE I 239 -1.04 37.68 21.04
CA ILE I 239 -0.28 38.39 22.09
C ILE I 239 -1.17 39.05 23.15
N THR I 240 -2.39 39.40 22.77
CA THR I 240 -3.32 40.04 23.68
C THR I 240 -4.16 39.02 24.45
N ASN I 241 -3.99 37.74 24.18
CA ASN I 241 -4.76 36.71 24.83
C ASN I 241 -3.96 36.06 25.96
N ASN I 242 -4.35 36.28 27.21
CA ASN I 242 -3.59 35.80 28.36
C ASN I 242 -3.61 34.28 28.50
N ALA I 243 -4.44 33.62 27.71
CA ALA I 243 -4.54 32.17 27.71
C ALA I 243 -3.46 31.52 26.85
N LYS I 244 -2.69 32.33 26.12
CA LYS I 244 -1.69 31.79 25.23
C LYS I 244 -0.31 31.93 25.82
N ASN I 245 0.59 31.02 25.48
CA ASN I 245 1.96 31.13 25.96
C ASN I 245 2.79 31.93 24.97
N ILE I 246 3.83 32.55 25.49
CA ILE I 246 4.76 33.30 24.70
C ILE I 246 6.10 32.61 24.63
N LEU I 247 6.56 32.33 23.43
CA LEU I 247 7.85 31.68 23.29
C LEU I 247 8.87 32.72 22.92
N VAL I 248 9.89 32.85 23.75
CA VAL I 248 10.89 33.86 23.48
C VAL I 248 12.17 33.20 23.04
N GLN I 249 12.59 33.47 21.83
CA GLN I 249 13.82 32.89 21.30
C GLN I 249 14.97 33.84 21.49
N LEU I 250 16.02 33.39 22.14
CA LEU I 250 17.12 34.29 22.41
C LEU I 250 18.07 34.31 21.24
N ASN I 251 18.81 35.40 21.06
CA ASN I 251 19.81 35.47 20.00
C ASN I 251 21.21 35.18 20.53
N THR I 252 21.30 34.92 21.82
CA THR I 252 22.52 34.57 22.50
C THR I 252 22.15 33.52 23.51
N PRO I 253 23.00 32.54 23.79
CA PRO I 253 22.76 31.55 24.79
C PRO I 253 23.06 32.14 26.15
N VAL I 254 22.43 31.61 27.18
CA VAL I 254 22.86 31.91 28.53
C VAL I 254 23.34 30.60 29.12
N GLN I 255 24.56 30.57 29.59
CA GLN I 255 25.06 29.30 30.08
C GLN I 255 24.57 29.01 31.48
N ILE I 256 24.10 27.79 31.70
CA ILE I 256 23.67 27.32 33.01
C ILE I 256 24.45 26.04 33.41
N ASN I 257 25.05 26.04 34.63
CA ASN I 257 25.86 24.95 35.20
C ASN I 257 25.14 24.25 36.36
N CYS I 258 24.69 22.99 36.16
CA CYS I 258 23.89 22.24 37.14
C CYS I 258 24.68 21.11 37.77
N THR I 259 24.46 20.94 39.07
CA THR I 259 25.11 19.90 39.82
C THR I 259 24.29 19.25 40.93
N ARG I 260 24.65 18.02 41.20
CA ARG I 260 24.13 17.23 42.29
C ARG I 260 25.36 16.76 43.07
N PRO I 261 25.89 17.61 43.97
CA PRO I 261 27.20 17.50 44.62
C PRO I 261 27.24 16.52 45.79
N ASN I 262 26.82 15.31 45.55
CA ASN I 262 26.77 14.28 46.59
C ASN I 262 27.26 13.00 45.98
N ASN I 263 28.29 12.35 46.55
CA ASN I 263 28.89 11.13 45.99
C ASN I 263 28.10 9.90 46.45
N ASN I 264 27.21 9.39 45.55
CA ASN I 264 26.28 8.28 45.85
C ASN I 264 26.87 6.93 45.56
N THR I 265 26.56 5.99 46.44
CA THR I 265 26.92 4.60 46.25
C THR I 265 25.67 3.85 45.92
N VAL I 266 25.67 3.22 44.76
CA VAL I 266 24.51 2.50 44.27
C VAL I 266 24.66 1.00 44.44
N LYS I 267 23.65 0.41 45.04
CA LYS I 267 23.60 -1.00 45.34
C LYS I 267 22.43 -1.65 44.64
N SER I 268 22.44 -2.97 44.52
CA SER I 268 21.30 -3.61 43.90
C SER I 268 20.96 -4.93 44.52
N ILE I 269 19.70 -5.31 44.35
CA ILE I 269 19.19 -6.58 44.80
C ILE I 269 18.40 -7.31 43.75
N ARG I 270 18.26 -8.59 43.90
CA ARG I 270 17.36 -9.31 43.02
C ARG I 270 16.03 -9.35 43.70
N ILE I 271 14.99 -8.99 42.98
CA ILE I 271 13.63 -9.01 43.52
C ILE I 271 12.87 -10.13 42.90
N GLY I 272 13.49 -10.74 41.90
CA GLY I 272 12.89 -11.85 41.21
C GLY I 272 13.87 -12.50 40.25
N PRO I 273 13.42 -13.44 39.43
CA PRO I 273 14.21 -14.24 38.53
C PRO I 273 14.73 -13.43 37.36
N GLY I 274 15.89 -12.81 37.59
CA GLY I 274 16.53 -11.97 36.59
C GLY I 274 16.07 -10.53 36.70
N GLN I 275 15.41 -10.21 37.79
CA GLN I 275 14.90 -8.87 38.00
C GLN I 275 15.69 -8.13 39.05
N ALA I 276 16.54 -7.20 38.61
CA ALA I 276 17.37 -6.46 39.54
C ALA I 276 16.87 -5.04 39.74
N PHE I 277 16.84 -4.64 41.00
CA PHE I 277 16.44 -3.31 41.44
C PHE I 277 17.62 -2.50 41.90
N TYR I 278 17.69 -1.26 41.45
CA TYR I 278 18.81 -0.39 41.83
C TYR I 278 18.39 0.71 42.77
N TYR I 279 19.22 0.97 43.75
CA TYR I 279 18.92 2.01 44.72
C TYR I 279 20.14 2.66 45.32
N THR I 280 19.97 3.84 45.90
CA THR I 280 21.09 4.45 46.58
C THR I 280 21.22 3.79 47.90
N GLY I 281 22.41 3.29 48.16
CA GLY I 281 22.73 2.58 49.37
C GLY I 281 23.12 3.58 50.40
N ASP I 282 24.08 4.42 50.05
CA ASP I 282 24.56 5.43 50.97
C ASP I 282 25.11 6.66 50.26
N ILE I 283 25.50 7.65 51.06
CA ILE I 283 26.12 8.88 50.59
C ILE I 283 27.47 9.08 51.24
N ILE I 284 28.45 9.34 50.42
CA ILE I 284 29.79 9.59 50.84
C ILE I 284 29.96 11.08 50.93
N GLY I 285 30.32 11.55 52.11
CA GLY I 285 30.48 12.96 52.34
C GLY I 285 29.19 13.60 52.82
N ASP I 286 29.22 14.92 52.91
CA ASP I 286 28.15 15.74 53.45
C ASP I 286 26.95 15.78 52.51
N ILE I 287 25.77 16.06 53.06
CA ILE I 287 24.60 16.18 52.23
C ILE I 287 24.21 17.62 51.95
N ARG I 288 24.24 17.94 50.66
CA ARG I 288 24.00 19.28 50.15
C ARG I 288 22.91 19.32 49.10
N GLN I 289 22.31 20.48 48.95
CA GLN I 289 21.25 20.65 47.98
C GLN I 289 21.78 20.79 46.57
N ALA I 290 21.10 20.14 45.63
CA ALA I 290 21.43 20.25 44.22
C ALA I 290 21.13 21.66 43.80
N HIS I 291 21.88 22.16 42.85
CA HIS I 291 21.65 23.54 42.42
C HIS I 291 22.20 23.82 41.02
N CYS I 292 21.75 24.96 40.41
CA CYS I 292 22.24 25.44 39.11
C CYS I 292 22.68 26.90 39.16
N ASN I 293 23.78 27.21 38.46
CA ASN I 293 24.29 28.57 38.38
C ASN I 293 24.06 29.19 37.00
N VAL I 294 23.58 30.46 37.01
CA VAL I 294 23.39 31.33 35.84
C VAL I 294 24.17 32.63 36.07
N SER I 295 25.05 33.03 35.16
CA SER I 295 25.81 34.28 35.40
C SER I 295 24.85 35.43 35.57
N LYS I 296 25.07 36.25 36.61
CA LYS I 296 24.12 37.30 36.89
C LYS I 296 24.07 38.41 35.87
N ALA I 297 25.22 38.87 35.41
CA ALA I 297 25.19 39.96 34.45
C ALA I 297 24.60 39.51 33.14
N THR I 298 24.93 38.28 32.74
CA THR I 298 24.48 37.77 31.47
C THR I 298 22.98 37.65 31.51
N TRP I 299 22.46 37.11 32.61
CA TRP I 299 21.03 36.98 32.74
C TRP I 299 20.31 38.33 32.72
N ASN I 300 20.84 39.38 33.41
CA ASN I 300 20.23 40.71 33.45
C ASN I 300 20.17 41.34 32.04
N GLU I 301 21.24 41.15 31.20
CA GLU I 301 21.30 41.64 29.83
C GLU I 301 20.28 40.91 28.98
N THR I 302 20.11 39.62 29.24
CA THR I 302 19.16 38.81 28.52
C THR I 302 17.76 39.32 28.78
N LEU I 303 17.42 39.58 30.03
CA LEU I 303 16.09 40.08 30.27
C LEU I 303 15.91 41.46 29.70
N GLY I 304 16.94 42.31 29.74
CA GLY I 304 16.76 43.63 29.20
C GLY I 304 16.37 43.54 27.72
N LYS I 305 17.01 42.61 26.98
CA LYS I 305 16.67 42.44 25.58
C LYS I 305 15.23 41.98 25.40
N VAL I 306 14.78 41.09 26.28
CA VAL I 306 13.42 40.60 26.19
C VAL I 306 12.45 41.73 26.41
N VAL I 307 12.73 42.58 27.38
CA VAL I 307 11.88 43.71 27.69
C VAL I 307 11.78 44.67 26.51
N LYS I 308 12.91 44.97 25.87
CA LYS I 308 12.86 45.86 24.72
C LYS I 308 11.95 45.36 23.63
N GLN I 309 11.93 44.05 23.41
CA GLN I 309 11.08 43.49 22.37
C GLN I 309 9.63 43.41 22.84
N LEU I 310 9.40 43.15 24.12
CA LEU I 310 8.02 43.09 24.61
C LEU I 310 7.35 44.45 24.44
N ARG I 311 8.11 45.51 24.61
CA ARG I 311 7.57 46.86 24.49
C ARG I 311 7.11 47.21 23.08
N LYS I 312 7.39 46.36 22.09
CA LYS I 312 6.90 46.63 20.75
C LYS I 312 5.50 46.09 20.55
N HIS I 313 5.02 45.28 21.49
CA HIS I 313 3.69 44.69 21.42
C HIS I 313 2.79 45.29 22.48
N PHE I 314 3.42 45.77 23.53
CA PHE I 314 2.77 46.34 24.68
C PHE I 314 3.05 47.82 24.61
N GLY I 315 2.60 48.60 25.58
CA GLY I 315 2.86 50.02 25.44
C GLY I 315 4.37 50.24 25.53
N ASN I 316 4.88 51.33 24.90
CA ASN I 316 6.32 51.68 24.92
C ASN I 316 6.73 52.29 26.27
N ASN I 317 5.94 53.29 26.77
CA ASN I 317 6.16 53.97 28.04
C ASN I 317 5.44 53.16 29.09
N THR I 318 5.96 51.99 29.33
CA THR I 318 5.32 51.03 30.20
C THR I 318 6.25 50.44 31.22
N ILE I 319 5.67 49.57 32.02
CA ILE I 319 6.37 48.82 33.03
C ILE I 319 6.18 47.35 32.79
N ILE I 320 7.29 46.63 32.76
CA ILE I 320 7.28 45.19 32.62
C ILE I 320 7.89 44.56 33.84
N ARG I 321 7.14 43.69 34.48
CA ARG I 321 7.63 43.05 35.67
C ARG I 321 7.71 41.56 35.48
N PHE I 322 8.71 40.95 36.08
CA PHE I 322 8.83 39.51 36.04
C PHE I 322 8.61 38.96 37.43
N ALA I 323 7.98 37.81 37.48
CA ALA I 323 7.66 37.12 38.72
C ALA I 323 7.71 35.61 38.53
N GLN I 324 7.77 34.89 39.63
CA GLN I 324 7.79 33.42 39.64
C GLN I 324 6.42 32.85 39.32
N SER I 325 6.39 31.59 38.85
CA SER I 325 5.10 30.97 38.58
C SER I 325 4.26 30.98 39.83
N SER I 326 2.99 31.31 39.65
CA SER I 326 2.04 31.45 40.73
C SER I 326 1.50 30.18 41.38
N GLY I 327 1.56 29.05 40.70
CA GLY I 327 0.99 27.86 41.32
C GLY I 327 0.94 26.66 40.42
N GLY I 328 0.44 25.57 40.96
CA GLY I 328 0.37 24.31 40.23
C GLY I 328 1.36 23.35 40.87
N ASP I 329 1.52 22.17 40.28
CA ASP I 329 2.39 21.18 40.88
C ASP I 329 3.85 21.43 40.53
N LEU I 330 4.73 20.59 41.06
CA LEU I 330 6.16 20.75 40.88
C LEU I 330 6.54 20.72 39.40
N GLU I 331 5.78 19.99 38.60
CA GLU I 331 6.03 19.87 37.18
C GLU I 331 5.92 21.18 36.42
N VAL I 332 5.12 22.12 36.93
CA VAL I 332 4.94 23.39 36.22
C VAL I 332 5.46 24.62 36.97
N THR I 333 5.73 24.49 38.27
CA THR I 333 6.22 25.62 39.04
C THR I 333 7.73 25.74 39.06
N THR I 334 8.39 24.73 38.53
CA THR I 334 9.83 24.66 38.50
C THR I 334 10.36 24.41 37.12
N HIS I 335 11.68 24.46 37.02
CA HIS I 335 12.38 24.15 35.81
C HIS I 335 12.80 22.72 35.83
N SER I 336 12.09 21.91 35.08
CA SER I 336 12.37 20.51 35.05
C SER I 336 13.29 20.16 33.93
N PHE I 337 14.26 19.32 34.21
CA PHE I 337 15.17 18.80 33.18
C PHE I 337 15.91 17.55 33.60
N ASN I 338 16.42 16.84 32.62
CA ASN I 338 17.27 15.67 32.82
C ASN I 338 18.76 16.06 32.74
N CYS I 339 19.51 15.92 33.85
CA CYS I 339 20.94 16.27 33.96
C CYS I 339 21.73 15.02 34.30
N GLY I 340 22.33 14.43 33.28
CA GLY I 340 23.13 13.25 33.49
C GLY I 340 22.30 12.02 33.87
N GLY I 341 21.01 12.01 33.55
CA GLY I 341 20.14 10.91 33.93
C GLY I 341 19.31 11.19 35.19
N GLU I 342 19.63 12.23 35.96
CA GLU I 342 18.81 12.52 37.14
C GLU I 342 17.76 13.55 36.77
N PHE I 343 16.63 13.51 37.46
CA PHE I 343 15.58 14.48 37.18
C PHE I 343 15.50 15.58 38.20
N PHE I 344 15.83 16.78 37.74
CA PHE I 344 15.91 18.00 38.52
C PHE I 344 14.67 18.85 38.39
N TYR I 345 14.29 19.49 39.48
CA TYR I 345 13.19 20.45 39.56
C TYR I 345 13.68 21.73 40.26
N CYS I 346 14.21 22.70 39.49
CA CYS I 346 14.90 23.89 39.99
C CYS I 346 13.97 25.09 40.16
N ASN I 347 14.17 25.81 41.23
CA ASN I 347 13.38 27.00 41.56
C ASN I 347 13.99 28.25 40.90
N THR I 348 13.26 28.85 39.94
CA THR I 348 13.65 29.98 39.08
C THR I 348 13.19 31.33 39.59
N SER I 349 12.72 31.39 40.82
CA SER I 349 12.27 32.65 41.41
C SER I 349 13.44 33.61 41.52
N GLY I 350 14.66 33.08 41.47
CA GLY I 350 15.87 33.90 41.52
C GLY I 350 16.20 34.50 40.16
N LEU I 351 15.51 34.05 39.11
CA LEU I 351 15.74 34.56 37.76
C LEU I 351 14.67 35.56 37.37
N PHE I 352 13.46 35.37 37.88
CA PHE I 352 12.34 36.24 37.50
C PHE I 352 11.79 37.01 38.68
N ASN I 353 12.57 38.00 39.16
CA ASN I 353 12.25 38.83 40.33
C ASN I 353 12.78 40.26 40.12
N SER I 354 12.12 41.02 39.20
CA SER I 354 12.56 42.40 38.84
C SER I 354 11.47 43.21 38.18
N THR I 355 11.61 44.54 38.24
CA THR I 355 10.69 45.43 37.54
C THR I 355 11.47 46.37 36.65
N TRP I 356 11.08 46.42 35.39
CA TRP I 356 11.71 47.25 34.39
C TRP I 356 10.82 48.42 34.03
N ILE I 357 11.25 49.63 34.36
CA ILE I 357 10.43 50.81 34.12
C ILE I 357 11.06 51.72 33.08
N SER I 358 10.33 52.04 31.96
CA SER I 358 10.74 52.89 30.81
C SER I 358 12.27 53.10 30.65
N ASN I 371 32.15 39.13 39.26
CA ASN I 371 31.63 37.99 38.52
C ASN I 371 30.62 37.20 39.41
N ASP I 372 29.47 37.83 39.69
CA ASP I 372 28.35 37.29 40.47
C ASP I 372 27.53 36.28 39.68
N SER I 373 26.87 35.39 40.39
CA SER I 373 26.00 34.42 39.77
C SER I 373 24.77 34.18 40.61
N ILE I 374 23.75 33.68 39.95
CA ILE I 374 22.49 33.38 40.58
C ILE I 374 22.42 31.89 40.80
N THR I 375 22.20 31.46 42.03
CA THR I 375 22.10 30.05 42.29
C THR I 375 20.65 29.67 42.50
N LEU I 376 20.23 28.65 41.77
CA LEU I 376 18.88 28.12 41.81
C LEU I 376 18.88 26.83 42.62
N PRO I 377 18.15 26.72 43.74
CA PRO I 377 17.99 25.50 44.52
C PRO I 377 17.30 24.49 43.63
N CYS I 378 17.65 23.18 43.69
CA CYS I 378 17.02 22.12 42.88
C CYS I 378 16.62 20.90 43.72
N ARG I 379 15.43 20.39 43.43
CA ARG I 379 14.95 19.18 44.09
C ARG I 379 15.19 18.02 43.14
N ILE I 380 15.43 16.84 43.68
CA ILE I 380 15.64 15.66 42.86
C ILE I 380 14.57 14.63 43.11
N LYS I 381 14.03 14.03 42.06
CA LYS I 381 13.04 12.97 42.24
C LYS I 381 13.43 11.73 41.49
N GLN I 382 13.13 10.56 42.04
CA GLN I 382 13.39 9.32 41.34
C GLN I 382 12.13 8.80 40.66
N ILE I 383 10.93 9.11 41.17
CA ILE I 383 9.67 8.56 40.57
C ILE I 383 8.97 9.66 39.79
N ILE I 384 8.98 9.60 38.45
CA ILE I 384 8.42 10.66 37.63
C ILE I 384 7.36 10.17 36.69
N ASN I 385 6.58 11.09 36.11
CA ASN I 385 5.48 10.72 35.18
C ASN I 385 5.81 11.17 33.74
N MET I 386 6.83 12.01 33.55
CA MET I 386 7.27 12.53 32.23
C MET I 386 6.30 13.30 31.38
N TRP I 387 5.28 12.64 30.95
CA TRP I 387 4.31 13.22 30.06
C TRP I 387 3.14 13.54 30.92
N GLN I 388 2.26 14.43 30.48
CA GLN I 388 1.11 14.72 31.33
C GLN I 388 0.08 13.61 31.25
N ARG I 389 0.38 12.51 31.91
CA ARG I 389 -0.42 11.31 31.93
C ARG I 389 -0.59 10.84 33.36
N ILE I 390 -1.64 10.08 33.59
CA ILE I 390 -1.94 9.53 34.91
C ILE I 390 -1.57 8.07 35.08
N GLY I 391 -1.75 7.28 34.04
CA GLY I 391 -1.63 5.84 34.11
C GLY I 391 -0.23 5.25 34.00
N GLN I 392 0.80 6.06 34.01
CA GLN I 392 2.17 5.57 33.91
C GLN I 392 3.05 6.20 34.96
N ALA I 393 4.10 5.49 35.37
CA ALA I 393 5.07 6.04 36.34
C ALA I 393 6.39 5.33 36.07
N MET I 394 7.49 6.05 36.19
CA MET I 394 8.80 5.46 35.96
C MET I 394 9.75 5.71 37.10
N TYR I 395 10.57 4.74 37.40
CA TYR I 395 11.61 4.92 38.38
C TYR I 395 12.93 5.10 37.70
N ALA I 396 13.61 6.18 38.00
CA ALA I 396 14.90 6.43 37.41
C ALA I 396 15.95 5.86 38.35
N PRO I 397 16.77 4.90 37.95
CA PRO I 397 17.77 4.33 38.79
C PRO I 397 18.65 5.48 39.19
N PRO I 398 19.18 5.52 40.40
CA PRO I 398 20.09 6.52 40.89
C PRO I 398 21.39 6.33 40.21
N ILE I 399 22.14 7.39 40.07
CA ILE I 399 23.44 7.30 39.44
C ILE I 399 24.61 7.48 40.37
N GLN I 400 25.51 6.51 40.28
CA GLN I 400 26.74 6.40 41.04
C GLN I 400 27.66 7.58 40.85
N GLY I 401 28.18 8.12 41.95
CA GLY I 401 29.10 9.25 41.85
C GLY I 401 28.42 10.60 41.96
N VAL I 402 29.03 11.60 41.32
CA VAL I 402 28.64 13.00 41.40
C VAL I 402 28.33 13.52 40.01
N ILE I 403 27.22 14.24 39.88
CA ILE I 403 26.80 14.73 38.57
C ILE I 403 26.91 16.20 38.32
N ARG I 404 27.50 16.51 37.18
CA ARG I 404 27.63 17.86 36.68
C ARG I 404 27.29 17.88 35.18
N CYS I 405 26.51 18.89 34.72
CA CYS I 405 26.15 19.10 33.31
C CYS I 405 26.11 20.59 33.03
N VAL I 406 26.46 20.94 31.81
CA VAL I 406 26.38 22.33 31.37
C VAL I 406 25.55 22.42 30.13
N SER I 407 24.61 23.33 30.14
CA SER I 407 23.71 23.50 29.03
C SER I 407 23.47 24.96 28.69
N ASN I 408 22.92 25.20 27.47
CA ASN I 408 22.59 26.53 26.98
C ASN I 408 21.09 26.82 27.12
N ILE I 409 20.72 27.99 27.68
CA ILE I 409 19.33 28.48 27.74
C ILE I 409 19.18 29.20 26.43
N THR I 410 18.26 28.73 25.61
CA THR I 410 18.10 29.26 24.27
C THR I 410 16.75 29.94 24.09
N GLY I 411 15.95 29.89 25.12
CA GLY I 411 14.63 30.49 25.06
C GLY I 411 13.86 30.30 26.32
N LEU I 412 12.84 31.12 26.46
CA LEU I 412 12.02 31.12 27.65
C LEU I 412 10.56 30.85 27.33
N ILE I 413 9.81 30.24 28.24
CA ILE I 413 8.37 30.18 28.02
C ILE I 413 7.69 31.04 29.07
N LEU I 414 7.03 32.09 28.61
CA LEU I 414 6.36 33.04 29.51
C LEU I 414 4.87 33.08 29.35
N THR I 415 4.17 33.45 30.41
CA THR I 415 2.75 33.65 30.37
C THR I 415 2.54 35.06 30.85
N ARG I 416 1.36 35.63 30.60
CA ARG I 416 1.12 36.99 31.06
C ARG I 416 -0.17 37.06 31.89
N ASP I 417 -0.13 37.83 33.00
CA ASP I 417 -1.27 38.06 33.91
C ASP I 417 -2.41 38.77 33.17
N THR I 424 -2.09 50.11 34.76
CA THR I 424 -1.06 49.73 33.82
C THR I 424 -0.18 48.61 34.47
N THR I 425 1.00 48.36 33.86
CA THR I 425 2.04 47.35 34.17
C THR I 425 1.65 45.96 33.73
N GLU I 426 2.53 45.35 32.95
CA GLU I 426 2.34 43.97 32.53
C GLU I 426 3.22 43.10 33.40
N THR I 427 2.73 41.92 33.76
CA THR I 427 3.54 40.99 34.54
C THR I 427 3.63 39.66 33.81
N PHE I 428 4.87 39.17 33.71
CA PHE I 428 5.16 37.93 33.03
C PHE I 428 5.70 36.91 34.01
N ARG I 429 5.29 35.67 33.81
CA ARG I 429 5.73 34.60 34.68
C ARG I 429 6.14 33.40 33.84
N PRO I 430 7.00 32.52 34.30
CA PRO I 430 7.32 31.28 33.64
C PRO I 430 6.11 30.37 33.47
N GLY I 431 6.06 29.67 32.35
CA GLY I 431 5.03 28.69 32.02
C GLY I 431 5.67 27.39 31.56
N GLY I 432 5.24 26.87 30.41
CA GLY I 432 5.87 25.67 29.86
C GLY I 432 5.33 24.30 30.27
N GLY I 433 4.14 24.22 30.82
CA GLY I 433 3.65 22.90 31.20
C GLY I 433 3.48 21.92 30.02
N ASP I 434 3.09 22.43 28.84
CA ASP I 434 2.86 21.59 27.65
C ASP I 434 4.13 21.45 26.82
N MET I 435 4.43 20.22 26.45
CA MET I 435 5.58 19.85 25.66
C MET I 435 5.52 20.24 24.21
N ARG I 436 4.31 20.39 23.69
CA ARG I 436 4.20 20.73 22.28
C ARG I 436 4.87 22.04 22.00
N ASP I 437 4.84 22.96 22.94
CA ASP I 437 5.46 24.26 22.80
C ASP I 437 6.97 24.17 22.67
N ASN I 438 7.61 23.15 23.24
CA ASN I 438 9.04 23.12 23.11
C ASN I 438 9.36 22.77 21.71
N TRP I 439 8.58 21.87 21.17
CA TRP I 439 8.83 21.42 19.82
C TRP I 439 8.46 22.47 18.79
N ARG I 440 7.50 23.31 19.13
CA ARG I 440 7.16 24.39 18.23
C ARG I 440 8.32 25.34 18.06
N SER I 441 9.13 25.52 19.09
CA SER I 441 10.24 26.46 18.97
C SER I 441 11.29 26.01 17.95
N GLU I 442 11.27 24.74 17.52
CA GLU I 442 12.21 24.27 16.51
C GLU I 442 11.51 24.05 15.16
N LEU I 443 10.26 23.63 15.19
CA LEU I 443 9.52 23.32 13.97
C LEU I 443 8.78 24.48 13.34
N TYR I 444 8.79 25.65 13.97
CA TYR I 444 8.08 26.81 13.44
C TYR I 444 8.47 27.23 12.04
N LYS I 445 9.65 26.88 11.60
CA LYS I 445 10.09 27.31 10.29
C LYS I 445 9.75 26.32 9.19
N TYR I 446 9.13 25.18 9.53
CA TYR I 446 8.85 24.21 8.48
C TYR I 446 7.37 24.01 8.19
N LYS I 447 7.06 23.81 6.91
CA LYS I 447 5.69 23.52 6.49
C LYS I 447 5.64 22.32 5.54
N VAL I 448 4.63 21.48 5.65
CA VAL I 448 4.53 20.35 4.71
C VAL I 448 3.48 20.57 3.65
N VAL I 449 3.88 20.42 2.38
CA VAL I 449 2.92 20.60 1.31
C VAL I 449 2.90 19.41 0.38
N LYS I 450 1.80 19.24 -0.33
CA LYS I 450 1.61 18.19 -1.32
C LYS I 450 1.80 18.73 -2.69
N ILE I 451 2.46 17.98 -3.54
CA ILE I 451 2.69 18.44 -4.88
C ILE I 451 1.51 18.04 -5.75
N GLU I 452 1.01 18.99 -6.52
CA GLU I 452 -0.13 18.78 -7.38
C GLU I 452 0.29 19.09 -8.82
N PRO I 453 0.96 18.15 -9.50
CA PRO I 453 1.63 18.32 -10.77
C PRO I 453 0.73 18.47 -11.97
N LEU I 454 -0.56 18.20 -11.84
CA LEU I 454 -1.41 18.25 -13.00
C LEU I 454 -2.23 19.52 -13.07
N GLY I 455 -2.29 20.14 -14.24
CA GLY I 455 -3.14 21.33 -14.38
C GLY I 455 -3.30 21.74 -15.83
N VAL I 456 -4.12 22.77 -16.05
CA VAL I 456 -4.40 23.22 -17.39
C VAL I 456 -4.21 24.71 -17.56
N ALA I 457 -4.02 25.15 -18.80
CA ALA I 457 -3.93 26.57 -19.15
C ALA I 457 -4.25 26.73 -20.63
N PRO I 458 -4.78 27.87 -21.11
CA PRO I 458 -5.03 28.13 -22.50
C PRO I 458 -3.78 28.35 -23.30
N THR I 459 -3.73 27.81 -24.49
CA THR I 459 -2.65 28.02 -25.45
C THR I 459 -3.27 28.11 -26.83
N ARG I 460 -2.46 28.42 -27.83
CA ARG I 460 -3.03 28.58 -29.20
C ARG I 460 -2.97 27.25 -29.94
N CYS I 461 -2.67 26.15 -29.24
CA CYS I 461 -2.47 24.83 -29.90
C CYS I 461 -3.67 23.91 -29.79
N LYS I 462 -3.91 23.05 -30.80
CA LYS I 462 -5.09 22.17 -30.81
C LYS I 462 -4.79 20.89 -31.59
N ARG I 463 -5.48 19.77 -31.25
CA ARG I 463 -5.36 18.50 -31.99
C ARG I 463 -6.25 18.54 -33.23
N LEU J 9 17.62 25.07 -10.93
CA LEU J 9 17.62 23.85 -11.77
C LEU J 9 17.04 22.59 -11.07
N GLY J 10 16.79 22.65 -9.74
CA GLY J 10 16.27 21.53 -8.95
C GLY J 10 14.75 21.53 -8.82
N PHE J 11 14.27 20.62 -8.00
CA PHE J 11 12.86 20.44 -7.74
C PHE J 11 12.20 21.69 -7.22
N LEU J 12 11.14 22.11 -7.92
CA LEU J 12 10.36 23.31 -7.63
C LEU J 12 11.16 24.59 -7.76
N GLY J 13 12.33 24.54 -8.35
CA GLY J 13 13.16 25.73 -8.50
C GLY J 13 12.45 26.81 -9.31
N ALA J 14 11.61 26.38 -10.23
CA ALA J 14 10.86 27.24 -11.11
C ALA J 14 9.54 27.67 -10.51
N ALA J 15 9.24 27.29 -9.30
CA ALA J 15 7.95 27.62 -8.71
C ALA J 15 7.69 29.12 -8.69
N GLY J 16 8.73 29.93 -8.53
CA GLY J 16 8.51 31.38 -8.50
C GLY J 16 8.63 32.03 -9.89
N SER J 17 8.87 31.23 -10.92
CA SER J 17 9.05 31.77 -12.26
C SER J 17 7.72 31.79 -12.96
N THR J 18 7.72 32.42 -14.13
CA THR J 18 6.47 32.57 -14.91
C THR J 18 6.10 31.24 -15.57
N MET J 19 4.83 31.04 -15.88
CA MET J 19 4.35 29.81 -16.49
C MET J 19 5.11 29.43 -17.73
N GLY J 20 5.49 30.40 -18.54
CA GLY J 20 6.20 30.15 -19.77
C GLY J 20 7.63 29.68 -19.55
N ALA J 21 8.14 29.80 -18.33
CA ALA J 21 9.48 29.36 -18.01
C ALA J 21 9.40 28.03 -17.32
N ALA J 22 8.45 27.92 -16.40
CA ALA J 22 8.21 26.76 -15.57
C ALA J 22 7.83 25.55 -16.38
N SER J 23 7.22 25.74 -17.52
CA SER J 23 6.82 24.64 -18.37
C SER J 23 8.04 23.89 -18.92
N MET J 24 9.24 24.44 -18.81
CA MET J 24 10.43 23.77 -19.29
C MET J 24 11.06 22.83 -18.26
N THR J 25 10.51 22.75 -17.04
CA THR J 25 11.08 21.90 -15.98
C THR J 25 10.09 20.80 -15.59
N LEU J 26 9.18 20.46 -16.46
CA LEU J 26 8.17 19.48 -16.11
C LEU J 26 8.77 18.12 -15.72
N THR J 27 9.91 17.74 -16.30
CA THR J 27 10.49 16.46 -15.94
C THR J 27 11.17 16.51 -14.59
N VAL J 28 11.47 17.70 -14.10
CA VAL J 28 12.16 17.82 -12.85
C VAL J 28 11.21 17.45 -11.76
N GLN J 29 10.00 17.96 -11.85
CA GLN J 29 9.02 17.64 -10.84
C GLN J 29 8.43 16.25 -11.04
N ALA J 30 8.22 15.81 -12.28
CA ALA J 30 7.61 14.50 -12.45
C ALA J 30 8.44 13.41 -11.80
N ARG J 31 9.75 13.53 -11.83
CA ARG J 31 10.61 12.51 -11.28
C ARG J 31 10.68 12.49 -9.76
N ASN J 32 10.10 13.47 -9.11
CA ASN J 32 10.12 13.53 -7.66
C ASN J 32 8.78 13.11 -7.07
N LEU J 33 7.93 12.52 -7.91
CA LEU J 33 6.66 12.04 -7.42
C LEU J 33 6.80 10.60 -6.96
N LEU J 34 7.78 9.88 -7.50
CA LEU J 34 7.99 8.49 -7.15
C LEU J 34 9.33 8.35 -6.41
N SER J 35 9.31 7.80 -5.17
CA SER J 35 10.46 7.60 -4.25
C SER J 35 11.50 8.76 -4.33
N HIS J 59 1.33 -0.17 15.74
CA HIS J 59 2.62 -0.77 15.39
C HIS J 59 3.42 0.27 14.57
N TRP J 60 4.69 0.41 14.93
CA TRP J 60 5.57 1.37 14.23
C TRP J 60 5.77 0.91 12.79
N GLY J 61 5.77 1.85 11.87
CA GLY J 61 5.97 1.52 10.47
C GLY J 61 4.66 1.31 9.71
N ILE J 62 3.53 1.17 10.40
CA ILE J 62 2.30 0.95 9.64
C ILE J 62 1.88 2.22 8.97
N LYS J 63 1.96 3.33 9.68
CA LYS J 63 1.56 4.59 9.09
C LYS J 63 2.48 4.99 7.95
N GLN J 64 3.74 4.57 7.98
CA GLN J 64 4.62 4.89 6.87
C GLN J 64 4.28 4.01 5.68
N LEU J 65 3.89 2.76 5.94
CA LEU J 65 3.51 1.89 4.86
C LEU J 65 2.22 2.40 4.24
N GLN J 66 1.28 2.89 5.07
CA GLN J 66 0.03 3.42 4.53
C GLN J 66 0.33 4.61 3.67
N ALA J 67 1.26 5.46 4.08
CA ALA J 67 1.58 6.63 3.29
C ALA J 67 2.14 6.24 1.94
N ARG J 68 2.98 5.19 1.89
CA ARG J 68 3.49 4.79 0.59
C ARG J 68 2.41 4.26 -0.29
N VAL J 69 1.49 3.48 0.26
CA VAL J 69 0.43 2.93 -0.55
C VAL J 69 -0.44 4.03 -1.10
N LEU J 70 -0.79 4.99 -0.26
CA LEU J 70 -1.63 6.08 -0.70
C LEU J 70 -0.94 6.96 -1.72
N ALA J 71 0.38 7.16 -1.58
CA ALA J 71 1.08 7.95 -2.58
C ALA J 71 0.98 7.27 -3.93
N VAL J 72 1.05 5.94 -3.94
CA VAL J 72 0.91 5.22 -5.18
C VAL J 72 -0.48 5.38 -5.73
N GLU J 73 -1.51 5.28 -4.90
CA GLU J 73 -2.84 5.44 -5.45
C GLU J 73 -3.03 6.84 -6.03
N HIS J 74 -2.50 7.86 -5.37
CA HIS J 74 -2.66 9.20 -5.89
C HIS J 74 -2.02 9.29 -7.26
N TYR J 75 -0.79 8.79 -7.37
CA TYR J 75 -0.07 8.83 -8.63
C TYR J 75 -0.87 8.16 -9.72
N LEU J 76 -1.39 6.98 -9.44
CA LEU J 76 -2.11 6.26 -10.44
C LEU J 76 -3.37 6.98 -10.86
N ARG J 77 -4.05 7.66 -9.95
CA ARG J 77 -5.24 8.36 -10.39
C ARG J 77 -4.89 9.45 -11.37
N ASP J 78 -3.79 10.15 -11.16
CA ASP J 78 -3.44 11.19 -12.13
C ASP J 78 -3.09 10.57 -13.46
N GLN J 79 -2.42 9.43 -13.45
CA GLN J 79 -2.08 8.83 -14.73
C GLN J 79 -3.31 8.30 -15.43
N GLN J 80 -4.27 7.77 -14.66
CA GLN J 80 -5.48 7.27 -15.27
C GLN J 80 -6.22 8.39 -15.93
N LEU J 81 -6.24 9.53 -15.28
CA LEU J 81 -6.97 10.66 -15.79
C LEU J 81 -6.34 11.16 -17.07
N LEU J 82 -5.01 11.20 -17.14
CA LEU J 82 -4.42 11.61 -18.39
C LEU J 82 -4.81 10.62 -19.46
N GLY J 83 -4.86 9.35 -19.14
CA GLY J 83 -5.26 8.36 -20.12
C GLY J 83 -6.70 8.58 -20.61
N ILE J 84 -7.60 8.89 -19.72
CA ILE J 84 -9.00 9.13 -20.07
C ILE J 84 -9.15 10.28 -21.03
N TRP J 85 -8.35 11.31 -20.86
CA TRP J 85 -8.38 12.49 -21.71
C TRP J 85 -7.58 12.32 -23.02
N GLY J 86 -6.91 11.18 -23.19
CA GLY J 86 -6.06 10.96 -24.37
C GLY J 86 -4.65 11.58 -24.32
N CYS J 87 -4.11 11.84 -23.11
CA CYS J 87 -2.83 12.48 -22.83
C CYS J 87 -1.82 11.48 -22.26
N SER J 88 -2.11 10.20 -22.40
CA SER J 88 -1.21 9.23 -21.83
C SER J 88 0.15 9.30 -22.48
N GLY J 89 1.19 9.24 -21.66
CA GLY J 89 2.55 9.19 -22.19
C GLY J 89 3.20 10.52 -22.52
N LYS J 90 2.54 11.64 -22.27
CA LYS J 90 3.16 12.92 -22.62
C LYS J 90 3.01 13.99 -21.54
N LEU J 91 3.98 14.90 -21.46
CA LEU J 91 3.92 15.95 -20.46
C LEU J 91 3.12 17.16 -20.91
N ILE J 92 3.09 17.41 -22.22
CA ILE J 92 2.32 18.52 -22.78
C ILE J 92 1.31 17.93 -23.76
N CYS J 93 0.01 18.08 -23.48
CA CYS J 93 -1.08 17.51 -24.26
C CYS J 93 -2.06 18.55 -24.75
N CYS J 94 -2.12 18.68 -26.05
CA CYS J 94 -3.01 19.64 -26.65
C CYS J 94 -4.34 18.93 -26.77
N THR J 95 -5.44 19.65 -26.66
CA THR J 95 -6.74 19.00 -26.75
C THR J 95 -7.63 19.69 -27.75
N ASN J 96 -8.89 19.23 -27.85
CA ASN J 96 -9.88 19.81 -28.74
C ASN J 96 -10.95 20.59 -27.97
N VAL J 97 -10.69 20.92 -26.72
CA VAL J 97 -11.65 21.68 -25.93
C VAL J 97 -11.30 23.14 -25.97
N PRO J 98 -12.20 24.10 -26.34
CA PRO J 98 -11.87 25.53 -26.32
C PRO J 98 -11.95 26.19 -24.94
N TRP J 99 -11.29 27.35 -24.80
CA TRP J 99 -11.23 28.03 -23.48
C TRP J 99 -12.34 29.07 -23.40
N ASN J 100 -13.39 28.82 -22.61
CA ASN J 100 -14.49 29.80 -22.40
C ASN J 100 -13.89 31.01 -21.69
N SER J 101 -14.06 32.22 -22.22
CA SER J 101 -13.42 33.42 -21.63
C SER J 101 -13.97 33.62 -20.22
N SER J 102 -15.07 32.96 -19.90
CA SER J 102 -15.71 33.14 -18.57
C SER J 102 -14.89 32.42 -17.51
N TRP J 103 -13.99 31.52 -17.92
CA TRP J 103 -13.11 30.85 -16.93
C TRP J 103 -11.96 31.80 -16.59
N SER J 104 -11.21 32.24 -17.60
CA SER J 104 -10.21 33.31 -17.40
C SER J 104 -10.05 34.14 -18.67
N ASN J 105 -10.46 35.41 -18.62
CA ASN J 105 -10.44 36.30 -19.75
C ASN J 105 -9.11 37.00 -19.93
N ARG J 106 -8.06 36.45 -19.37
CA ARG J 106 -6.73 37.03 -19.56
C ARG J 106 -6.17 36.58 -20.89
N ASN J 107 -5.30 37.41 -21.51
CA ASN J 107 -4.63 37.08 -22.77
C ASN J 107 -3.36 36.26 -22.51
N LEU J 108 -2.67 35.81 -23.57
CA LEU J 108 -1.48 34.95 -23.46
C LEU J 108 -0.30 35.63 -22.79
N SER J 109 -0.16 36.95 -23.02
CA SER J 109 1.01 37.66 -22.45
C SER J 109 0.70 38.09 -21.02
N GLU J 110 -0.45 37.67 -20.50
CA GLU J 110 -0.81 37.97 -19.10
C GLU J 110 -0.92 36.65 -18.34
N ILE J 111 -0.91 35.56 -19.10
CA ILE J 111 -0.94 34.22 -18.44
C ILE J 111 0.45 33.60 -18.54
N TRP J 112 1.13 33.76 -19.68
CA TRP J 112 2.40 33.00 -19.79
C TRP J 112 3.60 33.91 -19.53
N ASP J 113 3.38 35.22 -19.39
CA ASP J 113 4.48 36.16 -19.09
C ASP J 113 4.28 36.84 -17.73
N ASN J 114 3.06 37.01 -17.23
CA ASN J 114 2.94 37.78 -15.97
C ASN J 114 2.45 36.93 -14.79
N MET J 115 2.35 35.62 -14.94
CA MET J 115 1.76 34.83 -13.84
C MET J 115 2.58 33.57 -13.51
N THR J 116 2.65 33.18 -12.23
CA THR J 116 3.34 31.93 -11.84
C THR J 116 2.29 30.83 -11.69
N TRP J 117 2.64 29.58 -11.97
CA TRP J 117 1.65 28.51 -11.90
C TRP J 117 0.90 28.49 -10.59
N LEU J 118 1.51 28.94 -9.52
CA LEU J 118 0.83 28.96 -8.24
C LEU J 118 -0.32 29.95 -8.29
N GLN J 119 -0.13 31.09 -8.94
CA GLN J 119 -1.20 32.13 -8.97
C GLN J 119 -2.26 31.71 -9.98
N TRP J 120 -1.87 31.04 -11.06
CA TRP J 120 -2.84 30.56 -12.01
C TRP J 120 -3.73 29.51 -11.40
N ASP J 121 -3.14 28.57 -10.68
CA ASP J 121 -3.93 27.53 -10.10
C ASP J 121 -4.99 28.13 -9.19
N LYS J 122 -4.69 29.21 -8.49
CA LYS J 122 -5.71 29.79 -7.57
C LYS J 122 -6.62 30.77 -8.33
N GLU J 123 -6.79 30.58 -9.64
CA GLU J 123 -7.69 31.47 -10.43
C GLU J 123 -8.68 30.60 -11.22
N ILE J 124 -8.21 29.46 -11.72
CA ILE J 124 -9.11 28.48 -12.40
C ILE J 124 -9.52 27.40 -11.40
N SER J 125 -9.27 27.60 -10.10
CA SER J 125 -9.50 26.52 -9.10
C SER J 125 -10.95 26.06 -9.11
N ASN J 126 -11.88 27.00 -9.31
CA ASN J 126 -13.32 26.63 -9.20
C ASN J 126 -13.92 26.46 -10.60
N TYR J 127 -13.08 26.31 -11.61
CA TYR J 127 -13.58 25.95 -12.96
C TYR J 127 -12.88 24.66 -13.40
N THR J 128 -12.19 23.99 -12.47
CA THR J 128 -11.33 22.84 -12.82
C THR J 128 -12.20 21.65 -13.19
N GLN J 129 -13.20 21.31 -12.38
CA GLN J 129 -14.02 20.17 -12.66
C GLN J 129 -14.77 20.30 -13.96
N ILE J 130 -15.12 21.54 -14.31
CA ILE J 130 -15.83 21.81 -15.59
C ILE J 130 -14.89 21.39 -16.73
N ILE J 131 -13.63 21.80 -16.65
CA ILE J 131 -12.68 21.54 -17.69
C ILE J 131 -12.41 20.07 -17.76
N TYR J 132 -12.24 19.41 -16.62
CA TYR J 132 -11.95 17.99 -16.69
C TYR J 132 -13.12 17.25 -17.33
N GLY J 133 -14.35 17.62 -17.02
CA GLY J 133 -15.48 16.95 -17.63
C GLY J 133 -15.49 17.13 -19.15
N LEU J 134 -15.17 18.33 -19.62
CA LEU J 134 -15.16 18.55 -21.05
C LEU J 134 -14.06 17.76 -21.72
N LEU J 135 -12.90 17.64 -21.09
CA LEU J 135 -11.83 16.90 -21.68
C LEU J 135 -12.20 15.44 -21.85
N GLU J 136 -12.88 14.88 -20.86
CA GLU J 136 -13.33 13.50 -20.95
C GLU J 136 -14.30 13.28 -22.08
N GLU J 137 -15.24 14.21 -22.24
CA GLU J 137 -16.22 14.04 -23.29
C GLU J 137 -15.57 14.15 -24.65
N SER J 138 -14.61 15.06 -24.79
CA SER J 138 -13.96 15.23 -26.07
C SER J 138 -13.25 13.96 -26.47
N GLN J 139 -12.53 13.33 -25.53
CA GLN J 139 -11.82 12.12 -25.88
C GLN J 139 -12.76 10.99 -26.21
N ASN J 140 -13.88 10.85 -25.52
CA ASN J 140 -14.75 9.75 -25.88
C ASN J 140 -15.30 9.92 -27.28
N GLN J 141 -15.60 11.15 -27.66
CA GLN J 141 -16.11 11.35 -28.98
C GLN J 141 -15.05 11.04 -30.01
N GLN J 142 -13.81 11.41 -29.72
CA GLN J 142 -12.76 11.13 -30.66
C GLN J 142 -12.52 9.64 -30.79
N GLU J 143 -12.56 8.88 -29.71
CA GLU J 143 -12.31 7.45 -29.83
C GLU J 143 -13.38 6.79 -30.65
N LYS J 144 -14.64 7.11 -30.44
CA LYS J 144 -15.69 6.37 -31.19
C LYS J 144 -15.59 6.76 -32.66
N ASN J 145 -15.23 8.01 -32.95
CA ASN J 145 -15.16 8.49 -34.36
C ASN J 145 -13.97 7.85 -35.07
N GLU J 146 -12.83 7.73 -34.39
CA GLU J 146 -11.67 7.04 -35.02
C GLU J 146 -12.03 5.61 -35.36
N GLN J 147 -12.66 4.88 -34.44
CA GLN J 147 -13.03 3.46 -34.68
C GLN J 147 -13.96 3.41 -35.90
N ASP J 148 -14.88 4.36 -36.01
CA ASP J 148 -15.86 4.32 -37.12
C ASP J 148 -15.19 4.73 -38.42
N LEU J 149 -13.91 5.11 -38.37
CA LEU J 149 -13.17 5.54 -39.59
C LEU J 149 -12.23 4.41 -39.99
N LEU J 150 -11.95 3.49 -39.08
CA LEU J 150 -10.99 2.39 -39.40
C LEU J 150 -11.75 1.32 -40.17
N ALA J 151 -13.09 1.34 -40.12
CA ALA J 151 -13.89 0.38 -40.92
C ALA J 151 -13.55 0.58 -42.39
N GLU K 1 15.61 51.18 -31.15
CA GLU K 1 15.38 50.93 -32.56
C GLU K 1 15.87 49.53 -32.94
N VAL K 2 14.99 48.76 -33.61
CA VAL K 2 15.28 47.42 -34.13
C VAL K 2 15.93 47.49 -35.48
N GLN K 3 17.03 46.80 -35.60
CA GLN K 3 17.75 46.78 -36.83
C GLN K 3 18.09 45.37 -37.23
N LEU K 4 18.05 45.14 -38.52
CA LEU K 4 18.44 43.88 -39.10
C LEU K 4 19.41 44.22 -40.19
N VAL K 5 20.62 43.70 -40.09
CA VAL K 5 21.60 44.07 -41.10
C VAL K 5 22.14 42.90 -41.84
N GLU K 6 21.83 42.84 -43.12
CA GLU K 6 22.34 41.77 -43.92
C GLU K 6 23.78 42.03 -44.28
N THR K 7 24.58 41.00 -44.20
CA THR K 7 25.96 41.06 -44.59
C THR K 7 26.18 39.88 -45.49
N GLY K 8 25.66 39.98 -46.70
CA GLY K 8 25.63 38.85 -47.62
C GLY K 8 26.79 38.81 -48.58
N GLY K 9 26.63 38.00 -49.63
CA GLY K 9 27.65 37.79 -50.63
C GLY K 9 27.47 38.73 -51.82
N GLY K 10 28.11 38.38 -52.94
CA GLY K 10 28.08 39.19 -54.15
C GLY K 10 27.65 38.39 -55.37
N LEU K 11 28.52 38.40 -56.39
CA LEU K 11 28.30 37.69 -57.65
C LEU K 11 28.95 36.32 -57.60
N VAL K 12 28.14 35.32 -57.84
CA VAL K 12 28.52 33.92 -57.79
C VAL K 12 28.10 33.16 -59.05
N GLN K 13 28.88 32.18 -59.43
CA GLN K 13 28.57 31.40 -60.62
C GLN K 13 27.43 30.41 -60.40
N PRO K 14 26.61 30.13 -61.42
CA PRO K 14 25.53 29.17 -61.37
C PRO K 14 26.04 27.82 -60.98
N GLY K 15 25.28 27.15 -60.15
CA GLY K 15 25.63 25.81 -59.72
C GLY K 15 26.50 25.78 -58.47
N GLY K 16 26.94 26.93 -57.99
CA GLY K 16 27.82 27.00 -56.83
C GLY K 16 27.04 27.23 -55.55
N SER K 17 27.63 27.98 -54.63
CA SER K 17 26.95 28.21 -53.38
C SER K 17 27.28 29.58 -52.85
N LEU K 18 26.36 30.13 -52.08
CA LEU K 18 26.56 31.44 -51.45
C LEU K 18 25.87 31.48 -50.10
N LYS K 19 26.57 31.99 -49.10
CA LYS K 19 25.98 32.08 -47.78
C LYS K 19 25.70 33.50 -47.36
N LEU K 20 24.51 33.72 -46.84
CA LEU K 20 24.08 34.98 -46.29
C LEU K 20 24.02 34.90 -44.80
N SER K 21 24.19 36.02 -44.17
CA SER K 21 23.97 36.12 -42.73
C SER K 21 23.39 37.49 -42.48
N CYS K 22 22.70 37.63 -41.34
CA CYS K 22 22.06 38.85 -40.85
C CYS K 22 22.25 38.99 -39.35
N ARG K 23 22.70 40.18 -38.96
CA ARG K 23 22.90 40.45 -37.56
C ARG K 23 21.73 41.22 -37.00
N ALA K 24 21.32 40.84 -35.80
CA ALA K 24 20.20 41.51 -35.20
C ALA K 24 20.54 42.30 -33.96
N SER K 25 19.84 43.41 -33.78
CA SER K 25 19.96 44.21 -32.58
C SER K 25 18.69 44.98 -32.26
N GLY K 26 18.56 45.42 -31.00
CA GLY K 26 17.43 46.26 -30.57
C GLY K 26 16.22 45.51 -30.03
N TYR K 27 16.30 44.19 -29.97
CA TYR K 27 15.19 43.37 -29.50
C TYR K 27 15.75 42.05 -29.01
N THR K 28 14.93 41.28 -28.31
CA THR K 28 15.42 39.97 -27.92
C THR K 28 15.33 39.09 -29.14
N PHE K 29 16.48 38.65 -29.61
CA PHE K 29 16.57 37.86 -30.83
C PHE K 29 15.80 36.59 -30.70
N SER K 30 16.01 35.93 -29.59
CA SER K 30 15.43 34.65 -29.27
C SER K 30 13.91 34.68 -29.08
N SER K 31 13.28 35.84 -29.05
CA SER K 31 11.84 35.87 -28.87
C SER K 31 11.07 35.78 -30.19
N PHE K 32 11.77 35.91 -31.32
CA PHE K 32 11.06 35.94 -32.59
C PHE K 32 11.52 34.94 -33.63
N ALA K 33 10.55 34.44 -34.37
CA ALA K 33 10.80 33.63 -35.54
C ALA K 33 11.29 34.57 -36.61
N MET K 34 12.06 34.06 -37.55
CA MET K 34 12.57 34.90 -38.62
C MET K 34 12.45 34.24 -39.97
N SER K 35 12.50 35.04 -41.00
CA SER K 35 12.37 34.52 -42.34
C SER K 35 13.19 35.29 -43.34
N TRP K 36 13.31 34.69 -44.52
CA TRP K 36 13.93 35.38 -45.62
C TRP K 36 12.87 35.59 -46.68
N VAL K 37 12.85 36.81 -47.20
CA VAL K 37 11.93 37.21 -48.26
C VAL K 37 12.73 37.68 -49.45
N ARG K 38 12.40 37.19 -50.61
CA ARG K 38 13.15 37.53 -51.79
C ARG K 38 12.47 38.51 -52.72
N GLN K 39 13.25 39.38 -53.35
CA GLN K 39 12.70 40.27 -54.37
C GLN K 39 13.58 40.43 -55.58
N ALA K 40 13.20 39.80 -56.68
CA ALA K 40 13.96 39.89 -57.91
C ALA K 40 13.82 41.34 -58.37
N PRO K 41 14.76 41.92 -59.11
CA PRO K 41 14.70 43.30 -59.58
C PRO K 41 13.40 43.73 -60.27
N GLY K 42 12.73 42.84 -60.99
CA GLY K 42 11.50 43.20 -61.68
C GLY K 42 10.24 42.61 -61.02
N LYS K 43 10.38 42.06 -59.83
CA LYS K 43 9.29 41.37 -59.17
C LYS K 43 8.86 41.95 -57.81
N GLY K 44 7.80 41.35 -57.28
CA GLY K 44 7.31 41.71 -55.98
C GLY K 44 8.00 40.84 -54.97
N LEU K 45 7.42 40.70 -53.82
CA LEU K 45 8.07 39.96 -52.76
C LEU K 45 7.69 38.49 -52.82
N GLU K 46 8.62 37.62 -52.46
CA GLU K 46 8.38 36.19 -52.38
C GLU K 46 8.83 35.61 -51.05
N TRP K 47 8.00 34.86 -50.37
CA TRP K 47 8.51 34.27 -49.15
C TRP K 47 9.39 33.12 -49.53
N VAL K 48 10.55 32.96 -48.91
CA VAL K 48 11.40 31.84 -49.27
C VAL K 48 11.52 30.81 -48.17
N SER K 49 11.89 31.28 -46.98
CA SER K 49 12.09 30.34 -45.90
C SER K 49 11.77 30.94 -44.54
N LEU K 50 11.45 30.07 -43.58
CA LEU K 50 11.09 30.42 -42.20
C LEU K 50 11.73 29.54 -41.16
N ILE K 51 12.27 30.17 -40.13
CA ILE K 51 12.84 29.43 -39.01
C ILE K 51 12.29 29.89 -37.68
N ASN K 52 12.00 28.88 -36.84
CA ASN K 52 11.45 29.12 -35.49
C ASN K 52 12.47 29.82 -34.63
N ASP K 53 12.02 30.44 -33.55
CA ASP K 53 12.84 31.18 -32.59
C ASP K 53 13.86 30.34 -31.81
N ARG K 54 13.60 29.03 -31.65
CA ARG K 54 14.56 28.14 -30.94
C ARG K 54 15.44 27.41 -31.96
N GLY K 55 15.21 27.62 -33.25
CA GLY K 55 15.98 27.03 -34.33
C GLY K 55 15.60 25.60 -34.71
N GLY K 56 14.62 25.01 -34.04
CA GLY K 56 14.22 23.62 -34.28
C GLY K 56 13.38 23.33 -35.53
N LEU K 57 12.55 24.29 -35.93
CA LEU K 57 11.61 24.01 -37.06
C LEU K 57 11.93 24.91 -38.24
N THR K 58 12.05 24.34 -39.43
CA THR K 58 12.26 25.11 -40.63
C THR K 58 11.26 24.78 -41.71
N PHE K 59 10.91 25.80 -42.49
CA PHE K 59 9.97 25.63 -43.58
C PHE K 59 10.50 26.31 -44.82
N TYR K 60 10.22 25.74 -45.99
CA TYR K 60 10.68 26.31 -47.25
C TYR K 60 9.65 26.31 -48.34
N VAL K 61 9.79 27.20 -49.32
CA VAL K 61 9.01 27.08 -50.53
C VAL K 61 9.56 25.91 -51.31
N ASP K 62 8.70 25.19 -52.02
CA ASP K 62 9.16 24.02 -52.76
C ASP K 62 10.33 24.29 -53.70
N SER K 63 10.37 25.46 -54.32
CA SER K 63 11.40 25.78 -55.30
C SER K 63 12.83 25.84 -54.77
N VAL K 64 13.02 25.94 -53.46
CA VAL K 64 14.35 25.97 -52.88
C VAL K 64 14.47 24.86 -51.85
N LYS K 65 13.45 24.04 -51.74
CA LYS K 65 13.39 23.11 -50.61
C LYS K 65 14.54 22.16 -50.55
N GLY K 66 15.04 21.71 -51.68
CA GLY K 66 16.15 20.78 -51.68
C GLY K 66 17.48 21.50 -51.85
N ARG K 67 17.47 22.82 -51.83
CA ARG K 67 18.68 23.56 -52.11
C ARG K 67 19.13 24.49 -50.99
N PHE K 68 18.20 25.02 -50.22
CA PHE K 68 18.56 25.99 -49.20
C PHE K 68 18.50 25.45 -47.79
N THR K 69 19.43 25.89 -46.96
CA THR K 69 19.39 25.60 -45.53
C THR K 69 19.28 26.88 -44.73
N ILE K 70 18.29 26.94 -43.84
CA ILE K 70 18.11 28.14 -43.01
C ILE K 70 18.55 27.78 -41.63
N SER K 71 19.25 28.67 -40.97
CA SER K 71 19.68 28.39 -39.62
C SER K 71 19.64 29.59 -38.71
N ARG K 72 20.02 29.35 -37.47
CA ARG K 72 19.97 30.34 -36.41
C ARG K 72 20.99 30.12 -35.33
N ASP K 73 21.51 31.22 -34.79
CA ASP K 73 22.39 31.18 -33.64
C ASP K 73 21.96 32.23 -32.63
N ASN K 74 21.34 31.78 -31.54
CA ASN K 74 20.78 32.71 -30.57
C ASN K 74 21.82 33.32 -29.64
N SER K 75 23.06 32.82 -29.66
CA SER K 75 24.05 33.39 -28.76
C SER K 75 24.72 34.56 -29.46
N LYS K 76 24.72 34.50 -30.79
CA LYS K 76 25.33 35.54 -31.60
C LYS K 76 24.34 36.45 -32.31
N ASN K 77 23.07 36.33 -31.98
CA ASN K 77 22.02 37.13 -32.57
C ASN K 77 22.11 37.10 -34.09
N THR K 78 22.31 35.91 -34.63
CA THR K 78 22.48 35.76 -36.05
C THR K 78 21.55 34.80 -36.77
N LEU K 79 21.04 35.30 -37.89
CA LEU K 79 20.20 34.55 -38.81
C LEU K 79 21.06 34.18 -40.00
N SER K 80 20.93 32.98 -40.55
CA SER K 80 21.73 32.68 -41.73
C SER K 80 21.03 31.81 -42.75
N LEU K 81 21.53 31.87 -43.98
CA LEU K 81 21.00 31.07 -45.07
C LEU K 81 22.09 30.57 -46.01
N GLN K 82 22.15 29.27 -46.19
CA GLN K 82 23.14 28.68 -47.09
C GLN K 82 22.46 28.21 -48.36
N MET K 83 22.79 28.81 -49.48
CA MET K 83 22.14 28.44 -50.71
C MET K 83 23.02 27.60 -51.61
N HIS K 84 22.46 26.54 -52.19
CA HIS K 84 23.20 25.71 -53.13
C HIS K 84 22.54 25.59 -54.50
N SER K 85 23.39 25.35 -55.51
CA SER K 85 23.08 25.09 -56.91
C SER K 85 22.63 26.34 -57.67
N LEU K 86 22.57 27.44 -56.95
CA LEU K 86 22.36 28.78 -57.45
C LEU K 86 21.86 28.86 -58.86
N ARG K 87 20.57 28.94 -59.01
CA ARG K 87 19.98 29.03 -60.34
C ARG K 87 20.03 30.49 -60.77
N ASP K 88 19.96 30.76 -62.06
CA ASP K 88 19.99 32.14 -62.51
C ASP K 88 18.77 32.89 -62.00
N GLY K 89 17.70 32.14 -61.83
CA GLY K 89 16.42 32.61 -61.34
C GLY K 89 16.46 33.00 -59.86
N ASP K 90 17.57 32.73 -59.19
CA ASP K 90 17.68 33.08 -57.78
C ASP K 90 18.28 34.47 -57.63
N THR K 91 18.55 35.18 -58.73
CA THR K 91 19.07 36.53 -58.57
C THR K 91 17.97 37.39 -57.97
N ALA K 92 18.29 38.01 -56.84
CA ALA K 92 17.31 38.79 -56.12
C ALA K 92 17.91 39.48 -54.93
N VAL K 93 17.14 40.39 -54.37
CA VAL K 93 17.48 40.92 -53.08
C VAL K 93 16.91 40.00 -51.99
N TYR K 94 17.72 39.62 -51.03
CA TYR K 94 17.27 38.75 -49.96
C TYR K 94 17.18 39.52 -48.66
N TYR K 95 15.97 39.67 -48.18
CA TYR K 95 15.72 40.45 -47.00
C TYR K 95 15.62 39.59 -45.76
N CYS K 96 16.22 40.06 -44.67
CA CYS K 96 16.16 39.51 -43.33
C CYS K 96 14.88 40.09 -42.72
N ALA K 97 13.99 39.23 -42.26
CA ALA K 97 12.77 39.76 -41.69
C ALA K 97 12.41 39.05 -40.40
N THR K 98 11.82 39.79 -39.49
CA THR K 98 11.40 39.28 -38.20
C THR K 98 9.90 39.16 -38.18
N GLY K 99 9.43 37.96 -37.84
CA GLY K 99 8.01 37.66 -37.82
C GLY K 99 7.71 36.45 -38.68
N GLY K 100 6.45 36.21 -38.95
CA GLY K 100 6.01 35.07 -39.74
C GLY K 100 5.54 33.85 -38.93
N MET K 101 5.83 33.80 -37.63
CA MET K 101 5.44 32.67 -36.79
C MET K 101 5.57 33.00 -35.31
N SER K 102 4.82 32.28 -34.47
CA SER K 102 4.88 32.41 -33.01
C SER K 102 5.05 31.05 -32.35
N SER K 103 5.08 31.02 -31.03
CA SER K 103 5.39 29.73 -30.34
C SER K 103 4.27 29.21 -29.44
N ALA K 104 3.02 29.20 -29.88
CA ALA K 104 1.91 28.58 -29.11
C ALA K 104 1.55 29.30 -27.83
N LEU K 105 2.51 29.81 -27.06
CA LEU K 105 2.24 30.42 -25.76
C LEU K 105 2.27 31.94 -25.89
N GLN K 106 2.45 32.39 -27.11
CA GLN K 106 2.55 33.79 -27.50
C GLN K 106 1.41 34.18 -28.39
N SER K 107 1.13 35.47 -28.48
CA SER K 107 0.15 35.93 -29.45
C SER K 107 0.69 35.59 -30.80
N SER K 108 -0.20 35.34 -31.74
CA SER K 108 0.17 35.01 -33.09
C SER K 108 0.74 36.14 -33.88
N LYS K 109 1.43 35.78 -34.96
CA LYS K 109 1.96 36.74 -35.89
C LYS K 109 1.32 36.56 -37.23
N TYR K 110 1.93 35.75 -38.12
CA TYR K 110 1.44 35.51 -39.51
C TYR K 110 1.62 36.77 -40.34
N TYR K 111 2.56 37.66 -39.96
CA TYR K 111 2.91 38.85 -40.71
C TYR K 111 4.34 39.18 -40.32
N PHE K 112 5.01 40.06 -41.06
CA PHE K 112 6.38 40.41 -40.70
C PHE K 112 6.45 41.78 -40.03
N ASP K 113 7.10 41.88 -38.87
CA ASP K 113 7.22 43.15 -38.15
C ASP K 113 8.41 44.01 -38.56
N PHE K 114 9.54 43.39 -38.81
CA PHE K 114 10.73 44.20 -39.11
C PHE K 114 11.44 43.70 -40.33
N TRP K 115 12.06 44.62 -41.05
CA TRP K 115 12.82 44.27 -42.23
C TRP K 115 14.22 44.86 -42.20
N GLY K 116 15.17 44.14 -42.77
CA GLY K 116 16.52 44.62 -42.98
C GLY K 116 16.50 45.29 -44.33
N GLN K 117 17.65 45.61 -44.93
CA GLN K 117 17.55 46.32 -46.21
C GLN K 117 17.75 45.40 -47.39
N GLY K 118 18.36 44.28 -47.14
CA GLY K 118 18.52 43.25 -48.16
C GLY K 118 19.87 43.13 -48.81
N ALA K 119 20.33 41.89 -48.92
CA ALA K 119 21.59 41.60 -49.57
C ALA K 119 21.30 41.38 -51.03
N LEU K 120 22.17 41.81 -51.92
CA LEU K 120 21.92 41.50 -53.31
C LEU K 120 22.72 40.33 -53.78
N VAL K 121 22.02 39.29 -54.18
CA VAL K 121 22.65 38.07 -54.61
C VAL K 121 22.51 37.93 -56.09
N THR K 122 23.63 37.83 -56.78
CA THR K 122 23.54 37.71 -58.23
C THR K 122 24.19 36.44 -58.70
N VAL K 123 23.48 35.74 -59.56
CA VAL K 123 23.99 34.49 -60.10
C VAL K 123 24.31 34.74 -61.58
N SER K 124 25.58 34.48 -61.99
CA SER K 124 26.15 34.72 -63.35
C SER K 124 25.65 33.70 -64.41
N ALA L 1 0.69 35.12 -57.14
CA ALA L 1 -0.28 34.30 -56.40
C ALA L 1 -1.57 35.08 -56.15
N LEU L 2 -1.48 36.26 -55.49
CA LEU L 2 -2.62 37.14 -55.18
C LEU L 2 -2.74 38.17 -56.27
N THR L 3 -3.95 38.59 -56.58
CA THR L 3 -4.09 39.61 -57.60
C THR L 3 -4.45 40.96 -57.05
N GLN L 4 -3.65 41.95 -57.38
CA GLN L 4 -3.93 43.29 -56.95
C GLN L 4 -3.63 44.12 -58.18
N PRO L 5 -4.32 45.24 -58.42
CA PRO L 5 -4.17 46.06 -59.61
C PRO L 5 -2.90 46.88 -59.64
N PRO L 6 -2.38 47.20 -60.82
CA PRO L 6 -1.34 48.16 -61.06
C PRO L 6 -1.93 49.56 -61.07
N SER L 7 -1.08 50.54 -60.88
CA SER L 7 -1.38 51.95 -61.13
C SER L 7 -2.62 52.57 -60.50
N VAL L 8 -2.83 52.30 -59.24
CA VAL L 8 -3.92 52.93 -58.52
C VAL L 8 -3.46 54.36 -58.32
N SER L 9 -4.34 55.33 -58.52
CA SER L 9 -3.89 56.71 -58.38
C SER L 9 -4.98 57.68 -57.96
N GLY L 10 -4.53 58.87 -57.55
CA GLY L 10 -5.42 59.98 -57.21
C GLY L 10 -4.63 61.16 -56.68
N SER L 11 -5.27 62.32 -56.58
CA SER L 11 -4.65 63.55 -56.11
C SER L 11 -4.61 63.60 -54.60
N PRO L 12 -3.72 64.40 -53.98
CA PRO L 12 -3.69 64.55 -52.56
C PRO L 12 -5.06 64.95 -52.08
N GLY L 13 -5.47 64.34 -50.99
CA GLY L 13 -6.76 64.58 -50.38
C GLY L 13 -7.85 63.62 -50.89
N GLN L 14 -7.58 62.89 -51.97
CA GLN L 14 -8.56 61.96 -52.50
C GLN L 14 -8.23 60.60 -51.95
N SER L 15 -9.25 59.82 -51.60
CA SER L 15 -8.96 58.49 -51.13
C SER L 15 -8.72 57.56 -52.29
N VAL L 16 -8.00 56.48 -52.03
CA VAL L 16 -7.79 55.43 -53.00
C VAL L 16 -8.00 54.08 -52.37
N THR L 17 -8.36 53.10 -53.17
CA THR L 17 -8.46 51.74 -52.65
C THR L 17 -7.63 50.80 -53.47
N ILE L 18 -6.82 50.02 -52.80
CA ILE L 18 -6.02 49.02 -53.48
C ILE L 18 -6.59 47.67 -53.10
N SER L 19 -7.20 46.98 -54.04
CA SER L 19 -7.80 45.69 -53.73
C SER L 19 -6.77 44.57 -53.87
N CYS L 20 -7.09 43.38 -53.32
CA CYS L 20 -6.31 42.15 -53.39
C CYS L 20 -7.22 40.93 -53.37
N THR L 21 -7.32 40.24 -54.48
CA THR L 21 -8.21 39.09 -54.54
C THR L 21 -7.41 37.82 -54.57
N GLY L 22 -7.74 36.94 -53.66
CA GLY L 22 -7.09 35.65 -53.54
C GLY L 22 -8.10 34.56 -53.78
N THR L 23 -7.91 33.46 -53.08
CA THR L 23 -8.77 32.29 -53.22
C THR L 23 -9.43 31.91 -51.91
N SER L 24 -10.19 30.81 -51.95
CA SER L 24 -10.91 30.38 -50.76
C SER L 24 -9.96 29.85 -49.71
N SER L 25 -8.98 29.01 -50.10
CA SER L 25 -7.99 28.50 -49.16
C SER L 25 -6.82 29.47 -49.05
N ASP L 26 -7.18 30.67 -48.70
CA ASP L 26 -6.32 31.81 -48.59
C ASP L 26 -7.01 32.91 -47.79
N ILE L 27 -7.40 33.97 -48.49
CA ILE L 27 -8.11 35.08 -47.87
C ILE L 27 -9.44 34.60 -47.35
N GLY L 28 -10.10 33.74 -48.08
CA GLY L 28 -11.39 33.23 -47.63
C GLY L 28 -11.33 32.32 -46.39
N SER L 29 -10.15 31.79 -46.03
CA SER L 29 -10.04 30.90 -44.87
C SER L 29 -9.31 31.47 -43.67
N TYR L 30 -8.36 32.36 -43.89
CA TYR L 30 -7.58 32.82 -42.76
C TYR L 30 -7.59 34.32 -42.64
N ASN L 31 -7.80 34.82 -41.44
CA ASN L 31 -7.76 36.26 -41.26
C ASN L 31 -6.37 36.73 -40.93
N TYR L 32 -5.44 36.47 -41.83
CA TYR L 32 -4.08 36.88 -41.61
C TYR L 32 -3.57 37.54 -42.85
N VAL L 33 -4.07 38.72 -43.09
CA VAL L 33 -3.73 39.46 -44.26
C VAL L 33 -2.96 40.66 -43.83
N SER L 34 -1.93 40.98 -44.57
CA SER L 34 -1.16 42.15 -44.22
C SER L 34 -0.80 42.92 -45.46
N TRP L 35 -0.48 44.19 -45.25
CA TRP L 35 -0.06 45.06 -46.33
C TRP L 35 1.25 45.71 -46.01
N TYR L 36 2.08 45.85 -47.03
CA TYR L 36 3.37 46.49 -46.89
C TYR L 36 3.56 47.63 -47.87
N GLN L 37 4.28 48.64 -47.44
CA GLN L 37 4.59 49.81 -48.26
C GLN L 37 6.04 49.93 -48.62
N GLN L 38 6.34 49.79 -49.90
CA GLN L 38 7.73 49.85 -50.33
C GLN L 38 8.10 51.08 -51.10
N HIS L 39 8.83 51.98 -50.49
CA HIS L 39 9.23 53.14 -51.25
C HIS L 39 10.35 52.60 -52.12
N PRO L 40 10.52 53.04 -53.35
CA PRO L 40 11.58 52.55 -54.20
C PRO L 40 12.91 52.71 -53.51
N GLY L 41 13.72 51.66 -53.56
CA GLY L 41 15.05 51.66 -52.97
C GLY L 41 15.09 51.29 -51.49
N LYS L 42 13.93 51.06 -50.88
CA LYS L 42 13.86 50.73 -49.46
C LYS L 42 13.22 49.38 -49.20
N ALA L 43 13.51 48.78 -48.04
CA ALA L 43 12.80 47.57 -47.68
C ALA L 43 11.35 47.93 -47.38
N PRO L 44 10.37 47.05 -47.60
CA PRO L 44 8.97 47.26 -47.30
C PRO L 44 8.71 47.53 -45.83
N LYS L 45 7.77 48.40 -45.55
CA LYS L 45 7.35 48.71 -44.19
C LYS L 45 6.01 48.05 -43.89
N LEU L 46 5.82 47.53 -42.70
CA LEU L 46 4.49 46.98 -42.40
C LEU L 46 3.50 48.09 -42.18
N MET L 47 2.34 48.02 -42.85
CA MET L 47 1.34 49.04 -42.65
C MET L 47 0.11 48.47 -41.97
N ILE L 48 -0.32 47.30 -42.41
CA ILE L 48 -1.52 46.63 -41.91
C ILE L 48 -1.25 45.17 -41.62
N TYR L 49 -1.82 44.63 -40.55
CA TYR L 49 -1.70 43.21 -40.24
C TYR L 49 -2.97 42.69 -39.60
N ASP L 50 -3.16 41.37 -39.62
CA ASP L 50 -4.38 40.78 -39.07
C ASP L 50 -5.61 41.44 -39.70
N VAL L 51 -5.51 41.68 -41.01
CA VAL L 51 -6.51 42.26 -41.89
C VAL L 51 -6.78 43.75 -41.63
N THR L 52 -7.17 44.10 -40.40
CA THR L 52 -7.56 45.46 -40.03
C THR L 52 -6.67 46.23 -39.05
N GLN L 53 -5.60 45.65 -38.51
CA GLN L 53 -4.83 46.33 -37.49
C GLN L 53 -3.66 47.07 -38.06
N ARG L 54 -3.21 48.09 -37.35
CA ARG L 54 -2.03 48.78 -37.83
C ARG L 54 -1.03 48.80 -36.69
N PRO L 55 0.27 48.78 -36.97
CA PRO L 55 1.32 48.84 -36.00
C PRO L 55 1.46 50.23 -35.47
N SER L 56 2.03 50.34 -34.30
CA SER L 56 2.36 51.65 -33.82
C SER L 56 3.37 52.16 -34.81
N GLY L 57 3.37 53.46 -35.07
CA GLY L 57 4.32 54.01 -36.01
C GLY L 57 3.73 54.38 -37.35
N VAL L 58 2.48 53.98 -37.64
CA VAL L 58 1.90 54.40 -38.90
C VAL L 58 0.65 55.19 -38.62
N SER L 59 0.24 55.96 -39.59
CA SER L 59 -0.95 56.78 -39.48
C SER L 59 -2.23 56.00 -39.61
N ASP L 60 -3.32 56.63 -39.20
CA ASP L 60 -4.64 56.03 -39.25
C ASP L 60 -5.34 56.34 -40.54
N ARG L 61 -4.57 56.86 -41.48
CA ARG L 61 -5.06 57.12 -42.81
C ARG L 61 -5.07 55.79 -43.55
N PHE L 62 -4.36 54.80 -43.00
CA PHE L 62 -4.27 53.47 -43.59
C PHE L 62 -5.15 52.52 -42.80
N SER L 63 -6.13 51.95 -43.49
CA SER L 63 -7.09 51.04 -42.85
C SER L 63 -7.43 49.84 -43.72
N GLY L 64 -7.31 48.65 -43.14
CA GLY L 64 -7.60 47.44 -43.90
C GLY L 64 -9.02 46.95 -43.71
N SER L 65 -9.49 46.14 -44.65
CA SER L 65 -10.79 45.49 -44.57
C SER L 65 -10.85 44.28 -45.50
N LYS L 66 -11.89 43.44 -45.36
CA LYS L 66 -12.05 42.33 -46.30
C LYS L 66 -13.48 41.84 -46.41
N SER L 67 -13.78 41.17 -47.52
CA SER L 67 -15.04 40.48 -47.77
C SER L 67 -14.83 39.31 -48.74
N GLY L 68 -15.39 38.15 -48.44
CA GLY L 68 -15.23 37.02 -49.36
C GLY L 68 -13.76 36.67 -49.47
N ASN L 69 -13.25 36.60 -50.70
CA ASN L 69 -11.86 36.26 -50.93
C ASN L 69 -11.08 37.53 -51.29
N THR L 70 -11.67 38.69 -51.05
CA THR L 70 -11.01 39.94 -51.39
C THR L 70 -10.68 40.81 -50.19
N ALA L 71 -9.44 41.20 -50.13
CA ALA L 71 -8.94 42.08 -49.10
C ALA L 71 -8.66 43.42 -49.72
N SER L 72 -8.72 44.48 -48.95
CA SER L 72 -8.35 45.76 -49.51
C SER L 72 -7.73 46.70 -48.51
N LEU L 73 -6.97 47.63 -49.05
CA LEU L 73 -6.37 48.70 -48.29
C LEU L 73 -6.94 50.03 -48.70
N THR L 74 -7.46 50.75 -47.74
CA THR L 74 -8.01 52.05 -48.03
C THR L 74 -7.09 53.11 -47.47
N ILE L 75 -6.74 54.06 -48.30
CA ILE L 75 -5.93 55.18 -47.87
C ILE L 75 -6.83 56.39 -47.99
N SER L 76 -6.98 57.15 -46.90
CA SER L 76 -7.90 58.28 -46.92
C SER L 76 -7.27 59.61 -47.38
N GLY L 77 -6.74 60.40 -46.46
CA GLY L 77 -6.16 61.70 -46.80
C GLY L 77 -4.82 61.54 -47.49
N LEU L 78 -4.86 61.11 -48.74
CA LEU L 78 -3.69 60.77 -49.54
C LEU L 78 -2.71 61.92 -49.58
N GLN L 79 -1.45 61.59 -49.32
CA GLN L 79 -0.36 62.54 -49.31
C GLN L 79 0.60 62.34 -50.45
N ALA L 80 1.37 63.36 -50.79
CA ALA L 80 2.40 63.23 -51.84
C ALA L 80 3.41 62.15 -51.49
N ASP L 81 3.67 61.97 -50.22
CA ASP L 81 4.66 61.03 -49.76
C ASP L 81 4.15 59.60 -49.71
N ASP L 82 2.92 59.37 -50.14
CA ASP L 82 2.40 58.02 -50.12
C ASP L 82 2.74 57.29 -51.42
N GLU L 83 3.46 57.95 -52.35
CA GLU L 83 3.82 57.20 -53.54
C GLU L 83 4.71 56.03 -53.09
N ALA L 84 4.29 54.83 -53.46
CA ALA L 84 5.00 53.60 -53.07
C ALA L 84 4.43 52.39 -53.78
N ASP L 85 5.18 51.30 -53.76
CA ASP L 85 4.64 50.05 -54.23
C ASP L 85 3.99 49.32 -53.08
N TYR L 86 2.69 49.13 -53.16
CA TYR L 86 2.01 48.48 -52.07
C TYR L 86 1.82 47.01 -52.37
N TYR L 87 2.00 46.18 -51.37
CA TYR L 87 1.83 44.75 -51.56
C TYR L 87 0.90 44.16 -50.53
N CYS L 88 0.09 43.18 -50.95
CA CYS L 88 -0.73 42.36 -50.07
C CYS L 88 -0.05 41.02 -49.94
N SER L 89 -0.24 40.42 -48.79
CA SER L 89 0.21 39.07 -48.57
C SER L 89 -0.73 38.43 -47.63
N ALA L 90 -0.72 37.12 -47.63
CA ALA L 90 -1.57 36.42 -46.70
C ALA L 90 -1.03 35.08 -46.32
N TYR L 91 -1.42 34.67 -45.13
CA TYR L 91 -1.12 33.33 -44.68
C TYR L 91 -2.00 32.43 -45.50
N ALA L 92 -1.45 31.37 -46.05
CA ALA L 92 -2.26 30.50 -46.89
C ALA L 92 -2.19 29.04 -46.51
N GLY L 93 -2.00 28.75 -45.24
CA GLY L 93 -1.96 27.37 -44.78
C GLY L 93 -0.58 26.94 -44.34
N ARG L 94 -0.46 25.68 -43.90
CA ARG L 94 0.83 25.17 -43.35
C ARG L 94 1.69 24.52 -44.44
N GLN L 95 1.25 24.51 -45.70
CA GLN L 95 2.04 23.94 -46.78
C GLN L 95 2.70 25.04 -47.59
N THR L 96 1.98 26.13 -47.78
CA THR L 96 2.43 27.29 -48.53
C THR L 96 2.18 28.46 -47.64
N PHE L 97 3.09 28.66 -46.72
CA PHE L 97 2.88 29.62 -45.66
C PHE L 97 2.52 30.99 -46.14
N TYR L 98 3.29 31.57 -47.04
CA TYR L 98 2.90 32.90 -47.45
C TYR L 98 2.90 33.08 -48.91
N ILE L 99 1.95 33.87 -49.35
CA ILE L 99 1.90 34.26 -50.72
C ILE L 99 1.76 35.76 -50.82
N PHE L 100 2.19 36.32 -51.93
CA PHE L 100 2.13 37.75 -52.20
C PHE L 100 1.53 38.08 -53.55
N GLY L 101 1.02 39.30 -53.68
CA GLY L 101 0.59 39.81 -54.97
C GLY L 101 1.74 40.58 -55.63
N GLY L 102 1.48 41.21 -56.78
CA GLY L 102 2.54 41.99 -57.40
C GLY L 102 2.45 43.33 -56.75
N GLY L 103 3.27 44.29 -57.13
CA GLY L 103 3.14 45.57 -56.44
C GLY L 103 2.17 46.51 -57.11
N THR L 104 1.53 47.35 -56.32
CA THR L 104 0.67 48.37 -56.86
C THR L 104 1.38 49.69 -56.82
N ARG L 105 1.67 50.24 -57.98
CA ARG L 105 2.37 51.51 -58.02
C ARG L 105 1.41 52.63 -57.78
N LEU L 106 1.28 53.01 -56.51
CA LEU L 106 0.34 54.05 -56.16
C LEU L 106 0.95 55.37 -56.48
N THR L 107 0.25 56.11 -57.32
CA THR L 107 0.72 57.41 -57.78
C THR L 107 -0.15 58.51 -57.23
N VAL L 108 0.51 59.47 -56.61
CA VAL L 108 -0.21 60.59 -56.05
C VAL L 108 -0.06 61.76 -57.05
N LEU L 109 -1.20 62.31 -57.49
CA LEU L 109 -1.36 63.34 -58.53
C LEU L 109 -1.61 64.75 -57.97
N GLU M 1 2.80 0.99 67.56
CA GLU M 1 2.32 0.82 68.93
C GLU M 1 0.80 1.05 68.93
N VAL M 2 0.07 0.16 69.64
CA VAL M 2 -1.40 0.21 69.79
C VAL M 2 -1.84 0.42 71.21
N GLN M 3 -2.69 1.42 71.37
CA GLN M 3 -3.24 1.78 72.66
C GLN M 3 -4.74 2.06 72.66
N LEU M 4 -5.39 1.61 73.72
CA LEU M 4 -6.76 1.99 73.98
C LEU M 4 -6.69 3.06 75.03
N VAL M 5 -7.11 4.27 74.68
CA VAL M 5 -6.99 5.39 75.57
C VAL M 5 -8.28 5.56 76.32
N GLU M 6 -8.28 5.05 77.54
CA GLU M 6 -9.47 4.95 78.34
C GLU M 6 -9.69 6.15 79.23
N SER M 7 -10.94 6.56 79.31
CA SER M 7 -11.36 7.66 80.15
C SER M 7 -12.83 7.53 80.54
N GLY M 8 -13.34 8.57 81.20
CA GLY M 8 -14.74 8.62 81.64
C GLY M 8 -14.99 8.09 83.04
N GLY M 9 -13.95 7.67 83.74
CA GLY M 9 -14.18 7.14 85.09
C GLY M 9 -14.68 8.27 85.95
N ASP M 10 -15.55 7.97 86.91
CA ASP M 10 -16.08 9.02 87.79
C ASP M 10 -16.59 8.43 89.09
N LEU M 11 -17.07 9.29 89.98
CA LEU M 11 -17.67 8.87 91.24
C LEU M 11 -19.18 8.91 91.12
N VAL M 12 -19.77 7.74 91.15
CA VAL M 12 -21.18 7.58 90.96
C VAL M 12 -21.84 6.72 92.03
N LYS M 13 -23.15 6.83 92.09
CA LYS M 13 -23.96 6.01 92.98
C LYS M 13 -24.81 5.12 92.07
N PRO M 14 -25.36 3.97 92.53
CA PRO M 14 -26.25 3.12 91.76
C PRO M 14 -27.42 3.92 91.14
N GLY M 15 -27.88 4.94 91.88
CA GLY M 15 -28.98 5.82 91.46
C GLY M 15 -28.48 6.92 90.53
N GLY M 16 -27.99 6.51 89.37
CA GLY M 16 -27.40 7.40 88.40
C GLY M 16 -27.02 6.65 87.13
N SER M 17 -26.10 7.25 86.37
CA SER M 17 -25.64 6.69 85.10
C SER M 17 -24.19 7.09 84.89
N LEU M 18 -23.49 6.31 84.08
CA LEU M 18 -22.10 6.55 83.78
C LEU M 18 -21.69 6.02 82.43
N ARG M 19 -20.97 6.82 81.64
CA ARG M 19 -20.49 6.30 80.37
C ARG M 19 -18.97 6.24 80.38
N LEU M 20 -18.43 5.05 80.16
CA LEU M 20 -16.98 4.89 80.11
C LEU M 20 -16.62 4.74 78.65
N SER M 21 -15.44 5.17 78.26
CA SER M 21 -15.10 5.01 76.86
C SER M 21 -13.61 4.86 76.59
N CYS M 22 -13.24 4.31 75.40
CA CYS M 22 -11.85 4.16 74.96
C CYS M 22 -11.67 4.64 73.53
N ALA M 23 -10.69 5.51 73.34
CA ALA M 23 -10.36 6.03 72.02
C ALA M 23 -9.11 5.32 71.52
N ALA M 24 -9.14 4.81 70.32
CA ALA M 24 -7.95 4.12 69.88
C ALA M 24 -6.87 5.06 69.37
N SER M 25 -5.65 4.58 69.50
CA SER M 25 -4.47 5.22 68.95
C SER M 25 -3.65 4.16 68.22
N GLY M 26 -3.31 4.44 66.96
CA GLY M 26 -2.57 3.51 66.09
C GLY M 26 -3.54 2.56 65.39
N PHE M 27 -4.28 1.85 66.20
CA PHE M 27 -5.31 0.91 65.80
C PHE M 27 -6.60 1.63 65.54
N THR M 28 -7.32 1.27 64.50
CA THR M 28 -8.59 1.91 64.25
C THR M 28 -9.71 0.95 64.57
N PHE M 29 -10.93 1.47 64.67
CA PHE M 29 -12.02 0.56 64.98
C PHE M 29 -12.89 0.10 63.83
N SER M 30 -12.52 0.40 62.60
CA SER M 30 -13.34 -0.01 61.47
C SER M 30 -13.43 -1.54 61.33
N ASP M 31 -12.45 -2.26 61.85
CA ASP M 31 -12.44 -3.70 61.86
C ASP M 31 -12.19 -4.23 63.26
N ALA M 32 -12.50 -3.43 64.29
CA ALA M 32 -12.19 -3.88 65.63
C ALA M 32 -13.34 -4.44 66.38
N TRP M 33 -13.17 -5.66 66.85
CA TRP M 33 -14.16 -6.23 67.71
C TRP M 33 -13.69 -5.82 69.07
N MET M 34 -14.61 -5.46 69.94
CA MET M 34 -14.22 -4.99 71.25
C MET M 34 -15.08 -5.49 72.37
N SER M 35 -14.46 -5.63 73.54
CA SER M 35 -15.20 -6.23 74.68
C SER M 35 -14.84 -5.58 76.02
N TRP M 36 -15.80 -5.45 76.93
CA TRP M 36 -15.56 -4.95 78.26
C TRP M 36 -15.61 -6.11 79.24
N VAL M 37 -14.71 -6.04 80.19
CA VAL M 37 -14.57 -6.98 81.29
C VAL M 37 -14.43 -6.18 82.57
N ARG M 38 -14.94 -6.68 83.68
CA ARG M 38 -14.79 -5.95 84.92
C ARG M 38 -14.22 -6.81 86.02
N GLN M 39 -13.54 -6.18 86.95
CA GLN M 39 -13.03 -6.88 88.10
C GLN M 39 -13.33 -6.14 89.39
N ALA M 40 -14.24 -6.68 90.18
CA ALA M 40 -14.56 -6.07 91.44
C ALA M 40 -13.35 -6.26 92.33
N PRO M 41 -13.03 -5.38 93.27
CA PRO M 41 -11.94 -5.59 94.17
C PRO M 41 -12.16 -6.92 94.87
N GLY M 42 -11.10 -7.74 94.95
CA GLY M 42 -11.16 -9.04 95.60
C GLY M 42 -11.71 -10.17 94.71
N LYS M 43 -12.09 -9.83 93.48
CA LYS M 43 -12.68 -10.79 92.55
C LYS M 43 -11.83 -11.04 91.31
N GLY M 44 -12.24 -12.06 90.55
CA GLY M 44 -11.58 -12.40 89.30
C GLY M 44 -12.21 -11.60 88.16
N LEU M 45 -11.98 -12.03 86.94
CA LEU M 45 -12.44 -11.30 85.78
C LEU M 45 -13.79 -11.75 85.27
N GLU M 46 -14.74 -10.82 85.21
CA GLU M 46 -16.08 -11.13 84.74
C GLU M 46 -16.36 -10.41 83.44
N TRP M 47 -16.72 -11.14 82.42
CA TRP M 47 -17.00 -10.54 81.13
C TRP M 47 -18.28 -9.72 81.22
N VAL M 48 -18.30 -8.51 80.63
CA VAL M 48 -19.50 -7.69 80.63
C VAL M 48 -20.27 -7.83 79.31
N GLY M 49 -19.53 -7.72 78.20
CA GLY M 49 -20.15 -7.81 76.87
C GLY M 49 -19.16 -7.57 75.72
N ARG M 50 -19.63 -7.76 74.49
CA ARG M 50 -18.83 -7.61 73.26
C ARG M 50 -19.63 -7.01 72.11
N ILE M 51 -18.95 -6.16 71.35
CA ILE M 51 -19.52 -5.57 70.15
C ILE M 51 -18.68 -5.95 68.91
N LYS M 52 -19.34 -6.40 67.87
CA LYS M 52 -18.65 -6.75 66.63
C LYS M 52 -18.53 -5.50 65.80
N SER M 53 -17.60 -5.48 64.85
CA SER M 53 -17.46 -4.32 64.00
C SER M 53 -18.75 -4.09 63.27
N ASN M 54 -19.03 -2.79 63.03
CA ASN M 54 -20.25 -2.35 62.30
C ASN M 54 -20.22 -2.92 60.87
N ILE M 55 -19.04 -3.21 60.29
CA ILE M 55 -18.90 -3.79 58.92
C ILE M 55 -19.37 -5.25 58.93
N ASP M 56 -19.43 -5.87 60.11
CA ASP M 56 -19.86 -7.29 60.22
C ASP M 56 -21.28 -7.35 60.79
N GLY M 57 -21.95 -6.20 60.93
CA GLY M 57 -23.35 -6.16 61.40
C GLY M 57 -23.55 -5.25 62.60
N GLY M 58 -22.56 -5.13 63.49
CA GLY M 58 -22.73 -4.31 64.72
C GLY M 58 -23.45 -5.10 65.80
N THR M 59 -23.45 -6.43 65.71
CA THR M 59 -24.12 -7.28 66.66
C THR M 59 -23.42 -7.23 68.00
N THR M 60 -24.20 -7.25 69.07
CA THR M 60 -23.63 -7.28 70.40
C THR M 60 -24.06 -8.51 71.17
N ASP M 61 -23.23 -8.84 72.14
CA ASP M 61 -23.39 -9.96 73.06
C ASP M 61 -23.22 -9.50 74.49
N TYR M 62 -24.20 -9.75 75.34
CA TYR M 62 -24.05 -9.31 76.72
C TYR M 62 -24.18 -10.46 77.67
N VAL M 63 -23.52 -10.32 78.80
CA VAL M 63 -23.55 -11.28 79.88
C VAL M 63 -24.82 -11.09 80.70
N ALA M 64 -25.56 -12.17 80.91
CA ALA M 64 -26.87 -12.11 81.57
C ALA M 64 -26.95 -11.23 82.84
N PRO M 65 -26.10 -11.37 83.89
CA PRO M 65 -26.17 -10.58 85.10
C PRO M 65 -26.00 -9.08 84.95
N VAL M 66 -25.48 -8.61 83.81
CA VAL M 66 -25.24 -7.21 83.52
C VAL M 66 -26.03 -6.73 82.31
N LYS M 67 -26.86 -7.60 81.77
CA LYS M 67 -27.56 -7.28 80.55
C LYS M 67 -28.59 -6.20 80.79
N GLY M 68 -28.79 -5.34 79.80
CA GLY M 68 -29.80 -4.29 79.84
C GLY M 68 -29.30 -3.01 80.50
N ARG M 69 -28.82 -3.12 81.73
CA ARG M 69 -28.31 -1.94 82.41
C ARG M 69 -26.91 -1.56 81.91
N PHE M 70 -26.15 -2.51 81.34
CA PHE M 70 -24.85 -2.22 80.73
C PHE M 70 -24.88 -2.48 79.23
N THR M 71 -24.76 -1.43 78.39
CA THR M 71 -24.80 -1.68 76.94
C THR M 71 -23.57 -1.12 76.21
N ILE M 72 -23.30 -1.65 75.02
CA ILE M 72 -22.13 -1.27 74.25
C ILE M 72 -22.42 -0.72 72.86
N SER M 73 -21.77 0.39 72.53
CA SER M 73 -21.91 1.03 71.22
C SER M 73 -20.57 1.55 70.69
N ARG M 74 -20.54 1.90 69.40
CA ARG M 74 -19.32 2.39 68.76
C ARG M 74 -19.58 3.68 67.99
N ASP M 75 -18.61 4.61 68.06
CA ASP M 75 -18.64 5.92 67.38
C ASP M 75 -18.46 5.91 65.85
N ASP M 76 -17.45 5.19 65.38
CA ASP M 76 -17.16 5.05 63.91
C ASP M 76 -16.59 6.32 63.27
N SER M 77 -16.17 7.33 64.05
CA SER M 77 -15.55 8.51 63.46
C SER M 77 -14.20 8.79 64.10
N LYS M 78 -14.21 8.86 65.42
CA LYS M 78 -13.03 9.16 66.23
C LYS M 78 -12.50 7.94 66.97
N ASN M 79 -12.87 6.75 66.48
CA ASN M 79 -12.44 5.48 67.05
C ASN M 79 -12.72 5.33 68.52
N THR M 80 -13.92 5.68 68.95
CA THR M 80 -14.26 5.53 70.34
C THR M 80 -15.34 4.48 70.63
N LEU M 81 -15.02 3.65 71.60
CA LEU M 81 -15.85 2.59 72.15
C LEU M 81 -16.58 3.09 73.36
N TYR M 82 -17.88 2.81 73.46
CA TYR M 82 -18.59 3.29 74.65
C TYR M 82 -19.34 2.20 75.42
N LEU M 83 -19.25 2.30 76.74
CA LEU M 83 -20.03 1.47 77.66
C LEU M 83 -20.97 2.37 78.42
N GLN M 84 -22.26 2.26 78.13
CA GLN M 84 -23.25 3.13 78.77
C GLN M 84 -24.00 2.39 79.84
N MET M 85 -23.83 2.83 81.07
CA MET M 85 -24.42 2.15 82.18
C MET M 85 -25.51 3.00 82.82
N ASN M 86 -26.66 2.39 83.12
CA ASN M 86 -27.77 3.11 83.77
C ASN M 86 -28.46 2.29 84.82
N SER M 87 -28.90 2.91 85.93
CA SER M 87 -29.69 2.17 86.94
C SER M 87 -28.94 0.93 87.42
N LEU M 88 -27.85 1.17 88.13
CA LEU M 88 -26.94 0.13 88.53
C LEU M 88 -27.20 -0.37 89.92
N LYS M 89 -26.56 -1.49 90.24
CA LYS M 89 -26.68 -2.16 91.51
C LYS M 89 -25.47 -1.89 92.40
N THR M 90 -25.59 -2.23 93.67
CA THR M 90 -24.51 -2.06 94.62
C THR M 90 -23.40 -3.08 94.38
N GLU M 91 -23.73 -4.07 93.56
CA GLU M 91 -22.89 -5.18 93.17
C GLU M 91 -22.02 -4.83 91.97
N ASP M 92 -22.22 -3.65 91.37
CA ASP M 92 -21.50 -3.29 90.16
C ASP M 92 -20.19 -2.55 90.39
N THR M 93 -19.77 -2.45 91.65
CA THR M 93 -18.52 -1.77 91.92
C THR M 93 -17.41 -2.60 91.30
N ALA M 94 -16.64 -2.01 90.41
CA ALA M 94 -15.56 -2.75 89.77
C ALA M 94 -14.66 -1.88 88.93
N VAL M 95 -13.50 -2.44 88.59
CA VAL M 95 -12.65 -1.79 87.63
C VAL M 95 -12.98 -2.37 86.27
N TYR M 96 -13.36 -1.52 85.35
CA TYR M 96 -13.77 -1.91 84.03
C TYR M 96 -12.65 -1.65 83.07
N TYR M 97 -12.47 -2.59 82.17
CA TYR M 97 -11.45 -2.45 81.15
C TYR M 97 -12.05 -2.72 79.80
N CYS M 98 -11.53 -2.03 78.76
CA CYS M 98 -11.84 -2.28 77.37
C CYS M 98 -10.69 -3.08 76.79
N THR M 99 -11.02 -4.07 75.96
CA THR M 99 -9.96 -4.95 75.39
C THR M 99 -10.28 -5.26 73.92
N THR M 100 -9.25 -5.57 73.13
CA THR M 100 -9.43 -5.89 71.69
C THR M 100 -8.29 -6.81 71.23
N GLY M 101 -8.50 -7.53 70.14
CA GLY M 101 -7.42 -8.39 69.59
C GLY M 101 -6.92 -7.83 68.27
N VAL M 102 -5.62 -7.54 68.18
CA VAL M 102 -5.09 -6.93 66.99
C VAL M 102 -4.43 -8.00 66.15
N GLU M 103 -4.98 -8.26 64.96
CA GLU M 103 -4.41 -9.32 64.08
C GLU M 103 -3.71 -8.67 62.89
N THR M 104 -2.42 -8.92 62.72
CA THR M 104 -1.69 -8.41 61.58
C THR M 104 -1.12 -9.52 60.74
N TYR M 105 -1.49 -9.51 59.47
CA TYR M 105 -0.96 -10.52 58.53
C TYR M 105 -0.15 -9.75 57.50
N ASP M 106 1.18 -9.86 57.55
CA ASP M 106 2.02 -9.21 56.54
C ASP M 106 2.51 -10.23 55.55
N PHE M 107 1.94 -10.16 54.37
CA PHE M 107 2.18 -11.15 53.34
C PHE M 107 3.47 -10.94 52.60
N TRP M 108 4.11 -12.02 52.20
CA TRP M 108 5.40 -11.91 51.52
C TRP M 108 5.26 -11.67 50.03
N SER M 109 4.06 -11.82 49.52
CA SER M 109 3.77 -11.66 48.12
C SER M 109 2.34 -11.29 47.89
N GLY M 110 2.08 -10.57 46.82
CA GLY M 110 0.69 -10.27 46.45
C GLY M 110 0.01 -11.31 45.53
N ASP M 112 0.15 -14.98 46.28
CA ASP M 112 -0.20 -16.20 47.07
C ASP M 112 -0.32 -15.82 48.55
N ASP M 113 -1.32 -16.36 49.23
CA ASP M 113 -1.46 -16.13 50.69
C ASP M 113 -0.91 -17.35 51.42
N HIS M 114 0.29 -17.81 51.06
CA HIS M 114 0.87 -19.02 51.69
C HIS M 114 1.94 -18.61 52.71
N TYR M 116 3.73 -15.77 55.11
CA TYR M 116 3.44 -14.44 55.69
C TYR M 116 3.93 -14.35 57.15
N ASP M 117 3.92 -13.15 57.76
CA ASP M 117 4.24 -12.93 59.15
C ASP M 117 3.00 -12.60 59.93
N TYR M 118 2.58 -13.50 60.84
CA TYR M 118 1.34 -13.33 61.66
C TYR M 118 1.70 -12.81 63.05
N TYR M 119 1.21 -11.61 63.43
CA TYR M 119 1.46 -11.01 64.78
C TYR M 119 0.12 -10.82 65.49
N PHE M 120 0.01 -11.26 66.77
CA PHE M 120 -1.25 -11.13 67.56
C PHE M 120 -1.01 -10.35 68.84
N ARG M 121 -1.65 -9.18 69.02
CA ARG M 121 -1.44 -8.30 70.20
C ARG M 121 -2.72 -8.17 71.00
N ASP M 122 -2.65 -8.45 72.30
CA ASP M 122 -3.85 -8.28 73.17
C ASP M 122 -3.74 -6.91 73.81
N VAL M 123 -4.62 -6.01 73.44
CA VAL M 123 -4.55 -4.63 73.90
C VAL M 123 -5.66 -4.30 74.87
N TRP M 124 -5.25 -3.77 76.02
CA TRP M 124 -6.11 -3.36 77.12
C TRP M 124 -6.02 -1.88 77.41
N GLY M 125 -7.12 -1.32 77.91
CA GLY M 125 -7.09 0.05 78.41
C GLY M 125 -6.48 0.01 79.82
N LYS M 126 -6.41 1.15 80.48
CA LYS M 126 -5.78 1.25 81.80
C LYS M 126 -6.66 0.77 82.96
N GLY M 127 -7.98 0.83 82.79
CA GLY M 127 -8.92 0.49 83.83
C GLY M 127 -9.54 1.73 84.48
N THR M 128 -10.86 1.80 84.45
CA THR M 128 -11.65 2.89 85.01
C THR M 128 -12.70 2.32 85.92
N THR M 129 -13.36 3.14 86.72
CA THR M 129 -14.30 2.52 87.64
C THR M 129 -15.72 2.97 87.63
N VAL M 130 -16.51 2.05 88.17
CA VAL M 130 -17.90 2.22 88.53
C VAL M 130 -17.88 2.06 90.02
N THR M 131 -18.38 3.05 90.69
CA THR M 131 -18.38 3.10 92.13
C THR M 131 -19.80 2.96 92.66
N VAL M 132 -19.90 2.77 93.99
CA VAL M 132 -21.11 2.64 94.79
C VAL M 132 -20.91 3.43 96.09
N GLU N 1 -24.12 -19.13 82.12
CA GLU N 1 -22.83 -18.78 81.54
C GLU N 1 -21.85 -19.97 81.72
N ILE N 2 -20.59 -19.82 81.23
CA ILE N 2 -19.51 -20.81 81.33
C ILE N 2 -18.79 -20.73 82.65
N VAL N 3 -18.69 -21.86 83.32
CA VAL N 3 -18.05 -21.88 84.62
C VAL N 3 -16.71 -22.57 84.62
N LEU N 4 -15.70 -21.80 84.99
CA LEU N 4 -14.35 -22.35 85.01
C LEU N 4 -13.83 -22.32 86.44
N THR N 5 -13.17 -23.38 86.85
CA THR N 5 -12.55 -23.47 88.17
C THR N 5 -11.08 -23.77 88.00
N GLN N 6 -10.27 -23.57 89.03
CA GLN N 6 -8.83 -23.83 88.91
C GLN N 6 -8.23 -24.76 89.95
N SER N 7 -7.15 -25.43 89.56
CA SER N 7 -6.42 -26.34 90.42
C SER N 7 -4.92 -26.33 90.08
N PRO N 8 -4.05 -26.15 91.09
CA PRO N 8 -4.27 -25.97 92.51
C PRO N 8 -4.85 -24.61 92.79
N GLY N 9 -5.46 -24.45 93.96
CA GLY N 9 -6.02 -23.15 94.37
C GLY N 9 -4.96 -22.05 94.45
N THR N 10 -3.74 -22.42 94.85
CA THR N 10 -2.60 -21.51 94.92
C THR N 10 -1.37 -22.32 94.48
N LEU N 11 -0.42 -21.69 93.82
CA LEU N 11 0.81 -22.36 93.47
C LEU N 11 1.90 -21.88 94.41
N SER N 12 2.71 -22.80 94.92
CA SER N 12 3.81 -22.44 95.81
C SER N 12 5.12 -23.03 95.30
N LEU N 13 5.74 -22.33 94.36
CA LEU N 13 6.94 -22.80 93.68
C LEU N 13 8.04 -21.76 93.66
N SER N 14 9.27 -22.23 93.67
CA SER N 14 10.41 -21.35 93.58
C SER N 14 10.71 -21.03 92.13
N ALA N 15 11.39 -19.94 91.88
CA ALA N 15 11.76 -19.69 90.50
C ALA N 15 12.67 -20.84 90.07
N GLY N 16 12.50 -21.29 88.84
CA GLY N 16 13.23 -22.38 88.23
C GLY N 16 12.43 -23.68 88.22
N GLU N 17 11.33 -23.72 88.98
CA GLU N 17 10.49 -24.91 89.02
C GLU N 17 9.36 -24.87 88.00
N ARG N 18 8.81 -26.03 87.65
CA ARG N 18 7.73 -26.04 86.67
C ARG N 18 6.36 -25.75 87.29
N ALA N 19 5.98 -24.49 87.20
CA ALA N 19 4.75 -23.99 87.81
C ALA N 19 3.52 -24.27 86.96
N THR N 20 3.07 -25.51 86.99
CA THR N 20 1.92 -25.90 86.17
C THR N 20 0.62 -25.54 86.87
N LEU N 21 -0.28 -24.90 86.13
CA LEU N 21 -1.62 -24.54 86.59
C LEU N 21 -2.66 -25.07 85.63
N SER N 22 -3.65 -25.78 86.15
CA SER N 22 -4.69 -26.33 85.31
C SER N 22 -6.04 -25.75 85.68
N CYS N 23 -7.07 -25.93 84.81
CA CYS N 23 -8.43 -25.50 85.08
C CYS N 23 -9.44 -26.45 84.46
N ARG N 24 -10.69 -26.29 84.88
CA ARG N 24 -11.75 -27.13 84.42
C ARG N 24 -13.00 -26.40 84.05
N ALA N 25 -13.54 -26.77 82.90
CA ALA N 25 -14.79 -26.19 82.47
C ALA N 25 -15.94 -27.11 82.81
N SER N 26 -17.05 -26.53 83.24
CA SER N 26 -18.23 -27.36 83.45
C SER N 26 -18.76 -27.76 82.07
N GLN N 27 -18.64 -26.83 81.13
CA GLN N 27 -19.06 -27.06 79.77
C GLN N 27 -17.91 -27.61 78.93
N SER N 28 -18.23 -28.51 78.01
CA SER N 28 -17.22 -29.08 77.11
C SER N 28 -16.93 -28.15 75.94
N VAL N 29 -16.25 -27.05 76.26
CA VAL N 29 -15.91 -26.01 75.30
C VAL N 29 -14.69 -26.46 74.52
N SER N 30 -14.72 -26.36 73.19
CA SER N 30 -13.57 -26.79 72.40
C SER N 30 -12.32 -26.03 72.77
N SER N 31 -11.17 -26.72 72.68
CA SER N 31 -9.87 -26.18 73.01
C SER N 31 -9.50 -25.00 72.13
N SER N 32 -10.15 -24.90 70.97
CA SER N 32 -9.86 -23.81 69.99
C SER N 32 -10.23 -22.43 70.55
N TYR N 33 -10.79 -22.38 71.76
CA TYR N 33 -11.23 -21.07 72.32
C TYR N 33 -10.45 -20.79 73.60
N LEU N 34 -9.71 -21.79 74.09
CA LEU N 34 -8.94 -21.62 75.33
C LEU N 34 -7.93 -20.51 75.29
N ALA N 35 -7.87 -19.76 76.37
CA ALA N 35 -6.85 -18.75 76.52
C ALA N 35 -6.43 -18.62 77.96
N TRP N 36 -5.20 -18.18 78.18
CA TRP N 36 -4.72 -17.89 79.53
C TRP N 36 -4.11 -16.50 79.58
N TYR N 37 -4.34 -15.85 80.73
CA TYR N 37 -3.86 -14.46 80.94
C TYR N 37 -3.10 -14.35 82.26
N GLN N 38 -2.02 -13.56 82.29
CA GLN N 38 -1.25 -13.28 83.50
C GLN N 38 -1.51 -11.87 84.02
N GLN N 39 -2.08 -11.76 85.20
CA GLN N 39 -2.37 -10.46 85.79
C GLN N 39 -1.46 -10.08 86.93
N LYS N 40 -0.56 -9.16 86.69
CA LYS N 40 0.29 -8.74 87.77
C LYS N 40 -0.67 -7.90 88.58
N PRO N 41 -0.77 -8.02 89.91
CA PRO N 41 -1.71 -7.24 90.68
C PRO N 41 -1.53 -5.77 90.40
N GLY N 42 -2.65 -5.07 90.19
CA GLY N 42 -2.67 -3.65 89.90
C GLY N 42 -2.64 -3.34 88.40
N GLN N 43 -2.38 -4.35 87.58
CA GLN N 43 -2.29 -4.20 86.14
C GLN N 43 -3.44 -4.85 85.39
N ALA N 44 -3.67 -4.42 84.15
CA ALA N 44 -4.62 -5.15 83.34
C ALA N 44 -4.00 -6.53 83.08
N PRO N 45 -4.76 -7.62 82.99
CA PRO N 45 -4.31 -8.97 82.64
C PRO N 45 -3.68 -9.01 81.27
N ARG N 46 -2.64 -9.81 81.11
CA ARG N 46 -1.97 -9.95 79.81
C ARG N 46 -2.15 -11.32 79.18
N LEU N 47 -2.69 -11.35 77.96
CA LEU N 47 -2.85 -12.65 77.26
C LEU N 47 -1.49 -13.32 77.05
N LEU N 48 -1.38 -14.59 77.42
CA LEU N 48 -0.18 -15.36 77.19
C LEU N 48 -0.34 -16.26 75.98
N ILE N 49 -1.46 -16.97 75.99
CA ILE N 49 -1.77 -18.02 75.02
C ILE N 49 -3.23 -18.03 74.64
N TYR N 50 -3.53 -18.34 73.37
CA TYR N 50 -4.93 -18.46 72.90
C TYR N 50 -5.06 -19.69 72.00
N GLY N 51 -6.29 -20.08 71.64
CA GLY N 51 -6.52 -21.27 70.78
C GLY N 51 -5.81 -22.48 71.35
N ALA N 52 -5.74 -22.57 72.68
CA ALA N 52 -5.02 -23.64 73.38
C ALA N 52 -3.68 -23.94 72.75
N SER N 53 -3.03 -22.96 72.12
CA SER N 53 -1.75 -23.24 71.42
C SER N 53 -1.00 -21.97 71.05
N SER N 54 -1.61 -21.10 70.25
CA SER N 54 -0.89 -19.90 69.75
C SER N 54 -0.42 -18.99 70.87
N ARG N 55 0.87 -18.60 70.86
CA ARG N 55 1.41 -17.69 71.84
C ARG N 55 1.16 -16.28 71.36
N ALA N 56 0.84 -15.38 72.28
CA ALA N 56 0.67 -13.99 71.91
C ALA N 56 2.04 -13.38 71.60
N THR N 57 2.08 -12.42 70.70
CA THR N 57 3.34 -11.81 70.35
C THR N 57 3.92 -11.06 71.52
N GLY N 58 5.21 -11.28 71.76
CA GLY N 58 5.92 -10.63 72.84
C GLY N 58 6.00 -11.49 74.10
N ILE N 59 5.28 -12.60 74.11
CA ILE N 59 5.28 -13.48 75.26
C ILE N 59 6.44 -14.49 75.17
N PRO N 60 7.24 -14.66 76.24
CA PRO N 60 8.34 -15.59 76.35
C PRO N 60 7.91 -17.01 76.09
N ASP N 61 8.82 -17.80 75.53
CA ASP N 61 8.57 -19.17 75.14
C ASP N 61 8.59 -20.18 76.28
N ARG N 62 8.73 -19.67 77.49
CA ARG N 62 8.60 -20.51 78.66
C ARG N 62 7.13 -20.80 78.89
N PHE N 63 6.23 -20.04 78.23
CA PHE N 63 4.80 -20.26 78.38
C PHE N 63 4.21 -21.10 77.24
N SER N 64 3.59 -22.21 77.59
CA SER N 64 2.95 -23.08 76.61
C SER N 64 1.80 -23.85 77.24
N GLY N 65 0.70 -24.05 76.52
CA GLY N 65 -0.40 -24.80 77.11
C GLY N 65 -0.94 -25.87 76.18
N SER N 66 -2.01 -26.49 76.64
CA SER N 66 -2.69 -27.57 75.92
C SER N 66 -4.07 -27.80 76.51
N GLY N 67 -4.87 -28.64 75.88
CA GLY N 67 -6.16 -29.00 76.46
C GLY N 67 -7.09 -29.65 75.46
N SER N 68 -8.22 -30.14 75.95
CA SER N 68 -9.17 -30.83 75.08
C SER N 68 -10.66 -30.60 75.34
N GLY N 69 -11.23 -31.38 76.25
CA GLY N 69 -12.67 -31.37 76.54
C GLY N 69 -13.01 -30.37 77.63
N THR N 70 -12.93 -30.80 78.87
CA THR N 70 -13.14 -29.91 80.00
C THR N 70 -11.82 -29.63 80.72
N ASP N 71 -10.81 -30.43 80.38
CA ASP N 71 -9.46 -30.42 80.97
C ASP N 71 -8.49 -29.53 80.19
N PHE N 72 -8.12 -28.37 80.76
CA PHE N 72 -7.24 -27.41 80.11
C PHE N 72 -6.06 -27.06 81.00
N THR N 73 -4.89 -26.78 80.40
CA THR N 73 -3.73 -26.47 81.23
C THR N 73 -2.71 -25.47 80.67
N LEU N 74 -2.02 -24.78 81.59
CA LEU N 74 -0.91 -23.88 81.28
C LEU N 74 0.39 -24.26 81.98
N THR N 75 1.44 -24.41 81.19
CA THR N 75 2.74 -24.72 81.73
C THR N 75 3.72 -23.57 81.61
N ILE N 76 4.39 -23.31 82.71
CA ILE N 76 5.46 -22.36 82.75
C ILE N 76 6.63 -23.33 82.88
N SER N 77 7.49 -23.45 81.86
CA SER N 77 8.49 -24.52 81.92
C SER N 77 9.45 -24.35 83.08
N ARG N 78 9.75 -23.11 83.38
CA ARG N 78 10.59 -22.71 84.49
C ARG N 78 9.99 -21.43 84.99
N LEU N 79 9.70 -21.37 86.26
CA LEU N 79 9.12 -20.19 86.83
C LEU N 79 10.16 -19.09 87.00
N GLU N 80 9.83 -17.87 86.63
CA GLU N 80 10.77 -16.77 86.81
C GLU N 80 10.12 -15.67 87.67
N PRO N 81 10.87 -14.76 88.31
CA PRO N 81 10.34 -13.66 89.13
C PRO N 81 9.22 -12.84 88.46
N GLU N 82 9.26 -12.76 87.13
CA GLU N 82 8.29 -12.00 86.36
C GLU N 82 6.92 -12.65 86.33
N ASP N 83 6.85 -13.91 86.74
CA ASP N 83 5.65 -14.73 86.70
C ASP N 83 4.90 -14.75 88.01
N PHE N 84 5.35 -14.02 89.01
CA PHE N 84 4.58 -14.10 90.25
C PHE N 84 3.42 -13.10 90.17
N ALA N 85 2.34 -13.66 89.64
CA ALA N 85 1.11 -13.01 89.22
C ALA N 85 -0.06 -13.98 89.29
N VAL N 86 -1.27 -13.44 89.12
CA VAL N 86 -2.47 -14.27 89.13
C VAL N 86 -2.84 -14.74 87.72
N TYR N 87 -3.00 -16.03 87.55
CA TYR N 87 -3.31 -16.54 86.23
C TYR N 87 -4.76 -16.98 86.11
N TYR N 88 -5.34 -16.65 84.96
CA TYR N 88 -6.73 -16.99 84.63
C TYR N 88 -6.80 -17.74 83.34
N CYS N 89 -7.79 -18.67 83.18
CA CYS N 89 -8.09 -19.30 81.90
C CYS N 89 -9.43 -18.71 81.47
N GLN N 90 -9.61 -18.64 80.15
CA GLN N 90 -10.86 -18.12 79.55
C GLN N 90 -11.32 -19.12 78.48
N GLN N 91 -12.61 -19.46 78.46
CA GLN N 91 -13.19 -20.42 77.51
C GLN N 91 -14.33 -19.91 76.69
N TYR N 92 -14.07 -19.44 75.48
CA TYR N 92 -15.16 -18.85 74.69
C TYR N 92 -16.13 -19.82 74.01
N GLY N 93 -16.91 -20.51 74.82
CA GLY N 93 -17.95 -21.44 74.37
C GLY N 93 -19.25 -20.67 74.14
N SER N 94 -19.13 -19.66 73.30
CA SER N 94 -20.14 -18.62 73.00
C SER N 94 -20.31 -17.57 74.12
N SER N 95 -19.48 -17.65 75.17
CA SER N 95 -19.43 -16.63 76.23
C SER N 95 -18.01 -16.54 76.78
N PHE N 96 -16.58 -14.64 76.84
CA PHE N 96 -15.27 -15.25 77.19
C PHE N 96 -15.20 -15.34 78.71
N THR N 97 -16.05 -16.18 79.37
CA THR N 97 -15.88 -16.12 80.81
C THR N 97 -14.51 -16.63 81.25
N PHE N 98 -14.17 -16.31 82.51
CA PHE N 98 -12.88 -16.64 83.11
C PHE N 98 -12.97 -17.45 84.41
N GLY N 99 -11.90 -18.18 84.72
CA GLY N 99 -11.80 -18.86 86.01
C GLY N 99 -11.54 -17.79 87.07
N PRO N 100 -11.51 -18.14 88.37
CA PRO N 100 -11.36 -17.22 89.49
C PRO N 100 -10.04 -16.47 89.66
N GLY N 101 -8.95 -16.99 89.13
CA GLY N 101 -7.66 -16.36 89.25
C GLY N 101 -6.84 -17.10 90.30
N THR N 102 -5.73 -17.68 89.88
CA THR N 102 -4.87 -18.41 90.79
C THR N 102 -3.51 -17.77 90.92
N LYS N 103 -3.14 -17.45 92.15
CA LYS N 103 -1.88 -16.81 92.40
C LYS N 103 -0.71 -17.75 92.33
N VAL N 104 0.36 -17.29 91.69
CA VAL N 104 1.60 -18.03 91.78
C VAL N 104 2.43 -17.30 92.82
N ASP N 105 2.82 -18.07 93.83
CA ASP N 105 3.54 -17.65 95.01
C ASP N 105 4.64 -18.70 95.21
N ILE N 106 5.46 -18.56 96.28
CA ILE N 106 6.58 -19.47 96.62
C ILE N 106 6.18 -20.27 97.89
#